data_7DDK
#
_entry.id   7DDK
#
_cell.length_a   114.357
_cell.length_b   118.176
_cell.length_c   494.668
_cell.angle_alpha   90.000
_cell.angle_beta   90.000
_cell.angle_gamma   90.000
#
_symmetry.space_group_name_H-M   'P 21 21 21'
#
loop_
_entity.id
_entity.type
_entity.pdbx_description
1 polymer 'Sodium/potassium-transporting ATPase subunit alpha-1'
2 polymer 'Sodium/potassium-transporting ATPase subunit beta-1'
3 polymer 'FXYD domain-containing ion transport regulator'
4 branched 2-acetamido-2-deoxy-beta-D-glucopyranose-(1-4)-2-acetamido-2-deoxy-beta-D-glucopyranose
5 non-polymer 'MAGNESIUM ION'
6 non-polymer 'SODIUM ION'
7 non-polymer 1,2-DIOLEOYL-SN-GLYCERO-3-PHOSPHOCHOLINE
8 non-polymer (3S,5R,8R,9S,10S,13S,14S,17S)-17-(furan-3-yl)-10,13-dimethyl-2,3,4,5,6,7,8,9,11,12,15,16-dodecahydro-1H-cyclopenta[a]phenanthrene-3,14,17-triol
9 non-polymer CHOLESTEROL
10 non-polymer 2-acetamido-2-deoxy-beta-D-glucopyranose
11 water water
#
loop_
_entity_poly.entity_id
_entity_poly.type
_entity_poly.pdbx_seq_one_letter_code
_entity_poly.pdbx_strand_id
1 'polypeptide(L)'
;GRDKYEPAAVSEHGDKKKAKKERDMDELKKEVSMDDHKLSLDELHRKYGTDLSRGLTPARAAEILARDGPNALTPPPTTP
EWVKFCRQLFGGFSMLLWIGAILCFLAYGIQAATEEEPQNDNLYLGVVLSAVVIITGCFSYYQEAKSSKIMESFKNMVPQ
QALVIRNGEKMSINAEEVVVGDLVEVKGGDRIPADLRIISANGCKVDNSSLTGESEPQTRSPDFTNENPLETRNIAFFST
NCVEGTARGIVVYTGDRTVMGRIATLASGLEGGQTPIAAEIEHFIHIITGVAVFLGVSFFILSLILEYTWLEAVIFLIGI
IVANVPEGLLATVTVCLTLTAKRMARKNCLVKNLEAVETLGSTSTICS(PHD)KTGTLTQNRMTVAHMWSDNQIHEADTT
ENQSGVSFDKTSATWLALSRIAGLCNRAVFQANQENLPILKRAVAGDASESALLKCIELCCGSVKEMRERYTKIVEIPFN
STNKYQLSIHKNPNTAEPRHLLVMKGAPERILDRCSSILIHGKEQPLDEELKDAFQNAYLELGGLGERVLGFCHLFLPDE
QFPEGFQFDTDDVNFPLDNLCFVGLISMIDPPRAAVPDAVGKCRSAGIKVIMVTGDHPITAKAIAKGVGIISEGNETVED
IAARLNIPVSQVNPRDAKACVVHGSDLKDMTSEQLDDILKYHTEIVFARTSPQQKLIIVEGCQRQGAIVAVTGDGVNDSP
ASKKADIGVAMGIAGSDVSKQAADMILLDDNFASIVTGVEEGRLIFDNLKKSIAYTLTSNIPEITPFLIFIIANIPLPLG
TVTILCIDLGTDMVPAISLAYEQAESDIMKRQPRNPKTDKLVNEQLISMAYGQIGMIQALGGFFTYFVILAENGFLPIHL
LGLRVNWDDRWINDVEDSYGQQWTYEQRKIVEFTCHTPFFVTIVVVQWADLVICKTRRNSVFQQGMKNKILIFGLFEETA
LAAFLSYCPGMGVALRMYPLKPTWWFCAFPYSLLIFVYDEVRKLIIRRRPGGWVEKETYY
;
A,C
2 'polypeptide(L)'
;MARGKAKEEGSWKKFIWNSEKKEFLGRTGGSWFKILLFYVIFYGCLAGIFIGTIQVMLLTISEFKPTYQDRVAPPGLTQI
PQSQKTEISFRPNDPQSYESYVVSIVRFLEKYKDLAQKDDMIFEDCGNVPSELKERGEYNNERGERKVCRFRLEWLGNCS
GLNDETYGYKDGKPCVIIKLNRVLGFKPKPPKNESLETYPVMKYNPYVLPVHCTGKRDEDKEKVGTMEYFGLGGYPGFPL
QYYPYYGKLLQPKYLQPLMAVQFTNLTMDTEIRIECKAYGENIGYSEKDRFQGRFDVKIEVKS
;
B,D
3 'polypeptide(L)' MAGLSTDDGGSPKGDVDPFYYDYETVRNGGLIFAALAFIVGLIIILSKRLRCGGKKHRPINEDEL G,E
#
# COMPACT_ATOMS: atom_id res chain seq x y z
N LYS A 21 34.96 -54.90 22.28
CA LYS A 21 35.56 -54.98 23.61
C LYS A 21 36.05 -53.60 24.06
N GLU A 22 35.72 -52.57 23.28
CA GLU A 22 36.14 -51.21 23.64
C GLU A 22 35.48 -50.72 24.92
N ARG A 23 34.40 -51.37 25.35
CA ARG A 23 33.74 -51.00 26.59
C ARG A 23 34.71 -51.09 27.76
N ASP A 24 35.45 -52.20 27.84
CA ASP A 24 36.42 -52.38 28.91
C ASP A 24 37.53 -51.35 28.84
N MET A 25 37.93 -50.95 27.63
CA MET A 25 38.98 -49.94 27.48
C MET A 25 38.49 -48.61 28.04
N ASP A 26 37.29 -48.18 27.64
CA ASP A 26 36.74 -46.93 28.14
C ASP A 26 36.57 -46.98 29.66
N GLU A 27 36.21 -48.16 30.19
CA GLU A 27 36.07 -48.28 31.64
C GLU A 27 37.42 -48.14 32.34
N LEU A 28 38.48 -48.76 31.78
CA LEU A 28 39.81 -48.64 32.37
C LEU A 28 40.32 -47.21 32.26
N LYS A 29 39.70 -46.40 31.40
CA LYS A 29 40.09 -45.00 31.27
C LYS A 29 39.29 -44.12 32.24
N LYS A 30 38.06 -44.51 32.57
CA LYS A 30 37.27 -43.72 33.52
C LYS A 30 37.80 -43.83 34.94
N GLU A 31 38.65 -44.81 35.23
CA GLU A 31 39.20 -44.97 36.56
C GLU A 31 40.37 -44.00 36.76
N VAL A 32 40.49 -43.48 37.99
CA VAL A 32 41.58 -42.56 38.29
C VAL A 32 42.90 -43.32 38.19
N SER A 33 43.93 -42.66 37.67
CA SER A 33 45.23 -43.28 37.44
C SER A 33 45.93 -43.69 38.74
N MET A 34 46.97 -44.52 38.56
CA MET A 34 47.83 -45.03 39.62
C MET A 34 49.27 -44.81 39.20
N ASP A 35 50.21 -45.04 40.13
CA ASP A 35 51.62 -44.83 39.83
C ASP A 35 52.51 -45.69 40.74
N ASP A 36 53.81 -45.62 40.45
CA ASP A 36 54.88 -46.27 41.18
C ASP A 36 55.94 -45.23 41.54
N HIS A 37 55.50 -43.99 41.73
CA HIS A 37 56.42 -42.90 42.06
C HIS A 37 57.09 -43.10 43.41
N LYS A 38 56.36 -43.62 44.39
CA LYS A 38 56.87 -43.83 45.73
C LYS A 38 57.85 -45.02 45.73
N LEU A 39 59.04 -44.76 45.22
CA LEU A 39 60.08 -45.79 45.15
C LEU A 39 61.44 -45.16 45.41
N SER A 40 62.31 -45.92 46.07
CA SER A 40 63.66 -45.43 46.33
C SER A 40 64.39 -45.28 45.00
N LEU A 41 65.38 -44.39 44.97
CA LEU A 41 66.13 -44.15 43.73
C LEU A 41 66.77 -45.42 43.21
N ASP A 42 67.23 -46.29 44.11
CA ASP A 42 67.82 -47.55 43.67
C ASP A 42 66.76 -48.46 43.09
N GLU A 43 65.57 -48.51 43.72
CA GLU A 43 64.48 -49.34 43.22
C GLU A 43 63.98 -48.82 41.87
N LEU A 44 63.88 -47.49 41.73
CA LEU A 44 63.43 -46.91 40.47
C LEU A 44 64.41 -47.19 39.34
N HIS A 45 65.71 -46.94 39.60
CA HIS A 45 66.72 -47.18 38.57
C HIS A 45 66.80 -48.66 38.22
N ARG A 46 66.58 -49.55 39.18
CA ARG A 46 66.62 -50.97 38.85
C ARG A 46 65.40 -51.36 38.03
N LYS A 47 64.24 -50.78 38.32
CA LYS A 47 63.05 -51.09 37.55
C LYS A 47 63.17 -50.60 36.11
N TYR A 48 63.76 -49.42 35.90
CA TYR A 48 63.89 -48.89 34.56
C TYR A 48 65.24 -49.17 33.91
N GLY A 49 66.23 -49.63 34.66
CA GLY A 49 67.54 -49.90 34.08
C GLY A 49 68.10 -48.65 33.45
N THR A 50 68.22 -47.59 34.25
CA THR A 50 68.68 -46.30 33.76
C THR A 50 69.63 -45.66 34.76
N ASP A 51 70.70 -45.06 34.24
CA ASP A 51 71.64 -44.36 35.10
C ASP A 51 70.98 -43.08 35.58
N LEU A 52 71.17 -42.76 36.86
CA LEU A 52 70.54 -41.57 37.44
C LEU A 52 71.23 -40.28 37.04
N SER A 53 72.53 -40.32 36.71
CA SER A 53 73.26 -39.12 36.34
C SER A 53 73.66 -39.07 34.87
N ARG A 54 73.69 -40.21 34.19
CA ARG A 54 74.05 -40.27 32.78
C ARG A 54 72.90 -40.66 31.87
N GLY A 55 71.76 -41.04 32.42
CA GLY A 55 70.62 -41.44 31.61
C GLY A 55 70.85 -42.82 31.04
N LEU A 56 70.91 -42.93 29.72
CA LEU A 56 71.16 -44.22 29.08
C LEU A 56 71.85 -43.98 27.75
N THR A 57 72.31 -45.08 27.16
CA THR A 57 72.98 -45.03 25.86
C THR A 57 71.97 -44.69 24.76
N PRO A 58 72.42 -43.97 23.72
CA PRO A 58 71.49 -43.62 22.62
C PRO A 58 70.88 -44.82 21.92
N ALA A 59 71.57 -45.96 21.87
CA ALA A 59 71.02 -47.13 21.22
C ALA A 59 69.79 -47.64 21.95
N ARG A 60 69.85 -47.68 23.29
CA ARG A 60 68.70 -48.12 24.08
C ARG A 60 67.52 -47.18 23.89
N ALA A 61 67.80 -45.87 23.85
CA ALA A 61 66.74 -44.88 23.64
C ALA A 61 66.09 -45.08 22.28
N ALA A 62 66.90 -45.26 21.23
CA ALA A 62 66.34 -45.49 19.91
C ALA A 62 65.55 -46.78 19.85
N GLU A 63 65.99 -47.80 20.59
CA GLU A 63 65.28 -49.08 20.60
C GLU A 63 63.89 -48.91 21.23
N ILE A 64 63.79 -48.10 22.29
CA ILE A 64 62.47 -47.87 22.88
C ILE A 64 61.62 -47.00 21.96
N LEU A 65 62.28 -46.02 21.31
CA LEU A 65 61.59 -45.14 20.37
C LEU A 65 60.90 -45.95 19.29
N ALA A 66 61.63 -46.91 18.72
CA ALA A 66 61.07 -47.78 17.70
C ALA A 66 60.36 -48.99 18.30
N ARG A 67 60.22 -49.02 19.63
CA ARG A 67 59.53 -50.12 20.29
C ARG A 67 58.07 -49.78 20.59
N ASP A 68 57.82 -48.70 21.33
CA ASP A 68 56.44 -48.37 21.69
C ASP A 68 55.84 -47.16 20.99
N GLY A 69 56.62 -46.31 20.34
CA GLY A 69 56.07 -45.16 19.66
C GLY A 69 56.62 -43.85 20.16
N PRO A 70 56.71 -42.85 19.27
CA PRO A 70 57.25 -41.55 19.67
C PRO A 70 56.38 -40.89 20.74
N ASN A 71 57.04 -40.03 21.54
CA ASN A 71 56.36 -39.32 22.62
C ASN A 71 55.47 -38.20 22.11
N ALA A 72 54.24 -38.55 21.76
CA ALA A 72 53.24 -37.61 21.27
C ALA A 72 51.90 -38.31 21.30
N LEU A 73 50.85 -37.54 21.54
CA LEU A 73 49.52 -38.13 21.55
C LEU A 73 49.15 -38.52 20.13
N THR A 74 48.47 -39.66 20.01
CA THR A 74 48.02 -40.09 18.70
C THR A 74 47.11 -38.99 18.15
N PRO A 75 47.25 -38.62 16.88
CA PRO A 75 46.41 -37.56 16.32
C PRO A 75 44.93 -37.88 16.51
N PRO A 76 44.06 -36.87 16.45
CA PRO A 76 42.64 -37.14 16.61
C PRO A 76 42.15 -38.01 15.47
N PRO A 77 40.99 -38.64 15.62
CA PRO A 77 40.49 -39.48 14.52
C PRO A 77 40.07 -38.58 13.37
N THR A 78 40.79 -38.67 12.26
CA THR A 78 40.51 -37.83 11.11
C THR A 78 39.11 -38.11 10.57
N THR A 79 38.38 -37.03 10.26
CA THR A 79 37.02 -37.10 9.76
C THR A 79 36.99 -36.66 8.30
N PRO A 80 36.90 -37.60 7.34
CA PRO A 80 36.88 -37.22 5.92
C PRO A 80 35.71 -36.30 5.63
N GLU A 81 35.89 -35.45 4.60
CA GLU A 81 34.84 -34.48 4.28
C GLU A 81 33.64 -35.12 3.59
N TRP A 82 33.81 -36.25 2.90
CA TRP A 82 32.63 -36.85 2.27
C TRP A 82 31.73 -37.47 3.33
N VAL A 83 32.33 -37.92 4.44
CA VAL A 83 31.54 -38.54 5.50
C VAL A 83 30.61 -37.53 6.13
N LYS A 84 31.14 -36.37 6.53
CA LYS A 84 30.29 -35.35 7.16
C LYS A 84 29.33 -34.72 6.16
N PHE A 85 29.62 -34.81 4.86
CA PHE A 85 28.66 -34.31 3.88
C PHE A 85 27.46 -35.25 3.86
N CYS A 86 27.74 -36.55 3.71
CA CYS A 86 26.66 -37.54 3.78
C CYS A 86 25.92 -37.42 5.12
N ARG A 87 26.63 -36.96 6.16
CA ARG A 87 26.00 -36.76 7.46
C ARG A 87 24.96 -35.64 7.37
N GLN A 88 25.30 -34.55 6.67
CA GLN A 88 24.35 -33.46 6.54
C GLN A 88 23.19 -33.82 5.61
N LEU A 89 23.36 -34.84 4.77
CA LEU A 89 22.28 -35.26 3.88
C LEU A 89 21.26 -36.16 4.56
N PHE A 90 21.55 -36.57 5.81
CA PHE A 90 20.66 -37.41 6.60
C PHE A 90 20.20 -36.63 7.84
N GLY A 91 19.74 -37.30 8.90
CA GLY A 91 19.29 -36.60 10.10
C GLY A 91 17.89 -37.04 10.47
N GLY A 92 17.05 -36.06 10.83
CA GLY A 92 15.69 -36.44 11.13
C GLY A 92 14.72 -35.72 10.23
N PHE A 93 14.99 -34.43 10.01
CA PHE A 93 14.13 -33.63 9.14
C PHE A 93 14.34 -34.06 7.69
N SER A 94 15.61 -34.09 7.27
CA SER A 94 15.94 -34.51 5.91
C SER A 94 15.50 -35.94 5.66
N MET A 95 15.49 -36.77 6.71
CA MET A 95 15.04 -38.14 6.55
C MET A 95 13.55 -38.19 6.25
N LEU A 96 12.77 -37.30 6.88
CA LEU A 96 11.34 -37.25 6.59
C LEU A 96 11.14 -36.82 5.14
N LEU A 97 11.89 -35.81 4.69
CA LEU A 97 11.74 -35.41 3.30
C LEU A 97 12.22 -36.51 2.36
N TRP A 98 13.14 -37.36 2.82
CA TRP A 98 13.62 -38.48 2.01
C TRP A 98 12.53 -39.52 1.84
N ILE A 99 11.88 -39.89 2.95
CA ILE A 99 10.80 -40.88 2.85
C ILE A 99 9.67 -40.28 2.02
N GLY A 100 9.52 -38.95 2.06
CA GLY A 100 8.50 -38.32 1.23
C GLY A 100 8.82 -38.45 -0.23
N ALA A 101 10.10 -38.21 -0.60
CA ALA A 101 10.50 -38.35 -1.99
C ALA A 101 10.34 -39.79 -2.46
N ILE A 102 10.72 -40.75 -1.61
CA ILE A 102 10.57 -42.16 -1.95
C ILE A 102 9.11 -42.52 -2.12
N LEU A 103 8.23 -41.97 -1.27
CA LEU A 103 6.80 -42.22 -1.41
C LEU A 103 6.28 -41.61 -2.71
N CYS A 104 6.88 -40.49 -3.14
CA CYS A 104 6.48 -39.87 -4.39
C CYS A 104 6.81 -40.77 -5.57
N PHE A 105 8.03 -41.34 -5.57
CA PHE A 105 8.39 -42.23 -6.67
C PHE A 105 7.61 -43.54 -6.58
N LEU A 106 7.21 -43.96 -5.38
CA LEU A 106 6.40 -45.17 -5.25
C LEU A 106 5.02 -44.94 -5.86
N ALA A 107 4.39 -43.82 -5.50
CA ALA A 107 3.08 -43.49 -6.06
C ALA A 107 3.20 -43.30 -7.57
N TYR A 108 4.32 -42.73 -8.02
CA TYR A 108 4.52 -42.56 -9.45
C TYR A 108 4.64 -43.90 -10.16
N GLY A 109 5.25 -44.89 -9.50
CA GLY A 109 5.34 -46.21 -10.10
C GLY A 109 3.96 -46.83 -10.18
N ILE A 110 3.14 -46.61 -9.15
CA ILE A 110 1.78 -47.13 -9.15
C ILE A 110 0.92 -46.42 -10.20
N GLN A 111 1.29 -45.20 -10.59
CA GLN A 111 0.50 -44.45 -11.56
C GLN A 111 0.97 -44.61 -13.00
N ALA A 112 2.26 -44.80 -13.21
CA ALA A 112 2.80 -44.89 -14.56
C ALA A 112 2.43 -46.20 -15.24
N ALA A 113 2.76 -47.31 -14.59
CA ALA A 113 2.48 -48.61 -15.18
C ALA A 113 1.01 -49.02 -15.17
N THR A 114 0.16 -48.39 -14.35
CA THR A 114 -1.22 -48.86 -14.30
C THR A 114 -2.24 -48.05 -15.10
N GLU A 115 -2.10 -46.74 -15.26
CA GLU A 115 -3.12 -46.01 -15.99
C GLU A 115 -2.59 -45.42 -17.29
N GLU A 116 -3.51 -45.03 -18.17
CA GLU A 116 -3.14 -44.42 -19.44
C GLU A 116 -2.74 -42.99 -19.13
N GLU A 117 -2.03 -42.33 -20.09
CA GLU A 117 -1.52 -40.95 -20.05
C GLU A 117 -1.25 -40.50 -18.61
N PRO A 118 -0.37 -41.20 -17.86
CA PRO A 118 -0.13 -40.81 -16.47
C PRO A 118 0.43 -39.40 -16.36
N GLN A 119 0.15 -38.77 -15.22
CA GLN A 119 0.62 -37.42 -14.98
C GLN A 119 1.98 -37.46 -14.30
N ASN A 120 2.81 -36.47 -14.62
CA ASN A 120 4.16 -36.37 -14.09
C ASN A 120 4.27 -35.52 -12.83
N ASP A 121 3.14 -35.22 -12.17
CA ASP A 121 3.15 -34.41 -10.95
C ASP A 121 4.02 -35.03 -9.86
N ASN A 122 3.76 -36.30 -9.54
CA ASN A 122 4.50 -36.98 -8.48
C ASN A 122 6.00 -37.05 -8.79
N LEU A 123 6.37 -37.24 -10.05
CA LEU A 123 7.80 -37.30 -10.39
C LEU A 123 8.45 -35.94 -10.17
N TYR A 124 7.77 -34.89 -10.64
CA TYR A 124 8.25 -33.53 -10.45
C TYR A 124 8.48 -33.25 -8.97
N LEU A 125 7.48 -33.60 -8.16
CA LEU A 125 7.55 -33.38 -6.71
C LEU A 125 8.64 -34.22 -6.06
N GLY A 126 8.82 -35.46 -6.52
CA GLY A 126 9.85 -36.31 -5.93
C GLY A 126 11.25 -35.76 -6.14
N VAL A 127 11.56 -35.39 -7.39
CA VAL A 127 12.88 -34.83 -7.63
C VAL A 127 13.03 -33.50 -6.91
N VAL A 128 11.93 -32.75 -6.74
CA VAL A 128 12.00 -31.48 -6.02
C VAL A 128 12.36 -31.73 -4.56
N LEU A 129 11.72 -32.71 -3.92
CA LEU A 129 12.02 -33.02 -2.52
C LEU A 129 13.47 -33.46 -2.36
N SER A 130 13.95 -34.29 -3.29
CA SER A 130 15.35 -34.72 -3.24
C SER A 130 16.26 -33.51 -3.33
N ALA A 131 15.94 -32.57 -4.23
CA ALA A 131 16.74 -31.37 -4.37
C ALA A 131 16.68 -30.51 -3.10
N VAL A 132 15.54 -30.49 -2.42
CA VAL A 132 15.42 -29.72 -1.19
C VAL A 132 16.39 -30.24 -0.16
N VAL A 133 16.41 -31.56 0.04
CA VAL A 133 17.31 -32.15 1.02
C VAL A 133 18.76 -31.92 0.64
N ILE A 134 19.10 -32.10 -0.64
CA ILE A 134 20.48 -31.93 -1.09
C ILE A 134 20.96 -30.50 -0.91
N ILE A 135 20.14 -29.52 -1.29
CA ILE A 135 20.53 -28.12 -1.16
C ILE A 135 20.70 -27.75 0.30
N THR A 136 19.77 -28.20 1.17
CA THR A 136 19.92 -27.90 2.59
C THR A 136 21.20 -28.53 3.14
N GLY A 137 21.51 -29.74 2.68
CA GLY A 137 22.73 -30.39 3.12
C GLY A 137 23.96 -29.61 2.70
N CYS A 138 23.96 -29.07 1.47
CA CYS A 138 25.10 -28.30 1.01
C CYS A 138 25.27 -27.02 1.81
N PHE A 139 24.17 -26.33 2.10
CA PHE A 139 24.28 -25.08 2.87
C PHE A 139 24.75 -25.34 4.30
N SER A 140 24.07 -26.25 5.01
CA SER A 140 24.46 -26.54 6.39
C SER A 140 25.87 -27.11 6.45
N TYR A 141 26.25 -27.92 5.47
CA TYR A 141 27.59 -28.48 5.44
C TYR A 141 28.61 -27.37 5.25
N TYR A 142 28.32 -26.40 4.38
CA TYR A 142 29.26 -25.31 4.19
C TYR A 142 29.42 -24.49 5.45
N GLN A 143 28.34 -24.33 6.23
CA GLN A 143 28.45 -23.56 7.47
C GLN A 143 29.29 -24.29 8.52
N GLU A 144 28.98 -25.57 8.78
CA GLU A 144 29.74 -26.32 9.77
C GLU A 144 31.21 -26.46 9.34
N ALA A 145 31.44 -26.68 8.04
CA ALA A 145 32.80 -26.78 7.55
C ALA A 145 33.52 -25.46 7.66
N LYS A 146 32.81 -24.34 7.50
CA LYS A 146 33.43 -23.02 7.65
C LYS A 146 33.90 -22.83 9.08
N SER A 147 33.08 -23.26 10.04
CA SER A 147 33.46 -23.16 11.44
C SER A 147 34.70 -24.01 11.71
N SER A 148 34.72 -25.24 11.18
CA SER A 148 35.88 -26.10 11.36
C SER A 148 37.12 -25.52 10.70
N LYS A 149 36.93 -24.81 9.57
CA LYS A 149 38.04 -24.20 8.85
C LYS A 149 38.67 -23.09 9.68
N ILE A 150 37.86 -22.16 10.17
CA ILE A 150 38.42 -21.08 10.98
C ILE A 150 38.98 -21.66 12.29
N MET A 151 38.47 -22.83 12.72
CA MET A 151 39.02 -23.47 13.90
C MET A 151 40.41 -24.03 13.60
N GLU A 152 40.61 -24.54 12.38
CA GLU A 152 41.90 -25.09 11.99
C GLU A 152 42.96 -24.00 11.91
N SER A 153 42.55 -22.75 11.70
CA SER A 153 43.49 -21.64 11.65
C SER A 153 43.98 -21.26 13.04
N PHE A 154 43.50 -21.96 14.08
CA PHE A 154 43.88 -21.73 15.46
C PHE A 154 44.89 -22.73 15.98
N LYS A 155 45.30 -23.71 15.19
CA LYS A 155 46.27 -24.67 15.68
C LYS A 155 47.64 -24.07 15.47
N ASN A 156 48.18 -23.45 16.50
CA ASN A 156 49.51 -22.86 16.46
C ASN A 156 50.47 -23.76 17.20
N MET A 157 50.48 -25.01 16.75
CA MET A 157 51.32 -26.06 17.33
C MET A 157 52.77 -25.77 16.97
N VAL A 158 53.50 -25.20 17.92
CA VAL A 158 54.91 -24.87 17.71
C VAL A 158 55.71 -26.06 18.24
N PRO A 159 56.62 -26.62 17.45
CA PRO A 159 57.41 -27.75 17.95
C PRO A 159 58.26 -27.31 19.12
N GLN A 160 58.37 -28.18 20.13
CA GLN A 160 59.11 -27.88 21.34
C GLN A 160 60.09 -29.01 21.64
N GLN A 161 61.37 -28.69 21.72
CA GLN A 161 62.41 -29.66 22.00
C GLN A 161 62.72 -29.70 23.50
N ALA A 162 63.04 -30.89 23.99
CA ALA A 162 63.35 -31.17 25.38
C ALA A 162 64.84 -31.39 25.59
N LEU A 163 65.26 -31.17 26.84
CA LEU A 163 66.64 -31.35 27.28
C LEU A 163 66.73 -32.71 27.96
N VAL A 164 67.42 -33.65 27.31
CA VAL A 164 67.57 -35.01 27.82
C VAL A 164 69.05 -35.31 28.04
N ILE A 165 69.34 -36.02 29.12
CA ILE A 165 70.70 -36.45 29.44
C ILE A 165 70.81 -37.91 29.09
N ARG A 166 71.67 -38.22 28.12
CA ARG A 166 71.87 -39.59 27.68
C ARG A 166 73.36 -39.84 27.50
N ASN A 167 73.82 -41.01 27.96
CA ASN A 167 75.22 -41.40 27.90
C ASN A 167 76.12 -40.44 28.66
N GLY A 168 75.53 -39.56 29.48
CA GLY A 168 76.27 -38.59 30.23
C GLY A 168 76.41 -37.25 29.55
N GLU A 169 75.67 -37.03 28.46
CA GLU A 169 75.75 -35.77 27.73
C GLU A 169 74.38 -35.13 27.60
N LYS A 170 74.38 -33.80 27.60
CA LYS A 170 73.17 -32.98 27.49
C LYS A 170 72.84 -32.79 26.02
N MET A 171 71.69 -33.31 25.59
CA MET A 171 71.26 -33.19 24.20
C MET A 171 69.83 -32.66 24.17
N SER A 172 69.57 -31.73 23.25
CA SER A 172 68.26 -31.12 23.07
C SER A 172 67.65 -31.74 21.82
N ILE A 173 66.63 -32.57 22.02
CA ILE A 173 65.98 -33.28 20.90
C ILE A 173 64.49 -33.02 20.89
N ASN A 174 63.86 -33.37 19.77
CA ASN A 174 62.42 -33.21 19.61
C ASN A 174 61.69 -33.99 20.71
N ALA A 175 60.54 -33.44 21.13
CA ALA A 175 59.77 -34.07 22.19
C ALA A 175 59.36 -35.49 21.81
N GLU A 176 59.05 -35.71 20.53
CA GLU A 176 58.65 -37.05 20.09
C GLU A 176 59.82 -38.03 20.14
N GLU A 177 61.04 -37.53 20.02
CA GLU A 177 62.22 -38.39 20.05
C GLU A 177 62.63 -38.80 21.47
N VAL A 178 61.86 -38.42 22.49
CA VAL A 178 62.15 -38.76 23.88
C VAL A 178 61.43 -40.08 24.19
N VAL A 179 62.05 -40.90 25.04
CA VAL A 179 61.50 -42.21 25.39
C VAL A 179 61.31 -42.39 26.89
N VAL A 180 60.96 -43.61 27.29
CA VAL A 180 60.73 -43.95 28.69
C VAL A 180 62.05 -44.25 29.38
N GLY A 181 62.08 -44.02 30.69
CA GLY A 181 63.24 -44.30 31.51
C GLY A 181 64.55 -43.66 31.14
N ASP A 182 64.59 -42.34 31.01
CA ASP A 182 65.83 -41.64 30.70
C ASP A 182 65.80 -40.30 31.42
N LEU A 183 66.98 -39.87 31.87
CA LEU A 183 67.10 -38.62 32.60
C LEU A 183 66.71 -37.42 31.73
N VAL A 184 65.92 -36.53 32.29
CA VAL A 184 65.45 -35.33 31.61
C VAL A 184 65.61 -34.14 32.55
N GLU A 185 66.19 -33.06 32.04
CA GLU A 185 66.41 -31.84 32.79
C GLU A 185 65.51 -30.75 32.24
N VAL A 186 64.93 -29.95 33.14
CA VAL A 186 64.06 -28.85 32.74
C VAL A 186 64.52 -27.57 33.45
N LYS A 187 64.48 -26.47 32.70
CA LYS A 187 64.86 -25.12 33.13
C LYS A 187 63.61 -24.27 33.25
N GLY A 188 63.67 -23.26 34.12
CA GLY A 188 62.54 -22.37 34.32
C GLY A 188 62.08 -21.74 33.02
N GLY A 189 60.94 -22.18 32.53
CA GLY A 189 60.38 -21.70 31.29
C GLY A 189 60.07 -22.84 30.35
N ASP A 190 60.87 -23.90 30.41
CA ASP A 190 60.66 -25.05 29.53
C ASP A 190 59.41 -25.81 29.96
N ARG A 191 58.69 -26.34 28.98
CA ARG A 191 57.48 -27.11 29.23
C ARG A 191 57.87 -28.56 29.47
N ILE A 192 57.30 -29.17 30.50
CA ILE A 192 57.61 -30.56 30.82
C ILE A 192 57.18 -31.44 29.65
N PRO A 193 58.11 -32.21 29.03
CA PRO A 193 57.73 -33.03 27.87
C PRO A 193 56.76 -34.17 28.17
N ALA A 194 57.29 -35.20 28.81
CA ALA A 194 56.54 -36.38 29.19
C ALA A 194 56.29 -36.33 30.67
N ASP A 195 55.79 -37.43 31.24
CA ASP A 195 55.56 -37.52 32.67
C ASP A 195 56.84 -38.04 33.29
N LEU A 196 57.49 -37.20 34.09
CA LEU A 196 58.74 -37.56 34.73
C LEU A 196 58.51 -37.91 36.19
N ARG A 197 59.55 -38.47 36.79
CA ARG A 197 59.61 -38.83 38.19
C ARG A 197 60.82 -38.04 38.66
N ILE A 198 60.58 -36.95 39.38
CA ILE A 198 61.65 -36.07 39.82
C ILE A 198 62.64 -36.81 40.70
N ILE A 199 63.93 -36.59 40.43
CA ILE A 199 64.98 -37.24 41.20
C ILE A 199 65.87 -36.20 41.89
N SER A 200 65.92 -34.99 41.34
CA SER A 200 66.75 -33.94 41.93
C SER A 200 66.21 -32.59 41.49
N ALA A 201 65.70 -31.81 42.44
CA ALA A 201 65.13 -30.50 42.17
C ALA A 201 65.93 -29.41 42.86
N ASN A 202 65.75 -28.18 42.37
CA ASN A 202 66.41 -27.00 42.92
C ASN A 202 65.47 -25.82 42.70
N GLY A 203 64.67 -25.50 43.71
CA GLY A 203 63.71 -24.40 43.61
C GLY A 203 62.76 -24.54 42.44
N CYS A 204 62.45 -25.79 42.06
CA CYS A 204 61.59 -26.05 40.91
C CYS A 204 60.10 -25.92 41.25
N LYS A 205 59.41 -25.06 40.52
CA LYS A 205 57.98 -24.85 40.67
C LYS A 205 57.36 -25.05 39.29
N VAL A 206 56.45 -26.01 39.19
CA VAL A 206 55.79 -26.30 37.93
C VAL A 206 54.35 -25.81 38.01
N ASP A 207 53.74 -25.64 36.83
CA ASP A 207 52.39 -25.14 36.68
C ASP A 207 51.45 -26.29 36.29
N ASN A 208 50.76 -26.85 37.28
CA ASN A 208 49.81 -27.93 37.10
C ASN A 208 48.41 -27.40 36.84
N SER A 209 48.29 -26.20 36.27
CA SER A 209 47.00 -25.58 36.04
C SER A 209 46.21 -26.27 34.94
N SER A 210 46.82 -26.50 33.78
CA SER A 210 46.08 -27.12 32.69
C SER A 210 45.70 -28.57 32.96
N LEU A 211 46.42 -29.26 33.85
CA LEU A 211 46.06 -30.66 34.08
C LEU A 211 45.17 -30.89 35.29
N THR A 212 45.70 -30.75 36.51
CA THR A 212 44.89 -30.99 37.70
C THR A 212 44.10 -29.77 38.17
N GLY A 213 44.41 -28.59 37.64
CA GLY A 213 43.69 -27.39 38.04
C GLY A 213 44.18 -26.71 39.29
N GLU A 214 45.43 -26.95 39.70
CA GLU A 214 45.99 -26.30 40.89
C GLU A 214 46.46 -24.90 40.49
N SER A 215 45.83 -23.87 41.07
CA SER A 215 46.12 -22.47 40.74
C SER A 215 47.56 -22.01 40.97
N GLU A 216 47.99 -21.93 42.23
CA GLU A 216 49.34 -21.47 42.51
C GLU A 216 50.37 -22.44 41.95
N PRO A 217 51.55 -21.94 41.54
CA PRO A 217 52.57 -22.83 40.97
C PRO A 217 53.07 -23.83 42.00
N GLN A 218 52.63 -25.08 41.86
CA GLN A 218 53.01 -26.12 42.81
C GLN A 218 54.46 -26.50 42.62
N THR A 219 55.21 -26.53 43.71
CA THR A 219 56.61 -26.90 43.62
C THR A 219 56.75 -28.40 43.46
N ARG A 220 57.88 -28.82 42.91
CA ARG A 220 58.19 -30.23 42.67
C ARG A 220 59.40 -30.62 43.49
N SER A 221 59.20 -31.48 44.49
CA SER A 221 60.22 -32.01 45.40
C SER A 221 60.50 -33.47 45.07
N PRO A 222 61.78 -33.88 45.04
CA PRO A 222 62.09 -35.28 44.70
C PRO A 222 61.57 -36.30 45.69
N ASP A 223 61.33 -35.92 46.95
CA ASP A 223 60.84 -36.85 47.95
C ASP A 223 59.35 -37.11 47.79
N PHE A 224 58.93 -38.34 48.10
CA PHE A 224 57.52 -38.71 47.99
C PHE A 224 56.71 -38.00 49.06
N THR A 225 55.62 -37.36 48.64
CA THR A 225 54.79 -36.59 49.58
C THR A 225 53.39 -37.14 49.76
N ASN A 226 52.58 -37.27 48.70
CA ASN A 226 51.21 -37.73 48.84
C ASN A 226 50.96 -39.02 48.07
N GLU A 227 50.06 -39.84 48.62
CA GLU A 227 49.68 -41.10 47.98
C GLU A 227 49.06 -40.84 46.61
N ASN A 228 48.46 -39.66 46.45
CA ASN A 228 47.86 -39.31 45.18
C ASN A 228 48.98 -38.88 44.24
N PRO A 229 49.16 -39.53 43.08
CA PRO A 229 50.22 -39.13 42.16
C PRO A 229 50.06 -37.72 41.60
N LEU A 230 48.90 -37.10 41.80
CA LEU A 230 48.65 -35.75 41.32
C LEU A 230 49.07 -34.70 42.33
N GLU A 231 48.69 -34.88 43.59
CA GLU A 231 49.04 -33.92 44.63
C GLU A 231 50.49 -34.04 45.05
N THR A 232 51.14 -35.16 44.74
CA THR A 232 52.53 -35.33 45.12
C THR A 232 53.43 -34.38 44.35
N ARG A 233 54.69 -34.31 44.79
CA ARG A 233 55.66 -33.39 44.21
C ARG A 233 56.81 -34.06 43.45
N ASN A 234 56.92 -35.38 43.46
CA ASN A 234 57.99 -36.08 42.76
C ASN A 234 57.60 -36.51 41.36
N ILE A 235 56.62 -35.84 40.74
CA ILE A 235 56.17 -36.19 39.41
C ILE A 235 55.94 -34.93 38.59
N ALA A 236 56.57 -34.87 37.43
CA ALA A 236 56.36 -33.78 36.47
C ALA A 236 55.28 -34.28 35.52
N PHE A 237 54.54 -33.37 34.91
CA PHE A 237 53.43 -33.81 34.06
C PHE A 237 53.44 -33.28 32.63
N PHE A 238 52.82 -34.05 31.76
CA PHE A 238 52.68 -33.68 30.35
C PHE A 238 51.80 -32.44 30.25
N SER A 239 52.19 -31.54 29.34
CA SER A 239 51.52 -30.27 29.04
C SER A 239 51.66 -29.24 30.16
N THR A 240 52.49 -29.50 31.16
CA THR A 240 52.74 -28.54 32.24
C THR A 240 54.07 -27.86 31.96
N ASN A 241 54.17 -26.58 32.34
CA ASN A 241 55.36 -25.79 32.11
C ASN A 241 56.09 -25.49 33.42
N CYS A 242 57.41 -25.63 33.38
CA CYS A 242 58.24 -25.35 34.55
C CYS A 242 58.27 -23.83 34.75
N VAL A 243 57.68 -23.35 35.85
CA VAL A 243 57.61 -21.92 36.11
C VAL A 243 58.97 -21.33 36.44
N GLU A 244 59.66 -21.90 37.43
CA GLU A 244 60.96 -21.38 37.82
C GLU A 244 61.81 -22.52 38.37
N GLY A 245 63.11 -22.24 38.49
CA GLY A 245 64.03 -23.24 38.97
C GLY A 245 64.35 -24.28 37.91
N THR A 246 65.06 -25.32 38.34
CA THR A 246 65.46 -26.39 37.46
C THR A 246 65.26 -27.72 38.17
N ALA A 247 65.11 -28.79 37.38
CA ALA A 247 64.90 -30.10 37.99
C ALA A 247 65.26 -31.23 37.03
N ARG A 248 65.50 -32.40 37.62
CA ARG A 248 65.82 -33.62 36.87
C ARG A 248 64.75 -34.67 37.15
N GLY A 249 64.61 -35.60 36.21
CA GLY A 249 63.63 -36.64 36.39
C GLY A 249 63.66 -37.74 35.34
N ILE A 250 63.31 -38.96 35.76
CA ILE A 250 63.29 -40.11 34.86
C ILE A 250 61.90 -40.22 34.25
N VAL A 251 61.84 -40.40 32.93
CA VAL A 251 60.55 -40.50 32.26
C VAL A 251 59.86 -41.80 32.63
N VAL A 252 58.63 -41.69 33.15
CA VAL A 252 57.84 -42.86 33.53
C VAL A 252 56.74 -43.14 32.50
N TYR A 253 56.01 -42.12 32.09
CA TYR A 253 54.94 -42.26 31.10
C TYR A 253 55.23 -41.43 29.87
N THR A 254 54.98 -42.01 28.69
CA THR A 254 55.23 -41.35 27.42
C THR A 254 54.03 -41.49 26.50
N GLY A 255 53.90 -40.51 25.59
CA GLY A 255 52.82 -40.54 24.60
C GLY A 255 51.43 -40.60 25.17
N ASP A 256 50.62 -41.49 24.60
CA ASP A 256 49.23 -41.67 25.02
C ASP A 256 49.11 -42.29 26.41
N ARG A 257 50.15 -42.96 26.90
CA ARG A 257 50.12 -43.56 28.22
C ARG A 257 50.27 -42.53 29.33
N THR A 258 50.43 -41.25 28.99
CA THR A 258 50.60 -40.19 29.97
C THR A 258 49.28 -39.89 30.68
N VAL A 259 49.37 -39.00 31.67
CA VAL A 259 48.20 -38.61 32.44
C VAL A 259 47.22 -37.86 31.54
N MET A 260 47.65 -36.70 31.04
CA MET A 260 46.79 -35.93 30.16
C MET A 260 46.50 -36.70 28.87
N GLY A 261 47.35 -37.68 28.53
CA GLY A 261 47.09 -38.49 27.36
C GLY A 261 45.92 -39.42 27.60
N ARG A 262 45.90 -40.08 28.77
CA ARG A 262 44.80 -40.95 29.13
C ARG A 262 43.52 -40.15 29.33
N ILE A 263 43.65 -38.85 29.57
CA ILE A 263 42.46 -38.02 29.69
C ILE A 263 41.95 -37.62 28.31
N ALA A 264 42.87 -37.25 27.41
CA ALA A 264 42.51 -36.86 26.04
C ALA A 264 41.87 -38.01 25.29
N THR A 265 42.44 -39.21 25.41
CA THR A 265 41.87 -40.38 24.74
C THR A 265 40.47 -40.65 25.26
N LEU A 266 40.23 -40.33 26.54
CA LEU A 266 38.90 -40.50 27.10
C LEU A 266 37.93 -39.49 26.49
N ALA A 267 38.40 -38.25 26.33
CA ALA A 267 37.57 -37.22 25.71
C ALA A 267 37.19 -37.61 24.29
N SER A 268 38.12 -38.20 23.54
CA SER A 268 37.82 -38.61 22.18
C SER A 268 36.85 -39.80 22.15
N GLY A 269 36.86 -40.62 23.19
CA GLY A 269 36.02 -41.80 23.25
C GLY A 269 34.67 -41.67 23.92
N LEU A 270 34.24 -40.47 24.32
CA LEU A 270 32.96 -40.33 24.97
C LEU A 270 31.86 -39.98 23.96
N GLU A 271 30.61 -40.19 24.38
CA GLU A 271 29.45 -39.92 23.55
C GLU A 271 28.97 -38.48 23.69
N GLY A 272 28.51 -37.91 22.57
CA GLY A 272 28.04 -36.54 22.57
C GLY A 272 26.61 -36.36 23.03
N GLY A 273 25.76 -37.35 22.78
CA GLY A 273 24.37 -37.28 23.17
C GLY A 273 23.49 -36.68 22.09
N GLN A 274 22.27 -36.35 22.48
CA GLN A 274 21.27 -35.75 21.59
C GLN A 274 20.95 -34.35 22.10
N THR A 275 21.18 -33.36 21.25
CA THR A 275 20.92 -31.98 21.61
C THR A 275 19.42 -31.79 21.88
N PRO A 276 19.06 -30.84 22.74
CA PRO A 276 17.63 -30.63 23.02
C PRO A 276 16.86 -30.15 21.80
N ILE A 277 17.49 -29.32 20.97
CA ILE A 277 16.84 -28.81 19.77
C ILE A 277 16.52 -29.95 18.81
N ALA A 278 17.46 -30.88 18.64
CA ALA A 278 17.22 -32.02 17.76
C ALA A 278 16.10 -32.91 18.29
N ALA A 279 16.05 -33.06 19.62
CA ALA A 279 14.97 -33.86 20.21
C ALA A 279 13.63 -33.20 19.97
N GLU A 280 13.59 -31.86 20.03
CA GLU A 280 12.34 -31.15 19.77
C GLU A 280 11.94 -31.30 18.32
N ILE A 281 12.93 -31.32 17.41
CA ILE A 281 12.64 -31.51 15.99
C ILE A 281 12.04 -32.90 15.79
N GLU A 282 12.58 -33.89 16.49
CA GLU A 282 12.08 -35.25 16.38
C GLU A 282 10.64 -35.34 16.88
N HIS A 283 10.35 -34.72 18.03
CA HIS A 283 8.98 -34.72 18.56
C HIS A 283 8.03 -34.00 17.60
N PHE A 284 8.52 -32.93 16.96
CA PHE A 284 7.73 -32.20 15.99
C PHE A 284 7.36 -33.11 14.82
N ILE A 285 8.34 -33.88 14.34
CA ILE A 285 8.08 -34.80 13.24
C ILE A 285 7.10 -35.87 13.68
N HIS A 286 7.17 -36.28 14.96
CA HIS A 286 6.23 -37.29 15.46
C HIS A 286 4.80 -36.80 15.29
N ILE A 287 4.54 -35.55 15.67
CA ILE A 287 3.17 -35.02 15.53
C ILE A 287 2.79 -34.81 14.07
N ILE A 288 3.71 -34.27 13.27
CA ILE A 288 3.42 -34.02 11.85
C ILE A 288 3.05 -35.31 11.13
N THR A 289 3.93 -36.31 11.19
CA THR A 289 3.63 -37.57 10.52
C THR A 289 2.48 -38.29 11.18
N GLY A 290 2.24 -38.08 12.49
CA GLY A 290 1.10 -38.74 13.11
C GLY A 290 -0.19 -38.31 12.48
N VAL A 291 -0.41 -36.99 12.41
CA VAL A 291 -1.64 -36.51 11.78
C VAL A 291 -1.60 -36.79 10.28
N ALA A 292 -0.41 -36.85 9.68
CA ALA A 292 -0.33 -37.11 8.25
C ALA A 292 -0.83 -38.51 7.92
N VAL A 293 -0.35 -39.51 8.64
CA VAL A 293 -0.79 -40.88 8.38
C VAL A 293 -2.23 -41.06 8.86
N PHE A 294 -2.66 -40.30 9.86
CA PHE A 294 -4.05 -40.43 10.30
C PHE A 294 -4.99 -39.98 9.19
N LEU A 295 -4.71 -38.80 8.63
CA LEU A 295 -5.54 -38.28 7.53
C LEU A 295 -5.43 -39.18 6.30
N GLY A 296 -4.22 -39.61 5.97
CA GLY A 296 -4.05 -40.46 4.81
C GLY A 296 -4.80 -41.78 4.92
N VAL A 297 -4.70 -42.44 6.06
CA VAL A 297 -5.37 -43.73 6.25
C VAL A 297 -6.88 -43.57 6.32
N SER A 298 -7.36 -42.63 7.14
CA SER A 298 -8.81 -42.43 7.27
C SER A 298 -9.40 -42.04 5.92
N PHE A 299 -8.69 -41.19 5.16
CA PHE A 299 -9.20 -40.79 3.85
C PHE A 299 -9.06 -41.92 2.84
N PHE A 300 -8.06 -42.80 3.01
CA PHE A 300 -7.91 -43.94 2.11
C PHE A 300 -9.09 -44.88 2.28
N ILE A 301 -9.45 -45.15 3.54
CA ILE A 301 -10.60 -46.00 3.85
C ILE A 301 -11.87 -45.34 3.33
N LEU A 302 -12.00 -44.02 3.51
CA LEU A 302 -13.18 -43.32 3.03
C LEU A 302 -13.29 -43.37 1.51
N SER A 303 -12.16 -43.21 0.82
CA SER A 303 -12.16 -43.26 -0.65
C SER A 303 -12.56 -44.65 -1.13
N LEU A 304 -12.07 -45.69 -0.47
CA LEU A 304 -12.46 -47.04 -0.86
C LEU A 304 -13.94 -47.26 -0.58
N ILE A 305 -14.45 -46.64 0.49
CA ILE A 305 -15.87 -46.75 0.80
C ILE A 305 -16.68 -46.10 -0.32
N LEU A 306 -16.17 -45.00 -0.88
CA LEU A 306 -16.93 -44.35 -1.95
C LEU A 306 -16.97 -45.15 -3.25
N GLU A 307 -15.95 -45.01 -4.09
CA GLU A 307 -15.94 -45.74 -5.36
C GLU A 307 -14.56 -46.06 -5.91
N TYR A 308 -13.58 -45.22 -5.57
CA TYR A 308 -12.24 -45.34 -6.11
C TYR A 308 -11.60 -46.69 -5.81
N THR A 309 -11.03 -47.28 -6.85
CA THR A 309 -10.38 -48.57 -6.75
C THR A 309 -9.14 -48.50 -5.87
N TRP A 310 -8.62 -49.67 -5.53
CA TRP A 310 -7.42 -49.75 -4.70
C TRP A 310 -6.26 -49.03 -5.39
N LEU A 311 -6.22 -49.12 -6.72
CA LEU A 311 -5.17 -48.45 -7.50
C LEU A 311 -5.17 -46.95 -7.24
N GLU A 312 -6.34 -46.33 -7.30
CA GLU A 312 -6.43 -44.89 -7.08
C GLU A 312 -6.38 -44.54 -5.60
N ALA A 313 -6.97 -45.39 -4.76
CA ALA A 313 -6.98 -45.12 -3.32
C ALA A 313 -5.57 -45.10 -2.74
N VAL A 314 -4.67 -45.96 -3.24
CA VAL A 314 -3.30 -45.96 -2.76
C VAL A 314 -2.64 -44.62 -3.07
N ILE A 315 -2.90 -44.09 -4.27
CA ILE A 315 -2.35 -42.79 -4.64
C ILE A 315 -2.93 -41.71 -3.75
N PHE A 316 -4.21 -41.86 -3.36
CA PHE A 316 -4.82 -40.89 -2.46
C PHE A 316 -4.14 -40.93 -1.09
N LEU A 317 -3.85 -42.14 -0.60
CA LEU A 317 -3.19 -42.30 0.69
C LEU A 317 -1.82 -41.63 0.69
N ILE A 318 -0.97 -42.02 -0.26
CA ILE A 318 0.37 -41.44 -0.37
C ILE A 318 0.28 -39.93 -0.61
N GLY A 319 -0.72 -39.48 -1.37
CA GLY A 319 -0.84 -38.06 -1.65
C GLY A 319 -1.20 -37.24 -0.43
N ILE A 320 -2.21 -37.66 0.33
CA ILE A 320 -2.60 -36.93 1.52
C ILE A 320 -1.52 -36.97 2.58
N ILE A 321 -0.75 -38.07 2.64
CA ILE A 321 0.31 -38.15 3.65
C ILE A 321 1.49 -37.27 3.25
N VAL A 322 1.97 -37.40 2.01
CA VAL A 322 3.13 -36.63 1.55
C VAL A 322 2.83 -35.14 1.54
N ALA A 323 1.62 -34.76 1.12
CA ALA A 323 1.25 -33.34 1.09
C ALA A 323 1.28 -32.71 2.47
N ASN A 324 1.24 -33.51 3.53
CA ASN A 324 1.26 -33.01 4.90
C ASN A 324 2.68 -32.89 5.46
N VAL A 325 3.70 -32.90 4.61
CA VAL A 325 5.09 -32.79 5.02
C VAL A 325 5.62 -31.42 4.60
N PRO A 326 5.97 -30.53 5.55
CA PRO A 326 6.47 -29.22 5.17
C PRO A 326 7.81 -29.34 4.48
N GLU A 327 7.78 -29.19 3.16
CA GLU A 327 8.99 -29.32 2.36
C GLU A 327 9.96 -28.16 2.62
N GLY A 328 9.45 -26.94 2.69
CA GLY A 328 10.28 -25.77 2.91
C GLY A 328 10.68 -25.49 4.33
N LEU A 329 10.05 -26.14 5.32
CA LEU A 329 10.40 -25.87 6.72
C LEU A 329 11.81 -26.29 7.05
N LEU A 330 12.37 -27.23 6.30
CA LEU A 330 13.74 -27.66 6.55
C LEU A 330 14.71 -26.49 6.32
N ALA A 331 14.61 -25.87 5.15
CA ALA A 331 15.49 -24.77 4.82
C ALA A 331 15.27 -23.58 5.74
N THR A 332 14.01 -23.28 6.07
CA THR A 332 13.75 -22.15 6.95
C THR A 332 14.35 -22.36 8.33
N VAL A 333 14.17 -23.55 8.90
CA VAL A 333 14.72 -23.83 10.22
C VAL A 333 16.24 -23.79 10.19
N THR A 334 16.84 -24.38 9.14
CA THR A 334 18.30 -24.38 9.02
C THR A 334 18.83 -22.96 8.94
N VAL A 335 18.17 -22.10 8.14
CA VAL A 335 18.60 -20.72 8.03
C VAL A 335 18.42 -19.99 9.35
N CYS A 336 17.33 -20.28 10.08
CA CYS A 336 17.10 -19.65 11.38
C CYS A 336 18.26 -19.93 12.32
N LEU A 337 18.58 -21.21 12.49
CA LEU A 337 19.69 -21.60 13.33
C LEU A 337 20.99 -20.96 12.84
N THR A 338 21.17 -20.92 11.51
CA THR A 338 22.37 -20.32 10.93
C THR A 338 22.47 -18.84 11.25
N LEU A 339 21.34 -18.13 11.23
CA LEU A 339 21.32 -16.71 11.54
C LEU A 339 21.75 -16.45 12.97
N THR A 340 21.14 -17.19 13.91
CA THR A 340 21.54 -16.99 15.30
C THR A 340 23.01 -17.35 15.50
N ALA A 341 23.48 -18.39 14.80
CA ALA A 341 24.89 -18.75 14.90
C ALA A 341 25.76 -17.63 14.34
N LYS A 342 25.27 -16.91 13.33
CA LYS A 342 26.01 -15.79 12.77
C LYS A 342 26.20 -14.73 13.84
N ARG A 343 25.11 -14.42 14.57
CA ARG A 343 25.23 -13.44 15.65
C ARG A 343 26.20 -13.92 16.72
N MET A 344 26.24 -15.24 16.95
CA MET A 344 27.20 -15.78 17.93
C MET A 344 28.62 -15.54 17.45
N ALA A 345 28.88 -15.76 16.16
CA ALA A 345 30.22 -15.57 15.61
C ALA A 345 30.61 -14.10 15.60
N ARG A 346 29.64 -13.19 15.54
CA ARG A 346 29.98 -11.76 15.55
C ARG A 346 30.57 -11.36 16.90
N LYS A 347 30.09 -11.97 17.98
CA LYS A 347 30.57 -11.68 19.33
C LYS A 347 31.72 -12.59 19.74
N ASN A 348 32.45 -13.15 18.77
CA ASN A 348 33.59 -14.04 19.00
C ASN A 348 33.19 -15.26 19.83
N CYS A 349 31.98 -15.78 19.56
CA CYS A 349 31.43 -16.96 20.22
C CYS A 349 31.16 -17.95 19.09
N LEU A 350 32.21 -18.67 18.69
CA LEU A 350 32.10 -19.62 17.58
C LEU A 350 31.38 -20.88 18.03
N VAL A 351 30.62 -21.46 17.09
CA VAL A 351 29.88 -22.70 17.33
C VAL A 351 30.26 -23.68 16.23
N LYS A 352 30.86 -24.80 16.62
CA LYS A 352 31.24 -25.81 15.63
C LYS A 352 30.04 -26.61 15.15
N ASN A 353 28.98 -26.64 15.95
CA ASN A 353 27.75 -27.36 15.65
C ASN A 353 26.65 -26.34 15.36
N LEU A 354 25.97 -26.53 14.23
CA LEU A 354 24.91 -25.60 13.81
C LEU A 354 23.72 -25.56 14.75
N GLU A 355 23.49 -26.61 15.55
CA GLU A 355 22.37 -26.61 16.48
C GLU A 355 22.78 -26.32 17.92
N ALA A 356 24.10 -26.36 18.21
CA ALA A 356 24.58 -26.08 19.56
C ALA A 356 24.34 -24.64 19.98
N VAL A 357 23.94 -23.78 19.04
CA VAL A 357 23.64 -22.39 19.38
C VAL A 357 22.41 -22.33 20.28
N GLU A 358 21.50 -23.30 20.16
CA GLU A 358 20.29 -23.25 20.96
C GLU A 358 20.43 -23.85 22.36
N THR A 359 21.30 -24.85 22.53
CA THR A 359 21.42 -25.56 23.81
C THR A 359 21.61 -24.67 25.04
N LEU A 360 22.20 -23.48 24.90
CA LEU A 360 22.37 -22.62 26.07
C LEU A 360 21.03 -22.16 26.64
N GLY A 361 20.09 -21.79 25.77
CA GLY A 361 18.80 -21.32 26.24
C GLY A 361 18.03 -22.34 27.04
N SER A 362 18.12 -23.61 26.65
CA SER A 362 17.42 -24.66 27.37
C SER A 362 18.19 -25.15 28.59
N THR A 363 19.43 -24.69 28.77
CA THR A 363 20.25 -25.11 29.90
C THR A 363 19.66 -24.64 31.22
N SER A 364 19.71 -25.51 32.23
CA SER A 364 19.22 -25.20 33.56
C SER A 364 20.28 -25.42 34.63
N THR A 365 21.46 -25.91 34.26
CA THR A 365 22.54 -26.14 35.21
C THR A 365 23.87 -25.99 34.48
N ILE A 366 24.71 -25.06 34.95
CA ILE A 366 26.01 -24.79 34.35
C ILE A 366 27.09 -25.27 35.31
N CYS A 367 27.97 -26.16 34.83
CA CYS A 367 29.08 -26.67 35.61
C CYS A 367 30.32 -25.94 35.11
N SER A 368 30.80 -24.98 35.89
CA SER A 368 31.96 -24.21 35.47
C SER A 368 33.26 -24.70 36.08
N LYS A 370 36.86 -23.46 37.80
CA LYS A 370 37.36 -22.30 38.52
C LYS A 370 38.61 -21.72 37.86
N THR A 371 39.71 -22.46 37.92
CA THR A 371 40.98 -22.02 37.37
C THR A 371 40.95 -22.01 35.85
N GLY A 372 41.11 -20.82 35.28
CA GLY A 372 41.13 -20.63 33.84
C GLY A 372 39.81 -20.16 33.26
N THR A 373 38.69 -20.75 33.68
CA THR A 373 37.38 -20.35 33.17
C THR A 373 36.83 -19.21 34.00
N LEU A 374 36.51 -19.47 35.27
CA LEU A 374 36.01 -18.42 36.13
C LEU A 374 37.12 -17.42 36.44
N THR A 375 38.25 -17.92 36.91
CA THR A 375 39.40 -17.09 37.23
C THR A 375 40.27 -16.84 36.00
N GLN A 376 41.13 -15.84 36.11
CA GLN A 376 42.05 -15.48 35.04
C GLN A 376 43.28 -16.38 35.01
N ASN A 377 43.44 -17.23 36.02
CA ASN A 377 44.58 -18.15 36.13
C ASN A 377 45.90 -17.38 36.01
N ARG A 378 46.07 -16.44 36.94
CA ARG A 378 47.27 -15.62 36.97
C ARG A 378 47.35 -14.94 38.32
N MET A 379 48.49 -15.09 39.00
CA MET A 379 48.67 -14.45 40.30
C MET A 379 48.61 -12.94 40.13
N THR A 380 47.73 -12.30 40.92
CA THR A 380 47.58 -10.85 40.85
C THR A 380 47.52 -10.30 42.25
N VAL A 381 48.10 -9.10 42.43
CA VAL A 381 48.10 -8.43 43.73
C VAL A 381 46.67 -8.15 44.13
N ALA A 382 46.23 -8.77 45.22
CA ALA A 382 44.84 -8.59 45.68
C ALA A 382 44.63 -7.39 46.60
N HIS A 383 45.16 -7.45 47.82
CA HIS A 383 44.99 -6.41 48.81
C HIS A 383 46.33 -5.98 49.39
N MET A 384 46.34 -4.79 49.97
CA MET A 384 47.51 -4.19 50.59
C MET A 384 47.13 -3.69 51.98
N TRP A 385 48.12 -3.69 52.88
CA TRP A 385 47.94 -3.26 54.27
C TRP A 385 48.80 -2.03 54.47
N SER A 386 48.18 -0.86 54.61
CA SER A 386 48.94 0.35 54.83
C SER A 386 48.28 1.17 55.93
N ASP A 387 49.08 1.59 56.91
CA ASP A 387 48.60 2.40 58.03
C ASP A 387 47.45 1.70 58.76
N ASN A 388 47.60 0.39 58.99
CA ASN A 388 46.59 -0.43 59.65
C ASN A 388 45.25 -0.37 58.92
N GLN A 389 45.30 -0.18 57.60
CA GLN A 389 44.09 -0.10 56.79
C GLN A 389 44.23 -0.98 55.55
N ILE A 390 43.16 -1.72 55.24
CA ILE A 390 43.13 -2.61 54.08
C ILE A 390 42.75 -1.81 52.85
N HIS A 391 43.52 -1.97 51.78
CA HIS A 391 43.30 -1.29 50.50
C HIS A 391 43.22 -2.34 49.41
N GLU A 392 42.06 -2.46 48.77
CA GLU A 392 41.89 -3.44 47.71
C GLU A 392 42.40 -2.89 46.39
N ALA A 393 43.34 -3.59 45.78
CA ALA A 393 43.89 -3.17 44.49
C ALA A 393 42.96 -3.64 43.38
N ASP A 394 43.10 -3.03 42.20
CA ASP A 394 42.27 -3.42 41.07
C ASP A 394 42.77 -4.76 40.52
N THR A 395 41.86 -5.74 40.44
CA THR A 395 42.20 -7.07 39.97
C THR A 395 41.49 -7.45 38.68
N THR A 396 41.02 -6.47 37.91
CA THR A 396 40.34 -6.75 36.66
C THR A 396 41.36 -6.95 35.53
N GLU A 397 41.01 -7.82 34.59
CA GLU A 397 41.90 -8.11 33.47
C GLU A 397 42.06 -6.92 32.52
N ASN A 398 41.01 -6.12 32.37
CA ASN A 398 41.04 -4.95 31.50
C ASN A 398 41.24 -3.64 32.26
N GLN A 399 41.45 -3.70 33.58
CA GLN A 399 41.68 -2.52 34.42
C GLN A 399 40.52 -1.53 34.36
N SER A 400 39.38 -1.94 34.92
CA SER A 400 38.18 -1.11 34.96
C SER A 400 37.54 -1.19 36.34
N GLY A 401 38.35 -1.03 37.39
CA GLY A 401 37.87 -1.09 38.76
C GLY A 401 38.26 0.16 39.54
N VAL A 402 37.90 0.14 40.82
CA VAL A 402 38.19 1.27 41.70
C VAL A 402 39.69 1.31 42.00
N SER A 403 40.28 2.49 41.88
CA SER A 403 41.70 2.68 42.14
C SER A 403 41.90 3.07 43.61
N PHE A 404 42.90 2.48 44.24
CA PHE A 404 43.19 2.78 45.63
C PHE A 404 43.81 4.16 45.77
N ASP A 405 43.87 4.65 47.00
CA ASP A 405 44.42 5.97 47.29
C ASP A 405 45.93 5.90 47.19
N LYS A 406 46.45 6.31 46.04
CA LYS A 406 47.90 6.28 45.77
C LYS A 406 48.54 7.67 45.90
N THR A 407 48.47 8.27 47.10
CA THR A 407 49.05 9.58 47.33
C THR A 407 49.90 9.68 48.58
N SER A 408 49.65 8.83 49.57
CA SER A 408 50.39 8.86 50.83
C SER A 408 51.83 8.37 50.66
N ALA A 409 52.67 8.75 51.62
CA ALA A 409 54.08 8.35 51.61
C ALA A 409 54.24 6.87 51.97
N THR A 410 53.31 6.32 52.77
CA THR A 410 53.40 4.90 53.12
C THR A 410 53.30 4.06 51.86
N TRP A 411 52.46 4.50 50.90
CA TRP A 411 52.36 3.79 49.64
C TRP A 411 53.66 3.86 48.88
N LEU A 412 54.35 5.00 48.94
CA LEU A 412 55.64 5.12 48.24
C LEU A 412 56.67 4.18 48.84
N ALA A 413 56.72 4.09 50.18
CA ALA A 413 57.67 3.19 50.82
C ALA A 413 57.35 1.74 50.47
N LEU A 414 56.08 1.35 50.58
CA LEU A 414 55.67 -0.01 50.27
C LEU A 414 55.95 -0.36 48.81
N SER A 415 55.63 0.56 47.90
CA SER A 415 55.86 0.32 46.48
C SER A 415 57.34 0.22 46.17
N ARG A 416 58.19 0.95 46.90
CA ARG A 416 59.62 0.83 46.67
C ARG A 416 60.13 -0.51 47.18
N ILE A 417 59.61 -0.97 48.32
CA ILE A 417 60.02 -2.27 48.84
C ILE A 417 59.64 -3.38 47.88
N ALA A 418 58.45 -3.27 47.26
CA ALA A 418 57.99 -4.28 46.33
C ALA A 418 58.71 -4.20 44.98
N GLY A 419 58.82 -3.00 44.41
CA GLY A 419 59.46 -2.86 43.11
C GLY A 419 60.96 -3.07 43.13
N LEU A 420 61.62 -2.80 44.25
CA LEU A 420 63.06 -2.98 44.35
C LEU A 420 63.43 -4.39 44.79
N CYS A 421 62.93 -4.80 45.96
CA CYS A 421 63.23 -6.12 46.51
C CYS A 421 62.30 -7.18 45.93
N ASN A 422 62.57 -7.56 44.69
CA ASN A 422 61.81 -8.58 43.97
C ASN A 422 62.58 -9.04 42.74
N ARG A 423 62.82 -10.35 42.63
CA ARG A 423 63.56 -10.92 41.50
C ARG A 423 62.61 -11.13 40.32
N ALA A 424 62.25 -10.02 39.67
CA ALA A 424 61.35 -10.08 38.53
C ALA A 424 61.58 -8.90 37.59
N VAL A 425 61.66 -9.20 36.30
CA VAL A 425 61.84 -8.19 35.26
C VAL A 425 61.08 -8.62 34.02
N PHE A 426 60.83 -7.66 33.13
CA PHE A 426 60.16 -7.92 31.87
C PHE A 426 61.12 -8.62 30.92
N GLN A 427 60.65 -8.87 29.70
CA GLN A 427 61.49 -9.57 28.73
C GLN A 427 61.73 -8.74 27.47
N ALA A 428 62.21 -9.39 26.40
CA ALA A 428 62.55 -8.68 25.16
C ALA A 428 61.41 -7.96 24.44
N ASN A 429 60.48 -8.69 23.84
CA ASN A 429 59.40 -8.06 23.09
C ASN A 429 58.35 -7.40 23.97
N GLN A 430 58.47 -7.47 25.29
CA GLN A 430 57.47 -6.86 26.15
C GLN A 430 57.56 -5.34 26.11
N GLU A 431 56.87 -4.71 25.14
CA GLU A 431 56.86 -3.26 25.05
C GLU A 431 55.50 -2.72 24.62
N ASN A 432 54.94 -3.31 23.56
CA ASN A 432 53.65 -2.88 23.03
C ASN A 432 52.49 -3.59 23.71
N LEU A 433 52.74 -4.73 24.35
CA LEU A 433 51.70 -5.46 25.03
C LEU A 433 51.26 -4.70 26.28
N PRO A 434 50.04 -4.94 26.77
CA PRO A 434 49.58 -4.24 27.98
C PRO A 434 50.43 -4.62 29.18
N ILE A 435 50.21 -3.89 30.28
CA ILE A 435 50.99 -4.11 31.51
C ILE A 435 50.71 -5.48 32.13
N LEU A 436 49.49 -6.01 31.99
CA LEU A 436 49.16 -7.29 32.60
C LEU A 436 49.42 -8.50 31.70
N LYS A 437 48.87 -8.51 30.49
CA LYS A 437 49.05 -9.65 29.59
C LYS A 437 50.48 -9.86 29.10
N ARG A 438 51.40 -8.95 29.42
CA ARG A 438 52.79 -9.12 28.99
C ARG A 438 53.47 -10.24 29.80
N ALA A 439 54.64 -10.65 29.33
CA ALA A 439 55.41 -11.71 29.97
C ALA A 439 56.41 -11.15 30.97
N VAL A 440 56.57 -11.86 32.09
CA VAL A 440 57.48 -11.49 33.16
C VAL A 440 58.30 -12.71 33.55
N ALA A 441 59.59 -12.52 33.82
CA ALA A 441 60.47 -13.61 34.19
C ALA A 441 60.66 -13.67 35.70
N GLY A 442 60.42 -14.85 36.29
CA GLY A 442 60.56 -15.07 37.71
C GLY A 442 59.36 -15.76 38.30
N ASP A 443 59.20 -15.60 39.62
CA ASP A 443 58.10 -16.19 40.36
C ASP A 443 56.78 -15.51 39.98
N ALA A 444 55.69 -16.25 40.17
CA ALA A 444 54.37 -15.70 39.88
C ALA A 444 54.05 -14.54 40.82
N SER A 445 54.45 -14.67 42.09
CA SER A 445 54.25 -13.62 43.07
C SER A 445 54.99 -12.35 42.68
N GLU A 446 56.28 -12.50 42.35
CA GLU A 446 57.09 -11.36 41.94
C GLU A 446 56.54 -10.75 40.66
N SER A 447 55.97 -11.58 39.77
CA SER A 447 55.39 -11.07 38.54
C SER A 447 54.17 -10.20 38.85
N ALA A 448 53.33 -10.65 39.78
CA ALA A 448 52.15 -9.87 40.15
C ALA A 448 52.56 -8.53 40.75
N LEU A 449 53.57 -8.55 41.64
CA LEU A 449 54.05 -7.31 42.25
C LEU A 449 54.61 -6.37 41.20
N LEU A 450 55.37 -6.91 40.23
CA LEU A 450 55.95 -6.08 39.18
C LEU A 450 54.86 -5.44 38.33
N LYS A 451 53.84 -6.22 37.98
CA LYS A 451 52.74 -5.67 37.18
C LYS A 451 51.99 -4.58 37.94
N CYS A 452 51.82 -4.78 39.26
CA CYS A 452 51.10 -3.77 40.04
C CYS A 452 51.89 -2.48 40.15
N ILE A 453 53.20 -2.56 40.37
CA ILE A 453 54.00 -1.33 40.47
C ILE A 453 54.09 -0.66 39.11
N GLU A 454 54.22 -1.44 38.03
CA GLU A 454 54.30 -0.87 36.69
C GLU A 454 52.97 -0.26 36.26
N LEU A 455 51.86 -0.66 36.90
CA LEU A 455 50.54 -0.15 36.55
C LEU A 455 50.08 1.02 37.41
N CYS A 456 50.48 1.07 38.68
CA CYS A 456 50.03 2.13 39.59
C CYS A 456 51.13 3.06 40.09
N CYS A 457 52.37 2.61 40.19
CA CYS A 457 53.44 3.46 40.70
C CYS A 457 54.39 3.87 39.57
N GLY A 458 53.83 4.34 38.46
CA GLY A 458 54.62 4.77 37.32
C GLY A 458 55.27 3.63 36.58
N SER A 459 56.59 3.50 36.70
CA SER A 459 57.33 2.46 36.02
C SER A 459 58.47 1.97 36.89
N VAL A 460 58.67 0.66 36.91
CA VAL A 460 59.75 0.06 37.70
C VAL A 460 61.08 0.07 36.98
N LYS A 461 61.10 0.47 35.71
CA LYS A 461 62.33 0.53 34.93
C LYS A 461 63.34 1.46 35.58
N GLU A 462 63.04 2.76 35.58
CA GLU A 462 63.93 3.73 36.20
C GLU A 462 63.85 3.69 37.72
N MET A 463 62.75 3.19 38.29
CA MET A 463 62.61 3.12 39.74
C MET A 463 63.53 2.06 40.33
N ARG A 464 63.92 1.05 39.55
CA ARG A 464 64.82 0.02 40.05
C ARG A 464 66.28 0.48 40.01
N GLU A 465 66.73 0.99 38.87
CA GLU A 465 68.11 1.47 38.76
C GLU A 465 68.35 2.73 39.57
N ARG A 466 67.28 3.41 40.01
CA ARG A 466 67.44 4.59 40.84
C ARG A 466 68.07 4.23 42.18
N TYR A 467 67.84 3.00 42.64
CA TYR A 467 68.38 2.48 43.89
C TYR A 467 69.34 1.35 43.51
N THR A 468 70.63 1.68 43.44
CA THR A 468 71.66 0.71 43.07
C THR A 468 71.76 -0.38 44.12
N LYS A 469 71.55 -1.63 43.70
CA LYS A 469 71.61 -2.78 44.60
C LYS A 469 73.06 -3.11 44.93
N ILE A 470 73.39 -3.13 46.23
CA ILE A 470 74.74 -3.46 46.67
C ILE A 470 74.85 -4.96 46.87
N VAL A 471 74.16 -5.48 47.88
CA VAL A 471 74.18 -6.89 48.22
C VAL A 471 72.76 -7.39 48.43
N GLU A 472 72.45 -8.52 47.81
CA GLU A 472 71.14 -9.17 47.87
C GLU A 472 71.22 -10.50 48.61
N ILE A 473 70.10 -10.86 49.22
CA ILE A 473 69.93 -12.12 49.95
C ILE A 473 68.64 -12.72 49.43
N PRO A 474 68.72 -13.71 48.52
CA PRO A 474 67.50 -14.32 47.96
C PRO A 474 66.71 -15.12 48.98
N PHE A 475 65.63 -15.75 48.52
CA PHE A 475 64.78 -16.55 49.41
C PHE A 475 65.55 -17.74 49.95
N ASN A 476 65.17 -18.17 51.15
CA ASN A 476 65.80 -19.28 51.82
C ASN A 476 64.83 -20.46 51.91
N SER A 477 65.38 -21.68 51.92
CA SER A 477 64.54 -22.87 51.98
C SER A 477 63.74 -22.91 53.28
N THR A 478 64.41 -22.71 54.40
CA THR A 478 63.77 -22.64 55.71
C THR A 478 63.94 -21.21 56.20
N ASN A 479 62.96 -20.72 56.96
CA ASN A 479 62.96 -19.33 57.44
C ASN A 479 63.07 -18.41 56.23
N LYS A 480 62.16 -18.61 55.28
CA LYS A 480 62.15 -17.89 54.01
C LYS A 480 62.08 -16.38 54.19
N TYR A 481 62.99 -15.68 53.51
CA TYR A 481 63.08 -14.24 53.56
C TYR A 481 63.90 -13.78 52.36
N GLN A 482 63.58 -12.60 51.83
CA GLN A 482 64.28 -12.03 50.69
C GLN A 482 64.58 -10.58 51.02
N LEU A 483 65.86 -10.24 51.14
CA LEU A 483 66.25 -8.87 51.47
C LEU A 483 67.36 -8.40 50.55
N SER A 484 67.66 -7.11 50.63
CA SER A 484 68.73 -6.49 49.84
C SER A 484 68.94 -5.07 50.32
N ILE A 485 70.17 -4.58 50.15
CA ILE A 485 70.50 -3.21 50.53
C ILE A 485 70.73 -2.40 49.26
N HIS A 486 70.17 -1.20 49.22
CA HIS A 486 70.27 -0.32 48.06
C HIS A 486 70.74 1.06 48.48
N LYS A 487 71.32 1.77 47.52
CA LYS A 487 71.76 3.14 47.74
C LYS A 487 70.54 4.06 47.80
N ASN A 488 70.76 5.31 48.19
CA ASN A 488 69.68 6.27 48.29
C ASN A 488 69.95 7.49 47.42
N PRO A 489 69.13 7.74 46.39
CA PRO A 489 69.34 8.90 45.52
C PRO A 489 68.59 10.16 45.95
N ASN A 490 67.86 10.12 47.06
CA ASN A 490 67.12 11.31 47.50
C ASN A 490 68.09 12.43 47.84
N THR A 491 67.72 13.66 47.50
CA THR A 491 68.57 14.81 47.78
C THR A 491 68.32 15.39 49.17
N ALA A 492 68.19 14.52 50.19
CA ALA A 492 67.98 14.98 51.55
C ALA A 492 68.59 14.03 52.58
N GLU A 493 69.09 12.87 52.13
CA GLU A 493 69.65 11.88 53.05
C GLU A 493 70.58 10.90 52.36
N PRO A 494 71.82 10.74 52.86
CA PRO A 494 72.78 9.80 52.25
C PRO A 494 72.78 8.41 52.88
N ARG A 495 71.87 8.10 53.78
CA ARG A 495 71.84 6.79 54.43
C ARG A 495 71.44 5.69 53.44
N HIS A 496 71.75 4.46 53.80
CA HIS A 496 71.44 3.30 52.95
C HIS A 496 70.02 2.80 53.21
N LEU A 497 69.34 2.36 52.15
CA LEU A 497 67.97 1.86 52.25
C LEU A 497 67.97 0.34 52.15
N LEU A 498 67.67 -0.33 53.25
CA LEU A 498 67.60 -1.78 53.29
C LEU A 498 66.13 -2.18 53.19
N VAL A 499 65.85 -3.22 52.40
CA VAL A 499 64.49 -3.68 52.20
C VAL A 499 64.45 -5.19 52.38
N MET A 500 63.32 -5.69 52.90
CA MET A 500 63.13 -7.12 53.15
C MET A 500 61.65 -7.47 53.04
N LYS A 501 61.39 -8.70 52.63
CA LYS A 501 60.02 -9.20 52.52
C LYS A 501 60.03 -10.70 52.80
N GLY A 502 58.84 -11.22 53.06
CA GLY A 502 58.72 -12.65 53.34
C GLY A 502 57.37 -12.99 53.95
N ALA A 503 57.32 -14.15 54.62
CA ALA A 503 56.08 -14.56 55.25
C ALA A 503 55.78 -13.61 56.42
N PRO A 504 54.51 -13.32 56.70
CA PRO A 504 54.18 -12.38 57.79
C PRO A 504 54.75 -12.77 59.14
N GLU A 505 54.87 -14.06 59.44
CA GLU A 505 55.42 -14.47 60.73
C GLU A 505 56.90 -14.16 60.81
N ARG A 506 57.63 -14.39 59.70
CA ARG A 506 59.06 -14.11 59.67
C ARG A 506 59.33 -12.62 59.83
N ILE A 507 58.54 -11.78 59.14
CA ILE A 507 58.75 -10.34 59.24
C ILE A 507 58.36 -9.84 60.62
N LEU A 508 57.31 -10.43 61.21
CA LEU A 508 56.93 -10.02 62.57
C LEU A 508 58.00 -10.40 63.57
N ASP A 509 58.73 -11.49 63.29
CA ASP A 509 59.81 -11.91 64.17
C ASP A 509 61.07 -11.07 64.01
N ARG A 510 61.24 -10.40 62.87
CA ARG A 510 62.42 -9.59 62.63
C ARG A 510 62.10 -8.12 62.42
N CYS A 511 61.21 -7.55 63.24
CA CYS A 511 60.86 -6.14 63.12
C CYS A 511 60.55 -5.59 64.51
N SER A 512 60.71 -4.27 64.63
CA SER A 512 60.42 -3.59 65.89
C SER A 512 59.71 -2.27 65.65
N SER A 513 60.07 -1.58 64.56
CA SER A 513 59.47 -0.31 64.19
C SER A 513 58.31 -0.53 63.22
N ILE A 514 57.38 0.43 63.21
CA ILE A 514 56.20 0.38 62.36
C ILE A 514 56.04 1.73 61.66
N LEU A 515 55.80 1.70 60.35
CA LEU A 515 55.63 2.92 59.57
C LEU A 515 54.17 3.36 59.55
N ILE A 516 53.95 4.66 59.70
CA ILE A 516 52.61 5.24 59.64
C ILE A 516 52.70 6.66 59.11
N HIS A 517 52.09 6.88 57.93
CA HIS A 517 52.04 8.18 57.25
C HIS A 517 53.41 8.84 57.09
N GLY A 518 54.49 8.08 57.25
CA GLY A 518 55.81 8.65 57.10
C GLY A 518 56.68 8.49 58.34
N LYS A 519 56.09 8.63 59.53
CA LYS A 519 56.86 8.53 60.76
C LYS A 519 56.78 7.10 61.33
N GLU A 520 57.69 6.80 62.24
CA GLU A 520 57.76 5.49 62.85
C GLU A 520 57.19 5.47 64.26
N GLN A 521 56.80 4.29 64.70
CA GLN A 521 56.22 4.04 66.01
C GLN A 521 56.70 2.68 66.51
N PRO A 522 56.65 2.43 67.83
CA PRO A 522 57.10 1.12 68.35
C PRO A 522 56.16 -0.02 67.99
N LEU A 523 56.51 -1.24 68.38
CA LEU A 523 55.70 -2.42 68.09
C LEU A 523 54.57 -2.59 69.11
N ASP A 524 53.83 -1.51 69.41
CA ASP A 524 52.74 -1.59 70.37
C ASP A 524 51.70 -2.61 69.93
N GLU A 525 51.32 -3.49 70.85
CA GLU A 525 50.36 -4.55 70.54
C GLU A 525 48.98 -4.04 70.14
N GLU A 526 48.67 -2.77 70.44
CA GLU A 526 47.36 -2.22 70.07
C GLU A 526 47.18 -2.23 68.55
N LEU A 527 48.23 -1.88 67.80
CA LEU A 527 48.18 -1.89 66.35
C LEU A 527 48.83 -3.15 65.78
N LYS A 528 49.62 -3.87 66.59
CA LYS A 528 50.23 -5.11 66.12
C LYS A 528 49.18 -6.21 66.04
N ASP A 529 48.32 -6.31 67.06
CA ASP A 529 47.24 -7.29 66.98
C ASP A 529 46.27 -6.87 65.88
N ALA A 530 46.20 -5.55 65.62
CA ALA A 530 45.39 -5.03 64.54
C ALA A 530 45.95 -5.50 63.20
N PHE A 531 47.26 -5.76 63.17
CA PHE A 531 47.92 -6.30 61.98
C PHE A 531 47.65 -7.81 61.89
N GLN A 532 47.60 -8.48 63.04
CA GLN A 532 47.35 -9.92 63.05
C GLN A 532 45.95 -10.27 62.56
N ASN A 533 44.93 -9.53 63.01
CA ASN A 533 43.58 -9.85 62.54
C ASN A 533 43.45 -9.54 61.05
N ALA A 534 44.18 -8.55 60.55
CA ALA A 534 44.15 -8.27 59.11
C ALA A 534 44.84 -9.39 58.35
N TYR A 535 45.89 -9.95 58.94
CA TYR A 535 46.58 -11.08 58.33
C TYR A 535 45.63 -12.26 58.19
N LEU A 536 44.86 -12.55 59.25
CA LEU A 536 43.89 -13.64 59.18
C LEU A 536 42.72 -13.28 58.27
N GLU A 537 42.42 -11.99 58.09
CA GLU A 537 41.35 -11.58 57.19
C GLU A 537 41.73 -11.90 55.74
N LEU A 538 42.92 -11.47 55.32
CA LEU A 538 43.36 -11.74 53.95
C LEU A 538 43.66 -13.22 53.75
N GLY A 539 44.23 -13.89 54.75
CA GLY A 539 44.55 -15.30 54.62
C GLY A 539 43.29 -16.16 54.54
N GLY A 540 42.32 -15.90 55.41
CA GLY A 540 41.08 -16.65 55.40
C GLY A 540 40.28 -16.42 54.13
N LEU A 541 40.51 -15.28 53.46
CA LEU A 541 39.85 -14.96 52.21
C LEU A 541 40.36 -15.81 51.04
N GLY A 542 41.29 -16.73 51.30
CA GLY A 542 41.84 -17.59 50.28
C GLY A 542 43.00 -17.04 49.49
N GLU A 543 43.68 -16.03 50.00
CA GLU A 543 44.80 -15.40 49.32
C GLU A 543 46.11 -15.74 50.00
N ARG A 544 47.21 -15.41 49.32
CA ARG A 544 48.56 -15.63 49.84
C ARG A 544 49.12 -14.25 50.17
N VAL A 545 49.46 -14.04 51.43
CA VAL A 545 49.93 -12.76 51.95
C VAL A 545 51.43 -12.73 52.15
N LEU A 546 52.04 -11.56 51.90
CA LEU A 546 53.46 -11.33 52.06
C LEU A 546 53.69 -10.03 52.81
N GLY A 547 54.61 -10.05 53.79
CA GLY A 547 54.94 -8.89 54.57
C GLY A 547 56.14 -8.17 53.98
N PHE A 548 56.06 -6.83 53.98
CA PHE A 548 57.08 -5.95 53.43
C PHE A 548 57.57 -4.95 54.48
N CYS A 549 58.90 -4.79 54.57
CA CYS A 549 59.48 -3.88 55.54
C CYS A 549 60.77 -3.30 54.99
N HIS A 550 61.18 -2.16 55.56
CA HIS A 550 62.41 -1.50 55.16
C HIS A 550 62.97 -0.77 56.37
N LEU A 551 64.24 -0.37 56.25
CA LEU A 551 64.91 0.34 57.34
C LEU A 551 66.08 1.12 56.78
N PHE A 552 66.32 2.29 57.36
CA PHE A 552 67.41 3.16 56.97
C PHE A 552 68.63 2.84 57.84
N LEU A 553 69.73 2.41 57.19
CA LEU A 553 70.92 2.09 57.98
C LEU A 553 71.69 3.37 58.28
N PRO A 554 72.25 3.49 59.50
CA PRO A 554 73.01 4.71 59.83
C PRO A 554 74.29 4.81 59.02
N ASP A 555 74.38 5.82 58.15
CA ASP A 555 75.58 6.01 57.35
C ASP A 555 76.79 6.34 58.20
N GLU A 556 76.57 6.69 59.47
CA GLU A 556 77.68 6.98 60.38
C GLU A 556 78.38 5.69 60.78
N GLN A 557 77.64 4.58 60.86
CA GLN A 557 78.20 3.28 61.19
C GLN A 557 78.44 2.43 59.95
N PHE A 558 77.75 2.73 58.85
CA PHE A 558 77.89 2.04 57.57
C PHE A 558 78.13 3.13 56.52
N PRO A 559 79.38 3.55 56.35
CA PRO A 559 79.67 4.63 55.38
C PRO A 559 79.38 4.22 53.94
N GLU A 560 79.49 5.20 53.05
CA GLU A 560 79.23 5.01 51.62
C GLU A 560 80.26 4.13 50.92
N GLY A 561 81.32 3.70 51.61
CA GLY A 561 82.33 2.86 51.01
C GLY A 561 82.38 1.46 51.60
N PHE A 562 81.80 1.29 52.79
CA PHE A 562 81.78 0.00 53.49
C PHE A 562 80.91 -0.98 52.71
N GLN A 563 81.55 -1.88 51.97
CA GLN A 563 80.81 -2.88 51.20
C GLN A 563 80.38 -3.99 52.15
N PHE A 564 79.07 -4.22 52.21
CA PHE A 564 78.46 -5.21 53.10
C PHE A 564 78.53 -6.59 52.44
N ASP A 565 79.74 -7.16 52.42
CA ASP A 565 79.95 -8.48 51.83
C ASP A 565 78.99 -9.49 52.46
N THR A 566 78.33 -10.27 51.62
CA THR A 566 77.31 -11.22 52.07
C THR A 566 77.88 -12.44 52.79
N ASP A 567 78.16 -12.30 54.09
CA ASP A 567 78.61 -13.44 54.87
C ASP A 567 78.17 -13.38 56.33
N ASP A 568 78.43 -12.24 56.97
CA ASP A 568 78.14 -12.00 58.37
C ASP A 568 77.02 -10.97 58.52
N VAL A 569 76.76 -10.59 59.78
CA VAL A 569 75.70 -9.65 60.12
C VAL A 569 76.10 -8.22 59.82
N ASN A 570 75.78 -7.74 58.62
CA ASN A 570 76.04 -6.37 58.22
C ASN A 570 74.78 -5.51 58.28
N PHE A 571 73.61 -6.13 58.40
CA PHE A 571 72.32 -5.46 58.46
C PHE A 571 71.57 -5.89 59.71
N PRO A 572 70.91 -4.96 60.40
CA PRO A 572 70.15 -5.34 61.60
C PRO A 572 68.95 -6.19 61.23
N LEU A 573 68.97 -7.48 61.58
CA LEU A 573 67.84 -8.35 61.28
C LEU A 573 66.57 -7.85 61.93
N ASP A 574 66.66 -7.40 63.17
CA ASP A 574 65.54 -6.85 63.91
C ASP A 574 65.56 -5.33 63.76
N ASN A 575 64.69 -4.65 64.53
CA ASN A 575 64.56 -3.21 64.55
C ASN A 575 64.14 -2.60 63.21
N LEU A 576 63.68 -3.43 62.28
CA LEU A 576 63.25 -2.93 60.97
C LEU A 576 61.92 -2.19 61.10
N CYS A 577 61.53 -1.53 60.02
CA CYS A 577 60.28 -0.76 59.96
C CYS A 577 59.30 -1.47 59.04
N PHE A 578 58.26 -2.06 59.63
CA PHE A 578 57.22 -2.77 58.89
C PHE A 578 56.31 -1.77 58.20
N VAL A 579 56.05 -1.96 56.91
CA VAL A 579 55.17 -1.05 56.17
C VAL A 579 53.79 -1.67 55.97
N GLY A 580 53.75 -2.92 55.55
CA GLY A 580 52.46 -3.55 55.36
C GLY A 580 52.54 -4.85 54.59
N LEU A 581 51.40 -5.53 54.58
CA LEU A 581 51.21 -6.81 53.90
C LEU A 581 50.71 -6.57 52.49
N ILE A 582 50.94 -7.55 51.62
CA ILE A 582 50.48 -7.49 50.23
C ILE A 582 49.99 -8.89 49.88
N SER A 583 48.69 -9.05 49.72
CA SER A 583 48.13 -10.36 49.39
C SER A 583 48.05 -10.50 47.87
N MET A 584 47.77 -11.72 47.42
CA MET A 584 47.70 -11.99 46.00
C MET A 584 47.01 -13.32 45.75
N ILE A 585 46.30 -13.38 44.61
CA ILE A 585 45.56 -14.57 44.19
C ILE A 585 45.12 -14.38 42.74
N ASP A 586 44.66 -15.46 42.10
CA ASP A 586 44.16 -15.35 40.73
C ASP A 586 42.73 -14.80 40.79
N PRO A 587 42.47 -13.62 40.25
CA PRO A 587 41.13 -13.04 40.34
C PRO A 587 40.23 -13.57 39.25
N PRO A 588 38.92 -13.57 39.48
CA PRO A 588 37.98 -13.99 38.43
C PRO A 588 38.02 -13.00 37.28
N ARG A 589 37.57 -13.45 36.11
CA ARG A 589 37.58 -12.56 34.95
C ARG A 589 36.60 -11.41 35.18
N ALA A 590 36.72 -10.37 34.34
CA ALA A 590 35.93 -9.15 34.47
C ALA A 590 34.41 -9.32 34.58
N ALA A 591 33.76 -9.76 33.51
CA ALA A 591 32.31 -9.92 33.56
C ALA A 591 31.87 -11.25 34.13
N VAL A 592 32.74 -11.97 34.82
CA VAL A 592 32.36 -13.27 35.39
C VAL A 592 31.33 -13.14 36.51
N PRO A 593 31.52 -12.28 37.54
CA PRO A 593 30.49 -12.20 38.59
C PRO A 593 29.12 -11.78 38.08
N ASP A 594 29.07 -10.70 37.29
CA ASP A 594 27.81 -10.23 36.73
C ASP A 594 27.13 -11.30 35.89
N ALA A 595 27.92 -12.00 35.06
CA ALA A 595 27.35 -13.07 34.22
C ALA A 595 26.75 -14.17 35.07
N VAL A 596 27.45 -14.57 36.14
CA VAL A 596 26.91 -15.61 37.02
C VAL A 596 25.61 -15.12 37.65
N GLY A 597 25.58 -13.85 38.04
CA GLY A 597 24.35 -13.29 38.60
C GLY A 597 23.21 -13.32 37.61
N LYS A 598 23.52 -13.14 36.33
CA LYS A 598 22.48 -13.18 35.30
C LYS A 598 21.98 -14.60 35.10
N CYS A 599 22.89 -15.57 35.14
CA CYS A 599 22.50 -16.97 34.97
C CYS A 599 21.61 -17.42 36.11
N ARG A 600 22.00 -17.08 37.35
CA ARG A 600 21.14 -17.42 38.48
C ARG A 600 19.83 -16.64 38.41
N SER A 601 19.88 -15.44 37.82
CA SER A 601 18.66 -14.65 37.65
C SER A 601 17.73 -15.34 36.68
N ALA A 602 18.28 -15.96 35.65
CA ALA A 602 17.48 -16.69 34.68
C ALA A 602 16.99 -18.02 35.20
N GLY A 603 17.47 -18.46 36.36
CA GLY A 603 17.09 -19.72 36.95
C GLY A 603 18.02 -20.87 36.68
N ILE A 604 19.26 -20.59 36.26
CA ILE A 604 20.23 -21.63 35.97
C ILE A 604 21.05 -21.90 37.22
N LYS A 605 21.14 -23.16 37.62
CA LYS A 605 21.91 -23.52 38.80
C LYS A 605 23.39 -23.58 38.44
N VAL A 606 24.20 -22.81 39.15
CA VAL A 606 25.63 -22.75 38.91
C VAL A 606 26.33 -23.65 39.92
N ILE A 607 27.13 -24.59 39.41
CA ILE A 607 27.86 -25.54 40.23
C ILE A 607 29.32 -25.49 39.82
N MET A 608 30.18 -25.04 40.72
CA MET A 608 31.61 -24.97 40.45
C MET A 608 32.19 -26.36 40.55
N VAL A 609 32.94 -26.77 39.52
CA VAL A 609 33.58 -28.08 39.48
C VAL A 609 35.06 -27.83 39.17
N THR A 610 35.91 -28.00 40.19
CA THR A 610 37.34 -27.77 40.02
C THR A 610 38.11 -28.75 40.88
N GLY A 611 39.38 -28.95 40.52
CA GLY A 611 40.26 -29.84 41.24
C GLY A 611 41.23 -29.05 42.08
N ASP A 612 40.88 -27.80 42.37
CA ASP A 612 41.73 -26.92 43.15
C ASP A 612 41.48 -27.14 44.65
N HIS A 613 42.30 -26.49 45.48
CA HIS A 613 42.16 -26.63 46.92
C HIS A 613 40.87 -25.96 47.39
N PRO A 614 40.17 -26.53 48.36
CA PRO A 614 38.90 -25.94 48.82
C PRO A 614 39.05 -24.56 49.44
N ILE A 615 40.18 -24.30 50.08
CA ILE A 615 40.43 -23.01 50.75
C ILE A 615 40.30 -21.85 49.77
N THR A 616 40.59 -22.09 48.49
CA THR A 616 40.46 -21.06 47.46
C THR A 616 39.18 -21.19 46.67
N ALA A 617 38.71 -22.42 46.42
CA ALA A 617 37.49 -22.62 45.65
C ALA A 617 36.28 -22.02 46.36
N LYS A 618 36.20 -22.18 47.69
CA LYS A 618 35.05 -21.61 48.40
C LYS A 618 35.06 -20.09 48.34
N ALA A 619 36.24 -19.49 48.49
CA ALA A 619 36.36 -18.03 48.45
C ALA A 619 36.02 -17.49 47.07
N ILE A 620 36.52 -18.14 46.01
CA ILE A 620 36.22 -17.70 44.66
C ILE A 620 34.73 -17.85 44.39
N ALA A 621 34.12 -18.94 44.88
CA ALA A 621 32.69 -19.14 44.70
C ALA A 621 31.90 -18.03 45.36
N LYS A 622 32.35 -17.58 46.54
CA LYS A 622 31.69 -16.48 47.21
C LYS A 622 31.89 -15.18 46.44
N GLY A 623 33.04 -15.02 45.79
CA GLY A 623 33.35 -13.82 45.03
C GLY A 623 32.72 -13.73 43.65
N VAL A 624 32.26 -14.86 43.10
CA VAL A 624 31.64 -14.84 41.77
C VAL A 624 30.13 -14.98 41.83
N GLY A 625 29.56 -15.55 42.89
CA GLY A 625 28.13 -15.72 42.99
C GLY A 625 27.67 -17.16 43.08
N ILE A 626 28.57 -18.14 43.06
CA ILE A 626 28.14 -19.53 43.19
C ILE A 626 27.76 -19.82 44.64
N ILE A 627 28.33 -19.08 45.59
CA ILE A 627 28.00 -19.19 47.01
C ILE A 627 27.51 -17.81 47.43
N SER A 628 26.21 -17.70 47.68
CA SER A 628 25.66 -16.40 48.07
C SER A 628 26.15 -16.00 49.46
N GLU A 629 26.14 -14.70 49.72
CA GLU A 629 26.57 -14.19 51.00
C GLU A 629 25.49 -14.47 52.04
N GLY A 630 25.90 -14.97 53.20
CA GLY A 630 25.00 -15.32 54.27
C GLY A 630 24.69 -16.80 54.33
N ASN A 631 24.75 -17.49 53.19
CA ASN A 631 24.51 -18.93 53.18
C ASN A 631 25.72 -19.63 53.76
N GLU A 632 25.47 -20.57 54.66
CA GLU A 632 26.54 -21.28 55.35
C GLU A 632 26.60 -22.75 54.91
N THR A 633 27.79 -23.33 55.07
CA THR A 633 28.00 -24.73 54.74
C THR A 633 27.78 -25.52 56.02
N VAL A 634 27.85 -26.85 55.94
CA VAL A 634 27.67 -27.67 57.14
C VAL A 634 28.80 -27.36 58.11
N GLU A 635 30.01 -27.13 57.57
CA GLU A 635 31.16 -26.80 58.40
C GLU A 635 31.04 -25.39 58.95
N ASP A 636 30.43 -24.47 58.19
CA ASP A 636 30.27 -23.10 58.67
C ASP A 636 29.33 -23.05 59.88
N ILE A 637 28.22 -23.80 59.82
CA ILE A 637 27.31 -23.83 60.96
C ILE A 637 27.99 -24.50 62.16
N ALA A 638 28.75 -25.56 61.89
CA ALA A 638 29.46 -26.25 62.96
C ALA A 638 30.47 -25.32 63.64
N ALA A 639 31.09 -24.43 62.87
CA ALA A 639 32.07 -23.50 63.42
C ALA A 639 31.38 -22.32 64.13
N ARG A 640 30.21 -21.91 63.64
CA ARG A 640 29.52 -20.79 64.26
C ARG A 640 28.96 -21.18 65.63
N LEU A 641 28.68 -22.47 65.85
CA LEU A 641 28.15 -22.88 67.16
C LEU A 641 29.20 -23.55 68.04
N ASN A 642 30.47 -23.61 67.58
CA ASN A 642 31.58 -24.23 68.33
C ASN A 642 31.25 -25.68 68.69
N ILE A 643 30.59 -26.38 67.79
CA ILE A 643 30.18 -27.77 67.99
C ILE A 643 30.68 -28.63 66.85
N PRO A 644 30.84 -29.95 67.07
CA PRO A 644 31.28 -30.82 65.97
C PRO A 644 30.29 -30.80 64.82
N VAL A 645 30.81 -31.07 63.62
CA VAL A 645 29.98 -31.04 62.43
C VAL A 645 28.97 -32.18 62.40
N SER A 646 29.24 -33.27 63.10
CA SER A 646 28.32 -34.40 63.11
C SER A 646 27.01 -34.11 63.81
N GLN A 647 26.86 -32.93 64.43
CA GLN A 647 25.65 -32.59 65.14
C GLN A 647 24.66 -31.78 64.30
N VAL A 648 25.16 -30.80 63.55
CA VAL A 648 24.26 -29.94 62.75
C VAL A 648 23.59 -30.76 61.66
N ASN A 649 22.43 -30.31 61.28
CA ASN A 649 21.63 -30.94 60.25
C ASN A 649 22.00 -30.37 58.88
N PRO A 650 22.35 -31.22 57.91
CA PRO A 650 22.69 -30.69 56.57
C PRO A 650 21.55 -29.91 55.91
N ARG A 651 20.31 -30.10 56.36
CA ARG A 651 19.18 -29.36 55.80
C ARG A 651 19.23 -27.89 56.20
N ASP A 652 19.94 -27.57 57.29
CA ASP A 652 20.08 -26.19 57.71
C ASP A 652 21.16 -25.46 56.91
N ALA A 653 21.93 -26.21 56.12
CA ALA A 653 23.00 -25.66 55.28
C ALA A 653 22.52 -25.65 53.84
N LYS A 654 22.30 -24.45 53.29
CA LYS A 654 21.85 -24.32 51.91
C LYS A 654 22.98 -24.69 50.94
N ALA A 655 24.19 -24.21 51.19
CA ALA A 655 25.34 -24.47 50.35
C ALA A 655 26.24 -25.54 50.95
N CYS A 656 27.02 -26.19 50.10
CA CYS A 656 27.94 -27.23 50.57
C CYS A 656 29.11 -27.40 49.62
N VAL A 657 30.25 -27.72 50.21
CA VAL A 657 31.49 -27.97 49.48
C VAL A 657 31.72 -29.47 49.56
N VAL A 658 32.03 -30.08 48.42
CA VAL A 658 32.26 -31.51 48.32
C VAL A 658 33.72 -31.73 47.96
N HIS A 659 34.48 -32.25 48.90
CA HIS A 659 35.89 -32.52 48.66
C HIS A 659 36.01 -33.75 47.77
N GLY A 660 36.91 -33.67 46.79
CA GLY A 660 37.11 -34.80 45.90
C GLY A 660 37.62 -36.03 46.62
N SER A 661 38.30 -35.83 47.77
CA SER A 661 38.78 -36.94 48.57
C SER A 661 37.61 -37.78 49.07
N ASP A 662 36.48 -37.13 49.36
CA ASP A 662 35.29 -37.81 49.82
C ASP A 662 34.39 -38.24 48.66
N LEU A 663 34.48 -37.58 47.50
CA LEU A 663 33.66 -37.94 46.34
C LEU A 663 33.99 -39.33 45.82
N LYS A 664 35.25 -39.75 45.97
CA LYS A 664 35.67 -41.06 45.47
C LYS A 664 34.88 -42.19 46.13
N ASP A 665 34.60 -42.08 47.43
CA ASP A 665 33.86 -43.09 48.15
C ASP A 665 32.37 -42.75 48.19
N MET A 666 31.75 -42.52 47.04
CA MET A 666 30.35 -42.16 46.99
C MET A 666 29.61 -43.00 45.97
N THR A 667 28.30 -43.09 46.17
CA THR A 667 27.42 -43.84 45.29
C THR A 667 26.65 -42.85 44.43
N SER A 668 25.82 -43.40 43.53
CA SER A 668 25.02 -42.54 42.68
C SER A 668 23.91 -41.85 43.47
N GLU A 669 23.22 -42.60 44.33
CA GLU A 669 22.13 -42.04 45.13
C GLU A 669 22.62 -40.93 46.05
N GLN A 670 23.83 -41.08 46.59
CA GLN A 670 24.37 -40.07 47.48
C GLN A 670 24.62 -38.76 46.74
N LEU A 671 25.22 -38.84 45.55
CA LEU A 671 25.47 -37.62 44.78
C LEU A 671 24.13 -37.00 44.36
N ASP A 672 23.15 -37.84 44.01
CA ASP A 672 21.82 -37.33 43.68
C ASP A 672 21.26 -36.53 44.84
N ASP A 673 21.40 -37.05 46.06
CA ASP A 673 20.93 -36.34 47.24
C ASP A 673 21.70 -35.04 47.45
N ILE A 674 23.01 -35.03 47.15
CA ILE A 674 23.79 -33.81 47.29
C ILE A 674 23.22 -32.73 46.38
N LEU A 675 22.87 -33.10 45.15
CA LEU A 675 22.33 -32.13 44.20
C LEU A 675 20.89 -31.72 44.52
N LYS A 676 20.08 -32.65 45.03
CA LYS A 676 18.67 -32.36 45.29
C LYS A 676 18.43 -31.45 46.50
N TYR A 677 19.22 -31.61 47.56
CA TYR A 677 18.99 -30.84 48.78
C TYR A 677 19.89 -29.62 48.95
N HIS A 678 20.98 -29.50 48.21
CA HIS A 678 21.87 -28.35 48.32
C HIS A 678 21.75 -27.53 47.04
N THR A 679 21.42 -26.25 47.18
CA THR A 679 21.24 -25.37 46.03
C THR A 679 22.55 -24.80 45.49
N GLU A 680 23.49 -24.47 46.37
CA GLU A 680 24.78 -23.91 45.98
C GLU A 680 25.84 -24.96 46.32
N ILE A 681 26.38 -25.61 45.29
CA ILE A 681 27.34 -26.69 45.45
C ILE A 681 28.69 -26.31 44.84
N VAL A 682 29.77 -26.69 45.52
CA VAL A 682 31.13 -26.44 45.02
C VAL A 682 31.92 -27.74 45.14
N PHE A 683 32.23 -28.36 44.00
CA PHE A 683 33.00 -29.60 43.95
C PHE A 683 34.48 -29.21 43.85
N ALA A 684 35.25 -29.52 44.89
CA ALA A 684 36.66 -29.17 44.93
C ALA A 684 37.53 -30.43 44.97
N ARG A 685 38.76 -30.28 44.48
CA ARG A 685 39.75 -31.37 44.44
C ARG A 685 39.19 -32.58 43.67
N THR A 686 38.42 -32.31 42.62
CA THR A 686 37.81 -33.36 41.81
C THR A 686 38.66 -33.68 40.60
N SER A 687 38.88 -34.97 40.37
CA SER A 687 39.65 -35.44 39.23
C SER A 687 38.86 -35.22 37.94
N PRO A 688 39.53 -35.24 36.78
CA PRO A 688 38.77 -35.07 35.52
C PRO A 688 37.67 -36.12 35.38
N GLN A 689 37.99 -37.37 35.74
CA GLN A 689 37.01 -38.43 35.71
C GLN A 689 35.86 -38.12 36.67
N GLN A 690 36.18 -37.52 37.82
CA GLN A 690 35.13 -37.16 38.76
C GLN A 690 34.31 -36.00 38.20
N LYS A 691 34.92 -35.13 37.39
CA LYS A 691 34.14 -34.08 36.74
C LYS A 691 33.11 -34.73 35.85
N LEU A 692 33.52 -35.78 35.13
CA LEU A 692 32.60 -36.53 34.29
C LEU A 692 31.49 -37.15 35.13
N ILE A 693 31.84 -37.70 36.29
CA ILE A 693 30.83 -38.32 37.17
C ILE A 693 29.84 -37.27 37.65
N ILE A 694 30.33 -36.06 37.92
CA ILE A 694 29.47 -34.98 38.38
C ILE A 694 28.50 -34.57 37.28
N VAL A 695 29.00 -34.44 36.05
CA VAL A 695 28.13 -34.06 34.93
C VAL A 695 27.07 -35.13 34.71
N GLU A 696 27.48 -36.41 34.78
CA GLU A 696 26.51 -37.49 34.62
C GLU A 696 25.48 -37.47 35.74
N GLY A 697 25.89 -37.10 36.95
CA GLY A 697 24.96 -37.01 38.06
C GLY A 697 23.94 -35.91 37.83
N CYS A 698 24.39 -34.77 37.32
CA CYS A 698 23.47 -33.68 37.03
C CYS A 698 22.52 -34.07 35.91
N GLN A 699 23.00 -34.89 34.96
CA GLN A 699 22.16 -35.33 33.86
C GLN A 699 21.15 -36.36 34.31
N ARG A 700 21.42 -37.10 35.40
CA ARG A 700 20.45 -38.08 35.88
C ARG A 700 19.17 -37.41 36.37
N GLN A 701 19.24 -36.13 36.74
CA GLN A 701 18.07 -35.40 37.19
C GLN A 701 17.13 -35.07 36.03
N GLY A 702 17.62 -35.15 34.80
CA GLY A 702 16.82 -34.81 33.64
C GLY A 702 16.92 -33.36 33.25
N ALA A 703 18.02 -32.71 33.59
CA ALA A 703 18.23 -31.30 33.29
C ALA A 703 19.25 -31.12 32.18
N ILE A 704 19.20 -29.95 31.57
CA ILE A 704 20.10 -29.60 30.48
C ILE A 704 21.38 -29.05 31.12
N VAL A 705 22.52 -29.65 30.76
CA VAL A 705 23.80 -29.30 31.37
C VAL A 705 24.79 -28.67 30.38
N ALA A 706 25.39 -27.58 30.82
CA ALA A 706 26.43 -26.87 30.09
C ALA A 706 27.67 -26.90 30.96
N VAL A 707 28.80 -27.27 30.38
CA VAL A 707 30.06 -27.33 31.12
C VAL A 707 31.03 -26.36 30.47
N THR A 708 31.55 -25.42 31.26
CA THR A 708 32.49 -24.42 30.77
C THR A 708 33.85 -24.68 31.40
N GLY A 709 34.83 -25.09 30.58
CA GLY A 709 36.16 -25.37 31.08
C GLY A 709 37.25 -24.87 30.15
N ASP A 710 38.49 -25.08 30.59
CA ASP A 710 39.65 -24.68 29.79
C ASP A 710 40.77 -25.72 29.77
N GLY A 711 41.06 -26.31 30.93
CA GLY A 711 42.13 -27.28 31.03
C GLY A 711 41.79 -28.62 30.42
N VAL A 712 42.80 -29.49 30.37
CA VAL A 712 42.60 -30.83 29.81
C VAL A 712 41.68 -31.65 30.71
N ASN A 713 41.60 -31.28 31.99
CA ASN A 713 40.71 -31.97 32.93
C ASN A 713 39.25 -31.74 32.60
N ASP A 714 38.94 -30.66 31.88
CA ASP A 714 37.59 -30.34 31.47
C ASP A 714 37.22 -31.02 30.14
N SER A 715 38.15 -31.79 29.56
CA SER A 715 37.85 -32.48 28.31
C SER A 715 36.77 -33.55 28.45
N PRO A 716 36.87 -34.51 29.39
CA PRO A 716 35.79 -35.51 29.50
C PRO A 716 34.47 -34.91 29.99
N ALA A 717 34.54 -33.77 30.67
CA ALA A 717 33.33 -33.11 31.14
C ALA A 717 32.67 -32.32 30.02
N SER A 718 33.49 -31.69 29.16
CA SER A 718 32.93 -30.92 28.05
C SER A 718 32.37 -31.83 26.97
N LYS A 719 32.95 -33.02 26.81
CA LYS A 719 32.44 -33.92 25.76
C LYS A 719 31.11 -34.56 26.15
N LYS A 720 30.98 -35.00 27.43
CA LYS A 720 29.72 -35.65 27.84
C LYS A 720 28.57 -34.68 28.11
N ALA A 721 28.87 -33.44 28.49
CA ALA A 721 27.82 -32.47 28.79
C ALA A 721 26.95 -32.19 27.56
N ASP A 722 25.72 -31.71 27.82
CA ASP A 722 24.82 -31.37 26.72
C ASP A 722 25.46 -30.30 25.85
N ILE A 723 26.23 -29.40 26.43
CA ILE A 723 26.98 -28.43 25.63
C ILE A 723 28.24 -28.04 26.38
N GLY A 724 29.37 -28.15 25.70
CA GLY A 724 30.66 -27.81 26.27
C GLY A 724 31.11 -26.47 25.73
N VAL A 725 31.62 -25.63 26.63
CA VAL A 725 32.09 -24.30 26.31
C VAL A 725 33.56 -24.22 26.67
N ALA A 726 34.40 -23.91 25.69
CA ALA A 726 35.84 -23.81 25.91
C ALA A 726 36.30 -22.39 25.69
N MET A 727 37.44 -22.06 26.30
CA MET A 727 38.05 -20.74 26.16
C MET A 727 38.92 -20.73 24.92
N GLY A 728 38.75 -19.71 24.09
CA GLY A 728 39.46 -19.62 22.82
C GLY A 728 40.96 -19.43 22.91
N ILE A 729 41.48 -18.96 24.05
CA ILE A 729 42.92 -18.77 24.16
C ILE A 729 43.47 -19.46 25.41
N ALA A 730 42.81 -19.27 26.55
CA ALA A 730 43.25 -19.87 27.80
C ALA A 730 42.80 -21.31 27.97
N GLY A 731 42.23 -21.93 26.95
CA GLY A 731 41.79 -23.30 27.02
C GLY A 731 42.72 -24.23 26.27
N SER A 732 42.93 -25.42 26.84
CA SER A 732 43.79 -26.41 26.20
C SER A 732 43.14 -26.90 24.91
N ASP A 733 43.96 -27.37 23.97
CA ASP A 733 43.45 -27.79 22.68
C ASP A 733 42.54 -29.02 22.76
N VAL A 734 42.80 -29.95 23.68
CA VAL A 734 41.98 -31.16 23.77
C VAL A 734 40.55 -30.81 24.14
N SER A 735 40.36 -30.15 25.28
CA SER A 735 39.01 -29.78 25.68
C SER A 735 38.39 -28.82 24.67
N LYS A 736 39.21 -28.02 24.01
CA LYS A 736 38.70 -27.09 23.00
C LYS A 736 38.17 -27.85 21.79
N GLN A 737 38.71 -29.03 21.51
CA GLN A 737 38.18 -29.82 20.40
C GLN A 737 36.95 -30.59 20.85
N ALA A 738 36.96 -31.09 22.09
CA ALA A 738 35.83 -31.83 22.63
C ALA A 738 34.63 -30.94 22.94
N ALA A 739 34.81 -29.63 22.93
CA ALA A 739 33.70 -28.74 23.22
C ALA A 739 32.83 -28.54 22.00
N ASP A 740 31.59 -28.10 22.25
CA ASP A 740 30.62 -27.84 21.20
C ASP A 740 30.53 -26.34 20.88
N MET A 741 31.09 -25.49 21.73
CA MET A 741 31.09 -24.04 21.55
C MET A 741 32.39 -23.47 22.08
N ILE A 742 32.97 -22.52 21.33
CA ILE A 742 34.24 -21.89 21.68
C ILE A 742 34.03 -20.40 21.88
N LEU A 743 34.68 -19.84 22.90
CA LEU A 743 34.63 -18.41 23.19
C LEU A 743 35.99 -17.86 22.78
N LEU A 744 36.08 -17.34 21.56
CA LEU A 744 37.34 -16.83 21.07
C LEU A 744 37.88 -15.65 21.87
N ASP A 745 37.00 -14.85 22.47
CA ASP A 745 37.41 -13.69 23.26
C ASP A 745 37.56 -13.99 24.75
N ASP A 746 37.30 -15.22 25.18
CA ASP A 746 37.35 -15.67 26.57
C ASP A 746 36.39 -14.89 27.46
N ASN A 747 35.47 -14.14 26.87
CA ASN A 747 34.49 -13.36 27.63
C ASN A 747 33.44 -14.33 28.16
N PHE A 748 33.43 -14.54 29.48
CA PHE A 748 32.46 -15.45 30.04
C PHE A 748 31.04 -14.92 29.90
N ALA A 749 30.87 -13.60 29.70
CA ALA A 749 29.54 -13.03 29.53
C ALA A 749 28.86 -13.57 28.27
N SER A 750 29.65 -14.16 27.37
CA SER A 750 29.09 -14.77 26.17
C SER A 750 28.15 -15.90 26.58
N ILE A 751 28.35 -16.49 27.76
CA ILE A 751 27.44 -17.52 28.27
C ILE A 751 26.05 -16.92 28.44
N VAL A 752 25.99 -15.68 28.96
CA VAL A 752 24.74 -14.97 29.14
C VAL A 752 24.12 -14.68 27.78
N THR A 753 24.94 -14.17 26.85
CA THR A 753 24.47 -13.90 25.50
C THR A 753 23.89 -15.16 24.88
N GLY A 754 24.58 -16.29 25.11
CA GLY A 754 24.18 -17.58 24.59
C GLY A 754 22.84 -18.05 25.11
N VAL A 755 22.64 -18.04 26.43
CA VAL A 755 21.35 -18.49 26.96
C VAL A 755 20.24 -17.57 26.48
N GLU A 756 20.54 -16.28 26.29
CA GLU A 756 19.52 -15.37 25.79
C GLU A 756 19.14 -15.71 24.36
N GLU A 757 20.13 -15.76 23.46
CA GLU A 757 19.88 -16.09 22.06
C GLU A 757 19.21 -17.46 21.93
N GLY A 758 19.62 -18.43 22.75
CA GLY A 758 19.02 -19.76 22.67
C GLY A 758 17.54 -19.74 22.97
N ARG A 759 17.13 -19.00 24.02
CA ARG A 759 15.72 -18.92 24.32
C ARG A 759 14.98 -18.14 23.24
N LEU A 760 15.59 -17.06 22.77
CA LEU A 760 15.00 -16.22 21.73
C LEU A 760 14.73 -17.01 20.47
N ILE A 761 15.77 -17.67 19.92
CA ILE A 761 15.59 -18.46 18.70
C ILE A 761 14.63 -19.61 18.94
N PHE A 762 14.55 -20.15 20.17
CA PHE A 762 13.58 -21.21 20.42
C PHE A 762 12.17 -20.69 20.15
N ASP A 763 11.82 -19.54 20.75
CA ASP A 763 10.50 -18.95 20.54
C ASP A 763 10.30 -18.56 19.07
N ASN A 764 11.33 -18.01 18.44
CA ASN A 764 11.22 -17.62 17.03
C ASN A 764 10.98 -18.84 16.16
N LEU A 765 11.56 -19.98 16.54
CA LEU A 765 11.33 -21.21 15.81
C LEU A 765 9.88 -21.62 15.96
N LYS A 766 9.34 -21.49 17.19
CA LYS A 766 7.92 -21.80 17.39
C LYS A 766 7.06 -20.99 16.42
N LYS A 767 7.28 -19.68 16.38
CA LYS A 767 6.52 -18.80 15.48
C LYS A 767 6.67 -19.21 14.02
N SER A 768 7.91 -19.41 13.56
CA SER A 768 8.17 -19.78 12.17
C SER A 768 7.52 -21.11 11.82
N ILE A 769 7.60 -22.08 12.74
CA ILE A 769 7.00 -23.40 12.53
C ILE A 769 5.49 -23.27 12.41
N ALA A 770 4.87 -22.50 13.31
CA ALA A 770 3.42 -22.32 13.25
C ALA A 770 3.01 -21.66 11.94
N TYR A 771 3.87 -20.79 11.41
CA TYR A 771 3.57 -20.14 10.14
C TYR A 771 3.55 -21.17 9.00
N THR A 772 4.65 -21.91 8.83
CA THR A 772 4.69 -22.91 7.76
C THR A 772 3.65 -24.01 7.96
N LEU A 773 3.33 -24.33 9.21
CA LEU A 773 2.33 -25.36 9.51
C LEU A 773 0.91 -24.84 9.32
N THR A 774 0.72 -23.53 9.23
CA THR A 774 -0.62 -23.00 9.02
C THR A 774 -1.06 -23.16 7.57
N SER A 775 -0.13 -22.95 6.63
CA SER A 775 -0.40 -23.05 5.21
C SER A 775 -0.73 -24.47 4.74
N ASN A 776 -0.54 -25.48 5.58
CA ASN A 776 -0.81 -26.85 5.16
C ASN A 776 -2.30 -27.12 4.96
N ILE A 777 -3.15 -26.52 5.78
CA ILE A 777 -4.59 -26.74 5.66
C ILE A 777 -5.12 -26.31 4.29
N PRO A 778 -4.87 -25.07 3.82
CA PRO A 778 -5.37 -24.72 2.48
C PRO A 778 -4.59 -25.38 1.36
N GLU A 779 -3.48 -26.08 1.68
CA GLU A 779 -2.72 -26.78 0.66
C GLU A 779 -3.29 -28.17 0.43
N ILE A 780 -3.86 -28.78 1.47
CA ILE A 780 -4.39 -30.14 1.33
C ILE A 780 -5.91 -30.20 1.19
N THR A 781 -6.65 -29.29 1.85
CA THR A 781 -8.11 -29.32 1.74
C THR A 781 -8.64 -29.33 0.30
N PRO A 782 -8.00 -28.65 -0.69
CA PRO A 782 -8.52 -28.76 -2.07
C PRO A 782 -8.51 -30.20 -2.58
N PHE A 783 -7.42 -30.93 -2.33
CA PHE A 783 -7.35 -32.32 -2.77
C PHE A 783 -8.29 -33.21 -1.96
N LEU A 784 -8.58 -32.84 -0.71
CA LEU A 784 -9.50 -33.65 0.10
C LEU A 784 -10.92 -33.55 -0.45
N ILE A 785 -11.41 -32.33 -0.63
CA ILE A 785 -12.76 -32.17 -1.17
C ILE A 785 -12.81 -32.54 -2.65
N PHE A 786 -11.65 -32.67 -3.30
CA PHE A 786 -11.63 -33.13 -4.68
C PHE A 786 -12.03 -34.60 -4.72
N ILE A 787 -11.70 -35.33 -3.65
CA ILE A 787 -12.07 -36.74 -3.54
C ILE A 787 -13.49 -36.89 -2.99
N ILE A 788 -13.85 -36.07 -2.01
CA ILE A 788 -15.18 -36.18 -1.41
C ILE A 788 -16.30 -35.68 -2.31
N ALA A 789 -16.32 -34.37 -2.58
CA ALA A 789 -17.38 -33.75 -3.37
C ALA A 789 -17.27 -34.01 -4.87
N ASN A 790 -16.19 -34.61 -5.36
CA ASN A 790 -15.99 -34.88 -6.79
C ASN A 790 -16.12 -33.60 -7.61
N ILE A 791 -15.41 -32.56 -7.18
CA ILE A 791 -15.43 -31.26 -7.85
C ILE A 791 -14.08 -31.08 -8.55
N PRO A 792 -13.95 -30.14 -9.49
CA PRO A 792 -12.64 -29.94 -10.14
C PRO A 792 -11.60 -29.55 -9.10
N LEU A 793 -10.34 -29.84 -9.41
CA LEU A 793 -9.25 -29.56 -8.49
C LEU A 793 -9.12 -28.07 -8.20
N PRO A 794 -9.30 -27.62 -6.95
CA PRO A 794 -9.18 -26.19 -6.67
C PRO A 794 -7.74 -25.68 -6.64
N LEU A 795 -6.79 -26.52 -6.23
CA LEU A 795 -5.39 -26.10 -6.15
C LEU A 795 -4.47 -27.18 -6.68
N GLY A 796 -3.56 -26.80 -7.59
CA GLY A 796 -2.62 -27.72 -8.19
C GLY A 796 -1.35 -27.91 -7.39
N THR A 797 -0.50 -28.81 -7.91
CA THR A 797 0.76 -29.13 -7.24
C THR A 797 1.79 -28.01 -7.38
N VAL A 798 2.03 -27.56 -8.60
CA VAL A 798 3.02 -26.51 -8.83
C VAL A 798 2.65 -25.23 -8.07
N THR A 799 1.37 -24.92 -8.00
CA THR A 799 0.95 -23.73 -7.27
C THR A 799 1.28 -23.88 -5.78
N ILE A 800 1.12 -25.09 -5.24
CA ILE A 800 1.47 -25.33 -3.83
C ILE A 800 2.97 -25.15 -3.65
N LEU A 801 3.77 -25.60 -4.63
CA LEU A 801 5.21 -25.41 -4.54
C LEU A 801 5.56 -23.92 -4.54
N CYS A 802 4.76 -23.11 -5.24
CA CYS A 802 5.03 -21.67 -5.26
C CYS A 802 4.80 -21.05 -3.89
N ILE A 803 4.06 -21.74 -3.03
CA ILE A 803 3.82 -21.24 -1.66
C ILE A 803 4.85 -21.79 -0.66
N ASP A 804 5.01 -23.11 -0.65
CA ASP A 804 5.94 -23.73 0.30
C ASP A 804 7.40 -23.39 0.03
N LEU A 805 7.80 -23.31 -1.25
CA LEU A 805 9.19 -23.04 -1.60
C LEU A 805 9.38 -21.70 -2.32
N GLY A 806 8.33 -20.91 -2.44
CA GLY A 806 8.38 -19.63 -3.13
C GLY A 806 8.17 -18.42 -2.26
N THR A 807 6.90 -18.03 -2.17
CA THR A 807 6.49 -16.84 -1.45
C THR A 807 6.81 -16.90 0.04
N ASP A 808 6.20 -17.85 0.77
CA ASP A 808 6.35 -17.97 2.23
C ASP A 808 7.78 -18.19 2.74
N MET A 809 8.76 -18.34 1.86
CA MET A 809 10.12 -18.56 2.32
C MET A 809 10.67 -17.34 3.08
N VAL A 810 10.52 -16.15 2.50
CA VAL A 810 11.00 -14.92 3.11
C VAL A 810 10.19 -14.60 4.37
N PRO A 811 8.86 -14.73 4.41
CA PRO A 811 8.16 -14.47 5.67
C PRO A 811 8.62 -15.40 6.79
N ALA A 812 8.83 -16.67 6.48
CA ALA A 812 9.29 -17.62 7.49
C ALA A 812 10.68 -17.24 8.01
N ILE A 813 11.59 -16.85 7.12
CA ILE A 813 12.92 -16.45 7.56
C ILE A 813 12.85 -15.16 8.38
N SER A 814 12.00 -14.22 7.96
CA SER A 814 11.85 -12.96 8.68
C SER A 814 11.30 -13.19 10.07
N LEU A 815 10.64 -14.32 10.30
CA LEU A 815 10.09 -14.65 11.61
C LEU A 815 11.19 -15.01 12.59
N ALA A 816 12.43 -15.19 12.12
CA ALA A 816 13.57 -15.47 12.98
C ALA A 816 14.16 -14.19 13.54
N TYR A 817 13.92 -13.06 12.87
CA TYR A 817 14.40 -11.76 13.29
C TYR A 817 13.54 -11.12 14.38
N GLU A 818 12.51 -11.84 14.85
CA GLU A 818 11.64 -11.31 15.89
C GLU A 818 12.38 -11.17 17.22
N GLN A 819 12.09 -10.09 17.93
CA GLN A 819 12.73 -9.80 19.21
C GLN A 819 11.91 -10.38 20.37
N ALA A 820 12.32 -10.05 21.59
CA ALA A 820 11.68 -10.55 22.80
C ALA A 820 10.36 -9.84 23.07
N GLU A 821 9.33 -10.63 23.38
CA GLU A 821 8.03 -10.05 23.72
C GLU A 821 8.03 -9.55 25.16
N SER A 822 8.79 -10.23 26.02
CA SER A 822 8.95 -9.87 27.41
C SER A 822 10.42 -10.12 27.74
N ASP A 823 10.79 -9.98 29.00
CA ASP A 823 12.18 -10.22 29.38
C ASP A 823 12.40 -11.73 29.41
N ILE A 824 13.19 -12.25 28.48
CA ILE A 824 13.42 -13.69 28.47
C ILE A 824 14.42 -14.09 29.54
N MET A 825 15.28 -13.18 29.96
CA MET A 825 16.25 -13.53 30.99
C MET A 825 15.62 -13.49 32.38
N LYS A 826 14.33 -13.18 32.48
CA LYS A 826 13.63 -13.15 33.75
C LYS A 826 12.89 -14.45 34.02
N ARG A 827 12.53 -15.18 32.98
CA ARG A 827 11.80 -16.43 33.13
C ARG A 827 12.77 -17.57 33.43
N GLN A 828 12.23 -18.61 34.07
CA GLN A 828 13.01 -19.79 34.42
C GLN A 828 13.29 -20.62 33.17
N PRO A 829 14.32 -21.48 33.20
CA PRO A 829 14.62 -22.29 32.02
C PRO A 829 13.46 -23.21 31.67
N ARG A 830 13.34 -23.52 30.39
CA ARG A 830 12.25 -24.37 29.92
C ARG A 830 12.35 -25.78 30.47
N ASN A 831 11.19 -26.39 30.68
CA ASN A 831 11.12 -27.76 31.16
C ASN A 831 11.23 -28.68 29.96
N PRO A 832 12.17 -29.64 29.94
CA PRO A 832 12.27 -30.51 28.77
C PRO A 832 11.08 -31.43 28.58
N LYS A 833 10.48 -31.93 29.66
CA LYS A 833 9.33 -32.82 29.55
C LYS A 833 8.00 -32.07 29.42
N THR A 834 7.98 -30.75 29.56
CA THR A 834 6.73 -30.01 29.45
C THR A 834 6.69 -29.03 28.28
N ASP A 835 7.53 -28.00 28.29
CA ASP A 835 7.53 -26.98 27.23
C ASP A 835 8.22 -27.47 25.96
N LYS A 836 7.47 -28.14 25.09
CA LYS A 836 8.04 -28.61 23.84
C LYS A 836 8.02 -27.50 22.78
N LEU A 837 8.85 -27.68 21.77
CA LEU A 837 8.92 -26.70 20.68
C LEU A 837 7.59 -26.63 19.94
N VAL A 838 7.01 -27.78 19.64
CA VAL A 838 5.73 -27.85 18.94
C VAL A 838 4.79 -28.65 19.83
N ASN A 839 3.97 -27.93 20.60
CA ASN A 839 3.01 -28.54 21.49
C ASN A 839 1.66 -28.66 20.80
N GLU A 840 0.67 -29.25 21.49
CA GLU A 840 -0.64 -29.43 20.87
C GLU A 840 -1.37 -28.10 20.69
N GLN A 841 -0.99 -27.05 21.42
CA GLN A 841 -1.63 -25.75 21.26
C GLN A 841 -1.28 -25.17 19.89
N LEU A 842 -0.03 -25.35 19.45
CA LEU A 842 0.39 -24.87 18.15
C LEU A 842 -0.41 -25.52 17.04
N ILE A 843 -0.60 -26.84 17.12
CA ILE A 843 -1.39 -27.54 16.11
C ILE A 843 -2.85 -27.10 16.21
N SER A 844 -3.33 -26.84 17.42
CA SER A 844 -4.71 -26.38 17.60
C SER A 844 -4.91 -25.02 16.94
N MET A 845 -3.84 -24.25 16.75
CA MET A 845 -3.94 -22.95 16.11
C MET A 845 -3.70 -23.02 14.60
N ALA A 846 -2.56 -23.57 14.19
CA ALA A 846 -2.23 -23.65 12.76
C ALA A 846 -3.12 -24.62 12.02
N TYR A 847 -3.07 -25.90 12.38
CA TYR A 847 -3.88 -26.92 11.72
C TYR A 847 -5.34 -26.81 12.12
N GLY A 848 -5.64 -26.23 13.27
CA GLY A 848 -7.00 -26.16 13.74
C GLY A 848 -7.86 -24.95 13.41
N GLN A 849 -7.34 -23.74 13.61
CA GLN A 849 -8.12 -22.53 13.43
C GLN A 849 -7.68 -21.62 12.28
N ILE A 850 -6.43 -21.17 12.28
CA ILE A 850 -5.96 -20.23 11.26
C ILE A 850 -5.97 -20.86 9.88
N GLY A 851 -5.32 -22.03 9.73
CA GLY A 851 -5.29 -22.70 8.45
C GLY A 851 -6.67 -23.01 7.92
N MET A 852 -7.63 -23.21 8.82
CA MET A 852 -9.00 -23.49 8.40
C MET A 852 -9.60 -22.28 7.71
N ILE A 853 -9.39 -21.08 8.27
CA ILE A 853 -9.91 -19.87 7.64
C ILE A 853 -9.22 -19.66 6.30
N GLN A 854 -7.92 -19.98 6.23
CA GLN A 854 -7.21 -19.83 4.96
C GLN A 854 -7.81 -20.75 3.89
N ALA A 855 -8.15 -21.99 4.28
CA ALA A 855 -8.74 -22.93 3.34
C ALA A 855 -10.12 -22.45 2.87
N LEU A 856 -10.93 -21.91 3.79
CA LEU A 856 -12.24 -21.41 3.41
C LEU A 856 -12.09 -20.24 2.42
N GLY A 857 -11.12 -19.35 2.66
CA GLY A 857 -10.92 -18.25 1.73
C GLY A 857 -10.51 -18.73 0.35
N GLY A 858 -9.66 -19.76 0.31
CA GLY A 858 -9.24 -20.31 -0.97
C GLY A 858 -10.43 -20.87 -1.74
N PHE A 859 -11.28 -21.65 -1.06
CA PHE A 859 -12.45 -22.20 -1.72
C PHE A 859 -13.39 -21.09 -2.16
N PHE A 860 -13.42 -19.98 -1.41
CA PHE A 860 -14.25 -18.85 -1.81
C PHE A 860 -13.80 -18.33 -3.17
N THR A 861 -12.49 -18.07 -3.30
CA THR A 861 -11.96 -17.59 -4.59
C THR A 861 -12.26 -18.59 -5.70
N TYR A 862 -12.16 -19.89 -5.38
CA TYR A 862 -12.44 -20.96 -6.33
C TYR A 862 -13.85 -20.84 -6.89
N PHE A 863 -14.85 -20.80 -6.00
CA PHE A 863 -16.23 -20.69 -6.46
C PHE A 863 -16.50 -19.35 -7.13
N VAL A 864 -15.79 -18.29 -6.71
CA VAL A 864 -15.99 -16.98 -7.33
C VAL A 864 -15.61 -17.05 -8.80
N ILE A 865 -14.43 -17.57 -9.09
CA ILE A 865 -13.96 -17.66 -10.47
C ILE A 865 -14.86 -18.58 -11.29
N LEU A 866 -15.13 -19.79 -10.79
CA LEU A 866 -15.94 -20.71 -11.58
C LEU A 866 -17.35 -20.20 -11.82
N ALA A 867 -17.98 -19.60 -10.80
CA ALA A 867 -19.32 -19.10 -10.98
C ALA A 867 -19.35 -17.92 -11.95
N GLU A 868 -18.33 -17.05 -11.88
CA GLU A 868 -18.31 -15.91 -12.80
C GLU A 868 -18.03 -16.34 -14.24
N ASN A 869 -17.39 -17.49 -14.44
CA ASN A 869 -17.12 -17.97 -15.79
C ASN A 869 -18.25 -18.86 -16.32
N GLY A 870 -19.30 -19.09 -15.53
CA GLY A 870 -20.44 -19.89 -15.97
C GLY A 870 -20.68 -21.19 -15.24
N PHE A 871 -19.79 -21.62 -14.35
CA PHE A 871 -19.95 -22.87 -13.62
C PHE A 871 -20.31 -22.52 -12.18
N LEU A 872 -21.61 -22.45 -11.91
CA LEU A 872 -22.09 -22.14 -10.57
C LEU A 872 -21.54 -23.17 -9.58
N PRO A 873 -21.30 -22.77 -8.33
CA PRO A 873 -20.76 -23.72 -7.35
C PRO A 873 -21.61 -24.96 -7.15
N ILE A 874 -22.94 -24.81 -7.15
CA ILE A 874 -23.81 -25.96 -6.97
C ILE A 874 -23.65 -26.95 -8.12
N HIS A 875 -23.39 -26.43 -9.33
CA HIS A 875 -23.22 -27.27 -10.51
C HIS A 875 -21.89 -28.01 -10.54
N LEU A 876 -20.90 -27.56 -9.77
CA LEU A 876 -19.59 -28.20 -9.78
C LEU A 876 -19.56 -29.58 -9.12
N LEU A 877 -20.61 -29.96 -8.40
CA LEU A 877 -20.63 -31.26 -7.73
C LEU A 877 -20.69 -32.42 -8.73
N GLY A 878 -19.83 -33.41 -8.52
CA GLY A 878 -19.77 -34.58 -9.39
C GLY A 878 -19.34 -34.28 -10.80
N LEU A 879 -18.78 -33.10 -11.04
CA LEU A 879 -18.37 -32.68 -12.37
C LEU A 879 -16.96 -33.13 -12.75
N ARG A 880 -16.09 -33.41 -11.77
CA ARG A 880 -14.72 -33.84 -12.07
C ARG A 880 -14.67 -35.12 -12.90
N VAL A 881 -15.70 -35.97 -12.80
CA VAL A 881 -15.72 -37.22 -13.55
C VAL A 881 -15.56 -36.95 -15.04
N ASN A 882 -16.23 -35.91 -15.53
CA ASN A 882 -16.12 -35.52 -16.93
C ASN A 882 -15.23 -34.31 -17.11
N TRP A 883 -14.95 -33.56 -16.03
CA TRP A 883 -14.09 -32.38 -16.14
C TRP A 883 -12.66 -32.78 -16.46
N ASP A 884 -12.11 -33.76 -15.75
CA ASP A 884 -10.76 -34.19 -16.00
C ASP A 884 -10.62 -35.03 -17.27
N ASP A 885 -11.73 -35.45 -17.90
CA ASP A 885 -11.65 -36.24 -19.12
C ASP A 885 -11.10 -35.36 -20.25
N ARG A 886 -10.09 -35.86 -20.95
CA ARG A 886 -9.42 -35.13 -22.03
C ARG A 886 -10.15 -35.15 -23.37
N TRP A 887 -11.24 -35.91 -23.50
CA TRP A 887 -11.93 -36.00 -24.78
C TRP A 887 -13.37 -35.52 -24.77
N ILE A 888 -13.98 -35.31 -23.61
CA ILE A 888 -15.34 -34.80 -23.58
C ILE A 888 -15.21 -33.29 -23.73
N ASN A 889 -15.14 -32.81 -24.97
CA ASN A 889 -14.97 -31.40 -25.25
C ASN A 889 -16.29 -30.63 -25.34
N ASP A 890 -17.33 -31.11 -24.66
CA ASP A 890 -18.63 -30.44 -24.66
C ASP A 890 -19.27 -30.54 -23.28
N VAL A 891 -18.50 -30.25 -22.24
CA VAL A 891 -19.01 -30.31 -20.87
C VAL A 891 -19.91 -29.11 -20.63
N GLU A 892 -21.18 -29.38 -20.35
CA GLU A 892 -22.16 -28.31 -20.13
C GLU A 892 -21.97 -27.65 -18.77
N ASP A 893 -22.01 -26.31 -18.77
CA ASP A 893 -21.90 -25.51 -17.55
C ASP A 893 -23.32 -25.24 -17.03
N SER A 894 -23.47 -24.19 -16.22
CA SER A 894 -24.79 -23.85 -15.70
C SER A 894 -25.60 -23.01 -16.68
N TYR A 895 -24.96 -22.42 -17.69
CA TYR A 895 -25.64 -21.60 -18.69
C TYR A 895 -25.85 -22.34 -20.00
N GLY A 896 -25.56 -23.64 -20.04
CA GLY A 896 -25.74 -24.41 -21.25
C GLY A 896 -24.58 -24.35 -22.21
N GLN A 897 -23.55 -23.55 -21.93
CA GLN A 897 -22.41 -23.46 -22.82
C GLN A 897 -21.59 -24.74 -22.76
N GLN A 898 -21.01 -25.10 -23.91
CA GLN A 898 -20.20 -26.30 -24.03
C GLN A 898 -18.73 -25.90 -24.00
N TRP A 899 -17.99 -26.47 -23.05
CA TRP A 899 -16.58 -26.14 -22.87
C TRP A 899 -15.70 -27.30 -23.33
N THR A 900 -14.69 -26.98 -24.14
CA THR A 900 -13.76 -27.99 -24.61
C THR A 900 -12.83 -28.38 -23.46
N TYR A 901 -11.90 -29.30 -23.73
CA TYR A 901 -10.99 -29.72 -22.68
C TYR A 901 -10.04 -28.61 -22.26
N GLU A 902 -9.31 -28.04 -23.21
CA GLU A 902 -8.36 -27.00 -22.88
C GLU A 902 -9.02 -25.72 -22.38
N GLN A 903 -10.27 -25.45 -22.77
CA GLN A 903 -10.93 -24.24 -22.28
C GLN A 903 -11.17 -24.33 -20.77
N ARG A 904 -11.87 -25.39 -20.34
CA ARG A 904 -12.12 -25.57 -18.91
C ARG A 904 -10.81 -25.85 -18.16
N LYS A 905 -9.82 -26.45 -18.83
CA LYS A 905 -8.53 -26.68 -18.16
C LYS A 905 -7.82 -25.34 -17.93
N ILE A 906 -7.93 -24.42 -18.90
CA ILE A 906 -7.35 -23.09 -18.72
C ILE A 906 -8.04 -22.43 -17.54
N VAL A 907 -9.34 -22.66 -17.39
CA VAL A 907 -10.06 -22.11 -16.26
C VAL A 907 -9.57 -22.74 -14.95
N GLU A 908 -9.26 -24.04 -14.98
CA GLU A 908 -8.77 -24.72 -13.78
C GLU A 908 -7.40 -24.18 -13.37
N PHE A 909 -6.51 -23.94 -14.33
CA PHE A 909 -5.19 -23.43 -14.00
C PHE A 909 -5.28 -21.96 -13.59
N THR A 910 -6.17 -21.19 -14.23
CA THR A 910 -6.39 -19.81 -13.85
C THR A 910 -7.28 -19.74 -12.60
N CYS A 911 -7.58 -20.92 -12.04
CA CYS A 911 -8.28 -21.10 -10.79
C CYS A 911 -7.31 -21.56 -9.71
N HIS A 912 -6.20 -22.17 -10.11
CA HIS A 912 -5.13 -22.57 -9.20
C HIS A 912 -4.28 -21.35 -8.87
N THR A 913 -4.00 -20.52 -9.89
CA THR A 913 -3.21 -19.31 -9.68
C THR A 913 -3.83 -18.36 -8.66
N PRO A 914 -5.12 -18.00 -8.73
CA PRO A 914 -5.66 -17.11 -7.70
C PRO A 914 -5.80 -17.79 -6.37
N PHE A 915 -5.91 -19.12 -6.35
CA PHE A 915 -5.94 -19.81 -5.07
C PHE A 915 -4.60 -19.59 -4.38
N PHE A 916 -3.52 -19.67 -5.16
CA PHE A 916 -2.17 -19.41 -4.64
C PHE A 916 -2.04 -17.97 -4.17
N VAL A 917 -2.59 -17.03 -4.95
CA VAL A 917 -2.57 -15.62 -4.55
C VAL A 917 -3.35 -15.46 -3.25
N THR A 918 -4.47 -16.17 -3.13
CA THR A 918 -5.29 -16.14 -1.92
C THR A 918 -4.46 -16.63 -0.73
N ILE A 919 -3.64 -17.66 -0.95
CA ILE A 919 -2.78 -18.14 0.12
C ILE A 919 -1.85 -17.02 0.57
N VAL A 920 -1.32 -16.26 -0.39
CA VAL A 920 -0.44 -15.15 -0.03
C VAL A 920 -1.19 -14.08 0.76
N VAL A 921 -2.42 -13.75 0.34
CA VAL A 921 -3.19 -12.72 1.03
C VAL A 921 -3.51 -13.14 2.46
N VAL A 922 -3.88 -14.41 2.66
CA VAL A 922 -4.18 -14.83 4.03
C VAL A 922 -2.88 -14.98 4.82
N GLN A 923 -1.78 -15.30 4.14
CA GLN A 923 -0.51 -15.43 4.85
C GLN A 923 -0.01 -14.06 5.29
N TRP A 924 -0.54 -12.99 4.71
CA TRP A 924 -0.18 -11.65 5.19
C TRP A 924 -0.55 -11.53 6.66
N ALA A 925 -1.84 -11.71 6.94
CA ALA A 925 -2.34 -11.64 8.31
C ALA A 925 -1.78 -12.77 9.17
N ASP A 926 -1.60 -13.96 8.58
CA ASP A 926 -1.04 -15.07 9.38
C ASP A 926 0.37 -14.75 9.84
N LEU A 927 1.17 -14.10 8.98
CA LEU A 927 2.53 -13.72 9.35
C LEU A 927 2.50 -12.64 10.43
N VAL A 928 1.60 -11.67 10.28
CA VAL A 928 1.52 -10.60 11.27
C VAL A 928 1.09 -11.13 12.63
N ILE A 929 0.19 -12.10 12.66
CA ILE A 929 -0.24 -12.64 13.95
C ILE A 929 0.79 -13.62 14.50
N CYS A 930 1.51 -14.35 13.65
CA CYS A 930 2.53 -15.26 14.16
C CYS A 930 3.74 -14.49 14.66
N LYS A 931 3.90 -13.24 14.22
CA LYS A 931 5.02 -12.42 14.66
C LYS A 931 4.98 -12.21 16.16
N THR A 932 3.79 -12.13 16.74
CA THR A 932 3.60 -11.94 18.17
C THR A 932 2.78 -13.08 18.74
N ARG A 933 3.29 -13.74 19.78
CA ARG A 933 2.57 -14.84 20.40
C ARG A 933 1.66 -14.40 21.53
N ARG A 934 2.02 -13.33 22.24
CA ARG A 934 1.23 -12.83 23.37
C ARG A 934 0.89 -11.35 23.23
N ASN A 935 1.89 -10.54 22.87
CA ASN A 935 1.70 -9.11 22.74
C ASN A 935 0.83 -8.78 21.55
N SER A 936 0.13 -7.65 21.64
CA SER A 936 -0.66 -7.19 20.51
C SER A 936 0.28 -6.74 19.41
N VAL A 937 -0.18 -6.83 18.16
CA VAL A 937 0.66 -6.38 17.06
C VAL A 937 0.95 -4.89 17.23
N PHE A 938 0.07 -4.19 17.94
CA PHE A 938 0.31 -2.79 18.23
C PHE A 938 1.34 -2.62 19.33
N GLN A 939 1.40 -3.58 20.25
CA GLN A 939 2.38 -3.51 21.32
C GLN A 939 3.77 -3.80 20.78
N GLN A 940 3.95 -4.96 20.15
CA GLN A 940 5.24 -5.34 19.59
C GLN A 940 5.66 -4.39 18.46
N GLY A 941 4.77 -4.18 17.48
CA GLY A 941 5.05 -3.26 16.38
C GLY A 941 5.74 -3.82 15.15
N MET A 942 5.31 -3.38 13.96
CA MET A 942 5.89 -3.84 12.70
C MET A 942 7.21 -3.11 12.43
N LYS A 943 8.23 -3.48 13.22
CA LYS A 943 9.56 -2.92 13.10
C LYS A 943 10.55 -3.89 12.46
N ASN A 944 10.12 -5.12 12.18
CA ASN A 944 10.97 -6.13 11.55
C ASN A 944 11.05 -5.79 10.06
N LYS A 945 12.16 -5.15 9.66
CA LYS A 945 12.33 -4.75 8.26
C LYS A 945 12.37 -5.96 7.34
N ILE A 946 12.95 -7.06 7.81
CA ILE A 946 12.99 -8.27 7.00
C ILE A 946 11.56 -8.76 6.79
N LEU A 947 10.67 -8.53 7.77
CA LEU A 947 9.29 -8.96 7.62
C LEU A 947 8.53 -8.08 6.65
N ILE A 948 8.81 -6.77 6.67
CA ILE A 948 8.17 -5.86 5.73
C ILE A 948 8.58 -6.26 4.32
N PHE A 949 9.88 -6.48 4.13
CA PHE A 949 10.37 -6.94 2.83
C PHE A 949 9.79 -8.31 2.53
N GLY A 950 9.54 -9.12 3.57
CA GLY A 950 8.95 -10.42 3.38
C GLY A 950 7.56 -10.33 2.78
N LEU A 951 6.82 -9.27 3.15
CA LEU A 951 5.50 -9.08 2.57
C LEU A 951 5.58 -8.48 1.17
N PHE A 952 6.46 -7.50 0.96
CA PHE A 952 6.59 -6.89 -0.35
C PHE A 952 7.08 -7.89 -1.39
N GLU A 953 8.12 -8.67 -1.05
CA GLU A 953 8.66 -9.67 -1.96
C GLU A 953 7.62 -10.75 -2.24
N GLU A 954 6.92 -11.21 -1.18
CA GLU A 954 5.91 -12.24 -1.36
C GLU A 954 4.81 -11.78 -2.31
N THR A 955 4.29 -10.58 -2.09
CA THR A 955 3.21 -10.05 -2.94
C THR A 955 3.69 -9.82 -4.37
N ALA A 956 4.85 -9.19 -4.54
CA ALA A 956 5.36 -8.92 -5.88
C ALA A 956 5.68 -10.21 -6.63
N LEU A 957 6.25 -11.20 -5.93
CA LEU A 957 6.56 -12.48 -6.55
C LEU A 957 5.27 -13.20 -6.95
N ALA A 958 4.25 -13.14 -6.10
CA ALA A 958 2.99 -13.78 -6.42
C ALA A 958 2.38 -13.16 -7.67
N ALA A 959 2.44 -11.82 -7.77
CA ALA A 959 1.91 -11.16 -8.96
C ALA A 959 2.75 -11.50 -10.19
N PHE A 960 4.06 -11.67 -10.01
CA PHE A 960 4.93 -12.01 -11.13
C PHE A 960 4.62 -13.41 -11.66
N LEU A 961 4.37 -14.36 -10.76
CA LEU A 961 4.07 -15.72 -11.19
C LEU A 961 2.76 -15.82 -11.97
N SER A 962 1.92 -14.80 -11.92
CA SER A 962 0.65 -14.81 -12.64
C SER A 962 0.68 -13.94 -13.90
N TYR A 963 1.39 -12.81 -13.88
CA TYR A 963 1.40 -11.91 -15.02
C TYR A 963 2.70 -11.93 -15.83
N CYS A 964 3.59 -12.88 -15.61
CA CYS A 964 4.78 -12.85 -16.44
C CYS A 964 4.49 -13.52 -17.78
N PRO A 965 5.01 -12.98 -18.88
CA PRO A 965 4.77 -13.59 -20.20
C PRO A 965 5.32 -15.01 -20.29
N GLY A 966 4.41 -15.97 -20.48
CA GLY A 966 4.79 -17.36 -20.61
C GLY A 966 4.58 -18.23 -19.38
N MET A 967 3.92 -17.72 -18.34
CA MET A 967 3.70 -18.52 -17.14
C MET A 967 2.69 -19.62 -17.39
N GLY A 968 1.65 -19.32 -18.18
CA GLY A 968 0.67 -20.34 -18.50
C GLY A 968 1.22 -21.43 -19.41
N VAL A 969 2.38 -21.19 -20.00
CA VAL A 969 3.02 -22.16 -20.88
C VAL A 969 4.08 -22.95 -20.11
N ALA A 970 4.73 -22.31 -19.13
CA ALA A 970 5.78 -22.97 -18.34
C ALA A 970 5.24 -23.59 -17.04
N LEU A 971 4.61 -22.77 -16.20
CA LEU A 971 4.07 -23.24 -14.93
C LEU A 971 2.55 -23.36 -14.93
N ARG A 972 1.89 -23.13 -16.08
CA ARG A 972 0.43 -23.21 -16.18
C ARG A 972 -0.25 -22.25 -15.21
N MET A 973 0.37 -21.10 -14.95
CA MET A 973 -0.17 -20.08 -14.06
C MET A 973 -0.63 -18.93 -14.95
N TYR A 974 -1.91 -18.82 -15.15
CA TYR A 974 -2.47 -17.80 -16.02
C TYR A 974 -2.72 -16.50 -15.28
N PRO A 975 -2.86 -15.38 -16.00
CA PRO A 975 -3.10 -14.10 -15.34
C PRO A 975 -4.44 -14.09 -14.63
N LEU A 976 -4.54 -13.22 -13.64
CA LEU A 976 -5.73 -13.08 -12.82
C LEU A 976 -6.49 -11.80 -13.12
N LYS A 977 -7.79 -11.93 -13.33
CA LYS A 977 -8.61 -10.75 -13.49
C LYS A 977 -8.47 -10.02 -12.15
N PRO A 978 -8.16 -8.72 -12.13
CA PRO A 978 -7.88 -8.02 -10.86
C PRO A 978 -8.88 -8.23 -9.74
N THR A 979 -10.14 -8.52 -10.04
CA THR A 979 -11.10 -8.72 -8.96
C THR A 979 -10.72 -9.90 -8.08
N TRP A 980 -10.00 -10.89 -8.64
CA TRP A 980 -9.57 -12.04 -7.84
C TRP A 980 -8.68 -11.60 -6.70
N TRP A 981 -7.90 -10.53 -6.90
CA TRP A 981 -7.00 -10.02 -5.88
C TRP A 981 -7.74 -9.50 -4.66
N PHE A 982 -9.07 -9.50 -4.67
CA PHE A 982 -9.80 -9.03 -3.50
C PHE A 982 -10.75 -10.10 -2.95
N CYS A 983 -10.68 -11.34 -3.46
CA CYS A 983 -11.58 -12.36 -2.92
C CYS A 983 -11.17 -12.80 -1.52
N ALA A 984 -9.86 -12.92 -1.29
CA ALA A 984 -9.32 -13.37 0.00
C ALA A 984 -9.16 -12.27 1.04
N PHE A 985 -9.29 -11.00 0.64
CA PHE A 985 -9.14 -9.89 1.58
C PHE A 985 -9.95 -10.00 2.87
N PRO A 986 -11.26 -10.28 2.85
CA PRO A 986 -12.00 -10.36 4.13
C PRO A 986 -11.53 -11.52 5.00
N TYR A 987 -11.11 -12.62 4.41
CA TYR A 987 -10.65 -13.75 5.21
C TYR A 987 -9.37 -13.38 5.95
N SER A 988 -8.46 -12.65 5.28
CA SER A 988 -7.23 -12.21 5.92
C SER A 988 -7.53 -11.27 7.06
N LEU A 989 -8.38 -10.26 6.83
CA LEU A 989 -8.73 -9.34 7.91
C LEU A 989 -9.38 -10.10 9.07
N LEU A 990 -10.19 -11.10 8.77
CA LEU A 990 -10.83 -11.91 9.80
C LEU A 990 -9.79 -12.63 10.64
N ILE A 991 -8.80 -13.25 9.98
CA ILE A 991 -7.74 -13.96 10.70
C ILE A 991 -7.01 -13.01 11.64
N PHE A 992 -6.66 -11.82 11.13
CA PHE A 992 -5.95 -10.85 11.94
C PHE A 992 -6.77 -10.42 13.16
N VAL A 993 -8.06 -10.14 12.96
CA VAL A 993 -8.90 -9.71 14.07
C VAL A 993 -9.08 -10.81 15.11
N TYR A 994 -9.35 -12.04 14.65
CA TYR A 994 -9.55 -13.15 15.56
C TYR A 994 -8.31 -13.40 16.41
N ASP A 995 -7.14 -13.52 15.77
CA ASP A 995 -5.93 -13.75 16.56
C ASP A 995 -5.60 -12.56 17.45
N GLU A 996 -5.95 -11.34 17.02
CA GLU A 996 -5.66 -10.17 17.84
C GLU A 996 -6.50 -10.17 19.11
N VAL A 997 -7.79 -10.50 19.00
CA VAL A 997 -8.61 -10.54 20.21
C VAL A 997 -8.20 -11.75 21.04
N ARG A 998 -7.66 -12.79 20.39
CA ARG A 998 -7.17 -13.94 21.14
C ARG A 998 -6.05 -13.51 22.06
N LYS A 999 -5.02 -12.86 21.49
CA LYS A 999 -3.90 -12.37 22.29
C LYS A 999 -4.34 -11.30 23.27
N LEU A 1000 -5.45 -10.60 23.00
CA LEU A 1000 -5.95 -9.62 23.94
C LEU A 1000 -6.52 -10.32 25.17
N ILE A 1001 -7.28 -11.40 24.95
CA ILE A 1001 -7.83 -12.14 26.07
C ILE A 1001 -6.71 -12.83 26.83
N ILE A 1002 -5.67 -13.29 26.13
CA ILE A 1002 -4.53 -13.90 26.81
C ILE A 1002 -3.83 -12.84 27.64
N ARG A 1003 -3.85 -11.59 27.18
CA ARG A 1003 -3.23 -10.51 27.93
C ARG A 1003 -4.02 -10.20 29.21
N ARG A 1004 -5.34 -9.97 29.07
CA ARG A 1004 -6.17 -9.63 30.23
C ARG A 1004 -6.50 -10.84 31.11
N ARG A 1005 -6.63 -12.04 30.54
CA ARG A 1005 -6.92 -13.23 31.31
C ARG A 1005 -5.72 -14.18 31.23
N PRO A 1006 -4.69 -14.01 32.07
CA PRO A 1006 -3.57 -14.94 32.04
C PRO A 1006 -3.83 -16.22 32.82
N GLY A 1007 -5.10 -16.45 33.18
CA GLY A 1007 -5.42 -17.62 33.94
C GLY A 1007 -5.48 -18.98 33.26
N GLY A 1008 -6.57 -19.23 32.54
CA GLY A 1008 -6.77 -20.51 31.90
C GLY A 1008 -6.91 -20.73 30.42
N TRP A 1009 -8.19 -20.80 30.02
CA TRP A 1009 -8.70 -21.14 28.70
C TRP A 1009 -7.96 -20.66 27.46
N VAL A 1010 -7.92 -19.35 27.22
CA VAL A 1010 -7.24 -18.85 26.03
C VAL A 1010 -5.75 -19.13 26.07
N GLU A 1011 -5.16 -19.20 27.27
CA GLU A 1011 -3.74 -19.43 27.38
C GLU A 1011 -3.38 -20.91 27.31
N LYS A 1012 -4.11 -21.76 28.04
CA LYS A 1012 -3.80 -23.19 28.04
C LYS A 1012 -4.23 -23.91 26.78
N GLU A 1013 -5.11 -23.31 25.98
CA GLU A 1013 -5.58 -23.98 24.77
C GLU A 1013 -4.95 -23.48 23.48
N THR A 1014 -4.79 -22.17 23.32
CA THR A 1014 -4.24 -21.61 22.09
C THR A 1014 -2.83 -21.06 22.21
N TYR A 1015 -2.47 -20.42 23.32
CA TYR A 1015 -1.14 -19.86 23.49
C TYR A 1015 -0.08 -20.95 23.39
N TYR A 1016 0.69 -20.94 22.30
CA TYR A 1016 1.73 -21.94 22.04
C TYR A 1016 3.15 -21.39 22.15
N LYS B 13 5.56 -44.17 27.95
CA LYS B 13 5.09 -42.79 27.92
C LYS B 13 3.91 -42.64 26.97
N LYS B 14 3.54 -43.73 26.29
CA LYS B 14 2.42 -43.71 25.34
C LYS B 14 1.21 -44.49 25.84
N PHE B 15 1.07 -44.61 27.17
CA PHE B 15 -0.07 -45.25 27.80
C PHE B 15 -0.82 -44.24 28.65
N ILE B 16 -0.84 -42.99 28.19
CA ILE B 16 -1.50 -41.85 28.83
C ILE B 16 -3.01 -41.96 28.62
N TRP B 17 -3.45 -43.09 28.06
CA TRP B 17 -4.86 -43.36 27.79
C TRP B 17 -5.77 -42.91 28.92
N ASN B 18 -5.58 -43.50 30.08
CA ASN B 18 -6.38 -43.20 31.25
C ASN B 18 -5.51 -43.23 32.50
N SER B 19 -6.15 -42.86 33.60
CA SER B 19 -5.57 -42.84 34.93
C SER B 19 -6.74 -42.75 35.88
N GLU B 20 -6.48 -42.94 37.16
CA GLU B 20 -7.59 -42.82 38.09
C GLU B 20 -7.94 -41.36 38.35
N LYS B 21 -7.16 -40.43 37.79
CA LYS B 21 -7.40 -39.01 37.94
C LYS B 21 -8.03 -38.39 36.69
N LYS B 22 -8.79 -39.19 35.93
CA LYS B 22 -9.55 -38.75 34.76
C LYS B 22 -8.87 -38.14 33.53
N GLU B 23 -8.37 -38.98 32.62
CA GLU B 23 -7.79 -38.51 31.37
C GLU B 23 -8.17 -39.53 30.29
N PHE B 24 -8.54 -39.03 29.10
CA PHE B 24 -8.92 -39.91 27.98
C PHE B 24 -8.22 -39.42 26.73
N LEU B 25 -7.43 -40.30 26.11
CA LEU B 25 -6.68 -40.01 24.88
C LEU B 25 -5.67 -38.88 25.09
N GLY B 26 -5.53 -38.40 26.32
CA GLY B 26 -4.62 -37.33 26.63
C GLY B 26 -5.16 -36.30 27.60
N ARG B 27 -6.47 -36.06 27.59
CA ARG B 27 -7.08 -35.07 28.48
C ARG B 27 -8.31 -35.65 29.17
N THR B 28 -8.82 -34.87 30.12
CA THR B 28 -9.99 -35.23 30.93
C THR B 28 -11.28 -35.16 30.11
N GLY B 29 -12.38 -35.51 30.78
CA GLY B 29 -13.69 -35.49 30.18
C GLY B 29 -14.22 -34.09 30.06
N GLY B 30 -14.14 -33.31 31.15
CA GLY B 30 -14.59 -31.94 31.10
C GLY B 30 -13.79 -31.11 30.11
N SER B 31 -12.52 -31.46 29.93
CA SER B 31 -11.70 -30.74 28.96
C SER B 31 -12.09 -31.13 27.55
N TRP B 32 -12.44 -32.41 27.35
CA TRP B 32 -12.88 -32.87 26.04
C TRP B 32 -14.17 -32.16 25.66
N PHE B 33 -15.08 -31.98 26.63
CA PHE B 33 -16.34 -31.30 26.34
C PHE B 33 -16.11 -29.83 26.06
N LYS B 34 -15.24 -29.17 26.83
CA LYS B 34 -14.97 -27.76 26.59
C LYS B 34 -14.38 -27.53 25.20
N ILE B 35 -13.36 -28.31 24.84
CA ILE B 35 -12.73 -28.16 23.53
C ILE B 35 -13.70 -28.48 22.41
N LEU B 36 -14.46 -29.58 22.55
CA LEU B 36 -15.41 -29.94 21.49
C LEU B 36 -16.48 -28.87 21.30
N LEU B 37 -16.99 -28.32 22.41
CA LEU B 37 -17.99 -27.26 22.29
C LEU B 37 -17.41 -26.03 21.61
N PHE B 38 -16.16 -25.67 21.98
CA PHE B 38 -15.53 -24.51 21.35
C PHE B 38 -15.36 -24.73 19.85
N TYR B 39 -14.84 -25.89 19.47
CA TYR B 39 -14.63 -26.15 18.05
C TYR B 39 -15.95 -26.19 17.29
N VAL B 40 -17.03 -26.67 17.92
CA VAL B 40 -18.31 -26.70 17.23
C VAL B 40 -18.81 -25.28 16.99
N ILE B 41 -18.73 -24.42 18.00
CA ILE B 41 -19.16 -23.03 17.84
C ILE B 41 -18.29 -22.29 16.83
N PHE B 42 -16.97 -22.48 16.93
CA PHE B 42 -16.02 -21.82 16.03
C PHE B 42 -16.25 -22.23 14.58
N TYR B 43 -16.26 -23.54 14.32
CA TYR B 43 -16.47 -24.01 12.96
C TYR B 43 -17.87 -23.65 12.47
N GLY B 44 -18.85 -23.57 13.37
CA GLY B 44 -20.18 -23.18 12.95
C GLY B 44 -20.17 -21.74 12.46
N CYS B 45 -19.48 -20.87 13.18
CA CYS B 45 -19.39 -19.48 12.75
C CYS B 45 -18.61 -19.38 11.44
N LEU B 46 -17.55 -20.18 11.29
CA LEU B 46 -16.78 -20.16 10.05
C LEU B 46 -17.66 -20.58 8.88
N ALA B 47 -18.47 -21.63 9.07
CA ALA B 47 -19.36 -22.09 8.00
C ALA B 47 -20.39 -21.02 7.67
N GLY B 48 -20.96 -20.37 8.69
CA GLY B 48 -21.93 -19.33 8.43
C GLY B 48 -21.33 -18.16 7.69
N ILE B 49 -20.08 -17.82 8.00
CA ILE B 49 -19.41 -16.72 7.32
C ILE B 49 -19.14 -17.08 5.87
N PHE B 50 -18.64 -18.30 5.62
CA PHE B 50 -18.38 -18.73 4.26
C PHE B 50 -19.68 -18.76 3.46
N ILE B 51 -20.77 -19.18 4.09
CA ILE B 51 -22.06 -19.23 3.40
C ILE B 51 -22.56 -17.82 3.09
N GLY B 52 -22.41 -16.89 4.03
CA GLY B 52 -22.86 -15.53 3.77
C GLY B 52 -22.08 -14.87 2.65
N THR B 53 -20.75 -15.05 2.64
CA THR B 53 -19.95 -14.46 1.58
C THR B 53 -20.25 -15.13 0.24
N ILE B 54 -20.45 -16.46 0.24
CA ILE B 54 -20.77 -17.12 -1.02
C ILE B 54 -22.15 -16.69 -1.49
N GLN B 55 -23.03 -16.29 -0.56
CA GLN B 55 -24.34 -15.80 -0.96
C GLN B 55 -24.20 -14.45 -1.64
N VAL B 56 -23.33 -13.59 -1.09
CA VAL B 56 -23.09 -12.29 -1.73
C VAL B 56 -22.53 -12.53 -3.13
N MET B 57 -21.63 -13.51 -3.25
CA MET B 57 -21.08 -13.87 -4.55
C MET B 57 -22.18 -14.31 -5.50
N LEU B 58 -23.17 -15.05 -4.98
CA LEU B 58 -24.29 -15.47 -5.82
C LEU B 58 -25.13 -14.27 -6.23
N LEU B 59 -25.16 -13.23 -5.38
CA LEU B 59 -25.91 -12.02 -5.69
C LEU B 59 -25.21 -11.14 -6.70
N THR B 60 -23.91 -11.35 -6.94
CA THR B 60 -23.17 -10.56 -7.92
C THR B 60 -23.27 -11.09 -9.35
N ILE B 61 -23.94 -12.22 -9.58
CA ILE B 61 -24.08 -12.80 -10.91
C ILE B 61 -25.56 -12.87 -11.27
N SER B 62 -25.84 -12.80 -12.58
CA SER B 62 -27.21 -12.84 -13.07
C SER B 62 -27.60 -14.25 -13.50
N GLU B 63 -28.89 -14.42 -13.78
CA GLU B 63 -29.44 -15.70 -14.19
C GLU B 63 -29.50 -15.88 -15.69
N PHE B 64 -29.35 -14.81 -16.47
CA PHE B 64 -29.47 -14.89 -17.91
C PHE B 64 -28.15 -14.70 -18.67
N LYS B 65 -27.04 -14.51 -17.98
CA LYS B 65 -25.78 -14.32 -18.71
C LYS B 65 -24.56 -14.49 -17.81
N PRO B 66 -23.54 -15.22 -18.27
CA PRO B 66 -22.32 -15.37 -17.46
C PRO B 66 -21.53 -14.07 -17.55
N THR B 67 -20.96 -13.66 -16.42
CA THR B 67 -20.21 -12.41 -16.38
C THR B 67 -18.99 -12.45 -17.30
N TYR B 68 -18.20 -13.53 -17.25
CA TYR B 68 -17.03 -13.65 -18.09
C TYR B 68 -17.27 -14.72 -19.15
N GLN B 69 -17.08 -14.36 -20.42
CA GLN B 69 -17.26 -15.28 -21.53
C GLN B 69 -16.05 -15.33 -22.45
N ASP B 70 -14.90 -14.76 -22.04
CA ASP B 70 -13.74 -14.75 -22.91
C ASP B 70 -12.99 -16.08 -22.95
N ARG B 71 -13.20 -16.97 -21.99
CA ARG B 71 -12.50 -18.24 -22.00
C ARG B 71 -13.12 -19.23 -22.97
N VAL B 72 -14.19 -18.85 -23.67
CA VAL B 72 -14.86 -19.71 -24.65
C VAL B 72 -14.94 -18.94 -25.96
N ALA B 73 -13.98 -18.03 -26.19
CA ALA B 73 -13.92 -17.20 -27.38
C ALA B 73 -13.99 -18.05 -28.65
N PRO B 74 -13.07 -19.00 -28.90
CA PRO B 74 -13.20 -19.82 -30.10
C PRO B 74 -14.07 -21.03 -29.81
N PRO B 75 -15.24 -21.15 -30.44
CA PRO B 75 -16.09 -22.30 -30.17
C PRO B 75 -15.45 -23.60 -30.65
N GLY B 76 -15.79 -24.69 -29.97
CA GLY B 76 -15.28 -25.99 -30.31
C GLY B 76 -16.07 -26.64 -31.43
N LEU B 77 -15.63 -27.84 -31.81
CA LEU B 77 -16.27 -28.60 -32.88
C LEU B 77 -16.26 -30.07 -32.46
N THR B 78 -17.37 -30.54 -31.89
CA THR B 78 -17.44 -31.91 -31.42
C THR B 78 -18.17 -32.82 -32.42
N GLN B 79 -18.18 -34.12 -32.10
CA GLN B 79 -18.81 -35.13 -32.94
C GLN B 79 -19.76 -35.97 -32.09
N ILE B 80 -20.53 -36.83 -32.77
CA ILE B 80 -21.47 -37.71 -32.09
C ILE B 80 -20.77 -38.90 -31.44
N PRO B 81 -19.87 -39.65 -32.13
CA PRO B 81 -19.22 -40.78 -31.44
C PRO B 81 -18.10 -40.30 -30.54
N GLN B 82 -18.42 -39.98 -29.28
CA GLN B 82 -17.43 -39.51 -28.32
C GLN B 82 -16.51 -40.69 -28.02
N SER B 83 -15.54 -40.89 -28.91
CA SER B 83 -14.58 -41.98 -28.79
C SER B 83 -13.59 -41.73 -27.65
N GLN B 84 -12.99 -42.82 -27.17
CA GLN B 84 -12.02 -42.73 -26.08
C GLN B 84 -10.77 -41.99 -26.50
N LYS B 85 -10.41 -42.02 -27.79
CA LYS B 85 -9.24 -41.33 -28.29
C LYS B 85 -9.55 -40.70 -29.65
N THR B 86 -10.81 -40.33 -29.87
CA THR B 86 -11.30 -39.76 -31.13
C THR B 86 -11.04 -40.70 -32.29
N GLU B 87 -11.00 -42.00 -32.00
CA GLU B 87 -10.73 -43.04 -32.99
C GLU B 87 -11.96 -43.92 -33.17
N ILE B 88 -12.27 -44.25 -34.42
CA ILE B 88 -13.41 -45.09 -34.77
C ILE B 88 -12.85 -46.36 -35.41
N SER B 89 -12.67 -47.39 -34.59
CA SER B 89 -12.16 -48.69 -35.03
C SER B 89 -13.22 -49.74 -34.72
N PHE B 90 -13.70 -50.41 -35.75
CA PHE B 90 -14.73 -51.43 -35.60
C PHE B 90 -14.65 -52.40 -36.77
N ARG B 91 -15.55 -53.36 -36.79
CA ARG B 91 -15.61 -54.36 -37.85
C ARG B 91 -16.92 -54.20 -38.61
N PRO B 92 -16.88 -54.15 -39.94
CA PRO B 92 -18.13 -53.99 -40.70
C PRO B 92 -19.10 -55.15 -40.55
N ASN B 93 -18.66 -56.28 -40.00
CA ASN B 93 -19.51 -57.46 -39.82
C ASN B 93 -20.08 -57.57 -38.41
N ASP B 94 -19.20 -57.64 -37.40
CA ASP B 94 -19.58 -57.78 -36.00
C ASP B 94 -20.45 -56.63 -35.52
N PRO B 95 -21.72 -56.88 -35.19
CA PRO B 95 -22.59 -55.80 -34.71
C PRO B 95 -22.20 -55.29 -33.33
N GLN B 96 -21.57 -56.12 -32.51
CA GLN B 96 -21.16 -55.69 -31.17
C GLN B 96 -19.90 -54.83 -31.21
N SER B 97 -19.15 -54.88 -32.31
CA SER B 97 -17.92 -54.07 -32.42
C SER B 97 -18.24 -52.59 -32.50
N TYR B 98 -19.32 -52.22 -33.18
CA TYR B 98 -19.69 -50.82 -33.32
C TYR B 98 -20.90 -50.45 -32.46
N GLU B 99 -21.20 -51.25 -31.43
CA GLU B 99 -22.34 -50.94 -30.56
C GLU B 99 -22.11 -49.67 -29.76
N SER B 100 -20.89 -49.47 -29.26
CA SER B 100 -20.58 -48.30 -28.45
C SER B 100 -20.79 -47.00 -29.23
N TYR B 101 -20.63 -47.05 -30.56
CA TYR B 101 -20.83 -45.87 -31.38
C TYR B 101 -22.31 -45.60 -31.58
N VAL B 102 -23.02 -46.57 -32.17
CA VAL B 102 -24.46 -46.46 -32.46
C VAL B 102 -25.26 -46.09 -31.23
N VAL B 103 -24.90 -46.65 -30.06
CA VAL B 103 -25.63 -46.33 -28.84
C VAL B 103 -25.56 -44.82 -28.56
N SER B 104 -24.36 -44.24 -28.67
CA SER B 104 -24.21 -42.81 -28.43
C SER B 104 -24.90 -41.99 -29.51
N ILE B 105 -24.93 -42.47 -30.76
CA ILE B 105 -25.58 -41.69 -31.80
C ILE B 105 -27.08 -41.65 -31.57
N VAL B 106 -27.68 -42.79 -31.21
CA VAL B 106 -29.11 -42.83 -30.96
C VAL B 106 -29.46 -42.01 -29.73
N ARG B 107 -28.67 -42.11 -28.66
CA ARG B 107 -28.95 -41.32 -27.47
C ARG B 107 -28.82 -39.82 -27.75
N PHE B 108 -27.87 -39.44 -28.62
CA PHE B 108 -27.71 -38.03 -28.94
C PHE B 108 -28.89 -37.51 -29.76
N LEU B 109 -29.27 -38.24 -30.81
CA LEU B 109 -30.38 -37.82 -31.66
C LEU B 109 -31.76 -38.21 -31.11
N GLU B 110 -31.83 -38.72 -29.88
CA GLU B 110 -33.11 -39.09 -29.27
C GLU B 110 -33.98 -37.87 -29.00
N LYS B 111 -33.39 -36.69 -28.86
CA LYS B 111 -34.12 -35.45 -28.60
C LYS B 111 -34.47 -34.71 -29.88
N TYR B 112 -34.12 -35.24 -31.04
CA TYR B 112 -34.41 -34.62 -32.33
C TYR B 112 -35.53 -35.30 -33.10
N LYS B 113 -36.15 -36.33 -32.54
CA LYS B 113 -37.23 -37.02 -33.24
C LYS B 113 -38.44 -36.10 -33.40
N ASP B 114 -39.26 -36.41 -34.40
CA ASP B 114 -40.44 -35.60 -34.67
C ASP B 114 -41.41 -35.59 -33.49
N LEU B 115 -41.41 -36.65 -32.68
CA LEU B 115 -42.29 -36.70 -31.52
C LEU B 115 -41.76 -35.84 -30.38
N ALA B 116 -40.44 -35.69 -30.27
CA ALA B 116 -39.87 -34.88 -29.21
C ALA B 116 -40.19 -33.40 -29.42
N GLN B 117 -40.14 -32.93 -30.67
CA GLN B 117 -40.45 -31.55 -31.00
C GLN B 117 -41.88 -31.53 -31.51
N LYS B 118 -42.83 -31.53 -30.57
CA LYS B 118 -44.24 -31.53 -30.92
C LYS B 118 -45.00 -30.33 -30.40
N ASP B 119 -44.60 -29.73 -29.29
CA ASP B 119 -45.29 -28.58 -28.75
C ASP B 119 -45.02 -27.34 -29.60
N ASP B 120 -46.08 -26.64 -29.99
CA ASP B 120 -45.94 -25.43 -30.78
C ASP B 120 -45.70 -24.18 -29.94
N MET B 121 -45.82 -24.30 -28.61
CA MET B 121 -45.60 -23.17 -27.72
C MET B 121 -44.13 -22.95 -27.38
N ILE B 122 -43.25 -23.88 -27.72
CA ILE B 122 -41.82 -23.74 -27.42
C ILE B 122 -40.98 -24.00 -28.66
N PHE B 123 -41.62 -24.48 -29.73
CA PHE B 123 -40.94 -24.78 -30.97
C PHE B 123 -41.47 -23.91 -32.09
N GLU B 124 -40.57 -23.53 -33.00
CA GLU B 124 -40.89 -22.67 -34.12
C GLU B 124 -40.25 -23.24 -35.38
N ASP B 125 -41.05 -23.41 -36.43
CA ASP B 125 -40.53 -23.95 -37.69
C ASP B 125 -39.72 -22.87 -38.39
N CYS B 126 -38.40 -23.01 -38.36
CA CYS B 126 -37.50 -22.04 -38.98
C CYS B 126 -37.68 -22.00 -40.50
N GLY B 127 -37.41 -23.10 -41.17
CA GLY B 127 -37.58 -23.14 -42.61
C GLY B 127 -36.67 -24.17 -43.26
N ASN B 128 -37.01 -24.50 -44.51
CA ASN B 128 -36.27 -25.46 -45.31
C ASN B 128 -35.02 -24.88 -45.94
N VAL B 129 -34.79 -23.58 -45.80
CA VAL B 129 -33.63 -22.91 -46.39
C VAL B 129 -32.92 -22.10 -45.32
N PRO B 130 -31.60 -22.18 -45.19
CA PRO B 130 -30.89 -21.40 -44.17
C PRO B 130 -31.03 -19.91 -44.42
N SER B 131 -31.54 -19.20 -43.41
CA SER B 131 -31.78 -17.76 -43.49
C SER B 131 -30.90 -17.01 -42.50
N GLU B 132 -31.17 -15.71 -42.36
CA GLU B 132 -30.44 -14.81 -41.48
C GLU B 132 -30.67 -15.16 -40.02
N LEU B 133 -29.88 -14.51 -39.15
CA LEU B 133 -29.97 -14.74 -37.72
C LEU B 133 -31.33 -14.30 -37.18
N LYS B 134 -31.76 -14.96 -36.11
CA LYS B 134 -33.05 -14.70 -35.45
C LYS B 134 -32.80 -14.20 -34.04
N GLU B 135 -32.88 -12.88 -33.84
CA GLU B 135 -32.66 -12.29 -32.53
C GLU B 135 -34.01 -12.11 -31.84
N ARG B 136 -34.19 -12.81 -30.71
CA ARG B 136 -35.44 -12.74 -29.94
C ARG B 136 -35.27 -11.77 -28.77
N GLY B 137 -35.21 -10.49 -29.10
CA GLY B 137 -35.07 -9.41 -28.15
C GLY B 137 -33.78 -9.47 -27.35
N GLU B 138 -33.83 -8.88 -26.16
CA GLU B 138 -32.69 -8.84 -25.26
C GLU B 138 -32.65 -10.10 -24.41
N TYR B 139 -31.61 -10.23 -23.59
CA TYR B 139 -31.42 -11.40 -22.74
C TYR B 139 -32.11 -11.29 -21.40
N ASN B 140 -32.88 -10.24 -21.16
CA ASN B 140 -33.57 -10.09 -19.89
C ASN B 140 -34.77 -11.03 -19.81
N ASN B 141 -35.49 -10.99 -18.69
CA ASN B 141 -36.67 -11.81 -18.49
C ASN B 141 -37.96 -11.06 -18.77
N GLU B 142 -37.88 -9.86 -19.35
CA GLU B 142 -39.09 -9.10 -19.66
C GLU B 142 -39.97 -9.86 -20.63
N ARG B 143 -39.37 -10.62 -21.53
CA ARG B 143 -40.09 -11.46 -22.48
C ARG B 143 -40.25 -12.84 -21.88
N GLY B 144 -41.22 -13.59 -22.38
CA GLY B 144 -41.44 -14.92 -21.88
C GLY B 144 -40.37 -15.90 -22.30
N GLU B 145 -40.65 -17.20 -22.16
CA GLU B 145 -39.69 -18.21 -22.56
C GLU B 145 -39.60 -18.23 -24.07
N ARG B 146 -38.41 -17.92 -24.59
CA ARG B 146 -38.18 -17.86 -26.04
C ARG B 146 -38.49 -19.20 -26.71
N LYS B 147 -38.67 -19.13 -28.03
CA LYS B 147 -38.94 -20.29 -28.84
C LYS B 147 -37.63 -20.83 -29.39
N VAL B 148 -37.61 -22.13 -29.65
CA VAL B 148 -36.44 -22.82 -30.19
C VAL B 148 -36.78 -23.33 -31.59
N CYS B 149 -35.95 -22.97 -32.56
CA CYS B 149 -36.20 -23.42 -33.92
C CYS B 149 -36.00 -24.92 -34.02
N ARG B 150 -36.95 -25.58 -34.69
CA ARG B 150 -36.93 -27.03 -34.86
C ARG B 150 -35.83 -27.47 -35.82
N PHE B 151 -35.42 -28.73 -35.67
CA PHE B 151 -34.38 -29.32 -36.52
C PHE B 151 -34.69 -30.82 -36.61
N ARG B 152 -35.40 -31.20 -37.66
CA ARG B 152 -35.77 -32.60 -37.87
C ARG B 152 -34.59 -33.40 -38.40
N LEU B 153 -34.57 -34.70 -38.07
CA LEU B 153 -33.47 -35.56 -38.50
C LEU B 153 -33.38 -35.71 -40.01
N GLU B 154 -34.45 -35.41 -40.74
CA GLU B 154 -34.43 -35.55 -42.19
C GLU B 154 -33.38 -34.67 -42.85
N TRP B 155 -32.95 -33.59 -42.19
CA TRP B 155 -31.95 -32.71 -42.78
C TRP B 155 -30.62 -33.42 -43.00
N LEU B 156 -30.26 -34.36 -42.12
CA LEU B 156 -29.02 -35.10 -42.28
C LEU B 156 -29.33 -36.32 -43.14
N GLY B 157 -29.28 -36.13 -44.45
CA GLY B 157 -29.57 -37.21 -45.37
C GLY B 157 -28.52 -38.32 -45.29
N ASN B 158 -28.99 -39.55 -45.54
CA ASN B 158 -28.17 -40.76 -45.53
C ASN B 158 -27.54 -41.07 -44.18
N CYS B 159 -27.82 -40.25 -43.16
CA CYS B 159 -27.32 -40.50 -41.82
C CYS B 159 -28.43 -40.29 -40.80
N SER B 160 -29.69 -40.45 -41.21
CA SER B 160 -30.80 -40.32 -40.28
C SER B 160 -31.73 -41.52 -40.42
N GLY B 161 -32.20 -41.75 -41.66
CA GLY B 161 -33.08 -42.86 -41.94
C GLY B 161 -34.42 -42.73 -41.24
N LEU B 162 -35.24 -43.74 -41.47
CA LEU B 162 -36.55 -43.89 -40.83
C LEU B 162 -36.55 -45.24 -40.14
N ASN B 163 -35.41 -45.55 -39.53
CA ASN B 163 -35.18 -46.81 -38.82
C ASN B 163 -36.06 -46.88 -37.58
N ASP B 164 -36.01 -48.06 -36.94
CA ASP B 164 -36.75 -48.34 -35.72
C ASP B 164 -36.00 -47.76 -34.54
N GLU B 165 -36.32 -48.24 -33.32
CA GLU B 165 -35.66 -47.77 -32.10
C GLU B 165 -34.13 -47.73 -32.23
N THR B 166 -33.56 -48.62 -33.05
CA THR B 166 -32.12 -48.66 -33.29
C THR B 166 -31.86 -48.12 -34.69
N TYR B 167 -31.14 -46.99 -34.75
CA TYR B 167 -30.83 -46.35 -36.03
C TYR B 167 -29.79 -47.19 -36.75
N GLY B 168 -30.26 -47.98 -37.73
CA GLY B 168 -29.36 -48.80 -38.51
C GLY B 168 -28.48 -47.86 -39.30
N TYR B 169 -27.26 -47.64 -38.82
CA TYR B 169 -26.34 -46.72 -39.48
C TYR B 169 -25.50 -47.45 -40.52
N LYS B 170 -24.45 -46.78 -40.97
CA LYS B 170 -23.58 -47.29 -42.00
C LYS B 170 -22.45 -48.11 -41.41
N ASP B 171 -22.36 -49.38 -41.82
CA ASP B 171 -21.28 -50.25 -41.38
C ASP B 171 -20.05 -49.92 -42.20
N GLY B 172 -20.17 -50.07 -43.52
CA GLY B 172 -19.12 -49.65 -44.42
C GLY B 172 -19.47 -48.20 -44.71
N LYS B 173 -18.44 -47.36 -44.89
CA LYS B 173 -18.66 -45.93 -45.15
C LYS B 173 -19.43 -45.30 -43.98
N PRO B 174 -18.82 -45.19 -42.79
CA PRO B 174 -19.55 -44.67 -41.63
C PRO B 174 -19.92 -43.18 -41.71
N CYS B 175 -20.78 -42.79 -40.77
CA CYS B 175 -21.30 -41.44 -40.61
C CYS B 175 -20.77 -40.82 -39.32
N VAL B 176 -20.37 -39.56 -39.39
CA VAL B 176 -19.89 -38.81 -38.22
C VAL B 176 -20.43 -37.40 -38.34
N ILE B 177 -21.45 -37.06 -37.56
CA ILE B 177 -21.98 -35.70 -37.63
C ILE B 177 -21.15 -34.81 -36.73
N ILE B 178 -21.12 -33.53 -37.07
CA ILE B 178 -20.35 -32.54 -36.32
C ILE B 178 -21.33 -31.55 -35.69
N LYS B 179 -20.91 -30.95 -34.58
CA LYS B 179 -21.74 -29.99 -33.86
C LYS B 179 -20.89 -28.83 -33.39
N LEU B 180 -21.47 -27.63 -33.47
CA LEU B 180 -20.81 -26.39 -33.03
C LEU B 180 -21.13 -26.16 -31.56
N ASN B 181 -20.09 -25.87 -30.79
CA ASN B 181 -20.23 -25.65 -29.35
C ASN B 181 -21.20 -24.51 -29.04
N ARG B 182 -22.26 -24.86 -28.33
CA ARG B 182 -23.29 -23.91 -27.93
C ARG B 182 -22.70 -22.82 -27.04
N VAL B 183 -22.78 -21.58 -27.49
CA VAL B 183 -22.27 -20.43 -26.75
C VAL B 183 -23.36 -19.38 -26.62
N LEU B 184 -23.51 -18.82 -25.42
CA LEU B 184 -24.53 -17.81 -25.19
C LEU B 184 -24.17 -16.52 -25.91
N GLY B 185 -25.15 -15.94 -26.60
CA GLY B 185 -24.99 -14.71 -27.33
C GLY B 185 -24.04 -14.75 -28.51
N PHE B 186 -23.52 -15.93 -28.84
CA PHE B 186 -22.59 -16.04 -29.95
C PHE B 186 -23.33 -16.00 -31.28
N LYS B 187 -22.89 -15.09 -32.15
CA LYS B 187 -23.47 -14.89 -33.48
C LYS B 187 -22.43 -15.35 -34.49
N PRO B 188 -22.56 -16.53 -35.10
CA PRO B 188 -21.55 -16.98 -36.05
C PRO B 188 -21.51 -16.08 -37.28
N LYS B 189 -20.30 -15.81 -37.75
CA LYS B 189 -20.07 -14.97 -38.92
C LYS B 189 -19.27 -15.77 -39.92
N PRO B 190 -19.90 -16.28 -40.98
CA PRO B 190 -19.18 -17.06 -41.99
C PRO B 190 -18.18 -16.18 -42.73
N PRO B 191 -17.21 -16.77 -43.42
CA PRO B 191 -16.23 -15.95 -44.13
C PRO B 191 -16.86 -15.11 -45.23
N LYS B 192 -16.19 -14.02 -45.57
CA LYS B 192 -16.66 -13.13 -46.61
C LYS B 192 -16.66 -13.86 -47.95
N ASN B 193 -17.28 -13.24 -48.96
CA ASN B 193 -17.30 -13.86 -50.28
C ASN B 193 -15.88 -14.00 -50.82
N GLU B 194 -14.96 -13.20 -50.29
CA GLU B 194 -13.53 -13.24 -50.61
C GLU B 194 -12.93 -14.37 -49.77
N SER B 195 -13.26 -15.60 -50.17
CA SER B 195 -12.81 -16.79 -49.46
C SER B 195 -11.36 -17.10 -49.83
N LEU B 196 -10.49 -17.11 -48.82
CA LEU B 196 -9.06 -17.35 -49.00
C LEU B 196 -8.78 -18.84 -49.14
N GLU B 197 -9.11 -19.38 -50.32
CA GLU B 197 -8.87 -20.80 -50.66
C GLU B 197 -9.50 -21.73 -49.61
N THR B 198 -10.84 -21.84 -49.64
CA THR B 198 -11.52 -22.64 -48.62
C THR B 198 -12.00 -24.03 -49.06
N TYR B 199 -11.27 -24.75 -49.97
CA TYR B 199 -11.67 -26.13 -50.33
C TYR B 199 -13.10 -26.24 -50.86
N PRO B 200 -13.29 -26.37 -52.23
CA PRO B 200 -14.62 -26.33 -52.87
C PRO B 200 -15.83 -26.58 -51.98
N VAL B 201 -16.68 -25.54 -51.99
CA VAL B 201 -17.87 -25.45 -51.17
C VAL B 201 -18.94 -24.73 -51.98
N MET B 202 -20.20 -24.90 -51.59
CA MET B 202 -21.30 -24.28 -52.29
C MET B 202 -21.27 -22.76 -52.16
N LYS B 203 -22.02 -22.10 -53.03
CA LYS B 203 -22.09 -20.64 -53.06
C LYS B 203 -23.04 -20.06 -52.01
N TYR B 204 -23.46 -20.85 -51.03
CA TYR B 204 -24.35 -20.31 -49.99
C TYR B 204 -23.54 -19.74 -48.84
N ASN B 205 -22.56 -18.91 -49.20
CA ASN B 205 -21.69 -18.30 -48.20
C ASN B 205 -22.37 -17.35 -47.21
N PRO B 206 -23.48 -16.62 -47.50
CA PRO B 206 -24.00 -15.70 -46.48
C PRO B 206 -24.83 -16.24 -45.33
N TYR B 207 -25.60 -17.32 -45.47
CA TYR B 207 -26.42 -17.75 -44.34
C TYR B 207 -26.11 -19.16 -43.84
N VAL B 208 -24.84 -19.53 -43.75
CA VAL B 208 -24.46 -20.84 -43.21
C VAL B 208 -22.97 -20.80 -42.87
N LEU B 209 -22.63 -21.39 -41.72
CA LEU B 209 -21.28 -21.49 -41.21
C LEU B 209 -20.65 -22.72 -41.86
N PRO B 210 -19.69 -22.52 -42.75
CA PRO B 210 -19.06 -23.66 -43.44
C PRO B 210 -18.16 -24.48 -42.54
N VAL B 211 -18.11 -25.78 -42.84
CA VAL B 211 -17.28 -26.77 -42.15
C VAL B 211 -16.78 -27.72 -43.22
N HIS B 212 -15.47 -27.82 -43.41
CA HIS B 212 -14.91 -28.69 -44.42
C HIS B 212 -13.92 -29.67 -43.80
N CYS B 213 -14.05 -30.95 -44.16
CA CYS B 213 -13.16 -31.99 -43.66
C CYS B 213 -12.09 -32.29 -44.70
N THR B 214 -10.98 -32.85 -44.23
CA THR B 214 -9.86 -33.20 -45.10
C THR B 214 -8.95 -34.13 -44.32
N GLY B 215 -7.89 -34.59 -44.96
CA GLY B 215 -6.93 -35.44 -44.28
C GLY B 215 -6.03 -34.58 -43.43
N LYS B 216 -4.86 -35.11 -43.11
CA LYS B 216 -3.90 -34.34 -42.33
C LYS B 216 -2.55 -34.21 -43.00
N ARG B 217 -2.17 -35.16 -43.83
CA ARG B 217 -0.90 -35.11 -44.54
C ARG B 217 -1.12 -35.70 -45.93
N ASP B 218 -0.03 -35.85 -46.67
CA ASP B 218 -0.12 -36.40 -48.03
C ASP B 218 -0.65 -37.83 -48.03
N GLU B 219 -0.51 -38.55 -46.93
CA GLU B 219 -0.98 -39.93 -46.84
C GLU B 219 -2.47 -40.01 -46.53
N ASP B 220 -2.89 -39.33 -45.46
CA ASP B 220 -4.30 -39.35 -45.07
C ASP B 220 -5.18 -38.76 -46.16
N LYS B 221 -4.73 -37.68 -46.80
CA LYS B 221 -5.54 -37.05 -47.84
C LYS B 221 -5.72 -37.97 -49.04
N GLU B 222 -4.80 -38.92 -49.25
CA GLU B 222 -4.90 -39.86 -50.36
C GLU B 222 -5.75 -41.08 -50.00
N LYS B 223 -5.62 -41.57 -48.76
CA LYS B 223 -6.39 -42.73 -48.35
C LYS B 223 -7.89 -42.43 -48.33
N VAL B 224 -8.27 -41.24 -47.87
CA VAL B 224 -9.69 -40.84 -47.81
C VAL B 224 -10.10 -40.42 -49.21
N GLY B 225 -10.84 -41.28 -49.90
CA GLY B 225 -11.28 -41.01 -51.25
C GLY B 225 -12.34 -39.95 -51.46
N THR B 226 -13.56 -40.22 -51.01
CA THR B 226 -14.68 -39.31 -51.18
C THR B 226 -15.45 -39.10 -49.89
N MET B 227 -15.85 -37.85 -49.65
CA MET B 227 -16.61 -37.47 -48.47
C MET B 227 -17.90 -36.79 -48.94
N GLU B 228 -19.01 -37.11 -48.29
CA GLU B 228 -20.32 -36.55 -48.62
C GLU B 228 -20.87 -35.87 -47.38
N TYR B 229 -21.16 -34.59 -47.50
CA TYR B 229 -21.69 -33.78 -46.42
C TYR B 229 -23.21 -33.66 -46.52
N PHE B 230 -23.86 -33.50 -45.37
CA PHE B 230 -25.32 -33.38 -45.31
C PHE B 230 -25.69 -32.32 -44.28
N GLY B 231 -26.62 -31.44 -44.64
CA GLY B 231 -27.05 -30.39 -43.74
C GLY B 231 -28.43 -29.89 -44.08
N LEU B 232 -28.75 -28.71 -43.56
CA LEU B 232 -30.05 -28.09 -43.79
C LEU B 232 -30.16 -27.73 -45.26
N GLY B 233 -31.06 -28.40 -45.97
CA GLY B 233 -31.23 -28.16 -47.39
C GLY B 233 -30.09 -28.63 -48.27
N GLY B 234 -29.10 -29.32 -47.69
CA GLY B 234 -27.97 -29.82 -48.45
C GLY B 234 -26.71 -29.00 -48.40
N TYR B 235 -26.54 -28.13 -47.40
CA TYR B 235 -25.34 -27.31 -47.30
C TYR B 235 -24.46 -27.82 -46.17
N PRO B 236 -23.14 -27.92 -46.41
CA PRO B 236 -22.21 -28.42 -45.38
C PRO B 236 -21.88 -27.38 -44.31
N GLY B 237 -22.83 -27.13 -43.42
CA GLY B 237 -22.58 -26.16 -42.38
C GLY B 237 -23.76 -26.01 -41.45
N PHE B 238 -23.72 -24.93 -40.69
CA PHE B 238 -24.77 -24.65 -39.72
C PHE B 238 -25.57 -23.41 -40.10
N PRO B 239 -26.90 -23.48 -40.15
CA PRO B 239 -27.69 -22.31 -40.55
C PRO B 239 -27.69 -21.22 -39.48
N LEU B 240 -27.61 -19.97 -39.92
CA LEU B 240 -27.60 -18.84 -38.98
C LEU B 240 -28.97 -18.59 -38.34
N GLN B 241 -30.02 -19.21 -38.85
CA GLN B 241 -31.35 -19.02 -38.28
C GLN B 241 -31.50 -19.66 -36.90
N TYR B 242 -30.52 -20.41 -36.44
CA TYR B 242 -30.57 -21.05 -35.13
C TYR B 242 -29.75 -20.33 -34.06
N TYR B 243 -29.13 -19.22 -34.40
CA TYR B 243 -28.30 -18.47 -33.47
C TYR B 243 -28.82 -17.05 -33.28
N PRO B 244 -28.50 -16.41 -32.13
CA PRO B 244 -27.68 -16.87 -31.00
C PRO B 244 -28.43 -17.65 -29.92
N TYR B 245 -27.66 -18.22 -29.00
CA TYR B 245 -28.20 -18.98 -27.87
C TYR B 245 -28.53 -18.02 -26.73
N TYR B 246 -29.66 -18.26 -26.07
CA TYR B 246 -30.11 -17.41 -24.96
C TYR B 246 -30.09 -18.12 -23.62
N GLY B 247 -29.11 -18.99 -23.40
CA GLY B 247 -29.00 -19.70 -22.14
C GLY B 247 -30.01 -20.82 -21.91
N LYS B 248 -29.67 -21.72 -20.99
CA LYS B 248 -30.54 -22.85 -20.67
C LYS B 248 -31.79 -22.39 -19.92
N LEU B 249 -31.69 -21.34 -19.11
CA LEU B 249 -32.86 -20.87 -18.36
C LEU B 249 -33.92 -20.31 -19.30
N LEU B 250 -33.52 -19.50 -20.27
CA LEU B 250 -34.47 -18.90 -21.20
C LEU B 250 -34.82 -19.77 -22.40
N GLN B 251 -33.95 -20.70 -22.79
CA GLN B 251 -34.20 -21.56 -23.94
C GLN B 251 -33.93 -23.03 -23.61
N PRO B 252 -34.77 -23.65 -22.80
CA PRO B 252 -34.59 -25.07 -22.50
C PRO B 252 -35.04 -25.89 -23.69
N LYS B 253 -34.51 -27.12 -23.77
CA LYS B 253 -34.82 -28.04 -24.87
C LYS B 253 -34.41 -27.43 -26.21
N TYR B 254 -33.32 -26.67 -26.19
CA TYR B 254 -32.81 -26.03 -27.39
C TYR B 254 -32.06 -27.06 -28.23
N LEU B 255 -32.21 -26.97 -29.54
CA LEU B 255 -31.56 -27.92 -30.46
C LEU B 255 -30.59 -27.17 -31.36
N GLN B 256 -29.30 -27.28 -31.06
CA GLN B 256 -28.28 -26.64 -31.88
C GLN B 256 -28.22 -27.33 -33.24
N PRO B 257 -27.76 -26.63 -34.28
CA PRO B 257 -27.69 -27.24 -35.61
C PRO B 257 -26.71 -28.41 -35.67
N LEU B 258 -26.99 -29.32 -36.59
CA LEU B 258 -26.16 -30.51 -36.81
C LEU B 258 -25.83 -30.61 -38.30
N MET B 259 -24.74 -31.32 -38.59
CA MET B 259 -24.28 -31.52 -39.96
C MET B 259 -23.53 -32.83 -40.03
N ALA B 260 -23.99 -33.75 -40.85
CA ALA B 260 -23.33 -35.05 -40.95
C ALA B 260 -22.27 -35.07 -42.04
N VAL B 261 -21.31 -35.98 -41.87
CA VAL B 261 -20.20 -36.19 -42.80
C VAL B 261 -19.99 -37.68 -42.94
N GLN B 262 -20.07 -38.19 -44.17
CA GLN B 262 -19.89 -39.61 -44.45
C GLN B 262 -18.64 -39.79 -45.30
N PHE B 263 -17.85 -40.80 -44.98
CA PHE B 263 -16.62 -41.12 -45.70
C PHE B 263 -16.90 -42.35 -46.54
N THR B 264 -17.25 -42.13 -47.81
CA THR B 264 -17.59 -43.22 -48.71
C THR B 264 -16.37 -44.05 -49.12
N ASN B 265 -15.40 -43.43 -49.78
CA ASN B 265 -14.24 -44.18 -50.26
C ASN B 265 -13.11 -44.18 -49.24
N LEU B 266 -13.14 -45.15 -48.33
CA LEU B 266 -12.11 -45.30 -47.32
C LEU B 266 -11.29 -46.55 -47.62
N THR B 267 -10.05 -46.54 -47.13
CA THR B 267 -9.14 -47.67 -47.29
C THR B 267 -9.32 -48.56 -46.06
N MET B 268 -10.09 -49.63 -46.22
CA MET B 268 -10.36 -50.54 -45.11
C MET B 268 -9.06 -51.13 -44.56
N ASP B 269 -9.09 -51.44 -43.25
CA ASP B 269 -7.96 -52.01 -42.52
C ASP B 269 -6.77 -51.05 -42.51
N THR B 270 -7.07 -49.75 -42.40
CA THR B 270 -6.03 -48.73 -42.36
C THR B 270 -6.53 -47.54 -41.55
N GLU B 271 -5.75 -47.15 -40.54
CA GLU B 271 -6.11 -46.03 -39.69
C GLU B 271 -5.69 -44.73 -40.38
N ILE B 272 -6.66 -43.88 -40.70
CA ILE B 272 -6.41 -42.61 -41.38
C ILE B 272 -6.98 -41.46 -40.55
N ARG B 273 -6.24 -40.35 -40.57
CA ARG B 273 -6.59 -39.16 -39.80
C ARG B 273 -7.37 -38.16 -40.64
N ILE B 274 -8.45 -37.64 -40.05
CA ILE B 274 -9.33 -36.67 -40.67
C ILE B 274 -9.41 -35.44 -39.76
N GLU B 275 -9.34 -34.26 -40.38
CA GLU B 275 -9.42 -32.98 -39.70
C GLU B 275 -10.58 -32.21 -40.32
N CYS B 276 -11.63 -32.00 -39.54
CA CYS B 276 -12.82 -31.26 -39.98
C CYS B 276 -12.68 -29.86 -39.41
N LYS B 277 -12.27 -28.92 -40.26
CA LYS B 277 -12.06 -27.55 -39.85
C LYS B 277 -13.25 -26.68 -40.21
N ALA B 278 -13.79 -25.99 -39.20
CA ALA B 278 -14.91 -25.07 -39.38
C ALA B 278 -14.32 -23.70 -39.69
N TYR B 279 -14.83 -23.06 -40.74
CA TYR B 279 -14.32 -21.77 -41.15
C TYR B 279 -15.30 -20.64 -40.83
N GLY B 280 -14.73 -19.47 -40.62
CA GLY B 280 -15.49 -18.28 -40.29
C GLY B 280 -14.61 -17.25 -39.62
N GLU B 281 -15.12 -16.02 -39.56
CA GLU B 281 -14.36 -14.96 -38.92
C GLU B 281 -14.44 -15.07 -37.40
N ASN B 282 -15.61 -15.38 -36.87
CA ASN B 282 -15.82 -15.55 -35.44
C ASN B 282 -15.44 -16.94 -34.94
N ILE B 283 -14.72 -17.71 -35.75
CA ILE B 283 -14.29 -19.06 -35.40
C ILE B 283 -12.77 -19.05 -35.31
N GLY B 284 -12.25 -19.19 -34.09
CA GLY B 284 -10.82 -19.21 -33.88
C GLY B 284 -10.27 -20.61 -33.83
N TYR B 285 -8.94 -20.69 -33.74
CA TYR B 285 -8.24 -21.96 -33.69
C TYR B 285 -7.21 -21.90 -32.56
N SER B 286 -6.54 -23.02 -32.32
CA SER B 286 -5.56 -23.08 -31.24
C SER B 286 -4.62 -24.26 -31.47
N GLU B 287 -3.32 -24.00 -31.42
CA GLU B 287 -2.35 -25.07 -31.61
C GLU B 287 -2.29 -26.00 -30.40
N LYS B 288 -2.83 -25.57 -29.27
CA LYS B 288 -2.86 -26.37 -28.04
C LYS B 288 -4.16 -27.14 -27.88
N ASP B 289 -5.27 -26.58 -28.34
CA ASP B 289 -6.58 -27.21 -28.26
C ASP B 289 -6.96 -27.56 -29.70
N ARG B 290 -6.80 -28.84 -30.04
CA ARG B 290 -7.13 -29.29 -31.39
C ARG B 290 -8.64 -29.33 -31.64
N PHE B 291 -9.45 -28.90 -30.67
CA PHE B 291 -10.90 -28.87 -30.79
C PHE B 291 -11.46 -27.47 -30.99
N GLN B 292 -10.69 -26.43 -30.65
CA GLN B 292 -11.14 -25.05 -30.83
C GLN B 292 -11.17 -24.73 -32.32
N GLY B 293 -12.37 -24.66 -32.90
CA GLY B 293 -12.50 -24.38 -34.33
C GLY B 293 -12.38 -25.59 -35.20
N ARG B 294 -11.29 -26.35 -35.06
CA ARG B 294 -11.07 -27.54 -35.85
C ARG B 294 -11.57 -28.77 -35.07
N PHE B 295 -11.34 -29.96 -35.61
CA PHE B 295 -11.79 -31.21 -35.01
C PHE B 295 -11.05 -32.37 -35.68
N ASP B 296 -10.57 -33.31 -34.88
CA ASP B 296 -9.81 -34.45 -35.40
C ASP B 296 -10.51 -35.78 -35.13
N VAL B 297 -10.19 -36.77 -35.98
CA VAL B 297 -10.76 -38.10 -35.87
C VAL B 297 -9.81 -39.09 -36.54
N LYS B 298 -9.73 -40.31 -36.01
CA LYS B 298 -8.89 -41.38 -36.53
C LYS B 298 -9.79 -42.54 -36.90
N ILE B 299 -10.19 -42.62 -38.17
CA ILE B 299 -11.10 -43.67 -38.62
C ILE B 299 -10.32 -44.87 -39.15
N GLU B 300 -10.81 -46.07 -38.82
CA GLU B 300 -10.20 -47.32 -39.26
C GLU B 300 -11.29 -48.40 -39.30
N VAL B 301 -11.80 -48.68 -40.49
CA VAL B 301 -12.84 -49.71 -40.67
C VAL B 301 -12.10 -50.99 -41.04
N LYS B 302 -11.65 -51.71 -40.01
CA LYS B 302 -10.92 -52.96 -40.21
C LYS B 302 -11.91 -54.11 -40.37
N SER B 303 -11.83 -54.81 -41.50
CA SER B 303 -12.73 -55.92 -41.78
C SER B 303 -12.16 -57.26 -41.32
N ASP C 17 -16.84 -7.19 -29.11
CA ASP C 17 -17.54 -8.38 -28.68
C ASP C 17 -17.24 -8.69 -27.21
N PRO C 18 -18.23 -9.23 -26.48
CA PRO C 18 -18.00 -9.56 -25.07
C PRO C 18 -17.09 -10.78 -24.88
N PHE C 19 -16.71 -11.46 -25.97
CA PHE C 19 -15.86 -12.64 -25.89
C PHE C 19 -14.38 -12.28 -25.97
N TYR C 20 -14.03 -11.02 -25.73
CA TYR C 20 -12.66 -10.53 -25.75
C TYR C 20 -12.35 -9.81 -24.46
N TYR C 21 -11.17 -10.10 -23.89
CA TYR C 21 -10.71 -9.51 -22.65
C TYR C 21 -9.31 -8.95 -22.88
N ASP C 22 -9.12 -7.69 -22.48
CA ASP C 22 -7.83 -7.04 -22.62
C ASP C 22 -6.87 -7.61 -21.59
N TYR C 23 -6.40 -8.84 -21.80
CA TYR C 23 -5.49 -9.47 -20.86
C TYR C 23 -4.12 -8.80 -20.85
N GLU C 24 -3.74 -8.14 -21.94
CA GLU C 24 -2.42 -7.50 -21.98
C GLU C 24 -2.36 -6.29 -21.05
N THR C 25 -3.46 -5.56 -20.89
CA THR C 25 -3.45 -4.40 -19.99
C THR C 25 -3.30 -4.85 -18.54
N VAL C 26 -4.09 -5.83 -18.13
CA VAL C 26 -4.00 -6.34 -16.76
C VAL C 26 -2.64 -6.97 -16.52
N ARG C 27 -2.11 -7.69 -17.51
CA ARG C 27 -0.81 -8.32 -17.39
C ARG C 27 0.30 -7.28 -17.22
N ASN C 28 0.27 -6.24 -18.06
CA ASN C 28 1.26 -5.18 -17.98
C ASN C 28 1.18 -4.45 -16.64
N GLY C 29 -0.05 -4.17 -16.18
CA GLY C 29 -0.20 -3.51 -14.89
C GLY C 29 0.27 -4.39 -13.74
N GLY C 30 -0.02 -5.69 -13.82
CA GLY C 30 0.41 -6.59 -12.77
C GLY C 30 1.91 -6.67 -12.69
N LEU C 31 2.59 -6.62 -13.84
CA LEU C 31 4.05 -6.64 -13.81
C LEU C 31 4.60 -5.30 -13.29
N ILE C 32 3.93 -4.19 -13.61
CA ILE C 32 4.40 -2.90 -13.11
C ILE C 32 4.31 -2.90 -11.59
N PHE C 33 3.21 -3.41 -11.05
CA PHE C 33 3.08 -3.50 -9.60
C PHE C 33 4.09 -4.47 -9.02
N ALA C 34 4.28 -5.64 -9.66
CA ALA C 34 5.24 -6.62 -9.18
C ALA C 34 6.65 -6.06 -9.17
N ALA C 35 6.91 -5.03 -9.97
CA ALA C 35 8.23 -4.40 -9.99
C ALA C 35 8.33 -3.31 -8.94
N LEU C 36 7.30 -2.45 -8.86
CA LEU C 36 7.32 -1.36 -7.91
C LEU C 36 7.30 -1.87 -6.47
N ALA C 37 6.42 -2.82 -6.16
CA ALA C 37 6.36 -3.35 -4.80
C ALA C 37 7.68 -3.99 -4.39
N PHE C 38 8.35 -4.65 -5.35
CA PHE C 38 9.63 -5.29 -5.03
C PHE C 38 10.72 -4.26 -4.79
N ILE C 39 10.84 -3.26 -5.68
CA ILE C 39 11.89 -2.26 -5.47
C ILE C 39 11.62 -1.49 -4.19
N VAL C 40 10.34 -1.30 -3.84
CA VAL C 40 10.00 -0.62 -2.60
C VAL C 40 10.47 -1.47 -1.42
N GLY C 41 10.28 -2.80 -1.50
CA GLY C 41 10.75 -3.67 -0.44
C GLY C 41 12.26 -3.59 -0.28
N LEU C 42 12.98 -3.49 -1.40
CA LEU C 42 14.43 -3.36 -1.34
C LEU C 42 14.80 -2.07 -0.64
N ILE C 43 14.04 -1.00 -0.90
CA ILE C 43 14.29 0.27 -0.23
C ILE C 43 14.01 0.13 1.26
N ILE C 44 13.05 -0.73 1.62
CA ILE C 44 12.69 -0.93 3.03
C ILE C 44 13.83 -1.62 3.79
N ILE C 45 14.47 -2.63 3.19
CA ILE C 45 15.54 -3.28 3.93
C ILE C 45 16.88 -2.56 3.78
N LEU C 46 16.85 -1.34 3.22
CA LEU C 46 18.05 -0.53 3.07
C LEU C 46 17.73 0.85 3.67
N SER C 47 17.78 0.93 4.99
CA SER C 47 17.46 2.18 5.70
C SER C 47 18.54 3.25 5.59
N LYS C 48 19.66 2.96 4.94
CA LYS C 48 20.75 3.92 4.75
C LYS C 48 21.25 4.54 6.05
N LYS D 21 -37.62 53.62 -20.53
CA LYS D 21 -38.64 53.51 -21.56
C LYS D 21 -38.12 52.66 -22.73
N GLU D 22 -36.94 52.06 -22.53
CA GLU D 22 -36.35 51.22 -23.57
C GLU D 22 -37.17 49.96 -23.84
N ARG D 23 -38.09 49.63 -22.94
CA ARG D 23 -38.95 48.46 -23.11
C ARG D 23 -39.71 48.55 -24.43
N ASP D 24 -40.30 49.73 -24.70
CA ASP D 24 -41.05 49.92 -25.94
C ASP D 24 -40.13 49.81 -27.15
N MET D 25 -38.87 50.25 -27.01
CA MET D 25 -37.93 50.13 -28.12
C MET D 25 -37.69 48.67 -28.45
N ASP D 26 -37.39 47.86 -27.43
CA ASP D 26 -37.17 46.43 -27.66
C ASP D 26 -38.44 45.78 -28.22
N GLU D 27 -39.62 46.23 -27.77
CA GLU D 27 -40.87 45.67 -28.29
C GLU D 27 -41.02 46.00 -29.77
N LEU D 28 -40.69 47.25 -30.14
CA LEU D 28 -40.76 47.64 -31.55
C LEU D 28 -39.73 46.87 -32.37
N LYS D 29 -38.74 46.27 -31.69
CA LYS D 29 -37.77 45.47 -32.42
C LYS D 29 -38.21 44.01 -32.54
N LYS D 30 -38.98 43.49 -31.58
CA LYS D 30 -39.46 42.12 -31.65
C LYS D 30 -40.54 41.91 -32.71
N GLU D 31 -41.13 42.97 -33.22
CA GLU D 31 -42.19 42.88 -34.22
C GLU D 31 -41.63 42.67 -35.63
N VAL D 32 -42.37 41.91 -36.44
CA VAL D 32 -41.95 41.67 -37.82
C VAL D 32 -41.98 42.98 -38.57
N SER D 33 -41.00 43.19 -39.44
CA SER D 33 -40.84 44.43 -40.18
C SER D 33 -41.97 44.67 -41.19
N MET D 34 -42.02 45.92 -41.66
CA MET D 34 -42.98 46.39 -42.65
C MET D 34 -42.21 47.16 -43.72
N ASP D 35 -42.87 47.44 -44.84
CA ASP D 35 -42.20 48.16 -45.93
C ASP D 35 -43.21 48.89 -46.81
N ASP D 36 -42.65 49.66 -47.75
CA ASP D 36 -43.38 50.42 -48.76
C ASP D 36 -42.86 50.04 -50.13
N HIS D 37 -42.43 48.79 -50.28
CA HIS D 37 -41.86 48.30 -51.54
C HIS D 37 -42.90 48.29 -52.66
N LYS D 38 -44.13 47.91 -52.34
CA LYS D 38 -45.21 47.82 -53.33
C LYS D 38 -45.65 49.22 -53.72
N LEU D 39 -44.86 49.85 -54.58
CA LEU D 39 -45.14 51.19 -55.06
C LEU D 39 -44.72 51.30 -56.52
N SER D 40 -45.48 52.08 -57.28
CA SER D 40 -45.11 52.30 -58.67
C SER D 40 -43.82 53.12 -58.67
N LEU D 41 -43.03 52.98 -59.75
CA LEU D 41 -41.77 53.70 -59.82
C LEU D 41 -41.97 55.20 -59.71
N ASP D 42 -43.08 55.72 -60.24
CA ASP D 42 -43.35 57.15 -60.13
C ASP D 42 -43.67 57.54 -58.70
N GLU D 43 -44.49 56.74 -58.01
CA GLU D 43 -44.82 57.06 -56.62
C GLU D 43 -43.60 56.91 -55.72
N LEU D 44 -42.77 55.89 -55.99
CA LEU D 44 -41.55 55.69 -55.21
C LEU D 44 -40.61 56.88 -55.39
N HIS D 45 -40.38 57.28 -56.65
CA HIS D 45 -39.51 58.42 -56.92
C HIS D 45 -40.07 59.71 -56.35
N ARG D 46 -41.41 59.82 -56.27
CA ARG D 46 -42.01 61.01 -55.68
C ARG D 46 -41.81 61.02 -54.18
N LYS D 47 -41.90 59.86 -53.54
CA LYS D 47 -41.71 59.78 -52.09
C LYS D 47 -40.27 60.09 -51.69
N TYR D 48 -39.29 59.56 -52.43
CA TYR D 48 -37.91 59.79 -52.07
C TYR D 48 -37.26 60.98 -52.79
N GLY D 49 -37.91 61.54 -53.81
CA GLY D 49 -37.36 62.67 -54.55
C GLY D 49 -36.02 62.33 -55.17
N THR D 50 -35.99 61.27 -55.96
CA THR D 50 -34.76 60.81 -56.58
C THR D 50 -34.99 60.39 -58.02
N ASP D 51 -34.07 60.76 -58.90
CA ASP D 51 -34.17 60.39 -60.31
C ASP D 51 -33.93 58.89 -60.43
N LEU D 52 -34.74 58.22 -61.25
CA LEU D 52 -34.62 56.78 -61.42
C LEU D 52 -33.40 56.37 -62.22
N SER D 53 -32.91 57.25 -63.10
CA SER D 53 -31.75 56.92 -63.91
C SER D 53 -30.51 57.72 -63.55
N ARG D 54 -30.66 58.86 -62.87
CA ARG D 54 -29.51 59.68 -62.50
C ARG D 54 -29.25 59.75 -61.01
N GLY D 55 -30.13 59.19 -60.17
CA GLY D 55 -29.93 59.23 -58.73
C GLY D 55 -30.19 60.62 -58.19
N LEU D 56 -29.20 61.23 -57.55
CA LEU D 56 -29.36 62.57 -57.01
C LEU D 56 -28.02 63.28 -57.03
N THR D 57 -28.08 64.58 -56.76
CA THR D 57 -26.88 65.40 -56.72
C THR D 57 -26.01 65.02 -55.53
N PRO D 58 -24.69 65.12 -55.66
CA PRO D 58 -23.82 64.80 -54.53
C PRO D 58 -24.11 65.68 -53.33
N ALA D 59 -24.64 66.89 -53.57
CA ALA D 59 -24.99 67.78 -52.46
C ALA D 59 -26.11 67.19 -51.63
N ARG D 60 -27.13 66.64 -52.29
CA ARG D 60 -28.25 66.01 -51.58
C ARG D 60 -27.78 64.78 -50.82
N ALA D 61 -26.90 63.98 -51.45
CA ALA D 61 -26.37 62.79 -50.81
C ALA D 61 -25.59 63.15 -49.56
N ALA D 62 -24.68 64.13 -49.66
CA ALA D 62 -23.92 64.55 -48.48
C ALA D 62 -24.86 65.16 -47.43
N GLU D 63 -25.94 65.80 -47.89
CA GLU D 63 -26.91 66.39 -46.98
C GLU D 63 -27.57 65.32 -46.12
N ILE D 64 -27.83 64.15 -46.71
CA ILE D 64 -28.40 63.05 -45.92
C ILE D 64 -27.31 62.38 -45.07
N LEU D 65 -26.10 62.28 -45.63
CA LEU D 65 -24.97 61.64 -44.96
C LEU D 65 -24.67 62.30 -43.62
N ALA D 66 -24.62 63.63 -43.60
CA ALA D 66 -24.39 64.34 -42.36
C ALA D 66 -25.69 64.60 -41.61
N ARG D 67 -26.82 64.02 -42.09
CA ARG D 67 -28.11 64.17 -41.44
C ARG D 67 -28.49 63.01 -40.51
N ASP D 68 -28.52 61.77 -41.03
CA ASP D 68 -28.94 60.65 -40.18
C ASP D 68 -27.83 59.70 -39.75
N GLY D 69 -26.66 59.76 -40.35
CA GLY D 69 -25.58 58.87 -39.97
C GLY D 69 -25.10 58.01 -41.11
N PRO D 70 -23.81 57.67 -41.09
CA PRO D 70 -23.26 56.84 -42.17
C PRO D 70 -23.93 55.47 -42.24
N ASN D 71 -23.94 54.90 -43.44
CA ASN D 71 -24.56 53.59 -43.66
C ASN D 71 -23.69 52.52 -43.05
N ALA D 72 -23.87 52.32 -41.75
CA ALA D 72 -23.12 51.32 -41.00
C ALA D 72 -23.80 51.12 -39.66
N LEU D 73 -23.74 49.89 -39.16
CA LEU D 73 -24.34 49.59 -37.87
C LEU D 73 -23.51 50.23 -36.77
N THR D 74 -24.19 50.75 -35.76
CA THR D 74 -23.48 51.32 -34.63
C THR D 74 -22.63 50.21 -34.00
N PRO D 75 -21.39 50.49 -33.63
CA PRO D 75 -20.54 49.45 -33.05
C PRO D 75 -21.20 48.81 -31.83
N PRO D 76 -20.80 47.60 -31.47
CA PRO D 76 -21.38 46.94 -30.30
C PRO D 76 -20.98 47.70 -29.04
N PRO D 77 -21.68 47.49 -27.93
CA PRO D 77 -21.30 48.15 -26.69
C PRO D 77 -20.03 47.51 -26.15
N THR D 78 -18.93 48.27 -26.14
CA THR D 78 -17.66 47.73 -25.68
C THR D 78 -17.71 47.33 -24.21
N THR D 79 -17.16 46.15 -23.92
CA THR D 79 -17.11 45.59 -22.59
C THR D 79 -15.67 45.57 -22.09
N PRO D 80 -15.27 46.53 -21.24
CA PRO D 80 -13.88 46.56 -20.76
C PRO D 80 -13.52 45.27 -20.03
N GLU D 81 -12.23 44.95 -20.02
CA GLU D 81 -11.77 43.72 -19.40
C GLU D 81 -11.78 43.75 -17.88
N TRP D 82 -11.67 44.93 -17.25
CA TRP D 82 -11.71 44.94 -15.79
C TRP D 82 -13.12 44.64 -15.29
N VAL D 83 -14.12 44.94 -16.12
CA VAL D 83 -15.50 44.70 -15.75
C VAL D 83 -15.76 43.21 -15.60
N LYS D 84 -15.39 42.41 -16.60
CA LYS D 84 -15.65 40.98 -16.45
C LYS D 84 -14.74 40.35 -15.40
N PHE D 85 -13.64 41.01 -15.01
CA PHE D 85 -12.82 40.46 -13.94
C PHE D 85 -13.57 40.60 -12.62
N CYS D 86 -14.00 41.83 -12.31
CA CYS D 86 -14.80 42.02 -11.11
C CYS D 86 -16.06 41.15 -11.18
N ARG D 87 -16.56 40.87 -12.41
CA ARG D 87 -17.73 40.00 -12.57
C ARG D 87 -17.42 38.59 -12.09
N GLN D 88 -16.23 38.08 -12.42
CA GLN D 88 -15.85 36.75 -11.97
C GLN D 88 -15.56 36.73 -10.49
N LEU D 89 -15.33 37.89 -9.88
CA LEU D 89 -15.06 37.92 -8.45
C LEU D 89 -16.30 37.82 -7.59
N PHE D 90 -17.51 37.88 -8.16
CA PHE D 90 -18.70 37.81 -7.29
C PHE D 90 -19.55 36.57 -7.55
N GLY D 91 -20.15 36.45 -8.73
CA GLY D 91 -21.00 35.33 -9.06
C GLY D 91 -21.99 35.03 -7.94
N GLY D 92 -22.17 33.75 -7.65
CA GLY D 92 -23.03 33.34 -6.55
C GLY D 92 -22.25 32.57 -5.51
N PHE D 93 -21.40 31.67 -6.00
CA PHE D 93 -20.57 30.85 -5.12
C PHE D 93 -19.56 31.72 -4.37
N SER D 94 -18.85 32.56 -5.13
CA SER D 94 -17.85 33.43 -4.52
C SER D 94 -18.47 34.43 -3.56
N MET D 95 -19.76 34.77 -3.76
CA MET D 95 -20.41 35.71 -2.84
C MET D 95 -20.55 35.11 -1.44
N LEU D 96 -20.82 33.80 -1.37
CA LEU D 96 -20.92 33.15 -0.08
C LEU D 96 -19.59 33.20 0.65
N LEU D 97 -18.50 32.93 -0.09
CA LEU D 97 -17.20 33.03 0.56
C LEU D 97 -16.87 34.48 0.93
N TRP D 98 -17.44 35.45 0.22
CA TRP D 98 -17.21 36.85 0.54
C TRP D 98 -17.88 37.20 1.86
N ILE D 99 -19.16 36.84 2.03
CA ILE D 99 -19.84 37.12 3.27
C ILE D 99 -19.19 36.35 4.40
N GLY D 100 -18.63 35.17 4.10
CA GLY D 100 -17.93 34.41 5.13
C GLY D 100 -16.67 35.11 5.58
N ALA D 101 -15.90 35.64 4.63
CA ALA D 101 -14.69 36.38 4.99
C ALA D 101 -15.05 37.60 5.80
N ILE D 102 -16.14 38.27 5.42
CA ILE D 102 -16.60 39.44 6.15
C ILE D 102 -16.97 39.03 7.57
N LEU D 103 -17.60 37.86 7.73
CA LEU D 103 -17.94 37.39 9.06
C LEU D 103 -16.68 37.07 9.85
N CYS D 104 -15.62 36.63 9.17
CA CYS D 104 -14.37 36.33 9.85
C CYS D 104 -13.78 37.61 10.41
N PHE D 105 -13.76 38.67 9.60
CA PHE D 105 -13.23 39.94 10.09
C PHE D 105 -14.15 40.55 11.14
N LEU D 106 -15.46 40.26 11.07
CA LEU D 106 -16.40 40.78 12.06
C LEU D 106 -16.16 40.12 13.41
N ALA D 107 -16.07 38.78 13.42
CA ALA D 107 -15.80 38.07 14.66
C ALA D 107 -14.43 38.45 15.18
N TYR D 108 -13.47 38.66 14.29
CA TYR D 108 -12.14 39.06 14.74
C TYR D 108 -12.18 40.44 15.36
N GLY D 109 -13.01 41.36 14.86
CA GLY D 109 -13.10 42.66 15.48
C GLY D 109 -13.70 42.54 16.87
N ILE D 110 -14.72 41.68 17.00
CA ILE D 110 -15.36 41.42 18.29
C ILE D 110 -14.39 40.78 19.26
N GLN D 111 -13.36 40.13 18.73
CA GLN D 111 -12.36 39.51 19.59
C GLN D 111 -11.18 40.42 19.87
N ALA D 112 -10.83 41.25 18.89
CA ALA D 112 -9.68 42.14 19.00
C ALA D 112 -9.93 43.29 19.95
N ALA D 113 -11.00 44.04 19.72
CA ALA D 113 -11.20 45.16 20.63
C ALA D 113 -11.75 44.76 22.00
N THR D 114 -12.35 43.58 22.13
CA THR D 114 -12.94 43.22 23.41
C THR D 114 -12.14 42.28 24.29
N GLU D 115 -11.37 41.34 23.77
CA GLU D 115 -10.68 40.43 24.67
C GLU D 115 -9.17 40.58 24.62
N GLU D 116 -8.53 40.07 25.68
CA GLU D 116 -7.09 40.09 25.83
C GLU D 116 -6.46 39.00 24.98
N GLU D 117 -5.23 39.28 24.51
CA GLU D 117 -4.38 38.45 23.66
C GLU D 117 -5.20 37.55 22.73
N PRO D 118 -6.05 38.12 21.87
CA PRO D 118 -6.87 37.29 20.98
C PRO D 118 -6.00 36.47 20.04
N GLN D 119 -6.55 35.36 19.58
CA GLN D 119 -5.81 34.52 18.65
C GLN D 119 -6.05 35.10 17.27
N ASN D 120 -5.07 34.96 16.38
CA ASN D 120 -5.17 35.51 15.04
C ASN D 120 -5.84 34.54 14.05
N ASP D 121 -6.58 33.58 14.58
CA ASP D 121 -7.26 32.59 13.74
C ASP D 121 -8.24 33.23 12.76
N ASN D 122 -9.17 34.05 13.25
CA ASN D 122 -10.16 34.66 12.37
C ASN D 122 -9.52 35.56 11.32
N LEU D 123 -8.46 36.31 11.67
CA LEU D 123 -7.85 37.14 10.65
C LEU D 123 -7.18 36.29 9.58
N TYR D 124 -6.45 35.25 10.02
CA TYR D 124 -5.81 34.33 9.07
C TYR D 124 -6.83 33.73 8.13
N LEU D 125 -7.92 33.20 8.69
CA LEU D 125 -8.97 32.57 7.88
C LEU D 125 -9.66 33.58 6.96
N GLY D 126 -9.86 34.81 7.43
CA GLY D 126 -10.50 35.81 6.60
C GLY D 126 -9.68 36.14 5.37
N VAL D 127 -8.39 36.41 5.56
CA VAL D 127 -7.54 36.71 4.41
C VAL D 127 -7.41 35.48 3.52
N VAL D 128 -7.48 34.28 4.11
CA VAL D 128 -7.39 33.06 3.31
C VAL D 128 -8.61 32.95 2.40
N LEU D 129 -9.80 33.19 2.95
CA LEU D 129 -11.03 33.13 2.14
C LEU D 129 -10.97 34.17 1.03
N SER D 130 -10.47 35.37 1.35
CA SER D 130 -10.33 36.40 0.33
C SER D 130 -9.42 35.93 -0.79
N ALA D 131 -8.29 35.30 -0.43
CA ALA D 131 -7.36 34.78 -1.43
C ALA D 131 -8.00 33.67 -2.26
N VAL D 132 -8.86 32.85 -1.64
CA VAL D 132 -9.52 31.77 -2.37
C VAL D 132 -10.39 32.38 -3.47
N VAL D 133 -11.19 33.38 -3.10
CA VAL D 133 -12.07 34.02 -4.08
C VAL D 133 -11.25 34.70 -5.17
N ILE D 134 -10.20 35.42 -4.79
CA ILE D 134 -9.39 36.15 -5.77
C ILE D 134 -8.71 35.19 -6.74
N ILE D 135 -8.08 34.12 -6.22
CA ILE D 135 -7.39 33.18 -7.09
C ILE D 135 -8.36 32.46 -8.02
N THR D 136 -9.51 32.02 -7.50
CA THR D 136 -10.48 31.36 -8.37
C THR D 136 -10.99 32.34 -9.43
N GLY D 137 -11.21 33.59 -9.04
CA GLY D 137 -11.66 34.58 -10.00
C GLY D 137 -10.64 34.79 -11.10
N CYS D 138 -9.37 34.84 -10.72
CA CYS D 138 -8.32 35.04 -11.72
C CYS D 138 -8.22 33.84 -12.66
N PHE D 139 -8.38 32.62 -12.13
CA PHE D 139 -8.32 31.43 -12.97
C PHE D 139 -9.48 31.39 -13.97
N SER D 140 -10.71 31.55 -13.47
CA SER D 140 -11.88 31.55 -14.35
C SER D 140 -11.82 32.69 -15.35
N TYR D 141 -11.31 33.84 -14.92
CA TYR D 141 -11.18 34.98 -15.81
C TYR D 141 -10.16 34.67 -16.91
N TYR D 142 -9.06 34.02 -16.56
CA TYR D 142 -8.06 33.69 -17.56
C TYR D 142 -8.62 32.71 -18.59
N GLN D 143 -9.47 31.78 -18.16
CA GLN D 143 -10.04 30.83 -19.11
C GLN D 143 -11.04 31.51 -20.05
N GLU D 144 -11.98 32.28 -19.50
CA GLU D 144 -12.95 32.99 -20.35
C GLU D 144 -12.24 33.99 -21.26
N ALA D 145 -11.20 34.66 -20.75
CA ALA D 145 -10.46 35.61 -21.56
C ALA D 145 -9.70 34.89 -22.68
N LYS D 146 -9.20 33.67 -22.41
CA LYS D 146 -8.53 32.91 -23.45
C LYS D 146 -9.52 32.57 -24.57
N SER D 147 -10.75 32.22 -24.18
CA SER D 147 -11.77 31.91 -25.16
C SER D 147 -12.07 33.14 -26.02
N SER D 148 -12.23 34.30 -25.38
CA SER D 148 -12.49 35.52 -26.14
C SER D 148 -11.30 35.89 -27.01
N LYS D 149 -10.08 35.58 -26.57
CA LYS D 149 -8.89 35.89 -27.36
C LYS D 149 -8.87 35.09 -28.64
N ILE D 150 -9.05 33.77 -28.55
CA ILE D 150 -9.06 32.97 -29.78
C ILE D 150 -10.28 33.32 -30.63
N MET D 151 -11.36 33.83 -30.01
CA MET D 151 -12.52 34.23 -30.80
C MET D 151 -12.25 35.52 -31.59
N GLU D 152 -11.44 36.43 -31.05
CA GLU D 152 -11.14 37.66 -31.78
C GLU D 152 -10.31 37.40 -33.03
N SER D 153 -9.57 36.28 -33.09
CA SER D 153 -8.75 35.92 -34.22
C SER D 153 -9.54 35.44 -35.43
N PHE D 154 -10.86 35.44 -35.35
CA PHE D 154 -11.72 35.00 -36.44
C PHE D 154 -12.36 36.19 -37.17
N LYS D 155 -12.05 37.41 -36.73
CA LYS D 155 -12.59 38.66 -37.29
C LYS D 155 -11.69 39.18 -38.42
N ASN D 156 -12.22 39.16 -39.64
CA ASN D 156 -11.52 39.64 -40.84
C ASN D 156 -12.36 40.70 -41.58
N MET D 157 -12.75 41.77 -40.90
CA MET D 157 -13.58 42.82 -41.50
C MET D 157 -12.83 43.57 -42.59
N VAL D 158 -13.12 43.23 -43.84
CA VAL D 158 -12.49 43.86 -45.01
C VAL D 158 -13.42 44.95 -45.54
N PRO D 159 -12.94 46.19 -45.74
CA PRO D 159 -13.81 47.24 -46.26
C PRO D 159 -14.29 46.91 -47.66
N GLN D 160 -15.54 47.25 -47.94
CA GLN D 160 -16.16 46.99 -49.24
C GLN D 160 -16.83 48.27 -49.73
N GLN D 161 -16.42 48.73 -50.91
CA GLN D 161 -16.98 49.94 -51.49
C GLN D 161 -18.15 49.57 -52.41
N ALA D 162 -19.15 50.44 -52.43
CA ALA D 162 -20.37 50.28 -53.20
C ALA D 162 -20.36 51.13 -54.46
N LEU D 163 -21.14 50.68 -55.45
CA LEU D 163 -21.29 51.33 -56.73
C LEU D 163 -22.59 52.15 -56.71
N VAL D 164 -22.45 53.47 -56.69
CA VAL D 164 -23.59 54.37 -56.62
C VAL D 164 -23.64 55.24 -57.88
N ILE D 165 -24.84 55.49 -58.37
CA ILE D 165 -25.06 56.35 -59.53
C ILE D 165 -25.63 57.64 -58.97
N ARG D 166 -24.87 58.73 -59.08
CA ARG D 166 -25.32 60.02 -58.59
C ARG D 166 -25.05 61.07 -59.64
N ASN D 167 -26.01 61.97 -59.82
CA ASN D 167 -25.99 63.05 -60.80
C ASN D 167 -25.88 62.50 -62.23
N GLY D 168 -26.09 61.19 -62.40
CA GLY D 168 -25.99 60.53 -63.67
C GLY D 168 -24.65 59.91 -63.94
N GLU D 169 -23.77 59.80 -62.95
CA GLU D 169 -22.44 59.24 -63.12
C GLU D 169 -22.21 58.06 -62.16
N LYS D 170 -21.42 57.11 -62.64
CA LYS D 170 -21.08 55.90 -61.89
C LYS D 170 -19.85 56.18 -61.01
N MET D 171 -20.04 56.15 -59.69
CA MET D 171 -18.97 56.41 -58.74
C MET D 171 -18.93 55.29 -57.71
N SER D 172 -17.72 54.83 -57.38
CA SER D 172 -17.54 53.77 -56.39
C SER D 172 -17.04 54.44 -55.12
N ILE D 173 -17.89 54.45 -54.09
CA ILE D 173 -17.58 55.10 -52.83
C ILE D 173 -17.70 54.09 -51.70
N ASN D 174 -17.16 54.47 -50.54
CA ASN D 174 -17.23 53.60 -49.37
C ASN D 174 -18.69 53.33 -49.01
N ALA D 175 -18.95 52.12 -48.49
CA ALA D 175 -20.31 51.73 -48.14
C ALA D 175 -20.92 52.67 -47.10
N GLU D 176 -20.12 53.17 -46.17
CA GLU D 176 -20.64 54.08 -45.17
C GLU D 176 -21.07 55.41 -45.78
N GLU D 177 -20.45 55.78 -46.91
CA GLU D 177 -20.74 57.03 -47.59
C GLU D 177 -22.03 56.97 -48.40
N VAL D 178 -22.77 55.86 -48.36
CA VAL D 178 -24.03 55.71 -49.08
C VAL D 178 -25.13 56.24 -48.18
N VAL D 179 -26.16 56.82 -48.79
CA VAL D 179 -27.27 57.41 -48.05
C VAL D 179 -28.59 56.84 -48.52
N VAL D 180 -29.68 57.41 -48.04
CA VAL D 180 -31.01 56.95 -48.42
C VAL D 180 -31.41 57.60 -49.73
N GLY D 181 -32.27 56.91 -50.47
CA GLY D 181 -32.78 57.40 -51.73
C GLY D 181 -31.82 57.79 -52.82
N ASP D 182 -30.93 56.88 -53.23
CA ASP D 182 -29.99 57.14 -54.31
C ASP D 182 -29.80 55.83 -55.05
N LEU D 183 -29.69 55.93 -56.38
CA LEU D 183 -29.56 54.74 -57.21
C LEU D 183 -28.28 53.98 -56.92
N VAL D 184 -28.40 52.65 -56.86
CA VAL D 184 -27.29 51.75 -56.58
C VAL D 184 -27.35 50.59 -57.57
N GLU D 185 -26.20 50.29 -58.19
CA GLU D 185 -26.07 49.19 -59.15
C GLU D 185 -25.19 48.12 -58.52
N VAL D 186 -25.50 46.86 -58.79
CA VAL D 186 -24.71 45.75 -58.24
C VAL D 186 -24.30 44.82 -59.38
N LYS D 187 -23.07 44.31 -59.27
CA LYS D 187 -22.50 43.39 -60.24
C LYS D 187 -22.40 42.02 -59.59
N GLY D 188 -22.44 40.97 -60.42
CA GLY D 188 -22.35 39.62 -59.89
C GLY D 188 -21.07 39.42 -59.11
N GLY D 189 -21.21 39.36 -57.79
CA GLY D 189 -20.08 39.20 -56.89
C GLY D 189 -20.10 40.25 -55.80
N ASP D 190 -20.64 41.43 -56.12
CA ASP D 190 -20.72 42.51 -55.14
C ASP D 190 -21.72 42.20 -54.04
N ARG D 191 -21.39 42.63 -52.82
CA ARG D 191 -22.27 42.44 -51.68
C ARG D 191 -23.21 43.65 -51.60
N ILE D 192 -24.49 43.40 -51.41
CA ILE D 192 -25.49 44.47 -51.33
C ILE D 192 -25.18 45.36 -50.13
N PRO D 193 -24.93 46.67 -50.33
CA PRO D 193 -24.59 47.54 -49.20
C PRO D 193 -25.70 47.74 -48.17
N ALA D 194 -26.72 48.49 -48.56
CA ALA D 194 -27.87 48.78 -47.72
C ALA D 194 -29.08 48.00 -48.24
N ASP D 195 -30.25 48.31 -47.70
CA ASP D 195 -31.48 47.66 -48.14
C ASP D 195 -32.03 48.48 -49.31
N LEU D 196 -32.04 47.89 -50.49
CA LEU D 196 -32.49 48.56 -51.69
C LEU D 196 -33.89 48.12 -52.12
N ARG D 197 -34.44 48.88 -53.06
CA ARG D 197 -35.73 48.65 -53.69
C ARG D 197 -35.38 48.52 -55.16
N ILE D 198 -35.40 47.28 -55.66
CA ILE D 198 -35.03 47.01 -57.04
C ILE D 198 -35.94 47.74 -58.01
N ILE D 199 -35.32 48.40 -58.99
CA ILE D 199 -36.09 49.13 -60.00
C ILE D 199 -35.83 48.59 -61.40
N SER D 200 -34.68 47.97 -61.65
CA SER D 200 -34.38 47.42 -62.97
C SER D 200 -33.33 46.34 -62.79
N ALA D 201 -33.71 45.09 -63.02
CA ALA D 201 -32.84 43.94 -62.88
C ALA D 201 -32.65 43.23 -64.21
N ASN D 202 -31.58 42.43 -64.26
CA ASN D 202 -31.25 41.66 -65.47
C ASN D 202 -30.56 40.38 -64.99
N GLY D 203 -31.34 39.30 -64.90
CA GLY D 203 -30.80 38.02 -64.44
C GLY D 203 -30.17 38.11 -63.08
N CYS D 204 -30.66 39.00 -62.23
CA CYS D 204 -30.09 39.21 -60.90
C CYS D 204 -30.57 38.15 -59.93
N LYS D 205 -29.62 37.45 -59.32
CA LYS D 205 -29.91 36.44 -58.31
C LYS D 205 -29.08 36.80 -57.09
N VAL D 206 -29.74 37.07 -55.98
CA VAL D 206 -29.06 37.43 -54.74
C VAL D 206 -29.16 36.24 -53.79
N ASP D 207 -28.27 36.23 -52.81
CA ASP D 207 -28.20 35.16 -51.81
C ASP D 207 -28.69 35.68 -50.47
N ASN D 208 -29.96 35.38 -50.15
CA ASN D 208 -30.57 35.77 -48.89
C ASN D 208 -30.40 34.69 -47.84
N SER D 209 -29.30 33.93 -47.92
CA SER D 209 -29.04 32.83 -46.99
C SER D 209 -28.75 33.34 -45.59
N SER D 210 -27.84 34.31 -45.46
CA SER D 210 -27.47 34.81 -44.14
C SER D 210 -28.60 35.59 -43.48
N LEU D 211 -29.52 36.19 -44.24
CA LEU D 211 -30.56 36.93 -43.56
C LEU D 211 -31.87 36.18 -43.36
N THR D 212 -32.64 35.98 -44.43
CA THR D 212 -33.91 35.29 -44.25
C THR D 212 -33.74 33.77 -44.28
N GLY D 213 -32.56 33.28 -44.62
CA GLY D 213 -32.33 31.85 -44.63
C GLY D 213 -32.81 31.11 -45.87
N GLU D 214 -32.96 31.81 -46.98
CA GLU D 214 -33.39 31.17 -48.22
C GLU D 214 -32.17 30.51 -48.84
N SER D 215 -32.17 29.17 -48.92
CA SER D 215 -31.05 28.40 -49.42
C SER D 215 -30.61 28.70 -50.84
N GLU D 216 -31.43 28.34 -51.82
CA GLU D 216 -31.10 28.59 -53.22
C GLU D 216 -31.05 30.09 -53.50
N PRO D 217 -30.18 30.53 -54.43
CA PRO D 217 -30.08 31.97 -54.70
C PRO D 217 -31.38 32.53 -55.26
N GLN D 218 -32.08 33.30 -54.43
CA GLN D 218 -33.35 33.86 -54.83
C GLN D 218 -33.14 34.99 -55.83
N THR D 219 -33.89 34.95 -56.92
CA THR D 219 -33.74 36.00 -57.91
C THR D 219 -34.42 37.29 -57.42
N ARG D 220 -33.98 38.40 -57.97
CA ARG D 220 -34.50 39.72 -57.64
C ARG D 220 -35.16 40.30 -58.89
N SER D 221 -36.48 40.41 -58.86
CA SER D 221 -37.29 40.94 -59.93
C SER D 221 -37.79 42.31 -59.50
N PRO D 222 -37.74 43.33 -60.36
CA PRO D 222 -38.22 44.66 -59.96
C PRO D 222 -39.70 44.71 -59.63
N ASP D 223 -40.49 43.75 -60.12
CA ASP D 223 -41.92 43.72 -59.89
C ASP D 223 -42.26 43.20 -58.50
N PHE D 224 -43.32 43.75 -57.92
CA PHE D 224 -43.80 43.34 -56.60
C PHE D 224 -44.40 41.95 -56.70
N THR D 225 -43.97 41.02 -55.84
CA THR D 225 -44.46 39.64 -55.86
C THR D 225 -45.25 39.24 -54.63
N ASN D 226 -44.68 39.36 -53.43
CA ASN D 226 -45.34 38.95 -52.20
C ASN D 226 -45.49 40.13 -51.24
N GLU D 227 -46.56 40.08 -50.43
CA GLU D 227 -46.82 41.12 -49.44
C GLU D 227 -45.72 41.20 -48.39
N ASN D 228 -45.05 40.09 -48.12
CA ASN D 228 -43.98 40.04 -47.14
C ASN D 228 -42.70 40.64 -47.72
N PRO D 229 -42.11 41.66 -47.09
CA PRO D 229 -40.88 42.25 -47.64
C PRO D 229 -39.70 41.30 -47.71
N LEU D 230 -39.78 40.15 -47.06
CA LEU D 230 -38.68 39.18 -47.12
C LEU D 230 -38.84 38.27 -48.32
N GLU D 231 -40.08 37.85 -48.60
CA GLU D 231 -40.38 36.97 -49.72
C GLU D 231 -40.43 37.68 -51.06
N THR D 232 -40.57 39.00 -51.10
CA THR D 232 -40.64 39.70 -52.37
C THR D 232 -39.29 39.67 -53.10
N ARG D 233 -39.33 40.10 -54.36
CA ARG D 233 -38.14 40.11 -55.21
C ARG D 233 -37.65 41.50 -55.57
N ASN D 234 -38.38 42.56 -55.23
CA ASN D 234 -37.96 43.91 -55.56
C ASN D 234 -37.18 44.57 -54.42
N ILE D 235 -36.55 43.78 -53.56
CA ILE D 235 -35.81 44.31 -52.42
C ILE D 235 -34.49 43.56 -52.25
N ALA D 236 -33.39 44.31 -52.22
CA ALA D 236 -32.06 43.79 -51.95
C ALA D 236 -31.84 44.00 -50.45
N PHE D 237 -31.03 43.15 -49.83
CA PHE D 237 -30.86 43.23 -48.39
C PHE D 237 -29.43 43.41 -47.92
N PHE D 238 -29.29 44.02 -46.74
CA PHE D 238 -27.98 44.22 -46.14
C PHE D 238 -27.35 42.87 -45.85
N SER D 239 -26.04 42.77 -46.08
CA SER D 239 -25.20 41.59 -45.87
C SER D 239 -25.52 40.46 -46.83
N THR D 240 -26.37 40.68 -47.84
CA THR D 240 -26.67 39.66 -48.83
C THR D 240 -25.80 39.96 -50.05
N ASN D 241 -25.37 38.90 -50.72
CA ASN D 241 -24.48 39.03 -51.86
C ASN D 241 -25.15 38.69 -53.18
N CYS D 242 -24.91 39.53 -54.19
CA CYS D 242 -25.43 39.30 -55.53
C CYS D 242 -24.65 38.14 -56.15
N VAL D 243 -25.30 37.00 -56.32
CA VAL D 243 -24.63 35.82 -56.86
C VAL D 243 -24.29 36.01 -58.33
N GLU D 244 -25.28 36.40 -59.14
CA GLU D 244 -25.09 36.57 -60.56
C GLU D 244 -26.03 37.65 -61.09
N GLY D 245 -25.75 38.10 -62.31
CA GLY D 245 -26.55 39.13 -62.94
C GLY D 245 -26.27 40.50 -62.34
N THR D 246 -27.06 41.47 -62.79
CA THR D 246 -26.93 42.84 -62.32
C THR D 246 -28.31 43.44 -62.11
N ALA D 247 -28.33 44.45 -61.24
CA ALA D 247 -29.61 45.10 -60.95
C ALA D 247 -29.38 46.50 -60.38
N ARG D 248 -30.42 47.31 -60.45
CA ARG D 248 -30.45 48.68 -59.95
C ARG D 248 -31.48 48.77 -58.83
N GLY D 249 -31.30 49.77 -57.98
CA GLY D 249 -32.24 49.93 -56.88
C GLY D 249 -32.05 51.19 -56.04
N ILE D 250 -33.15 51.70 -55.49
CA ILE D 250 -33.11 52.90 -54.65
C ILE D 250 -32.96 52.47 -53.19
N VAL D 251 -32.02 53.10 -52.48
CA VAL D 251 -31.79 52.76 -51.08
C VAL D 251 -32.99 53.20 -50.24
N VAL D 252 -33.59 52.26 -49.53
CA VAL D 252 -34.74 52.55 -48.67
C VAL D 252 -34.33 52.63 -47.20
N TYR D 253 -33.56 51.64 -46.73
CA TYR D 253 -33.12 51.60 -45.35
C TYR D 253 -31.59 51.63 -45.29
N THR D 254 -31.06 52.42 -44.36
CA THR D 254 -29.63 52.61 -44.19
C THR D 254 -29.21 52.43 -42.74
N GLY D 255 -27.95 52.04 -42.56
CA GLY D 255 -27.38 51.87 -41.23
C GLY D 255 -28.14 50.90 -40.35
N ASP D 256 -28.39 51.34 -39.11
CA ASP D 256 -29.08 50.52 -38.13
C ASP D 256 -30.55 50.30 -38.47
N ARG D 257 -31.13 51.16 -39.31
CA ARG D 257 -32.52 51.03 -39.71
C ARG D 257 -32.73 49.91 -40.72
N THR D 258 -31.67 49.21 -41.10
CA THR D 258 -31.76 48.12 -42.06
C THR D 258 -32.41 46.90 -41.42
N VAL D 259 -32.64 45.87 -42.23
CA VAL D 259 -33.25 44.64 -41.74
C VAL D 259 -32.31 43.95 -40.77
N MET D 260 -31.14 43.52 -41.27
CA MET D 260 -30.17 42.86 -40.40
C MET D 260 -29.68 43.80 -39.32
N GLY D 261 -29.81 45.11 -39.51
CA GLY D 261 -29.41 46.04 -38.48
C GLY D 261 -30.36 45.97 -37.30
N ARG D 262 -31.67 45.97 -37.58
CA ARG D 262 -32.68 45.83 -36.54
C ARG D 262 -32.63 44.44 -35.93
N ILE D 263 -31.99 43.49 -36.61
CA ILE D 263 -31.83 42.15 -36.03
C ILE D 263 -30.65 42.12 -35.07
N ALA D 264 -29.52 42.71 -35.48
CA ALA D 264 -28.33 42.75 -34.64
C ALA D 264 -28.57 43.57 -33.38
N THR D 265 -29.21 44.75 -33.54
CA THR D 265 -29.50 45.59 -32.40
C THR D 265 -30.42 44.86 -31.44
N LEU D 266 -31.31 43.99 -31.97
CA LEU D 266 -32.15 43.20 -31.09
C LEU D 266 -31.34 42.17 -30.33
N ALA D 267 -30.38 41.52 -31.02
CA ALA D 267 -29.54 40.53 -30.37
C ALA D 267 -28.73 41.13 -29.23
N SER D 268 -28.23 42.36 -29.43
CA SER D 268 -27.45 42.99 -28.36
C SER D 268 -28.33 43.43 -27.19
N GLY D 269 -29.60 43.73 -27.45
CA GLY D 269 -30.52 44.19 -26.44
C GLY D 269 -31.31 43.13 -25.70
N LEU D 270 -31.03 41.85 -25.93
CA LEU D 270 -31.75 40.78 -25.25
C LEU D 270 -31.02 40.35 -23.98
N GLU D 271 -31.75 39.67 -23.11
CA GLU D 271 -31.21 39.19 -21.85
C GLU D 271 -30.61 37.80 -22.03
N GLY D 272 -29.52 37.55 -21.30
CA GLY D 272 -28.85 36.26 -21.39
C GLY D 272 -29.52 35.18 -20.58
N GLY D 273 -30.16 35.55 -19.48
CA GLY D 273 -30.84 34.57 -18.64
C GLY D 273 -29.94 34.00 -17.58
N GLN D 274 -30.44 32.94 -16.94
CA GLN D 274 -29.73 32.23 -15.89
C GLN D 274 -29.46 30.80 -16.34
N THR D 275 -28.18 30.43 -16.42
CA THR D 275 -27.81 29.09 -16.84
C THR D 275 -28.31 28.07 -15.82
N PRO D 276 -28.62 26.84 -16.26
CA PRO D 276 -29.13 25.84 -15.31
C PRO D 276 -28.13 25.44 -14.25
N ILE D 277 -26.85 25.32 -14.63
CA ILE D 277 -25.82 24.94 -13.68
C ILE D 277 -25.65 26.00 -12.60
N ALA D 278 -25.70 27.28 -13.00
CA ALA D 278 -25.61 28.35 -12.01
C ALA D 278 -26.80 28.33 -11.08
N ALA D 279 -27.98 27.97 -11.61
CA ALA D 279 -29.17 27.87 -10.77
C ALA D 279 -29.00 26.75 -9.76
N GLU D 280 -28.36 25.65 -10.18
CA GLU D 280 -28.12 24.56 -9.25
C GLU D 280 -27.14 25.00 -8.18
N ILE D 281 -26.15 25.83 -8.55
CA ILE D 281 -25.21 26.35 -7.57
C ILE D 281 -25.97 27.21 -6.56
N GLU D 282 -26.94 27.98 -7.04
CA GLU D 282 -27.75 28.81 -6.15
C GLU D 282 -28.53 27.96 -5.16
N HIS D 283 -29.18 26.91 -5.66
CA HIS D 283 -29.95 26.02 -4.77
C HIS D 283 -29.02 25.33 -3.77
N PHE D 284 -27.83 24.97 -4.22
CA PHE D 284 -26.85 24.35 -3.34
C PHE D 284 -26.48 25.31 -2.22
N ILE D 285 -26.26 26.58 -2.56
CA ILE D 285 -25.94 27.58 -1.55
C ILE D 285 -27.10 27.75 -0.59
N HIS D 286 -28.33 27.65 -1.10
CA HIS D 286 -29.50 27.77 -0.23
C HIS D 286 -29.48 26.68 0.85
N ILE D 287 -29.16 25.45 0.45
CA ILE D 287 -29.11 24.36 1.44
C ILE D 287 -27.95 24.54 2.41
N ILE D 288 -26.77 24.90 1.89
CA ILE D 288 -25.59 25.07 2.74
C ILE D 288 -25.81 26.16 3.77
N THR D 289 -26.21 27.35 3.32
CA THR D 289 -26.46 28.45 4.25
C THR D 289 -27.65 28.16 5.15
N GLY D 290 -28.61 27.36 4.68
CA GLY D 290 -29.74 27.02 5.53
C GLY D 290 -29.30 26.24 6.75
N VAL D 291 -28.54 25.16 6.52
CA VAL D 291 -28.08 24.39 7.66
C VAL D 291 -27.04 25.17 8.47
N ALA D 292 -26.30 26.08 7.82
CA ALA D 292 -25.30 26.86 8.54
C ALA D 292 -25.99 27.78 9.55
N VAL D 293 -27.04 28.48 9.12
CA VAL D 293 -27.73 29.37 10.04
C VAL D 293 -28.54 28.57 11.05
N PHE D 294 -29.00 27.36 10.68
CA PHE D 294 -29.75 26.57 11.66
C PHE D 294 -28.84 26.16 12.81
N LEU D 295 -27.68 25.57 12.50
CA LEU D 295 -26.77 25.17 13.57
C LEU D 295 -26.23 26.38 14.31
N GLY D 296 -25.90 27.46 13.58
CA GLY D 296 -25.39 28.64 14.25
C GLY D 296 -26.37 29.25 15.22
N VAL D 297 -27.63 29.41 14.81
CA VAL D 297 -28.63 30.01 15.70
C VAL D 297 -28.96 29.09 16.86
N SER D 298 -29.27 27.81 16.57
CA SER D 298 -29.63 26.90 17.64
C SER D 298 -28.49 26.72 18.64
N PHE D 299 -27.24 26.64 18.16
CA PHE D 299 -26.12 26.50 19.06
C PHE D 299 -25.82 27.81 19.77
N PHE D 300 -26.15 28.96 19.15
CA PHE D 300 -25.97 30.24 19.81
C PHE D 300 -26.91 30.33 21.00
N ILE D 301 -28.15 29.91 20.79
CA ILE D 301 -29.14 29.89 21.85
C ILE D 301 -28.70 28.93 22.94
N LEU D 302 -28.21 27.75 22.56
CA LEU D 302 -27.74 26.78 23.54
C LEU D 302 -26.55 27.31 24.34
N SER D 303 -25.61 27.99 23.65
CA SER D 303 -24.44 28.54 24.34
C SER D 303 -24.85 29.59 25.34
N LEU D 304 -25.81 30.44 24.98
CA LEU D 304 -26.26 31.44 25.94
C LEU D 304 -26.99 30.76 27.10
N ILE D 305 -27.69 29.65 26.81
CA ILE D 305 -28.36 28.91 27.86
C ILE D 305 -27.35 28.36 28.85
N LEU D 306 -26.19 27.92 28.34
CA LEU D 306 -25.22 27.39 29.30
C LEU D 306 -24.60 28.43 30.21
N GLU D 307 -23.55 29.11 29.75
CA GLU D 307 -22.89 30.10 30.60
C GLU D 307 -22.22 31.23 29.84
N TYR D 308 -21.82 30.95 28.61
CA TYR D 308 -21.06 31.89 27.81
C TYR D 308 -21.79 33.21 27.60
N THR D 309 -21.08 34.31 27.83
CA THR D 309 -21.63 35.65 27.69
C THR D 309 -21.93 35.95 26.22
N TRP D 310 -22.63 37.08 26.02
CA TRP D 310 -22.99 37.49 24.66
C TRP D 310 -21.74 37.69 23.81
N LEU D 311 -20.66 38.20 24.41
CA LEU D 311 -19.40 38.39 23.70
C LEU D 311 -18.91 37.10 23.07
N GLU D 312 -18.88 36.03 23.88
CA GLU D 312 -18.42 34.74 23.38
C GLU D 312 -19.47 34.05 22.53
N ALA D 313 -20.75 34.21 22.87
CA ALA D 313 -21.81 33.56 22.11
C ALA D 313 -21.86 34.09 20.67
N VAL D 314 -21.60 35.38 20.48
CA VAL D 314 -21.59 35.93 19.12
C VAL D 314 -20.49 35.26 18.32
N ILE D 315 -19.33 35.07 18.94
CA ILE D 315 -18.21 34.41 18.27
C ILE D 315 -18.58 32.97 17.95
N PHE D 316 -19.35 32.32 18.83
CA PHE D 316 -19.76 30.94 18.55
C PHE D 316 -20.71 30.89 17.37
N LEU D 317 -21.64 31.84 17.28
CA LEU D 317 -22.58 31.90 16.18
C LEU D 317 -21.83 32.06 14.86
N ILE D 318 -21.00 33.10 14.79
CA ILE D 318 -20.22 33.36 13.58
C ILE D 318 -19.32 32.17 13.25
N GLY D 319 -18.78 31.52 14.29
CA GLY D 319 -17.90 30.38 14.06
C GLY D 319 -18.61 29.18 13.46
N ILE D 320 -19.75 28.81 14.03
CA ILE D 320 -20.48 27.66 13.52
C ILE D 320 -21.01 27.93 12.12
N ILE D 321 -21.36 29.18 11.81
CA ILE D 321 -21.85 29.47 10.47
C ILE D 321 -20.70 29.46 9.46
N VAL D 322 -19.61 30.15 9.78
CA VAL D 322 -18.46 30.24 8.87
C VAL D 322 -17.84 28.87 8.63
N ALA D 323 -17.68 28.06 9.67
CA ALA D 323 -17.09 26.73 9.49
C ALA D 323 -17.95 25.84 8.59
N ASN D 324 -19.22 26.18 8.41
CA ASN D 324 -20.12 25.40 7.58
C ASN D 324 -20.11 25.85 6.12
N VAL D 325 -19.14 26.65 5.71
CA VAL D 325 -19.04 27.15 4.35
C VAL D 325 -17.89 26.42 3.67
N PRO D 326 -18.15 25.61 2.63
CA PRO D 326 -17.04 24.90 1.96
C PRO D 326 -16.14 25.87 1.21
N GLU D 327 -15.00 26.16 1.82
CA GLU D 327 -14.05 27.10 1.25
C GLU D 327 -13.40 26.55 -0.01
N GLY D 328 -12.98 25.28 0.03
CA GLY D 328 -12.33 24.66 -1.10
C GLY D 328 -13.22 24.21 -2.22
N LEU D 329 -14.54 24.16 -2.01
CA LEU D 329 -15.42 23.71 -3.08
C LEU D 329 -15.49 24.68 -4.26
N LEU D 330 -15.16 25.95 -4.04
CA LEU D 330 -15.19 26.93 -5.13
C LEU D 330 -14.17 26.56 -6.21
N ALA D 331 -12.91 26.39 -5.80
CA ALA D 331 -11.86 26.04 -6.75
C ALA D 331 -12.08 24.65 -7.34
N THR D 332 -12.52 23.69 -6.54
CA THR D 332 -12.73 22.35 -7.06
C THR D 332 -13.81 22.34 -8.14
N VAL D 333 -14.94 23.03 -7.90
CA VAL D 333 -16.00 23.08 -8.91
C VAL D 333 -15.51 23.81 -10.16
N THR D 334 -14.76 24.91 -9.96
CA THR D 334 -14.23 25.66 -11.10
C THR D 334 -13.32 24.77 -11.95
N VAL D 335 -12.43 24.02 -11.29
CA VAL D 335 -11.54 23.13 -12.01
C VAL D 335 -12.32 22.04 -12.72
N CYS D 336 -13.38 21.52 -12.09
CA CYS D 336 -14.21 20.50 -12.73
C CYS D 336 -14.78 21.01 -14.05
N LEU D 337 -15.44 22.18 -13.98
CA LEU D 337 -16.01 22.79 -15.19
C LEU D 337 -14.94 23.05 -16.22
N THR D 338 -13.79 23.58 -15.80
CA THR D 338 -12.70 23.85 -16.73
C THR D 338 -12.17 22.58 -17.37
N LEU D 339 -12.11 21.48 -16.62
CA LEU D 339 -11.64 20.21 -17.18
C LEU D 339 -12.53 19.77 -18.32
N THR D 340 -13.84 19.75 -18.08
CA THR D 340 -14.75 19.36 -19.15
C THR D 340 -14.66 20.35 -20.32
N ALA D 341 -14.48 21.64 -20.02
CA ALA D 341 -14.35 22.64 -21.08
C ALA D 341 -13.08 22.39 -21.88
N LYS D 342 -12.01 21.88 -21.23
CA LYS D 342 -10.79 21.56 -21.94
C LYS D 342 -11.06 20.48 -22.97
N ARG D 343 -11.82 19.45 -22.55
CA ARG D 343 -12.18 18.41 -23.52
C ARG D 343 -13.00 19.00 -24.66
N MET D 344 -13.84 19.99 -24.36
CA MET D 344 -14.62 20.64 -25.40
C MET D 344 -13.70 21.34 -26.40
N ALA D 345 -12.65 21.99 -25.90
CA ALA D 345 -11.71 22.68 -26.78
C ALA D 345 -10.89 21.70 -27.60
N ARG D 346 -10.70 20.47 -27.11
CA ARG D 346 -9.94 19.48 -27.87
C ARG D 346 -10.68 19.05 -29.13
N LYS D 347 -12.01 18.98 -29.07
CA LYS D 347 -12.83 18.59 -30.21
C LYS D 347 -13.34 19.78 -31.02
N ASN D 348 -12.63 20.91 -30.96
CA ASN D 348 -12.99 22.14 -31.68
C ASN D 348 -14.39 22.60 -31.34
N CYS D 349 -14.75 22.48 -30.07
CA CYS D 349 -16.05 22.90 -29.55
C CYS D 349 -15.76 23.92 -28.45
N LEU D 350 -15.54 25.16 -28.87
CA LEU D 350 -15.21 26.24 -27.94
C LEU D 350 -16.42 26.72 -27.16
N VAL D 351 -16.17 27.12 -25.92
CA VAL D 351 -17.21 27.64 -25.04
C VAL D 351 -16.74 28.98 -24.50
N LYS D 352 -17.51 30.04 -24.78
CA LYS D 352 -17.14 31.36 -24.24
C LYS D 352 -17.50 31.48 -22.77
N ASN D 353 -18.45 30.68 -22.30
CA ASN D 353 -18.90 30.67 -20.91
C ASN D 353 -18.42 29.39 -20.24
N LEU D 354 -17.78 29.54 -19.08
CA LEU D 354 -17.23 28.40 -18.36
C LEU D 354 -18.29 27.43 -17.87
N GLU D 355 -19.54 27.88 -17.69
CA GLU D 355 -20.60 26.99 -17.22
C GLU D 355 -21.51 26.51 -18.34
N ALA D 356 -21.44 27.13 -19.52
CA ALA D 356 -22.26 26.70 -20.64
C ALA D 356 -21.88 25.31 -21.13
N VAL D 357 -20.77 24.76 -20.63
CA VAL D 357 -20.38 23.41 -21.02
C VAL D 357 -21.41 22.42 -20.50
N GLU D 358 -22.09 22.75 -19.40
CA GLU D 358 -23.08 21.84 -18.84
C GLU D 358 -24.46 21.97 -19.47
N THR D 359 -24.83 23.16 -19.94
CA THR D 359 -26.17 23.42 -20.46
C THR D 359 -26.66 22.39 -21.48
N LEU D 360 -25.76 21.78 -22.26
CA LEU D 360 -26.22 20.77 -23.23
C LEU D 360 -26.80 19.56 -22.51
N GLY D 361 -26.18 19.14 -21.41
CA GLY D 361 -26.67 17.97 -20.68
C GLY D 361 -28.08 18.15 -20.17
N SER D 362 -28.45 19.37 -19.79
CA SER D 362 -29.79 19.66 -19.30
C SER D 362 -30.78 19.93 -20.42
N THR D 363 -30.31 20.07 -21.66
CA THR D 363 -31.17 20.38 -22.78
C THR D 363 -32.16 19.25 -23.11
N SER D 364 -33.40 19.65 -23.40
CA SER D 364 -34.47 18.72 -23.78
C SER D 364 -35.17 19.12 -25.07
N THR D 365 -34.84 20.28 -25.65
CA THR D 365 -35.48 20.76 -26.88
C THR D 365 -34.45 21.54 -27.68
N ILE D 366 -34.16 21.09 -28.89
CA ILE D 366 -33.18 21.74 -29.76
C ILE D 366 -33.91 22.44 -30.90
N CYS D 367 -33.66 23.74 -31.03
CA CYS D 367 -34.23 24.54 -32.13
C CYS D 367 -33.07 24.73 -33.09
N SER D 368 -33.10 23.98 -34.19
CA SER D 368 -32.04 24.06 -35.17
C SER D 368 -32.40 24.94 -36.35
N LYS D 370 -31.99 25.51 -40.54
CA LYS D 370 -31.79 24.66 -41.72
C LYS D 370 -30.60 25.09 -42.57
N THR D 371 -30.73 26.24 -43.21
CA THR D 371 -29.69 26.74 -44.09
C THR D 371 -28.46 27.16 -43.30
N GLY D 372 -27.34 26.48 -43.55
CA GLY D 372 -26.10 26.80 -42.88
C GLY D 372 -25.74 25.92 -41.71
N THR D 373 -26.72 25.60 -40.86
CA THR D 373 -26.47 24.75 -39.69
C THR D 373 -26.65 23.28 -40.04
N LEU D 374 -27.88 22.88 -40.35
CA LEU D 374 -28.12 21.50 -40.73
C LEU D 374 -27.55 21.24 -42.12
N THR D 375 -27.92 22.08 -43.08
CA THR D 375 -27.44 21.94 -44.45
C THR D 375 -26.08 22.60 -44.60
N GLN D 376 -25.39 22.24 -45.68
CA GLN D 376 -24.09 22.81 -45.96
C GLN D 376 -24.19 24.19 -46.61
N ASN D 377 -25.40 24.61 -47.00
CA ASN D 377 -25.67 25.89 -47.66
C ASN D 377 -24.76 26.04 -48.89
N ARG D 378 -24.92 25.08 -49.79
CA ARG D 378 -24.13 25.05 -51.02
C ARG D 378 -24.84 24.12 -51.98
N MET D 379 -25.17 24.63 -53.16
CA MET D 379 -25.88 23.82 -54.15
C MET D 379 -25.00 22.64 -54.55
N THR D 380 -25.54 21.43 -54.44
CA THR D 380 -24.78 20.24 -54.77
C THR D 380 -25.65 19.29 -55.58
N VAL D 381 -25.01 18.59 -56.52
CA VAL D 381 -25.70 17.63 -57.38
C VAL D 381 -26.32 16.55 -56.52
N ALA D 382 -27.65 16.47 -56.55
CA ALA D 382 -28.36 15.48 -55.73
C ALA D 382 -28.58 14.17 -56.48
N HIS D 383 -29.39 14.20 -57.53
CA HIS D 383 -29.72 12.99 -58.28
C HIS D 383 -29.56 13.19 -59.78
N MET D 384 -29.43 12.06 -60.47
CA MET D 384 -29.30 12.00 -61.91
C MET D 384 -30.33 10.99 -62.43
N TRP D 385 -30.77 11.21 -63.66
CA TRP D 385 -31.76 10.36 -64.32
C TRP D 385 -31.06 9.76 -65.53
N SER D 386 -30.70 8.49 -65.44
CA SER D 386 -30.02 7.83 -66.55
C SER D 386 -30.70 6.50 -66.83
N ASP D 387 -31.01 6.28 -68.11
CA ASP D 387 -31.67 5.05 -68.56
C ASP D 387 -32.98 4.82 -67.81
N ASN D 388 -33.75 5.89 -67.64
CA ASN D 388 -35.04 5.86 -66.93
C ASN D 388 -34.86 5.34 -65.50
N GLN D 389 -33.68 5.57 -64.92
CA GLN D 389 -33.37 5.12 -63.58
C GLN D 389 -32.79 6.26 -62.77
N ILE D 390 -33.26 6.40 -61.53
CA ILE D 390 -32.79 7.45 -60.64
C ILE D 390 -31.51 6.98 -59.97
N HIS D 391 -30.47 7.81 -60.01
CA HIS D 391 -29.18 7.51 -59.39
C HIS D 391 -28.85 8.64 -58.43
N GLU D 392 -28.77 8.32 -57.14
CA GLU D 392 -28.48 9.31 -56.12
C GLU D 392 -26.97 9.50 -55.99
N ALA D 393 -26.51 10.73 -56.18
CA ALA D 393 -25.10 11.04 -56.05
C ALA D 393 -24.74 11.23 -54.59
N ASP D 394 -23.45 11.17 -54.30
CA ASP D 394 -22.98 11.36 -52.93
C ASP D 394 -23.05 12.84 -52.59
N THR D 395 -23.74 13.17 -51.51
CA THR D 395 -23.92 14.56 -51.09
C THR D 395 -23.25 14.87 -49.76
N THR D 396 -22.25 14.10 -49.35
CA THR D 396 -21.55 14.34 -48.11
C THR D 396 -20.45 15.37 -48.32
N GLU D 397 -20.22 16.21 -47.29
CA GLU D 397 -19.19 17.23 -47.39
C GLU D 397 -17.79 16.63 -47.41
N ASN D 398 -17.59 15.49 -46.77
CA ASN D 398 -16.30 14.83 -46.73
C ASN D 398 -16.16 13.66 -47.71
N GLN D 399 -17.18 13.43 -48.54
CA GLN D 399 -17.19 12.35 -49.54
C GLN D 399 -16.98 10.98 -48.89
N SER D 400 -18.01 10.57 -48.15
CA SER D 400 -18.02 9.28 -47.46
C SER D 400 -19.39 8.62 -47.63
N GLY D 401 -19.90 8.63 -48.87
CA GLY D 401 -21.18 8.05 -49.17
C GLY D 401 -21.10 7.03 -50.31
N VAL D 402 -22.28 6.52 -50.67
CA VAL D 402 -22.38 5.53 -51.74
C VAL D 402 -22.13 6.19 -53.10
N SER D 403 -21.29 5.54 -53.91
CA SER D 403 -20.96 6.03 -55.24
C SER D 403 -21.89 5.37 -56.25
N PHE D 404 -22.39 6.17 -57.20
CA PHE D 404 -23.29 5.66 -58.22
C PHE D 404 -22.53 4.82 -59.25
N ASP D 405 -23.29 4.14 -60.11
CA ASP D 405 -22.72 3.30 -61.14
C ASP D 405 -22.16 4.18 -62.25
N LYS D 406 -20.86 4.47 -62.17
CA LYS D 406 -20.18 5.31 -63.15
C LYS D 406 -19.38 4.46 -64.14
N THR D 407 -20.10 3.57 -64.84
CA THR D 407 -19.46 2.70 -65.81
C THR D 407 -20.20 2.67 -67.15
N SER D 408 -21.49 2.97 -67.13
CA SER D 408 -22.28 2.95 -68.35
C SER D 408 -21.91 4.09 -69.28
N ALA D 409 -22.25 3.90 -70.57
CA ALA D 409 -21.95 4.93 -71.57
C ALA D 409 -22.90 6.11 -71.43
N THR D 410 -24.12 5.87 -70.93
CA THR D 410 -25.07 6.96 -70.72
C THR D 410 -24.51 7.95 -69.72
N TRP D 411 -23.81 7.45 -68.70
CA TRP D 411 -23.19 8.33 -67.72
C TRP D 411 -22.10 9.18 -68.39
N LEU D 412 -21.35 8.59 -69.32
CA LEU D 412 -20.31 9.35 -70.00
C LEU D 412 -20.93 10.46 -70.84
N ALA D 413 -22.03 10.16 -71.54
CA ALA D 413 -22.70 11.18 -72.33
C ALA D 413 -23.23 12.30 -71.45
N LEU D 414 -23.94 11.94 -70.37
CA LEU D 414 -24.49 12.94 -69.46
C LEU D 414 -23.39 13.78 -68.83
N SER D 415 -22.30 13.13 -68.41
CA SER D 415 -21.19 13.86 -67.80
C SER D 415 -20.53 14.78 -68.81
N ARG D 416 -20.50 14.41 -70.09
CA ARG D 416 -19.91 15.31 -71.07
C ARG D 416 -20.81 16.51 -71.31
N ILE D 417 -22.14 16.29 -71.31
CA ILE D 417 -23.05 17.40 -71.49
C ILE D 417 -22.94 18.38 -70.33
N ALA D 418 -22.77 17.86 -69.11
CA ALA D 418 -22.66 18.73 -67.95
C ALA D 418 -21.30 19.42 -67.87
N GLY D 419 -20.22 18.66 -68.04
CA GLY D 419 -18.89 19.24 -67.94
C GLY D 419 -18.51 20.18 -69.07
N LEU D 420 -19.08 19.97 -70.25
CA LEU D 420 -18.77 20.83 -71.39
C LEU D 420 -19.69 22.04 -71.46
N CYS D 421 -21.01 21.80 -71.55
CA CYS D 421 -21.99 22.87 -71.65
C CYS D 421 -22.33 23.40 -70.25
N ASN D 422 -21.41 24.20 -69.72
CA ASN D 422 -21.59 24.81 -68.40
C ASN D 422 -20.57 25.92 -68.26
N ARG D 423 -21.05 27.14 -68.00
CA ARG D 423 -20.19 28.32 -67.83
C ARG D 423 -19.64 28.34 -66.41
N ALA D 424 -18.69 27.43 -66.16
CA ALA D 424 -18.10 27.35 -64.82
C ALA D 424 -16.70 26.77 -64.90
N VAL D 425 -15.78 27.42 -64.18
CA VAL D 425 -14.38 26.99 -64.09
C VAL D 425 -13.84 27.34 -62.71
N PHE D 426 -12.72 26.70 -62.37
CA PHE D 426 -12.03 26.93 -61.12
C PHE D 426 -11.30 28.27 -61.19
N GLN D 427 -10.55 28.61 -60.13
CA GLN D 427 -9.86 29.89 -60.12
C GLN D 427 -8.35 29.74 -59.96
N ALA D 428 -7.66 30.82 -59.59
CA ALA D 428 -6.21 30.80 -59.49
C ALA D 428 -5.60 29.82 -58.49
N ASN D 429 -5.75 30.08 -57.19
CA ASN D 429 -5.16 29.21 -56.18
C ASN D 429 -5.89 27.89 -55.99
N GLN D 430 -6.99 27.63 -56.70
CA GLN D 430 -7.71 26.37 -56.52
C GLN D 430 -6.91 25.19 -57.05
N GLU D 431 -6.04 24.62 -56.22
CA GLU D 431 -5.27 23.46 -56.66
C GLU D 431 -5.10 22.44 -55.53
N ASN D 432 -4.71 22.93 -54.35
CA ASN D 432 -4.49 22.07 -53.19
C ASN D 432 -5.75 21.88 -52.36
N LEU D 433 -6.75 22.75 -52.52
CA LEU D 433 -7.99 22.64 -51.78
C LEU D 433 -8.77 21.40 -52.26
N PRO D 434 -9.67 20.88 -51.42
CA PRO D 434 -10.47 19.72 -51.85
C PRO D 434 -11.35 20.07 -53.03
N ILE D 435 -11.94 19.03 -53.63
CA ILE D 435 -12.77 19.23 -54.82
C ILE D 435 -14.05 20.01 -54.53
N LEU D 436 -14.62 19.86 -53.33
CA LEU D 436 -15.85 20.55 -53.00
C LEU D 436 -15.64 21.93 -52.37
N LYS D 437 -14.86 22.00 -51.30
CA LYS D 437 -14.62 23.26 -50.60
C LYS D 437 -13.86 24.30 -51.42
N ARG D 438 -13.37 23.95 -52.60
CA ARG D 438 -12.64 24.92 -53.41
C ARG D 438 -13.62 25.95 -54.01
N ALA D 439 -13.05 27.02 -54.56
CA ALA D 439 -13.84 28.09 -55.14
C ALA D 439 -14.05 27.88 -56.64
N VAL D 440 -15.24 28.23 -57.11
CA VAL D 440 -15.64 28.12 -58.51
C VAL D 440 -16.29 29.44 -58.91
N ALA D 441 -16.03 29.89 -60.13
CA ALA D 441 -16.60 31.15 -60.60
C ALA D 441 -17.83 30.90 -61.45
N GLY D 442 -18.95 31.56 -61.11
CA GLY D 442 -20.17 31.42 -61.89
C GLY D 442 -21.42 31.14 -61.05
N ASP D 443 -22.41 30.51 -61.71
CA ASP D 443 -23.66 30.16 -61.06
C ASP D 443 -23.44 29.04 -60.06
N ALA D 444 -24.33 28.97 -59.06
CA ALA D 444 -24.23 27.91 -58.06
C ALA D 444 -24.50 26.55 -58.69
N SER D 445 -25.46 26.50 -59.63
CA SER D 445 -25.79 25.27 -60.32
C SER D 445 -24.61 24.75 -61.12
N GLU D 446 -24.00 25.63 -61.92
CA GLU D 446 -22.85 25.24 -62.72
C GLU D 446 -21.68 24.84 -61.81
N SER D 447 -21.58 25.47 -60.63
CA SER D 447 -20.52 25.11 -59.70
C SER D 447 -20.73 23.69 -59.19
N ALA D 448 -21.98 23.33 -58.87
CA ALA D 448 -22.26 21.98 -58.40
C ALA D 448 -21.96 20.95 -59.49
N LEU D 449 -22.36 21.25 -60.73
CA LEU D 449 -22.09 20.33 -61.83
C LEU D 449 -20.59 20.16 -62.06
N LEU D 450 -19.84 21.27 -61.99
CA LEU D 450 -18.40 21.19 -62.19
C LEU D 450 -17.74 20.36 -61.10
N LYS D 451 -18.14 20.56 -59.84
CA LYS D 451 -17.58 19.78 -58.75
C LYS D 451 -17.91 18.30 -58.90
N CYS D 452 -19.12 17.98 -59.36
CA CYS D 452 -19.50 16.58 -59.51
C CYS D 452 -18.70 15.90 -60.62
N ILE D 453 -18.52 16.57 -61.77
CA ILE D 453 -17.75 15.95 -62.85
C ILE D 453 -16.28 15.86 -62.46
N GLU D 454 -15.75 16.88 -61.78
CA GLU D 454 -14.36 16.85 -61.35
C GLU D 454 -14.13 15.81 -60.26
N LEU D 455 -15.18 15.39 -59.57
CA LEU D 455 -15.08 14.41 -58.50
C LEU D 455 -15.35 12.98 -58.95
N CYS D 456 -16.20 12.77 -59.95
CA CYS D 456 -16.52 11.42 -60.38
C CYS D 456 -16.08 11.06 -61.79
N CYS D 457 -16.10 11.99 -62.74
CA CYS D 457 -15.69 11.67 -64.10
C CYS D 457 -14.27 12.15 -64.39
N GLY D 458 -13.30 11.76 -63.57
CA GLY D 458 -11.93 12.15 -63.79
C GLY D 458 -11.68 13.63 -63.55
N SER D 459 -11.46 14.38 -64.63
CA SER D 459 -11.18 15.81 -64.54
C SER D 459 -11.79 16.55 -65.73
N VAL D 460 -12.38 17.72 -65.45
CA VAL D 460 -12.98 18.54 -66.49
C VAL D 460 -11.95 19.43 -67.17
N LYS D 461 -10.72 19.48 -66.65
CA LYS D 461 -9.66 20.30 -67.23
C LYS D 461 -9.40 19.90 -68.67
N GLU D 462 -8.85 18.70 -68.88
CA GLU D 462 -8.58 18.22 -70.22
C GLU D 462 -9.85 17.82 -70.95
N MET D 463 -10.91 17.47 -70.21
CA MET D 463 -12.17 17.07 -70.83
C MET D 463 -12.87 18.23 -71.52
N ARG D 464 -12.61 19.47 -71.08
CA ARG D 464 -13.25 20.61 -71.70
C ARG D 464 -12.55 21.02 -72.99
N GLU D 465 -11.22 21.18 -72.94
CA GLU D 465 -10.47 21.54 -74.13
C GLU D 465 -10.42 20.40 -75.14
N ARG D 466 -10.74 19.17 -74.72
CA ARG D 466 -10.76 18.05 -75.65
C ARG D 466 -11.83 18.24 -76.72
N TYR D 467 -12.89 18.97 -76.37
CA TYR D 467 -14.00 19.27 -77.26
C TYR D 467 -13.97 20.78 -77.47
N THR D 468 -13.34 21.22 -78.56
CA THR D 468 -13.21 22.64 -78.85
C THR D 468 -14.58 23.26 -79.11
N LYS D 469 -14.96 24.24 -78.30
CA LYS D 469 -16.25 24.89 -78.44
C LYS D 469 -16.22 25.84 -79.63
N ILE D 470 -17.17 25.66 -80.56
CA ILE D 470 -17.23 26.52 -81.73
C ILE D 470 -18.10 27.74 -81.44
N VAL D 471 -19.40 27.52 -81.27
CA VAL D 471 -20.35 28.59 -81.00
C VAL D 471 -21.24 28.19 -79.84
N GLU D 472 -21.41 29.12 -78.90
CA GLU D 472 -22.20 28.95 -77.70
C GLU D 472 -23.43 29.87 -77.72
N ILE D 473 -24.46 29.43 -77.03
CA ILE D 473 -25.72 30.15 -76.86
C ILE D 473 -25.97 30.13 -75.36
N PRO D 474 -25.67 31.23 -74.64
CA PRO D 474 -25.88 31.25 -73.19
C PRO D 474 -27.34 31.21 -72.79
N PHE D 475 -27.60 31.30 -71.49
CA PHE D 475 -28.97 31.27 -70.99
C PHE D 475 -29.75 32.49 -71.48
N ASN D 476 -31.05 32.30 -71.65
CA ASN D 476 -31.97 33.33 -72.13
C ASN D 476 -32.94 33.73 -71.03
N SER D 477 -33.41 34.98 -71.08
CA SER D 477 -34.35 35.48 -70.08
C SER D 477 -35.67 34.71 -70.15
N THR D 478 -36.22 34.55 -71.35
CA THR D 478 -37.44 33.79 -71.57
C THR D 478 -37.07 32.57 -72.41
N ASN D 479 -37.78 31.45 -72.17
CA ASN D 479 -37.49 30.19 -72.86
C ASN D 479 -36.01 29.84 -72.63
N LYS D 480 -35.64 29.82 -71.36
CA LYS D 480 -34.27 29.60 -70.93
C LYS D 480 -33.70 28.27 -71.40
N TYR D 481 -32.52 28.34 -72.00
CA TYR D 481 -31.78 27.20 -72.53
C TYR D 481 -30.34 27.62 -72.72
N GLN D 482 -29.43 26.67 -72.56
CA GLN D 482 -28.00 26.91 -72.71
C GLN D 482 -27.45 25.81 -73.61
N LEU D 483 -26.98 26.18 -74.80
CA LEU D 483 -26.45 25.17 -75.72
C LEU D 483 -25.13 25.63 -76.30
N SER D 484 -24.46 24.71 -76.98
CA SER D 484 -23.18 24.98 -77.63
C SER D 484 -22.80 23.81 -78.50
N ILE D 485 -22.02 24.07 -79.53
CA ILE D 485 -21.55 23.02 -80.43
C ILE D 485 -20.06 22.86 -80.23
N HIS D 486 -19.59 21.61 -80.13
CA HIS D 486 -18.19 21.31 -79.90
C HIS D 486 -17.68 20.31 -80.94
N LYS D 487 -16.37 20.32 -81.13
CA LYS D 487 -15.73 19.39 -82.05
C LYS D 487 -15.70 18.01 -81.40
N ASN D 488 -15.32 17.01 -82.19
CA ASN D 488 -15.26 15.64 -81.71
C ASN D 488 -13.87 15.04 -81.88
N PRO D 489 -13.18 14.71 -80.79
CA PRO D 489 -11.84 14.12 -80.89
C PRO D 489 -11.80 12.60 -80.95
N ASN D 490 -12.95 11.93 -80.94
CA ASN D 490 -12.97 10.47 -80.99
C ASN D 490 -12.41 9.98 -82.31
N THR D 491 -11.64 8.90 -82.26
CA THR D 491 -11.04 8.33 -83.48
C THR D 491 -11.96 7.32 -84.15
N ALA D 492 -13.25 7.65 -84.27
CA ALA D 492 -14.20 6.76 -84.92
C ALA D 492 -15.30 7.54 -85.64
N GLU D 493 -15.38 8.86 -85.40
CA GLU D 493 -16.42 9.68 -86.01
C GLU D 493 -16.06 11.16 -86.05
N PRO D 494 -16.08 11.78 -87.22
CA PRO D 494 -15.74 13.22 -87.33
C PRO D 494 -16.94 14.15 -87.23
N ARG D 495 -18.13 13.67 -86.88
CA ARG D 495 -19.31 14.50 -86.78
C ARG D 495 -19.19 15.49 -85.62
N HIS D 496 -20.01 16.53 -85.65
CA HIS D 496 -20.01 17.55 -84.63
C HIS D 496 -20.91 17.14 -83.46
N LEU D 497 -20.49 17.48 -82.23
CA LEU D 497 -21.24 17.12 -81.03
C LEU D 497 -21.93 18.37 -80.49
N LEU D 498 -23.26 18.42 -80.59
CA LEU D 498 -24.04 19.55 -80.09
C LEU D 498 -24.62 19.17 -78.73
N VAL D 499 -24.59 20.11 -77.79
CA VAL D 499 -25.11 19.87 -76.45
C VAL D 499 -26.01 21.01 -76.02
N MET D 500 -27.03 20.68 -75.22
CA MET D 500 -27.98 21.67 -74.72
C MET D 500 -28.51 21.21 -73.36
N LYS D 501 -28.87 22.18 -72.53
CA LYS D 501 -29.42 21.93 -71.21
C LYS D 501 -30.41 23.04 -70.87
N GLY D 502 -31.24 22.77 -69.88
CA GLY D 502 -32.22 23.77 -69.48
C GLY D 502 -33.29 23.16 -68.59
N ALA D 503 -34.43 23.85 -68.51
CA ALA D 503 -35.53 23.33 -67.71
C ALA D 503 -36.07 22.07 -68.39
N PRO D 504 -36.53 21.08 -67.61
CA PRO D 504 -37.03 19.84 -68.23
C PRO D 504 -38.15 20.03 -69.24
N GLU D 505 -39.01 21.04 -69.05
CA GLU D 505 -40.10 21.27 -70.01
C GLU D 505 -39.54 21.77 -71.34
N ARG D 506 -38.55 22.66 -71.29
CA ARG D 506 -37.95 23.17 -72.52
C ARG D 506 -37.24 22.07 -73.28
N ILE D 507 -36.50 21.22 -72.59
CA ILE D 507 -35.81 20.13 -73.26
C ILE D 507 -36.81 19.12 -73.82
N LEU D 508 -37.91 18.89 -73.09
CA LEU D 508 -38.92 17.98 -73.58
C LEU D 508 -39.59 18.55 -74.84
N ASP D 509 -39.68 19.87 -74.93
CA ASP D 509 -40.28 20.51 -76.09
C ASP D 509 -39.34 20.53 -77.29
N ARG D 510 -38.04 20.40 -77.08
CA ARG D 510 -37.05 20.43 -78.16
C ARG D 510 -36.24 19.15 -78.25
N CYS D 511 -36.90 17.99 -78.13
CA CYS D 511 -36.20 16.72 -78.23
C CYS D 511 -37.12 15.68 -78.84
N SER D 512 -36.53 14.66 -79.47
CA SER D 512 -37.30 13.57 -80.05
C SER D 512 -36.65 12.22 -79.76
N SER D 513 -35.33 12.17 -79.80
CA SER D 513 -34.59 10.95 -79.53
C SER D 513 -34.27 10.84 -78.05
N ILE D 514 -34.10 9.61 -77.59
CA ILE D 514 -33.79 9.30 -76.20
C ILE D 514 -32.63 8.32 -76.17
N LEU D 515 -31.62 8.61 -75.33
CA LEU D 515 -30.45 7.76 -75.21
C LEU D 515 -30.70 6.65 -74.20
N ILE D 516 -30.22 5.45 -74.53
CA ILE D 516 -30.35 4.30 -73.64
C ILE D 516 -29.16 3.37 -73.88
N HIS D 517 -28.30 3.26 -72.86
CA HIS D 517 -27.11 2.40 -72.86
C HIS D 517 -26.21 2.60 -74.07
N GLY D 518 -26.39 3.71 -74.81
CA GLY D 518 -25.59 3.97 -75.98
C GLY D 518 -26.39 4.19 -77.25
N LYS D 519 -27.47 3.42 -77.45
CA LYS D 519 -28.27 3.59 -78.67
C LYS D 519 -29.45 4.53 -78.43
N GLU D 520 -30.06 4.96 -79.53
CA GLU D 520 -31.18 5.89 -79.45
C GLU D 520 -32.51 5.19 -79.69
N GLN D 521 -33.57 5.83 -79.20
CA GLN D 521 -34.94 5.36 -79.30
C GLN D 521 -35.86 6.56 -79.49
N PRO D 522 -37.09 6.34 -80.00
CA PRO D 522 -38.01 7.48 -80.19
C PRO D 522 -38.56 8.01 -78.87
N LEU D 523 -39.38 9.06 -78.95
CA LEU D 523 -39.98 9.64 -77.74
C LEU D 523 -41.24 8.88 -77.32
N ASP D 524 -41.16 7.55 -77.26
CA ASP D 524 -42.31 6.74 -76.87
C ASP D 524 -42.81 7.16 -75.50
N GLU D 525 -44.14 7.36 -75.40
CA GLU D 525 -44.74 7.81 -74.15
C GLU D 525 -44.56 6.81 -73.01
N GLU D 526 -44.25 5.55 -73.32
CA GLU D 526 -44.03 4.56 -72.26
C GLU D 526 -42.85 4.95 -71.39
N LEU D 527 -41.78 5.45 -71.99
CA LEU D 527 -40.61 5.89 -71.26
C LEU D 527 -40.60 7.41 -71.07
N LYS D 528 -41.40 8.15 -71.85
CA LYS D 528 -41.48 9.59 -71.68
C LYS D 528 -42.30 9.95 -70.44
N ASP D 529 -43.42 9.26 -70.24
CA ASP D 529 -44.19 9.49 -69.02
C ASP D 529 -43.39 8.99 -67.84
N ALA D 530 -42.53 7.99 -68.08
CA ALA D 530 -41.62 7.48 -67.05
C ALA D 530 -40.62 8.57 -66.67
N PHE D 531 -40.34 9.48 -67.63
CA PHE D 531 -39.48 10.63 -67.35
C PHE D 531 -40.26 11.68 -66.57
N GLN D 532 -41.55 11.81 -66.88
CA GLN D 532 -42.39 12.81 -66.21
C GLN D 532 -42.57 12.49 -64.73
N ASN D 533 -42.86 11.23 -64.39
CA ASN D 533 -43.03 10.91 -62.98
C ASN D 533 -41.70 11.04 -62.24
N ALA D 534 -40.56 10.77 -62.93
CA ALA D 534 -39.28 10.97 -62.26
C ALA D 534 -39.02 12.45 -62.00
N TYR D 535 -39.46 13.30 -62.95
CA TYR D 535 -39.32 14.74 -62.78
C TYR D 535 -40.11 15.19 -61.57
N LEU D 536 -41.34 14.69 -61.42
CA LEU D 536 -42.15 15.07 -60.26
C LEU D 536 -41.57 14.47 -58.98
N GLU D 537 -40.85 13.34 -59.08
CA GLU D 537 -40.24 12.73 -57.91
C GLU D 537 -39.11 13.61 -57.37
N LEU D 538 -38.19 14.01 -58.26
CA LEU D 538 -37.07 14.85 -57.83
C LEU D 538 -37.53 16.27 -57.50
N GLY D 539 -38.49 16.81 -58.26
CA GLY D 539 -38.96 18.17 -57.98
C GLY D 539 -39.74 18.26 -56.68
N GLY D 540 -40.66 17.33 -56.45
CA GLY D 540 -41.41 17.33 -55.21
C GLY D 540 -40.54 17.09 -53.99
N LEU D 541 -39.37 16.49 -54.20
CA LEU D 541 -38.40 16.21 -53.15
C LEU D 541 -37.69 17.48 -52.67
N GLY D 542 -38.05 18.64 -53.19
CA GLY D 542 -37.43 19.89 -52.78
C GLY D 542 -36.18 20.25 -53.52
N GLU D 543 -35.95 19.69 -54.70
CA GLU D 543 -34.76 19.97 -55.48
C GLU D 543 -35.12 20.70 -56.77
N ARG D 544 -34.08 21.22 -57.42
CA ARG D 544 -34.21 21.94 -58.69
C ARG D 544 -33.60 21.03 -59.75
N VAL D 545 -34.40 20.67 -60.75
CA VAL D 545 -34.02 19.73 -61.80
C VAL D 545 -33.66 20.44 -63.09
N LEU D 546 -32.67 19.89 -63.80
CA LEU D 546 -32.21 20.40 -65.09
C LEU D 546 -32.09 19.23 -66.06
N GLY D 547 -32.60 19.44 -67.28
CA GLY D 547 -32.53 18.43 -68.32
C GLY D 547 -31.32 18.65 -69.20
N PHE D 548 -30.67 17.53 -69.57
CA PHE D 548 -29.46 17.52 -70.38
C PHE D 548 -29.66 16.65 -71.62
N CYS D 549 -29.25 17.18 -72.78
CA CYS D 549 -29.42 16.45 -74.03
C CYS D 549 -28.29 16.80 -74.98
N HIS D 550 -28.07 15.92 -75.95
CA HIS D 550 -27.03 16.14 -76.96
C HIS D 550 -27.48 15.47 -78.26
N LEU D 551 -26.80 15.83 -79.33
CA LEU D 551 -27.11 15.28 -80.65
C LEU D 551 -25.89 15.41 -81.56
N PHE D 552 -25.71 14.42 -82.41
CA PHE D 552 -24.59 14.42 -83.36
C PHE D 552 -25.06 15.09 -84.65
N LEU D 553 -24.40 16.18 -85.02
CA LEU D 553 -24.82 16.84 -86.25
C LEU D 553 -24.20 16.13 -87.45
N PRO D 554 -24.94 15.98 -88.54
CA PRO D 554 -24.38 15.30 -89.72
C PRO D 554 -23.26 16.10 -90.37
N ASP D 555 -22.03 15.59 -90.30
CA ASP D 555 -20.90 16.28 -90.89
C ASP D 555 -21.00 16.38 -92.41
N GLU D 556 -21.90 15.61 -93.03
CA GLU D 556 -22.09 15.69 -94.47
C GLU D 556 -22.84 16.96 -94.84
N GLN D 557 -23.71 17.43 -93.95
CA GLN D 557 -24.47 18.66 -94.14
C GLN D 557 -23.83 19.84 -93.43
N PHE D 558 -22.98 19.56 -92.43
CA PHE D 558 -22.24 20.56 -91.67
C PHE D 558 -20.78 20.12 -91.69
N PRO D 559 -20.04 20.46 -92.75
CA PRO D 559 -18.65 20.02 -92.86
C PRO D 559 -17.76 20.61 -91.77
N GLU D 560 -16.51 20.13 -91.77
CA GLU D 560 -15.50 20.53 -90.80
C GLU D 560 -15.06 21.99 -90.94
N GLY D 561 -15.54 22.71 -91.94
CA GLY D 561 -15.18 24.10 -92.13
C GLY D 561 -16.34 25.05 -91.96
N PHE D 562 -17.57 24.53 -92.06
CA PHE D 562 -18.77 25.36 -91.95
C PHE D 562 -18.90 25.89 -90.53
N GLN D 563 -18.56 27.16 -90.35
CA GLN D 563 -18.66 27.80 -89.04
C GLN D 563 -20.10 28.20 -88.80
N PHE D 564 -20.68 27.68 -87.72
CA PHE D 564 -22.08 27.91 -87.36
C PHE D 564 -22.22 29.23 -86.60
N ASP D 565 -22.08 30.34 -87.34
CA ASP D 565 -22.19 31.67 -86.76
C ASP D 565 -23.51 31.82 -86.02
N THR D 566 -23.45 32.37 -84.81
CA THR D 566 -24.63 32.52 -83.96
C THR D 566 -25.61 33.58 -84.44
N ASP D 567 -26.46 33.20 -85.41
CA ASP D 567 -27.51 34.10 -85.88
C ASP D 567 -28.79 33.39 -86.31
N ASP D 568 -28.64 32.40 -87.18
CA ASP D 568 -29.73 31.64 -87.76
C ASP D 568 -29.73 30.20 -87.27
N VAL D 569 -30.64 29.41 -87.84
CA VAL D 569 -30.80 28.01 -87.47
C VAL D 569 -29.71 27.14 -88.09
N ASN D 570 -28.62 26.96 -87.35
CA ASN D 570 -27.51 26.13 -87.78
C ASN D 570 -27.53 24.77 -87.08
N PHE D 571 -28.34 24.63 -86.03
CA PHE D 571 -28.50 23.42 -85.25
C PHE D 571 -29.97 23.03 -85.18
N PRO D 572 -30.27 21.74 -85.28
CA PRO D 572 -31.68 21.31 -85.18
C PRO D 572 -32.19 21.49 -83.75
N LEU D 573 -33.12 22.44 -83.54
CA LEU D 573 -33.66 22.67 -82.20
C LEU D 573 -34.32 21.41 -81.66
N ASP D 574 -35.09 20.73 -82.51
CA ASP D 574 -35.76 19.49 -82.14
C ASP D 574 -34.87 18.33 -82.54
N ASN D 575 -35.41 17.11 -82.48
CA ASN D 575 -34.75 15.87 -82.85
C ASN D 575 -33.51 15.56 -82.00
N LEU D 576 -33.32 16.28 -80.90
CA LEU D 576 -32.16 16.03 -80.05
C LEU D 576 -32.33 14.71 -79.30
N CYS D 577 -31.24 14.28 -78.67
CA CYS D 577 -31.22 13.03 -77.91
C CYS D 577 -31.12 13.38 -76.43
N PHE D 578 -32.23 13.17 -75.71
CA PHE D 578 -32.29 13.44 -74.28
C PHE D 578 -31.49 12.37 -73.54
N VAL D 579 -30.64 12.77 -72.61
CA VAL D 579 -29.85 11.82 -71.83
C VAL D 579 -30.42 11.66 -70.43
N GLY D 580 -30.74 12.76 -69.78
CA GLY D 580 -31.32 12.64 -68.46
C GLY D 580 -31.35 13.95 -67.71
N LEU D 581 -32.05 13.91 -66.58
CA LEU D 581 -32.20 15.03 -65.67
C LEU D 581 -31.11 14.99 -64.61
N ILE D 582 -30.82 16.16 -64.03
CA ILE D 582 -29.82 16.28 -62.97
C ILE D 582 -30.36 17.30 -61.98
N SER D 583 -30.74 16.84 -60.79
CA SER D 583 -31.26 17.70 -59.74
C SER D 583 -30.12 18.15 -58.83
N MET D 584 -30.43 19.12 -57.96
CA MET D 584 -29.43 19.66 -57.04
C MET D 584 -30.12 20.44 -55.93
N ILE D 585 -29.47 20.46 -54.77
CA ILE D 585 -29.96 21.16 -53.58
C ILE D 585 -28.82 21.21 -52.57
N ASP D 586 -28.97 22.04 -51.51
CA ASP D 586 -27.95 22.08 -50.47
C ASP D 586 -28.24 20.90 -49.54
N PRO D 587 -27.34 19.92 -49.47
CA PRO D 587 -27.59 18.76 -48.61
C PRO D 587 -27.17 19.01 -47.18
N PRO D 588 -27.74 18.26 -46.23
CA PRO D 588 -27.34 18.42 -44.84
C PRO D 588 -25.89 17.99 -44.68
N ARG D 589 -25.26 18.48 -43.61
CA ARG D 589 -23.85 18.13 -43.38
C ARG D 589 -23.72 16.64 -43.09
N ALA D 590 -22.47 16.16 -43.16
CA ALA D 590 -22.17 14.74 -42.99
C ALA D 590 -22.73 14.08 -41.73
N ALA D 591 -22.23 14.47 -40.57
CA ALA D 591 -22.67 13.87 -39.32
C ALA D 591 -23.95 14.49 -38.75
N VAL D 592 -24.71 15.23 -39.56
CA VAL D 592 -25.96 15.84 -39.12
C VAL D 592 -27.05 14.80 -38.88
N PRO D 593 -27.34 13.88 -39.82
CA PRO D 593 -28.42 12.90 -39.56
C PRO D 593 -28.17 12.03 -38.35
N ASP D 594 -26.98 11.45 -38.25
CA ASP D 594 -26.64 10.62 -37.11
C ASP D 594 -26.81 11.39 -35.80
N ALA D 595 -26.32 12.64 -35.77
CA ALA D 595 -26.43 13.47 -34.58
C ALA D 595 -27.88 13.71 -34.20
N VAL D 596 -28.73 14.00 -35.18
CA VAL D 596 -30.15 14.20 -34.89
C VAL D 596 -30.74 12.93 -34.29
N GLY D 597 -30.39 11.78 -34.86
CA GLY D 597 -30.87 10.52 -34.34
C GLY D 597 -30.41 10.26 -32.92
N LYS D 598 -29.19 10.69 -32.59
CA LYS D 598 -28.68 10.50 -31.24
C LYS D 598 -29.40 11.41 -30.27
N CYS D 599 -29.69 12.65 -30.68
CA CYS D 599 -30.41 13.57 -29.79
C CYS D 599 -31.80 13.04 -29.52
N ARG D 600 -32.48 12.55 -30.56
CA ARG D 600 -33.80 11.96 -30.33
C ARG D 600 -33.68 10.70 -29.49
N SER D 601 -32.54 10.00 -29.59
CA SER D 601 -32.32 8.80 -28.79
C SER D 601 -32.23 9.14 -27.31
N ALA D 602 -31.59 10.27 -27.00
CA ALA D 602 -31.46 10.70 -25.61
C ALA D 602 -32.74 11.31 -25.07
N GLY D 603 -33.74 11.53 -25.91
CA GLY D 603 -34.99 12.11 -25.47
C GLY D 603 -35.08 13.60 -25.69
N ILE D 604 -34.30 14.15 -26.61
CA ILE D 604 -34.28 15.57 -26.90
C ILE D 604 -35.20 15.85 -28.09
N LYS D 605 -36.09 16.82 -27.94
CA LYS D 605 -37.03 17.20 -28.99
C LYS D 605 -36.32 18.13 -29.97
N VAL D 606 -36.29 17.73 -31.24
CA VAL D 606 -35.64 18.53 -32.28
C VAL D 606 -36.72 19.29 -33.02
N ILE D 607 -36.54 20.62 -33.12
CA ILE D 607 -37.50 21.49 -33.78
C ILE D 607 -36.76 22.36 -34.78
N MET D 608 -37.02 22.14 -36.07
CA MET D 608 -36.36 22.94 -37.10
C MET D 608 -37.00 24.32 -37.14
N VAL D 609 -36.18 25.37 -37.07
CA VAL D 609 -36.65 26.75 -37.11
C VAL D 609 -35.84 27.43 -38.21
N THR D 610 -36.49 27.71 -39.34
CA THR D 610 -35.82 28.33 -40.47
C THR D 610 -36.76 29.26 -41.21
N GLY D 611 -36.17 30.15 -42.01
CA GLY D 611 -36.94 31.09 -42.80
C GLY D 611 -36.94 30.70 -44.27
N ASP D 612 -36.66 29.43 -44.54
CA ASP D 612 -36.60 28.87 -45.89
C ASP D 612 -37.99 28.44 -46.36
N HIS D 613 -38.06 28.04 -47.63
CA HIS D 613 -39.33 27.61 -48.20
C HIS D 613 -39.76 26.27 -47.61
N PRO D 614 -41.06 26.07 -47.39
CA PRO D 614 -41.53 24.82 -46.78
C PRO D 614 -41.28 23.59 -47.63
N ILE D 615 -41.36 23.73 -48.95
CA ILE D 615 -41.16 22.60 -49.86
C ILE D 615 -39.77 22.00 -49.69
N THR D 616 -38.80 22.80 -49.28
CA THR D 616 -37.44 22.33 -49.05
C THR D 616 -37.18 21.98 -47.60
N ALA D 617 -37.77 22.77 -46.68
CA ALA D 617 -37.57 22.52 -45.26
C ALA D 617 -38.14 21.18 -44.86
N LYS D 618 -39.32 20.82 -45.38
CA LYS D 618 -39.92 19.55 -45.03
C LYS D 618 -39.07 18.38 -45.54
N ALA D 619 -38.55 18.50 -46.77
CA ALA D 619 -37.72 17.42 -47.31
C ALA D 619 -36.42 17.28 -46.53
N ILE D 620 -35.78 18.40 -46.19
CA ILE D 620 -34.54 18.35 -45.42
C ILE D 620 -34.81 17.74 -44.05
N ALA D 621 -35.94 18.11 -43.42
CA ALA D 621 -36.29 17.54 -42.13
C ALA D 621 -36.48 16.05 -42.25
N LYS D 622 -37.08 15.60 -43.37
CA LYS D 622 -37.25 14.17 -43.57
C LYS D 622 -35.89 13.50 -43.74
N GLY D 623 -34.93 14.20 -44.34
CA GLY D 623 -33.61 13.63 -44.55
C GLY D 623 -32.71 13.64 -43.32
N VAL D 624 -33.01 14.47 -42.32
CA VAL D 624 -32.16 14.51 -41.14
C VAL D 624 -32.74 13.72 -39.98
N GLY D 625 -34.06 13.56 -39.93
CA GLY D 625 -34.69 12.82 -38.85
C GLY D 625 -35.62 13.64 -37.99
N ILE D 626 -35.77 14.95 -38.23
CA ILE D 626 -36.69 15.73 -37.41
C ILE D 626 -38.11 15.32 -37.77
N ILE D 627 -38.31 14.84 -38.99
CA ILE D 627 -39.59 14.33 -39.46
C ILE D 627 -39.33 12.87 -39.80
N SER D 628 -39.85 11.97 -38.97
CA SER D 628 -39.66 10.55 -39.15
C SER D 628 -40.39 10.04 -40.38
N GLU D 629 -39.97 8.86 -40.84
CA GLU D 629 -40.56 8.24 -42.01
C GLU D 629 -41.93 7.66 -41.64
N GLY D 630 -42.93 7.94 -42.47
CA GLY D 630 -44.27 7.47 -42.23
C GLY D 630 -45.18 8.49 -41.57
N ASN D 631 -44.63 9.42 -40.81
CA ASN D 631 -45.45 10.44 -40.17
C ASN D 631 -45.91 11.47 -41.19
N GLU D 632 -47.18 11.82 -41.14
CA GLU D 632 -47.78 12.76 -42.07
C GLU D 632 -48.15 14.06 -41.36
N THR D 633 -48.25 15.12 -42.15
CA THR D 633 -48.63 16.45 -41.70
C THR D 633 -50.13 16.62 -41.87
N VAL D 634 -50.64 17.78 -41.47
CA VAL D 634 -52.07 18.06 -41.61
C VAL D 634 -52.45 18.07 -43.09
N GLU D 635 -51.57 18.59 -43.95
CA GLU D 635 -51.81 18.65 -45.39
C GLU D 635 -51.61 17.30 -46.07
N ASP D 636 -50.70 16.47 -45.55
CA ASP D 636 -50.44 15.18 -46.17
C ASP D 636 -51.66 14.27 -46.14
N ILE D 637 -52.38 14.25 -45.02
CA ILE D 637 -53.58 13.42 -44.94
C ILE D 637 -54.63 13.94 -45.92
N ALA D 638 -54.74 15.26 -46.04
CA ALA D 638 -55.69 15.86 -46.98
C ALA D 638 -55.37 15.48 -48.42
N ALA D 639 -54.08 15.37 -48.74
CA ALA D 639 -53.71 14.99 -50.11
C ALA D 639 -53.86 13.50 -50.33
N ARG D 640 -53.61 12.69 -49.29
CA ARG D 640 -53.73 11.25 -49.41
C ARG D 640 -55.19 10.82 -49.53
N LEU D 641 -56.11 11.61 -48.98
CA LEU D 641 -57.53 11.29 -49.04
C LEU D 641 -58.29 12.13 -50.07
N ASN D 642 -57.60 13.01 -50.81
CA ASN D 642 -58.21 13.87 -51.82
C ASN D 642 -59.34 14.72 -51.23
N ILE D 643 -59.18 15.15 -49.99
CA ILE D 643 -60.20 15.94 -49.30
C ILE D 643 -59.57 17.25 -48.85
N PRO D 644 -60.38 18.28 -48.64
CA PRO D 644 -59.83 19.56 -48.16
C PRO D 644 -59.19 19.38 -46.79
N VAL D 645 -58.22 20.24 -46.50
CA VAL D 645 -57.50 20.15 -45.23
C VAL D 645 -58.36 20.53 -44.03
N SER D 646 -59.42 21.33 -44.24
CA SER D 646 -60.28 21.75 -43.14
C SER D 646 -61.12 20.65 -42.52
N GLN D 647 -61.06 19.42 -43.05
CA GLN D 647 -61.84 18.30 -42.53
C GLN D 647 -61.08 17.39 -41.58
N VAL D 648 -59.82 17.07 -41.89
CA VAL D 648 -59.03 16.16 -41.06
C VAL D 648 -58.79 16.74 -39.67
N ASN D 649 -58.58 15.83 -38.70
CA ASN D 649 -58.34 16.16 -37.30
C ASN D 649 -56.84 16.37 -37.07
N PRO D 650 -56.43 17.51 -36.51
CA PRO D 650 -55.00 17.74 -36.26
C PRO D 650 -54.39 16.70 -35.33
N ARG D 651 -55.19 16.00 -34.53
CA ARG D 651 -54.69 14.97 -33.65
C ARG D 651 -54.26 13.73 -34.42
N ASP D 652 -54.72 13.58 -35.67
CA ASP D 652 -54.32 12.45 -36.51
C ASP D 652 -52.97 12.68 -37.16
N ALA D 653 -52.44 13.90 -37.09
CA ALA D 653 -51.15 14.26 -37.68
C ALA D 653 -50.12 14.38 -36.57
N LYS D 654 -49.17 13.44 -36.55
CA LYS D 654 -48.12 13.50 -35.52
C LYS D 654 -47.17 14.66 -35.78
N ALA D 655 -46.76 14.83 -37.03
CA ALA D 655 -45.85 15.92 -37.39
C ALA D 655 -46.65 17.07 -38.00
N CYS D 656 -46.06 18.27 -37.94
CA CYS D 656 -46.75 19.42 -38.50
C CYS D 656 -45.75 20.47 -38.95
N VAL D 657 -46.12 21.14 -40.04
CA VAL D 657 -45.35 22.21 -40.64
C VAL D 657 -46.08 23.51 -40.32
N VAL D 658 -45.35 24.51 -39.85
CA VAL D 658 -45.91 25.80 -39.49
C VAL D 658 -45.29 26.88 -40.38
N HIS D 659 -46.10 27.45 -41.26
CA HIS D 659 -45.64 28.52 -42.14
C HIS D 659 -45.54 29.83 -41.37
N GLY D 660 -44.46 30.57 -41.60
CA GLY D 660 -44.30 31.86 -40.95
C GLY D 660 -45.39 32.83 -41.35
N SER D 661 -46.00 32.62 -42.52
CA SER D 661 -47.09 33.47 -42.97
C SER D 661 -48.29 33.34 -42.03
N ASP D 662 -48.53 32.14 -41.52
CA ASP D 662 -49.62 31.89 -40.58
C ASP D 662 -49.19 32.13 -39.14
N LEU D 663 -47.88 32.03 -38.86
CA LEU D 663 -47.37 32.23 -37.51
C LEU D 663 -47.59 33.66 -37.03
N LYS D 664 -47.59 34.63 -37.95
CA LYS D 664 -47.78 36.02 -37.58
C LYS D 664 -49.15 36.26 -36.95
N ASP D 665 -50.18 35.57 -37.44
CA ASP D 665 -51.55 35.71 -36.92
C ASP D 665 -51.82 34.63 -35.86
N MET D 666 -50.98 34.61 -34.83
CA MET D 666 -51.10 33.63 -33.76
C MET D 666 -50.95 34.28 -32.39
N THR D 667 -51.44 33.57 -31.37
CA THR D 667 -51.38 33.97 -29.97
C THR D 667 -50.37 33.08 -29.24
N SER D 668 -50.18 33.35 -27.94
CA SER D 668 -49.24 32.54 -27.16
C SER D 668 -49.78 31.13 -26.92
N GLU D 669 -51.04 31.04 -26.50
CA GLU D 669 -51.66 29.74 -26.21
C GLU D 669 -51.73 28.85 -27.45
N GLN D 670 -51.93 29.44 -28.64
CA GLN D 670 -51.97 28.64 -29.85
C GLN D 670 -50.62 27.98 -30.10
N LEU D 671 -49.53 28.74 -29.91
CA LEU D 671 -48.20 28.17 -30.07
C LEU D 671 -47.98 27.09 -29.02
N ASP D 672 -48.46 27.34 -27.80
CA ASP D 672 -48.35 26.34 -26.74
C ASP D 672 -49.00 25.03 -27.18
N ASP D 673 -50.20 25.13 -27.76
CA ASP D 673 -50.91 23.93 -28.23
C ASP D 673 -50.15 23.25 -29.35
N ILE D 674 -49.55 24.02 -30.25
CA ILE D 674 -48.79 23.43 -31.34
C ILE D 674 -47.63 22.61 -30.80
N LEU D 675 -46.95 23.14 -29.77
CA LEU D 675 -45.81 22.39 -29.19
C LEU D 675 -46.28 21.21 -28.37
N LYS D 676 -47.40 21.34 -27.66
CA LYS D 676 -47.87 20.27 -26.78
C LYS D 676 -48.45 19.07 -27.53
N TYR D 677 -49.14 19.30 -28.64
CA TYR D 677 -49.77 18.19 -29.36
C TYR D 677 -49.00 17.67 -30.56
N HIS D 678 -48.02 18.41 -31.07
CA HIS D 678 -47.23 17.97 -32.21
C HIS D 678 -45.82 17.66 -31.73
N THR D 679 -45.36 16.43 -31.99
CA THR D 679 -44.04 16.01 -31.53
C THR D 679 -42.92 16.42 -32.50
N GLU D 680 -43.17 16.35 -33.80
CA GLU D 680 -42.20 16.71 -34.83
C GLU D 680 -42.72 17.98 -35.49
N ILE D 681 -42.08 19.11 -35.19
CA ILE D 681 -42.50 20.41 -35.69
C ILE D 681 -41.42 21.01 -36.57
N VAL D 682 -41.85 21.65 -37.67
CA VAL D 682 -40.92 22.32 -38.57
C VAL D 682 -41.48 23.71 -38.88
N PHE D 683 -40.81 24.74 -38.37
CA PHE D 683 -41.20 26.12 -38.59
C PHE D 683 -40.48 26.62 -39.84
N ALA D 684 -41.25 26.95 -40.88
CA ALA D 684 -40.68 27.43 -42.13
C ALA D 684 -41.13 28.85 -42.39
N ARG D 685 -40.30 29.57 -43.17
CA ARG D 685 -40.56 30.97 -43.54
C ARG D 685 -40.75 31.86 -42.32
N THR D 686 -40.04 31.56 -41.23
CA THR D 686 -40.15 32.33 -39.99
C THR D 686 -39.10 33.42 -39.94
N SER D 687 -39.54 34.64 -39.62
CA SER D 687 -38.64 35.77 -39.51
C SER D 687 -37.74 35.60 -38.29
N PRO D 688 -36.61 36.33 -38.24
CA PRO D 688 -35.73 36.21 -37.06
C PRO D 688 -36.47 36.51 -35.76
N GLN D 689 -37.29 37.56 -35.78
CA GLN D 689 -38.09 37.89 -34.61
C GLN D 689 -39.02 36.72 -34.29
N GLN D 690 -39.51 36.04 -35.33
CA GLN D 690 -40.36 34.89 -35.10
C GLN D 690 -39.56 33.73 -34.54
N LYS D 691 -38.27 33.62 -34.89
CA LYS D 691 -37.44 32.59 -34.28
C LYS D 691 -37.35 32.83 -32.78
N LEU D 692 -37.18 34.11 -32.41
CA LEU D 692 -37.13 34.47 -31.00
C LEU D 692 -38.43 34.12 -30.30
N ILE D 693 -39.57 34.41 -30.95
CA ILE D 693 -40.87 34.09 -30.35
C ILE D 693 -41.03 32.57 -30.21
N ILE D 694 -40.52 31.81 -31.17
CA ILE D 694 -40.61 30.35 -31.10
C ILE D 694 -39.81 29.82 -29.93
N VAL D 695 -38.59 30.33 -29.75
CA VAL D 695 -37.75 29.89 -28.64
C VAL D 695 -38.42 30.26 -27.32
N GLU D 696 -39.00 31.46 -27.24
CA GLU D 696 -39.70 31.85 -26.02
C GLU D 696 -40.90 30.93 -25.78
N GLY D 697 -41.54 30.46 -26.86
CA GLY D 697 -42.67 29.56 -26.71
C GLY D 697 -42.22 28.23 -26.13
N CYS D 698 -41.07 27.72 -26.60
CA CYS D 698 -40.55 26.47 -26.06
C CYS D 698 -40.10 26.66 -24.61
N GLN D 699 -39.66 27.88 -24.27
CA GLN D 699 -39.22 28.18 -22.91
C GLN D 699 -40.40 28.33 -21.95
N ARG D 700 -41.57 28.72 -22.46
CA ARG D 700 -42.73 28.84 -21.58
C ARG D 700 -43.14 27.48 -21.03
N GLN D 701 -42.79 26.41 -21.73
CA GLN D 701 -43.12 25.06 -21.27
C GLN D 701 -42.28 24.67 -20.06
N GLY D 702 -41.18 25.38 -19.79
CA GLY D 702 -40.33 25.08 -18.66
C GLY D 702 -39.20 24.12 -18.96
N ALA D 703 -38.75 24.06 -20.22
CA ALA D 703 -37.67 23.18 -20.64
C ALA D 703 -36.41 23.96 -21.00
N ILE D 704 -35.30 23.23 -21.07
CA ILE D 704 -34.01 23.80 -21.43
C ILE D 704 -33.91 23.73 -22.95
N VAL D 705 -33.73 24.87 -23.59
CA VAL D 705 -33.70 24.96 -25.06
C VAL D 705 -32.33 25.41 -25.56
N ALA D 706 -31.85 24.71 -26.59
CA ALA D 706 -30.59 25.00 -27.25
C ALA D 706 -30.90 25.38 -28.69
N VAL D 707 -30.31 26.48 -29.15
CA VAL D 707 -30.54 26.96 -30.51
C VAL D 707 -29.24 26.87 -31.29
N THR D 708 -29.25 26.14 -32.40
CA THR D 708 -28.07 25.94 -33.24
C THR D 708 -28.25 26.67 -34.56
N GLY D 709 -27.44 27.73 -34.79
CA GLY D 709 -27.54 28.52 -36.00
C GLY D 709 -26.23 29.03 -36.59
N ASP D 710 -26.39 29.75 -37.72
CA ASP D 710 -25.25 30.36 -38.40
C ASP D 710 -25.53 31.77 -38.94
N GLY D 711 -26.71 31.98 -39.52
CA GLY D 711 -27.05 33.25 -40.11
C GLY D 711 -27.37 34.33 -39.08
N VAL D 712 -27.51 35.56 -39.58
CA VAL D 712 -27.83 36.68 -38.71
C VAL D 712 -29.22 36.53 -38.13
N ASN D 713 -30.10 35.76 -38.78
CA ASN D 713 -31.44 35.54 -38.24
C ASN D 713 -31.39 34.75 -36.94
N ASP D 714 -30.32 34.00 -36.72
CA ASP D 714 -30.16 33.21 -35.51
C ASP D 714 -29.57 34.02 -34.36
N SER D 715 -29.27 35.31 -34.56
CA SER D 715 -28.73 36.10 -33.46
C SER D 715 -29.75 36.29 -32.36
N PRO D 716 -30.99 36.77 -32.62
CA PRO D 716 -31.95 36.91 -31.52
C PRO D 716 -32.42 35.57 -30.97
N ALA D 717 -32.31 34.50 -31.75
CA ALA D 717 -32.73 33.19 -31.26
C ALA D 717 -31.68 32.56 -30.38
N SER D 718 -30.40 32.68 -30.75
CA SER D 718 -29.34 32.10 -29.94
C SER D 718 -29.07 32.94 -28.69
N LYS D 719 -29.33 34.25 -28.73
CA LYS D 719 -29.06 35.07 -27.55
C LYS D 719 -30.05 34.80 -26.42
N LYS D 720 -31.34 34.69 -26.75
CA LYS D 720 -32.36 34.46 -25.73
C LYS D 720 -32.39 33.01 -25.26
N ALA D 721 -31.99 32.08 -26.11
CA ALA D 721 -31.99 30.68 -25.75
C ALA D 721 -31.07 30.41 -24.56
N ASP D 722 -31.36 29.31 -23.85
CA ASP D 722 -30.55 28.94 -22.69
C ASP D 722 -29.11 28.73 -23.12
N ILE D 723 -28.91 28.21 -24.33
CA ILE D 723 -27.56 28.06 -24.87
C ILE D 723 -27.65 28.18 -26.39
N GLY D 724 -26.83 29.07 -26.94
CA GLY D 724 -26.77 29.29 -28.38
C GLY D 724 -25.49 28.67 -28.91
N VAL D 725 -25.62 27.92 -29.99
CA VAL D 725 -24.52 27.25 -30.64
C VAL D 725 -24.43 27.83 -32.04
N ALA D 726 -23.26 28.34 -32.37
CA ALA D 726 -23.05 28.94 -33.68
C ALA D 726 -21.97 28.17 -34.45
N MET D 727 -22.05 28.29 -35.77
CA MET D 727 -21.04 27.63 -36.60
C MET D 727 -19.81 28.54 -36.65
N GLY D 728 -18.63 27.97 -36.40
CA GLY D 728 -17.39 28.73 -36.33
C GLY D 728 -16.91 29.35 -37.62
N ILE D 729 -17.35 28.85 -38.77
CA ILE D 729 -16.89 29.44 -40.02
C ILE D 729 -18.09 29.82 -40.88
N ALA D 730 -19.06 28.91 -41.00
CA ALA D 730 -20.25 29.18 -41.79
C ALA D 730 -21.29 30.00 -41.03
N GLY D 731 -20.94 30.52 -39.86
CA GLY D 731 -21.84 31.32 -39.07
C GLY D 731 -21.50 32.80 -39.14
N SER D 732 -22.54 33.62 -39.19
CA SER D 732 -22.35 35.07 -39.25
C SER D 732 -21.75 35.56 -37.95
N ASP D 733 -21.00 36.66 -38.03
CA ASP D 733 -20.33 37.18 -36.84
C ASP D 733 -21.31 37.65 -35.76
N VAL D 734 -22.48 38.17 -36.14
CA VAL D 734 -23.44 38.65 -35.14
C VAL D 734 -23.91 37.51 -34.25
N SER D 735 -24.50 36.47 -34.86
CA SER D 735 -24.98 35.33 -34.08
C SER D 735 -23.82 34.60 -33.42
N LYS D 736 -22.64 34.60 -34.05
CA LYS D 736 -21.49 33.92 -33.45
C LYS D 736 -21.06 34.64 -32.18
N GLN D 737 -21.29 35.96 -32.10
CA GLN D 737 -20.96 36.71 -30.90
C GLN D 737 -22.05 36.56 -29.84
N ALA D 738 -23.32 36.53 -30.28
CA ALA D 738 -24.42 36.38 -29.34
C ALA D 738 -24.56 34.96 -28.80
N ALA D 739 -23.85 33.99 -29.37
CA ALA D 739 -23.94 32.60 -28.94
C ALA D 739 -23.07 32.34 -27.70
N ASP D 740 -23.38 31.23 -27.02
CA ASP D 740 -22.64 30.80 -25.84
C ASP D 740 -21.65 29.68 -26.11
N MET D 741 -21.77 28.99 -27.25
CA MET D 741 -20.88 27.91 -27.66
C MET D 741 -20.67 27.97 -29.16
N ILE D 742 -19.43 27.80 -29.58
CA ILE D 742 -19.03 27.87 -30.98
C ILE D 742 -18.44 26.54 -31.43
N LEU D 743 -18.79 26.12 -32.64
CA LEU D 743 -18.27 24.88 -33.21
C LEU D 743 -17.26 25.32 -34.26
N LEU D 744 -15.97 25.32 -33.89
CA LEU D 744 -14.93 25.76 -34.82
C LEU D 744 -14.84 24.88 -36.06
N ASP D 745 -15.11 23.59 -35.93
CA ASP D 745 -15.05 22.67 -37.05
C ASP D 745 -16.39 22.51 -37.75
N ASP D 746 -17.43 23.21 -37.28
CA ASP D 746 -18.78 23.15 -37.83
C ASP D 746 -19.38 21.75 -37.78
N ASN D 747 -18.78 20.84 -37.02
CA ASN D 747 -19.26 19.48 -36.88
C ASN D 747 -20.48 19.48 -35.98
N PHE D 748 -21.65 19.19 -36.56
CA PHE D 748 -22.87 19.19 -35.77
C PHE D 748 -22.89 18.07 -34.73
N ALA D 749 -22.09 17.01 -34.93
CA ALA D 749 -22.02 15.94 -33.94
C ALA D 749 -21.48 16.44 -32.61
N SER D 750 -20.83 17.61 -32.62
CA SER D 750 -20.33 18.21 -31.39
C SER D 750 -21.47 18.46 -30.43
N ILE D 751 -22.69 18.67 -30.96
CA ILE D 751 -23.86 18.85 -30.09
C ILE D 751 -24.09 17.57 -29.29
N VAL D 752 -23.93 16.41 -29.94
CA VAL D 752 -24.09 15.13 -29.26
C VAL D 752 -23.00 14.97 -28.20
N THR D 753 -21.76 15.24 -28.58
CA THR D 753 -20.67 15.17 -27.61
C THR D 753 -20.96 16.11 -26.44
N GLY D 754 -21.52 17.28 -26.76
CA GLY D 754 -21.84 18.26 -25.75
C GLY D 754 -22.86 17.77 -24.75
N VAL D 755 -23.98 17.22 -25.23
CA VAL D 755 -24.99 16.74 -24.29
C VAL D 755 -24.42 15.60 -23.44
N GLU D 756 -23.49 14.81 -24.00
CA GLU D 756 -22.89 13.75 -23.20
C GLU D 756 -22.05 14.32 -22.08
N GLU D 757 -21.09 15.19 -22.43
CA GLU D 757 -20.23 15.80 -21.43
C GLU D 757 -21.05 16.60 -20.41
N GLY D 758 -22.10 17.27 -20.88
CA GLY D 758 -22.95 18.06 -19.99
C GLY D 758 -23.60 17.21 -18.92
N ARG D 759 -24.05 16.00 -19.29
CA ARG D 759 -24.63 15.14 -18.27
C ARG D 759 -23.55 14.52 -17.37
N LEU D 760 -22.44 14.10 -17.98
CA LEU D 760 -21.34 13.48 -17.24
C LEU D 760 -20.80 14.40 -16.16
N ILE D 761 -20.40 15.62 -16.54
CA ILE D 761 -19.87 16.54 -15.54
C ILE D 761 -20.92 16.87 -14.48
N PHE D 762 -22.21 16.84 -14.85
CA PHE D 762 -23.23 17.11 -13.83
C PHE D 762 -23.16 16.07 -12.72
N ASP D 763 -23.19 14.78 -13.09
CA ASP D 763 -23.11 13.73 -12.08
C ASP D 763 -21.77 13.77 -11.32
N ASN D 764 -20.66 14.01 -12.03
CA ASN D 764 -19.37 14.07 -11.36
C ASN D 764 -19.31 15.25 -10.39
N LEU D 765 -19.99 16.34 -10.73
CA LEU D 765 -20.06 17.48 -9.83
C LEU D 765 -20.77 17.06 -8.57
N LYS D 766 -21.87 16.30 -8.71
CA LYS D 766 -22.58 15.80 -7.54
C LYS D 766 -21.61 15.03 -6.64
N LYS D 767 -20.87 14.10 -7.23
CA LYS D 767 -19.91 13.31 -6.45
C LYS D 767 -18.90 14.19 -5.72
N SER D 768 -18.28 15.13 -6.45
CA SER D 768 -17.29 16.01 -5.84
C SER D 768 -17.90 16.85 -4.71
N ILE D 769 -19.13 17.34 -4.93
CA ILE D 769 -19.81 18.14 -3.92
C ILE D 769 -20.05 17.30 -2.68
N ALA D 770 -20.53 16.08 -2.85
CA ALA D 770 -20.78 15.20 -1.72
C ALA D 770 -19.49 14.93 -0.95
N TYR D 771 -18.37 14.88 -1.68
CA TYR D 771 -17.09 14.65 -1.01
C TYR D 771 -16.73 15.84 -0.12
N THR D 772 -16.69 17.04 -0.71
CA THR D 772 -16.34 18.21 0.09
C THR D 772 -17.36 18.50 1.20
N LEU D 773 -18.63 18.13 0.98
CA LEU D 773 -19.67 18.32 1.97
C LEU D 773 -19.64 17.26 3.05
N THR D 774 -18.95 16.15 2.82
CA THR D 774 -18.87 15.13 3.87
C THR D 774 -17.89 15.53 4.94
N SER D 775 -16.75 16.10 4.55
CA SER D 775 -15.73 16.52 5.49
C SER D 775 -16.17 17.64 6.41
N ASN D 776 -17.33 18.27 6.19
CA ASN D 776 -17.76 19.37 7.06
C ASN D 776 -18.15 18.90 8.45
N ILE D 777 -18.76 17.72 8.55
CA ILE D 777 -19.17 17.22 9.87
C ILE D 777 -17.98 17.04 10.82
N PRO D 778 -16.90 16.32 10.45
CA PRO D 778 -15.79 16.21 11.39
C PRO D 778 -14.96 17.48 11.50
N GLU D 779 -15.24 18.50 10.69
CA GLU D 779 -14.54 19.77 10.79
C GLU D 779 -15.23 20.69 11.79
N ILE D 780 -16.55 20.56 11.96
CA ILE D 780 -17.30 21.44 12.85
C ILE D 780 -17.62 20.79 14.18
N THR D 781 -17.91 19.48 14.21
CA THR D 781 -18.22 18.83 15.49
C THR D 781 -17.16 19.04 16.58
N PRO D 782 -15.86 19.16 16.27
CA PRO D 782 -14.90 19.42 17.37
C PRO D 782 -15.21 20.71 18.10
N PHE D 783 -15.51 21.78 17.38
CA PHE D 783 -15.82 23.04 18.03
C PHE D 783 -17.19 22.99 18.71
N LEU D 784 -18.11 22.18 18.17
CA LEU D 784 -19.43 22.06 18.77
C LEU D 784 -19.34 21.42 20.15
N ILE D 785 -18.69 20.25 20.24
CA ILE D 785 -18.56 19.65 21.56
C ILE D 785 -17.57 20.42 22.40
N PHE D 786 -16.77 21.31 21.78
CA PHE D 786 -15.88 22.17 22.53
C PHE D 786 -16.72 23.18 23.32
N ILE D 787 -17.87 23.55 22.75
CA ILE D 787 -18.76 24.47 23.44
C ILE D 787 -19.63 23.73 24.45
N ILE D 788 -20.16 22.56 24.06
CA ILE D 788 -21.06 21.82 24.94
C ILE D 788 -20.36 21.11 26.11
N ALA D 789 -19.52 20.13 25.79
CA ALA D 789 -18.86 19.35 26.84
C ALA D 789 -17.72 20.08 27.55
N ASN D 790 -17.32 21.27 27.08
CA ASN D 790 -16.25 22.05 27.69
C ASN D 790 -14.95 21.25 27.80
N ILE D 791 -14.52 20.68 26.68
CA ILE D 791 -13.31 19.87 26.60
C ILE D 791 -12.23 20.61 25.81
N PRO D 792 -10.95 20.20 25.87
CA PRO D 792 -9.93 20.89 25.07
C PRO D 792 -10.29 20.77 23.60
N LEU D 793 -9.82 21.73 22.81
CA LEU D 793 -10.14 21.77 21.39
C LEU D 793 -9.64 20.53 20.65
N PRO D 794 -10.54 19.72 20.07
CA PRO D 794 -10.08 18.51 19.36
C PRO D 794 -9.43 18.77 18.00
N LEU D 795 -9.86 19.80 17.28
CA LEU D 795 -9.32 20.08 15.95
C LEU D 795 -9.11 21.58 15.79
N GLY D 796 -7.92 21.97 15.32
CA GLY D 796 -7.60 23.37 15.14
C GLY D 796 -8.04 23.90 13.79
N THR D 797 -7.85 25.21 13.63
CA THR D 797 -8.24 25.88 12.38
C THR D 797 -7.28 25.55 11.25
N VAL D 798 -5.97 25.65 11.53
CA VAL D 798 -4.94 25.39 10.52
C VAL D 798 -5.08 23.98 9.96
N THR D 799 -5.41 23.02 10.81
CA THR D 799 -5.59 21.65 10.33
C THR D 799 -6.78 21.57 9.39
N ILE D 800 -7.85 22.30 9.71
CA ILE D 800 -9.02 22.32 8.84
C ILE D 800 -8.63 22.90 7.49
N LEU D 801 -7.73 23.90 7.50
CA LEU D 801 -7.27 24.46 6.23
C LEU D 801 -6.48 23.42 5.47
N CYS D 802 -5.71 22.59 6.19
CA CYS D 802 -4.93 21.53 5.54
C CYS D 802 -5.83 20.44 4.97
N ILE D 803 -7.08 20.37 5.41
CA ILE D 803 -7.99 19.36 4.87
C ILE D 803 -8.78 19.92 3.70
N ASP D 804 -9.45 21.05 3.91
CA ASP D 804 -10.28 21.65 2.87
C ASP D 804 -9.46 22.16 1.68
N LEU D 805 -8.28 22.73 1.94
CA LEU D 805 -7.43 23.29 0.90
C LEU D 805 -6.12 22.54 0.70
N GLY D 806 -5.95 21.42 1.36
CA GLY D 806 -4.73 20.65 1.26
C GLY D 806 -4.88 19.29 0.63
N THR D 807 -5.12 18.31 1.50
CA THR D 807 -5.25 16.92 1.10
C THR D 807 -6.42 16.69 0.14
N ASP D 808 -7.65 16.90 0.60
CA ASP D 808 -8.88 16.64 -0.17
C ASP D 808 -8.98 17.39 -1.49
N MET D 809 -8.07 18.32 -1.80
CA MET D 809 -8.17 19.04 -3.06
C MET D 809 -8.00 18.11 -4.25
N VAL D 810 -6.97 17.27 -4.21
CA VAL D 810 -6.68 16.33 -5.29
C VAL D 810 -7.78 15.28 -5.40
N PRO D 811 -8.27 14.67 -4.31
CA PRO D 811 -9.38 13.73 -4.47
C PRO D 811 -10.61 14.38 -5.08
N ALA D 812 -10.89 15.62 -4.67
CA ALA D 812 -12.04 16.34 -5.21
C ALA D 812 -11.91 16.56 -6.70
N ILE D 813 -10.73 16.96 -7.17
CA ILE D 813 -10.55 17.17 -8.60
C ILE D 813 -10.62 15.84 -9.35
N SER D 814 -10.01 14.79 -8.79
CA SER D 814 -10.02 13.47 -9.41
C SER D 814 -11.42 12.90 -9.51
N LEU D 815 -12.35 13.38 -8.68
CA LEU D 815 -13.71 12.89 -8.76
C LEU D 815 -14.41 13.39 -10.03
N ALA D 816 -13.82 14.36 -10.73
CA ALA D 816 -14.39 14.86 -11.96
C ALA D 816 -14.03 13.96 -13.12
N TYR D 817 -12.93 13.21 -13.00
CA TYR D 817 -12.50 12.30 -14.03
C TYR D 817 -13.27 10.99 -14.02
N GLU D 818 -14.26 10.85 -13.14
CA GLU D 818 -15.03 9.62 -13.09
C GLU D 818 -15.82 9.47 -14.38
N GLN D 819 -15.83 8.25 -14.90
CA GLN D 819 -16.54 8.04 -16.15
C GLN D 819 -18.00 7.70 -15.85
N ALA D 820 -18.72 7.32 -16.89
CA ALA D 820 -20.13 7.00 -16.77
C ALA D 820 -20.36 5.68 -16.06
N GLU D 821 -21.32 5.68 -15.14
CA GLU D 821 -21.67 4.44 -14.44
C GLU D 821 -22.59 3.58 -15.30
N SER D 822 -23.40 4.21 -16.14
CA SER D 822 -24.30 3.53 -17.06
C SER D 822 -24.28 4.33 -18.36
N ASP D 823 -25.15 4.01 -19.30
CA ASP D 823 -25.21 4.77 -20.55
C ASP D 823 -25.93 6.08 -20.27
N ILE D 824 -25.20 7.19 -20.33
CA ILE D 824 -25.85 8.47 -20.05
C ILE D 824 -26.65 8.94 -21.26
N MET D 825 -26.28 8.51 -22.47
CA MET D 825 -27.02 8.93 -23.65
C MET D 825 -28.29 8.12 -23.86
N LYS D 826 -28.59 7.20 -22.95
CA LYS D 826 -29.80 6.40 -23.00
C LYS D 826 -30.90 6.96 -22.09
N ARG D 827 -30.53 7.69 -21.05
CA ARG D 827 -31.49 8.26 -20.12
C ARG D 827 -32.07 9.57 -20.66
N GLN D 828 -33.25 9.90 -20.15
CA GLN D 828 -33.94 11.11 -20.55
C GLN D 828 -33.28 12.32 -19.89
N PRO D 829 -33.46 13.52 -20.46
CA PRO D 829 -32.86 14.71 -19.85
C PRO D 829 -33.43 14.95 -18.46
N ARG D 830 -32.60 15.55 -17.61
CA ARG D 830 -32.98 15.81 -16.23
C ARG D 830 -34.13 16.78 -16.10
N ASN D 831 -34.91 16.59 -15.05
CA ASN D 831 -36.03 17.45 -14.75
C ASN D 831 -35.52 18.64 -13.95
N PRO D 832 -35.80 19.88 -14.38
CA PRO D 832 -35.30 21.03 -13.61
C PRO D 832 -35.91 21.17 -12.23
N LYS D 833 -37.19 20.86 -12.08
CA LYS D 833 -37.85 20.98 -10.79
C LYS D 833 -37.66 19.75 -9.90
N THR D 834 -37.10 18.65 -10.39
CA THR D 834 -36.93 17.47 -9.55
C THR D 834 -35.47 17.10 -9.29
N ASP D 835 -34.74 16.70 -10.32
CA ASP D 835 -33.37 16.27 -10.17
C ASP D 835 -32.44 17.47 -9.94
N LYS D 836 -32.29 17.88 -8.69
CA LYS D 836 -31.43 19.00 -8.36
C LYS D 836 -29.99 18.50 -8.24
N LEU D 837 -29.05 19.43 -8.39
CA LEU D 837 -27.64 19.06 -8.28
C LEU D 837 -27.31 18.58 -6.87
N VAL D 838 -27.75 19.33 -5.86
CA VAL D 838 -27.52 18.97 -4.46
C VAL D 838 -28.90 18.92 -3.81
N ASN D 839 -29.47 17.73 -3.75
CA ASN D 839 -30.78 17.55 -3.14
C ASN D 839 -30.62 17.13 -1.68
N GLU D 840 -31.74 16.93 -0.98
CA GLU D 840 -31.69 16.56 0.42
C GLU D 840 -31.14 15.15 0.64
N GLN D 841 -31.15 14.30 -0.40
CA GLN D 841 -30.60 12.96 -0.24
C GLN D 841 -29.08 13.05 -0.05
N LEU D 842 -28.43 13.92 -0.83
CA LEU D 842 -26.98 14.12 -0.71
C LEU D 842 -26.63 14.63 0.68
N ILE D 843 -27.40 15.59 1.18
CA ILE D 843 -27.14 16.11 2.52
C ILE D 843 -27.40 15.02 3.55
N SER D 844 -28.38 14.14 3.29
CA SER D 844 -28.69 13.02 4.16
C SER D 844 -27.52 12.05 4.22
N MET D 845 -26.67 12.03 3.20
CA MET D 845 -25.51 11.15 3.19
C MET D 845 -24.27 11.82 3.76
N ALA D 846 -23.89 12.97 3.21
CA ALA D 846 -22.69 13.69 3.67
C ALA D 846 -22.86 14.27 5.06
N TYR D 847 -23.81 15.20 5.22
CA TYR D 847 -24.03 15.81 6.52
C TYR D 847 -24.69 14.86 7.50
N GLY D 848 -25.38 13.83 7.00
CA GLY D 848 -26.07 12.91 7.88
C GLY D 848 -25.42 11.62 8.32
N GLN D 849 -24.88 10.83 7.40
CA GLN D 849 -24.32 9.53 7.78
C GLN D 849 -22.81 9.42 7.67
N ILE D 850 -22.25 9.65 6.48
CA ILE D 850 -20.81 9.49 6.28
C ILE D 850 -20.01 10.44 7.17
N GLY D 851 -20.29 11.75 7.07
CA GLY D 851 -19.57 12.72 7.88
C GLY D 851 -19.69 12.45 9.36
N MET D 852 -20.80 11.84 9.79
CA MET D 852 -20.98 11.52 11.19
C MET D 852 -19.95 10.48 11.62
N ILE D 853 -19.75 9.45 10.80
CA ILE D 853 -18.75 8.44 11.13
C ILE D 853 -17.36 9.06 11.12
N GLN D 854 -17.12 10.00 10.21
CA GLN D 854 -15.81 10.66 10.18
C GLN D 854 -15.56 11.43 11.47
N ALA D 855 -16.59 12.11 11.98
CA ALA D 855 -16.45 12.84 13.23
C ALA D 855 -16.19 11.88 14.39
N LEU D 856 -16.87 10.73 14.38
CA LEU D 856 -16.66 9.74 15.44
C LEU D 856 -15.21 9.24 15.43
N GLY D 857 -14.67 8.96 14.25
CA GLY D 857 -13.29 8.50 14.18
C GLY D 857 -12.33 9.56 14.71
N GLY D 858 -12.61 10.83 14.39
CA GLY D 858 -11.76 11.89 14.89
C GLY D 858 -11.76 11.98 16.40
N PHE D 859 -12.95 11.96 17.01
CA PHE D 859 -13.02 12.03 18.47
C PHE D 859 -12.38 10.79 19.09
N PHE D 860 -12.44 9.65 18.40
CA PHE D 860 -11.81 8.45 18.92
C PHE D 860 -10.31 8.67 19.05
N THR D 861 -9.66 9.13 17.97
CA THR D 861 -8.24 9.40 18.03
C THR D 861 -7.92 10.44 19.11
N TYR D 862 -8.84 11.42 19.26
CA TYR D 862 -8.68 12.46 20.28
C TYR D 862 -8.56 11.86 21.67
N PHE D 863 -9.53 11.02 22.04
CA PHE D 863 -9.47 10.40 23.36
C PHE D 863 -8.32 9.42 23.47
N VAL D 864 -7.93 8.76 22.38
CA VAL D 864 -6.82 7.83 22.44
C VAL D 864 -5.55 8.56 22.84
N ILE D 865 -5.28 9.68 22.17
CA ILE D 865 -4.09 10.48 22.45
C ILE D 865 -4.13 11.03 23.88
N LEU D 866 -5.23 11.67 24.25
CA LEU D 866 -5.30 12.26 25.59
C LEU D 866 -5.23 11.21 26.69
N ALA D 867 -5.89 10.08 26.51
CA ALA D 867 -5.88 9.04 27.52
C ALA D 867 -4.51 8.40 27.65
N GLU D 868 -3.81 8.18 26.52
CA GLU D 868 -2.48 7.58 26.60
C GLU D 868 -1.47 8.54 27.21
N ASN D 869 -1.73 9.84 27.16
CA ASN D 869 -0.83 10.82 27.74
C ASN D 869 -1.17 11.16 29.18
N GLY D 870 -2.22 10.55 29.75
CA GLY D 870 -2.58 10.79 31.13
C GLY D 870 -3.91 11.47 31.35
N PHE D 871 -4.60 11.90 30.30
CA PHE D 871 -5.88 12.60 30.42
C PHE D 871 -7.00 11.67 29.95
N LEU D 872 -7.58 10.93 30.89
CA LEU D 872 -8.67 10.03 30.56
C LEU D 872 -9.82 10.80 29.90
N PRO D 873 -10.55 10.15 28.99
CA PRO D 873 -11.65 10.86 28.31
C PRO D 873 -12.70 11.41 29.24
N ILE D 874 -13.05 10.69 30.30
CA ILE D 874 -14.05 11.17 31.24
C ILE D 874 -13.55 12.41 31.98
N HIS D 875 -12.25 12.48 32.24
CA HIS D 875 -11.63 13.61 32.94
C HIS D 875 -11.58 14.89 32.12
N LEU D 876 -11.66 14.79 30.80
CA LEU D 876 -11.59 15.98 29.96
C LEU D 876 -12.83 16.84 30.03
N LEU D 877 -13.93 16.34 30.59
CA LEU D 877 -15.16 17.14 30.67
C LEU D 877 -14.97 18.30 31.62
N GLY D 878 -15.36 19.49 31.17
CA GLY D 878 -15.21 20.69 31.98
C GLY D 878 -13.78 21.11 32.21
N LEU D 879 -12.83 20.54 31.47
CA LEU D 879 -11.41 20.85 31.63
C LEU D 879 -10.94 22.05 30.82
N ARG D 880 -11.63 22.40 29.72
CA ARG D 880 -11.18 23.51 28.89
C ARG D 880 -11.12 24.83 29.65
N VAL D 881 -11.93 24.99 30.71
CA VAL D 881 -11.92 26.22 31.47
C VAL D 881 -10.52 26.52 31.99
N ASN D 882 -9.82 25.49 32.47
CA ASN D 882 -8.45 25.67 32.95
C ASN D 882 -7.43 25.24 31.91
N TRP D 883 -7.83 24.44 30.93
CA TRP D 883 -6.90 23.99 29.90
C TRP D 883 -6.44 25.16 29.03
N ASP D 884 -7.39 25.99 28.59
CA ASP D 884 -7.05 27.13 27.75
C ASP D 884 -6.38 28.26 28.52
N ASP D 885 -6.37 28.21 29.86
CA ASP D 885 -5.72 29.26 30.63
C ASP D 885 -4.22 29.21 30.37
N ARG D 886 -3.64 30.36 30.05
CA ARG D 886 -2.22 30.48 29.73
C ARG D 886 -1.33 30.53 30.97
N TRP D 887 -1.90 30.57 32.18
CA TRP D 887 -1.09 30.71 33.37
C TRP D 887 -1.21 29.57 34.38
N ILE D 888 -2.20 28.69 34.25
CA ILE D 888 -2.33 27.57 35.18
C ILE D 888 -1.36 26.49 34.70
N ASN D 889 -0.11 26.58 35.14
CA ASN D 889 0.93 25.64 34.71
C ASN D 889 0.99 24.39 35.58
N ASP D 890 -0.11 24.03 36.22
CA ASP D 890 -0.17 22.85 37.07
C ASP D 890 -1.54 22.16 36.96
N VAL D 891 -2.02 21.94 35.73
CA VAL D 891 -3.31 21.30 35.51
C VAL D 891 -3.19 19.81 35.79
N GLU D 892 -3.94 19.34 36.77
CA GLU D 892 -3.91 17.93 37.15
C GLU D 892 -4.65 17.07 36.14
N ASP D 893 -4.01 15.98 35.72
CA ASP D 893 -4.56 15.02 34.78
C ASP D 893 -5.30 13.94 35.58
N SER D 894 -5.48 12.77 34.98
CA SER D 894 -6.13 11.65 35.66
C SER D 894 -5.16 10.86 36.53
N TYR D 895 -3.85 11.07 36.36
CA TYR D 895 -2.85 10.39 37.16
C TYR D 895 -2.23 11.30 38.21
N GLY D 896 -2.76 12.52 38.39
CA GLY D 896 -2.24 13.44 39.37
C GLY D 896 -1.07 14.28 38.92
N GLN D 897 -0.57 14.05 37.71
CA GLN D 897 0.57 14.83 37.23
C GLN D 897 0.15 16.26 36.94
N GLN D 898 1.08 17.19 37.12
CA GLN D 898 0.86 18.61 36.88
C GLN D 898 1.46 18.98 35.53
N TRP D 899 0.63 19.52 34.64
CA TRP D 899 1.03 19.90 33.30
C TRP D 899 1.13 21.41 33.15
N THR D 900 2.22 21.88 32.55
CA THR D 900 2.41 23.31 32.32
C THR D 900 1.51 23.74 31.16
N TYR D 901 1.57 25.03 30.80
CA TYR D 901 0.74 25.51 29.70
C TYR D 901 1.19 24.96 28.37
N GLU D 902 2.46 25.19 28.00
CA GLU D 902 2.94 24.72 26.71
C GLU D 902 2.96 23.19 26.62
N GLN D 903 3.08 22.47 27.73
CA GLN D 903 3.07 21.01 27.64
C GLN D 903 1.71 20.50 27.20
N ARG D 904 0.65 20.88 27.92
CA ARG D 904 -0.68 20.45 27.52
C ARG D 904 -1.05 21.04 26.18
N LYS D 905 -0.53 22.24 25.85
CA LYS D 905 -0.82 22.81 24.55
C LYS D 905 -0.16 21.98 23.44
N ILE D 906 1.05 21.46 23.71
CA ILE D 906 1.72 20.59 22.74
C ILE D 906 0.87 19.35 22.53
N VAL D 907 0.27 18.83 23.61
CA VAL D 907 -0.60 17.67 23.45
C VAL D 907 -1.84 18.04 22.63
N GLU D 908 -2.36 19.25 22.83
CA GLU D 908 -3.54 19.66 22.06
C GLU D 908 -3.21 19.81 20.57
N PHE D 909 -2.06 20.40 20.25
CA PHE D 909 -1.70 20.55 18.84
C PHE D 909 -1.33 19.20 18.23
N THR D 910 -0.69 18.33 19.02
CA THR D 910 -0.38 16.99 18.56
C THR D 910 -1.61 16.11 18.65
N CYS D 911 -2.75 16.73 18.99
CA CYS D 911 -4.07 16.13 18.98
C CYS D 911 -4.88 16.67 17.80
N HIS D 912 -4.52 17.87 17.32
CA HIS D 912 -5.16 18.45 16.14
C HIS D 912 -4.57 17.82 14.89
N THR D 913 -3.23 17.64 14.89
CA THR D 913 -2.55 17.02 13.75
C THR D 913 -3.07 15.61 13.45
N PRO D 914 -3.20 14.70 14.43
CA PRO D 914 -3.72 13.37 14.12
C PRO D 914 -5.19 13.40 13.81
N PHE D 915 -5.93 14.40 14.32
CA PHE D 915 -7.33 14.50 13.95
C PHE D 915 -7.40 14.76 12.45
N PHE D 916 -6.51 15.63 11.96
CA PHE D 916 -6.42 15.92 10.53
C PHE D 916 -6.03 14.65 9.76
N VAL D 917 -5.08 13.89 10.30
CA VAL D 917 -4.69 12.64 9.67
C VAL D 917 -5.87 11.68 9.64
N THR D 918 -6.65 11.66 10.72
CA THR D 918 -7.84 10.83 10.80
C THR D 918 -8.83 11.22 9.71
N ILE D 919 -8.96 12.53 9.47
CA ILE D 919 -9.84 13.00 8.40
C ILE D 919 -9.35 12.44 7.07
N VAL D 920 -8.03 12.40 6.90
CA VAL D 920 -7.47 11.86 5.66
C VAL D 920 -7.81 10.37 5.53
N VAL D 921 -7.65 9.63 6.63
CA VAL D 921 -7.92 8.20 6.60
C VAL D 921 -9.38 7.93 6.26
N VAL D 922 -10.30 8.70 6.84
CA VAL D 922 -11.70 8.46 6.52
C VAL D 922 -12.04 8.98 5.12
N GLN D 923 -11.31 9.99 4.63
CA GLN D 923 -11.56 10.50 3.28
C GLN D 923 -11.12 9.48 2.25
N TRP D 924 -10.28 8.52 2.62
CA TRP D 924 -9.94 7.45 1.69
C TRP D 924 -11.21 6.73 1.26
N ALA D 925 -11.92 6.15 2.24
CA ALA D 925 -13.15 5.42 1.98
C ALA D 925 -14.25 6.34 1.47
N ASP D 926 -14.32 7.58 1.98
CA ASP D 926 -15.35 8.49 1.48
C ASP D 926 -15.15 8.79 0.00
N LEU D 927 -13.90 8.94 -0.42
CA LEU D 927 -13.60 9.20 -1.83
C LEU D 927 -13.95 8.00 -2.69
N VAL D 928 -13.60 6.79 -2.22
CA VAL D 928 -13.88 5.58 -2.99
C VAL D 928 -15.39 5.36 -3.12
N ILE D 929 -16.16 5.65 -2.07
CA ILE D 929 -17.61 5.45 -2.18
C ILE D 929 -18.27 6.59 -2.95
N CYS D 930 -17.71 7.81 -2.89
CA CYS D 930 -18.27 8.92 -3.65
C CYS D 930 -17.95 8.75 -5.14
N LYS D 931 -16.96 7.93 -5.46
CA LYS D 931 -16.58 7.68 -6.84
C LYS D 931 -17.73 7.05 -7.62
N THR D 932 -18.51 6.18 -6.99
CA THR D 932 -19.63 5.52 -7.62
C THR D 932 -20.91 5.81 -6.84
N ARG D 933 -21.95 6.26 -7.55
CA ARG D 933 -23.23 6.56 -6.93
C ARG D 933 -24.17 5.37 -6.87
N ARG D 934 -24.05 4.43 -7.81
CA ARG D 934 -24.91 3.26 -7.83
C ARG D 934 -24.13 1.96 -7.94
N ASN D 935 -23.11 1.94 -8.78
CA ASN D 935 -22.30 0.76 -9.02
C ASN D 935 -21.41 0.41 -7.84
N SER D 936 -21.10 -0.87 -7.73
CA SER D 936 -20.18 -1.35 -6.71
C SER D 936 -18.78 -0.87 -7.08
N VAL D 937 -17.93 -0.66 -6.08
CA VAL D 937 -16.55 -0.25 -6.36
C VAL D 937 -15.87 -1.34 -7.18
N PHE D 938 -16.38 -2.57 -7.08
CA PHE D 938 -15.87 -3.70 -7.84
C PHE D 938 -16.40 -3.66 -9.27
N GLN D 939 -17.61 -3.12 -9.47
CA GLN D 939 -18.20 -3.01 -10.80
C GLN D 939 -17.54 -1.88 -11.58
N GLN D 940 -17.60 -0.65 -11.06
CA GLN D 940 -16.99 0.49 -11.74
C GLN D 940 -15.48 0.31 -11.86
N GLY D 941 -14.81 0.00 -10.76
CA GLY D 941 -13.38 -0.23 -10.79
C GLY D 941 -12.51 0.98 -10.59
N MET D 942 -11.44 0.82 -9.82
CA MET D 942 -10.49 1.90 -9.52
C MET D 942 -9.52 2.06 -10.69
N LYS D 943 -10.04 2.62 -11.78
CA LYS D 943 -9.23 2.89 -12.96
C LYS D 943 -8.93 4.37 -13.10
N ASN D 944 -9.48 5.20 -12.22
CA ASN D 944 -9.21 6.64 -12.24
C ASN D 944 -7.79 6.81 -11.71
N LYS D 945 -6.82 6.96 -12.61
CA LYS D 945 -5.44 7.11 -12.19
C LYS D 945 -5.24 8.41 -11.42
N ILE D 946 -5.99 9.45 -11.76
CA ILE D 946 -5.90 10.71 -11.03
C ILE D 946 -6.37 10.50 -9.60
N LEU D 947 -7.32 9.59 -9.39
CA LEU D 947 -7.82 9.31 -8.05
C LEU D 947 -6.80 8.51 -7.24
N ILE D 948 -6.09 7.59 -7.89
CA ILE D 948 -5.04 6.84 -7.22
C ILE D 948 -3.96 7.80 -6.76
N PHE D 949 -3.55 8.69 -7.67
CA PHE D 949 -2.56 9.70 -7.32
C PHE D 949 -3.10 10.61 -6.23
N GLY D 950 -4.42 10.86 -6.24
CA GLY D 950 -5.00 11.69 -5.21
C GLY D 950 -4.86 11.06 -3.84
N LEU D 951 -4.98 9.74 -3.78
CA LEU D 951 -4.83 9.07 -2.50
C LEU D 951 -3.37 9.06 -2.05
N PHE D 952 -2.45 8.78 -2.98
CA PHE D 952 -1.03 8.76 -2.63
C PHE D 952 -0.54 10.14 -2.22
N GLU D 953 -0.88 11.17 -3.00
CA GLU D 953 -0.47 12.52 -2.68
C GLU D 953 -1.13 12.98 -1.38
N GLU D 954 -2.41 12.66 -1.19
CA GLU D 954 -3.14 13.06 0.01
C GLU D 954 -2.47 12.51 1.27
N THR D 955 -2.21 11.20 1.28
CA THR D 955 -1.59 10.58 2.45
C THR D 955 -0.15 11.06 2.65
N ALA D 956 0.63 11.13 1.57
CA ALA D 956 2.02 11.59 1.70
C ALA D 956 2.08 13.04 2.17
N LEU D 957 1.16 13.88 1.69
CA LEU D 957 1.13 15.27 2.11
C LEU D 957 0.80 15.37 3.59
N ALA D 958 -0.13 14.54 4.07
CA ALA D 958 -0.46 14.55 5.50
C ALA D 958 0.76 14.13 6.33
N ALA D 959 1.46 13.09 5.87
CA ALA D 959 2.65 12.64 6.60
C ALA D 959 3.72 13.73 6.61
N PHE D 960 3.81 14.49 5.53
CA PHE D 960 4.77 15.60 5.49
C PHE D 960 4.36 16.70 6.45
N LEU D 961 3.07 17.02 6.49
CA LEU D 961 2.58 18.06 7.39
C LEU D 961 2.76 17.66 8.84
N SER D 962 2.97 16.38 9.12
CA SER D 962 3.16 15.99 10.50
C SER D 962 4.62 15.79 10.88
N TYR D 963 5.44 15.25 9.99
CA TYR D 963 6.83 14.97 10.32
C TYR D 963 7.84 15.92 9.66
N CYS D 964 7.40 17.03 9.11
CA CYS D 964 8.44 17.85 8.55
C CYS D 964 9.12 18.64 9.68
N PRO D 965 10.45 18.78 9.63
CA PRO D 965 11.15 19.53 10.69
C PRO D 965 10.68 20.97 10.74
N GLY D 966 10.06 21.33 11.86
CA GLY D 966 9.56 22.68 12.05
C GLY D 966 8.08 22.86 11.84
N MET D 967 7.31 21.79 11.66
CA MET D 967 5.87 21.96 11.49
C MET D 967 5.22 22.40 12.79
N GLY D 968 5.70 21.88 13.92
CA GLY D 968 5.18 22.29 15.20
C GLY D 968 5.51 23.73 15.54
N VAL D 969 6.43 24.35 14.81
CA VAL D 969 6.82 25.73 15.04
C VAL D 969 6.07 26.66 14.08
N ALA D 970 5.75 26.16 12.88
CA ALA D 970 5.07 26.96 11.87
C ALA D 970 3.55 26.78 11.90
N LEU D 971 3.07 25.55 11.78
CA LEU D 971 1.63 25.28 11.79
C LEU D 971 1.18 24.63 13.08
N ARG D 972 2.07 24.48 14.06
CA ARG D 972 1.75 23.83 15.33
C ARG D 972 1.27 22.40 15.08
N MET D 973 1.84 21.75 14.06
CA MET D 973 1.50 20.38 13.71
C MET D 973 2.70 19.53 14.10
N TYR D 974 2.56 18.83 15.19
CA TYR D 974 3.61 18.01 15.76
C TYR D 974 3.63 16.60 15.16
N PRO D 975 4.74 15.88 15.28
CA PRO D 975 4.80 14.52 14.74
C PRO D 975 3.84 13.61 15.49
N LEU D 976 3.46 12.54 14.81
CA LEU D 976 2.52 11.57 15.37
C LEU D 976 3.20 10.28 15.74
N LYS D 977 2.92 9.79 16.95
CA LYS D 977 3.40 8.48 17.36
C LYS D 977 2.73 7.52 16.38
N PRO D 978 3.48 6.58 15.80
CA PRO D 978 2.90 5.73 14.73
C PRO D 978 1.56 5.06 15.01
N THR D 979 1.25 4.74 16.26
CA THR D 979 -0.02 4.11 16.55
C THR D 979 -1.21 4.99 16.14
N TRP D 980 -1.01 6.31 16.16
CA TRP D 980 -2.10 7.21 15.77
C TRP D 980 -2.54 6.99 14.34
N TRP D 981 -1.61 6.61 13.45
CA TRP D 981 -2.00 6.41 12.05
C TRP D 981 -2.98 5.28 11.85
N PHE D 982 -3.29 4.50 12.89
CA PHE D 982 -4.24 3.40 12.73
C PHE D 982 -5.48 3.59 13.59
N CYS D 983 -5.63 4.75 14.22
CA CYS D 983 -6.81 4.94 15.05
C CYS D 983 -8.08 5.06 14.20
N ALA D 984 -7.99 5.76 13.07
CA ALA D 984 -9.17 5.95 12.23
C ALA D 984 -9.48 4.80 11.30
N PHE D 985 -8.56 3.85 11.15
CA PHE D 985 -8.74 2.70 10.25
C PHE D 985 -10.08 1.98 10.37
N PRO D 986 -10.56 1.57 11.55
CA PRO D 986 -11.85 0.88 11.59
C PRO D 986 -12.99 1.76 11.11
N TYR D 987 -12.92 3.06 11.37
CA TYR D 987 -13.99 3.95 10.92
C TYR D 987 -14.01 4.05 9.41
N SER D 988 -12.84 4.16 8.78
CA SER D 988 -12.79 4.24 7.32
C SER D 988 -13.33 2.97 6.70
N LEU D 989 -12.83 1.80 7.16
CA LEU D 989 -13.33 0.55 6.61
C LEU D 989 -14.84 0.41 6.83
N LEU D 990 -15.33 0.89 7.98
CA LEU D 990 -16.76 0.84 8.25
C LEU D 990 -17.53 1.67 7.23
N ILE D 991 -17.03 2.87 6.93
CA ILE D 991 -17.67 3.76 5.95
C ILE D 991 -17.75 3.05 4.61
N PHE D 992 -16.64 2.46 4.18
CA PHE D 992 -16.59 1.77 2.89
C PHE D 992 -17.60 0.62 2.85
N VAL D 993 -17.63 -0.20 3.90
CA VAL D 993 -18.54 -1.34 3.91
C VAL D 993 -19.99 -0.89 3.91
N TYR D 994 -20.31 0.11 4.73
CA TYR D 994 -21.69 0.60 4.80
C TYR D 994 -22.17 1.16 3.47
N ASP D 995 -21.39 2.05 2.86
CA ASP D 995 -21.82 2.59 1.58
C ASP D 995 -21.83 1.51 0.51
N GLU D 996 -20.96 0.49 0.63
CA GLU D 996 -20.95 -0.59 -0.35
C GLU D 996 -22.24 -1.40 -0.27
N VAL D 997 -22.70 -1.71 0.95
CA VAL D 997 -23.95 -2.45 1.06
C VAL D 997 -25.11 -1.53 0.70
N ARG D 998 -24.94 -0.22 0.87
CA ARG D 998 -25.99 0.72 0.48
C ARG D 998 -26.21 0.63 -1.03
N LYS D 999 -25.12 0.81 -1.80
CA LYS D 999 -25.20 0.71 -3.25
C LYS D 999 -25.60 -0.70 -3.69
N LEU D 1000 -25.34 -1.71 -2.86
CA LEU D 1000 -25.77 -3.06 -3.21
C LEU D 1000 -27.29 -3.17 -3.10
N ILE D 1001 -27.86 -2.59 -2.04
CA ILE D 1001 -29.31 -2.62 -1.87
C ILE D 1001 -29.96 -1.77 -2.95
N ILE D 1002 -29.32 -0.67 -3.35
CA ILE D 1002 -29.87 0.15 -4.42
C ILE D 1002 -29.85 -0.64 -5.72
N ARG D 1003 -28.86 -1.52 -5.88
CA ARG D 1003 -28.77 -2.34 -7.09
C ARG D 1003 -29.87 -3.41 -7.12
N ARG D 1004 -29.96 -4.21 -6.06
CA ARG D 1004 -30.95 -5.30 -6.05
C ARG D 1004 -32.37 -4.80 -5.83
N ARG D 1005 -32.55 -3.71 -5.08
CA ARG D 1005 -33.87 -3.14 -4.82
C ARG D 1005 -33.95 -1.75 -5.44
N PRO D 1006 -34.28 -1.65 -6.73
CA PRO D 1006 -34.39 -0.33 -7.37
C PRO D 1006 -35.74 0.33 -7.13
N GLY D 1007 -36.51 -0.19 -6.19
CA GLY D 1007 -37.82 0.39 -5.93
C GLY D 1007 -37.93 1.69 -5.17
N GLY D 1008 -37.80 1.61 -3.84
CA GLY D 1008 -37.97 2.74 -2.97
C GLY D 1008 -36.92 3.32 -2.04
N TRP D 1009 -37.03 2.88 -0.79
CA TRP D 1009 -36.29 3.32 0.39
C TRP D 1009 -34.84 3.71 0.24
N VAL D 1010 -33.95 2.75 -0.08
CA VAL D 1010 -32.54 3.09 -0.21
C VAL D 1010 -32.32 4.04 -1.37
N GLU D 1011 -33.15 3.96 -2.40
CA GLU D 1011 -33.01 4.83 -3.56
C GLU D 1011 -33.62 6.20 -3.33
N LYS D 1012 -34.83 6.26 -2.79
CA LYS D 1012 -35.48 7.55 -2.58
C LYS D 1012 -34.92 8.31 -1.39
N GLU D 1013 -34.18 7.66 -0.50
CA GLU D 1013 -33.65 8.32 0.68
C GLU D 1013 -32.16 8.66 0.59
N THR D 1014 -31.34 7.73 0.09
CA THR D 1014 -29.91 7.93 0.01
C THR D 1014 -29.35 8.16 -1.39
N TYR D 1015 -29.89 7.50 -2.42
CA TYR D 1015 -29.38 7.68 -3.78
C TYR D 1015 -29.54 9.13 -4.19
N TYR D 1016 -28.42 9.84 -4.28
CA TYR D 1016 -28.39 11.26 -4.64
C TYR D 1016 -27.84 11.47 -6.04
N LYS E 13 -47.63 30.83 -1.86
CA LYS E 13 -46.86 29.95 -2.74
C LYS E 13 -45.78 29.20 -1.94
N LYS E 14 -45.66 29.54 -0.66
CA LYS E 14 -44.70 28.92 0.26
C LYS E 14 -45.42 28.15 1.35
N PHE E 15 -46.56 27.55 1.01
CA PHE E 15 -47.38 26.77 1.95
C PHE E 15 -47.15 25.29 1.77
N ILE E 16 -45.90 24.91 1.51
CA ILE E 16 -45.53 23.51 1.34
C ILE E 16 -45.54 22.87 2.72
N TRP E 17 -45.88 23.67 3.75
CA TRP E 17 -46.01 23.20 5.12
C TRP E 17 -46.86 21.94 5.16
N ASN E 18 -48.10 22.09 4.70
CA ASN E 18 -49.08 21.03 4.65
C ASN E 18 -49.89 21.14 3.37
N SER E 19 -50.74 20.14 3.18
CA SER E 19 -51.63 20.04 2.04
C SER E 19 -52.67 19.00 2.42
N GLU E 20 -53.71 18.89 1.61
CA GLU E 20 -54.70 17.88 1.94
C GLU E 20 -54.20 16.49 1.56
N LYS E 21 -53.04 16.40 0.90
CA LYS E 21 -52.44 15.15 0.50
C LYS E 21 -51.29 14.73 1.41
N LYS E 22 -51.32 15.17 2.67
CA LYS E 22 -50.34 14.79 3.69
C LYS E 22 -48.85 15.12 3.53
N GLU E 23 -48.44 16.33 3.90
CA GLU E 23 -47.05 16.75 3.87
C GLU E 23 -46.80 17.63 5.09
N PHE E 24 -45.66 17.47 5.77
CA PHE E 24 -45.32 18.27 6.94
C PHE E 24 -43.88 18.73 6.85
N LEU E 25 -43.66 20.05 6.87
CA LEU E 25 -42.35 20.67 6.80
C LEU E 25 -41.61 20.33 5.52
N GLY E 26 -42.27 19.63 4.60
CA GLY E 26 -41.68 19.23 3.34
C GLY E 26 -42.03 17.83 2.90
N ARG E 27 -42.23 16.91 3.85
CA ARG E 27 -42.56 15.52 3.51
C ARG E 27 -43.76 15.05 4.33
N THR E 28 -44.25 13.87 3.97
CA THR E 28 -45.43 13.29 4.62
C THR E 28 -45.12 12.84 6.05
N GLY E 29 -46.17 12.37 6.73
CA GLY E 29 -46.02 11.90 8.09
C GLY E 29 -45.39 10.54 8.19
N GLY E 30 -45.89 9.59 7.38
CA GLY E 30 -45.31 8.26 7.39
C GLY E 30 -43.86 8.28 6.95
N SER E 31 -43.50 9.22 6.09
CA SER E 31 -42.11 9.33 5.66
C SER E 31 -41.27 9.93 6.78
N TRP E 32 -41.85 10.87 7.53
CA TRP E 32 -41.14 11.46 8.66
C TRP E 32 -40.83 10.40 9.70
N PHE E 33 -41.80 9.51 9.96
CA PHE E 33 -41.56 8.46 10.94
C PHE E 33 -40.54 7.45 10.43
N LYS E 34 -40.62 7.06 9.14
CA LYS E 34 -39.66 6.11 8.60
C LYS E 34 -38.24 6.64 8.69
N ILE E 35 -38.02 7.88 8.23
CA ILE E 35 -36.68 8.47 8.27
C ILE E 35 -36.20 8.63 9.71
N LEU E 36 -37.07 9.14 10.59
CA LEU E 36 -36.66 9.33 11.98
C LEU E 36 -36.28 8.01 12.63
N LEU E 37 -37.06 6.95 12.38
CA LEU E 37 -36.74 5.65 12.94
C LEU E 37 -35.40 5.14 12.42
N PHE E 38 -35.17 5.30 11.11
CA PHE E 38 -33.90 4.86 10.54
C PHE E 38 -32.73 5.61 11.15
N TYR E 39 -32.83 6.93 11.23
CA TYR E 39 -31.74 7.72 11.80
C TYR E 39 -31.53 7.40 13.27
N VAL E 40 -32.60 7.07 14.00
CA VAL E 40 -32.42 6.73 15.41
C VAL E 40 -31.67 5.40 15.52
N ILE E 41 -32.04 4.41 14.71
CA ILE E 41 -31.35 3.12 14.76
C ILE E 41 -29.89 3.28 14.31
N PHE E 42 -29.68 4.02 13.22
CA PHE E 42 -28.34 4.25 12.69
C PHE E 42 -27.45 4.97 13.69
N TYR E 43 -27.90 6.12 14.20
CA TYR E 43 -27.10 6.86 15.17
C TYR E 43 -26.92 6.07 16.45
N GLY E 44 -27.88 5.22 16.81
CA GLY E 44 -27.71 4.40 18.00
C GLY E 44 -26.60 3.40 17.79
N CYS E 45 -26.55 2.78 16.60
CA CYS E 45 -25.47 1.85 16.31
C CYS E 45 -24.14 2.57 16.25
N LEU E 46 -24.13 3.78 15.69
CA LEU E 46 -22.89 4.56 15.62
C LEU E 46 -22.38 4.86 17.01
N ALA E 47 -23.28 5.27 17.90
CA ALA E 47 -22.89 5.58 19.28
C ALA E 47 -22.39 4.32 19.97
N GLY E 48 -23.07 3.19 19.76
CA GLY E 48 -22.64 1.95 20.37
C GLY E 48 -21.28 1.50 19.88
N ILE E 49 -20.99 1.73 18.59
CA ILE E 49 -19.70 1.34 18.03
C ILE E 49 -18.59 2.23 18.59
N PHE E 50 -18.84 3.55 18.61
CA PHE E 50 -17.85 4.46 19.17
C PHE E 50 -17.57 4.12 20.63
N ILE E 51 -18.62 3.77 21.38
CA ILE E 51 -18.46 3.43 22.78
C ILE E 51 -17.70 2.12 22.94
N GLY E 52 -18.00 1.12 22.11
CA GLY E 52 -17.28 -0.14 22.21
C GLY E 52 -15.80 0.03 21.91
N THR E 53 -15.49 0.81 20.88
CA THR E 53 -14.10 1.05 20.54
C THR E 53 -13.41 1.87 21.63
N ILE E 54 -14.10 2.86 22.19
CA ILE E 54 -13.47 3.66 23.25
C ILE E 54 -13.29 2.81 24.50
N GLN E 55 -14.15 1.79 24.71
CA GLN E 55 -13.99 0.92 25.86
C GLN E 55 -12.75 0.05 25.68
N VAL E 56 -12.53 -0.45 24.47
CA VAL E 56 -11.30 -1.21 24.22
C VAL E 56 -10.09 -0.32 24.45
N MET E 57 -10.18 0.94 24.01
CA MET E 57 -9.09 1.88 24.24
C MET E 57 -8.88 2.07 25.74
N LEU E 58 -9.97 2.08 26.51
CA LEU E 58 -9.84 2.20 27.95
C LEU E 58 -9.15 0.97 28.53
N LEU E 59 -9.33 -0.18 27.87
CA LEU E 59 -8.66 -1.40 28.32
C LEU E 59 -7.18 -1.39 27.98
N THR E 60 -6.75 -0.48 27.11
CA THR E 60 -5.34 -0.39 26.75
C THR E 60 -4.52 0.42 27.76
N ILE E 61 -5.14 0.98 28.79
CA ILE E 61 -4.40 1.75 29.79
C ILE E 61 -4.62 1.12 31.16
N SER E 62 -3.63 1.26 32.03
CA SER E 62 -3.71 0.73 33.38
C SER E 62 -4.23 1.82 34.31
N GLU E 63 -4.50 1.43 35.56
CA GLU E 63 -4.98 2.39 36.54
C GLU E 63 -3.88 3.00 37.37
N PHE E 64 -2.69 2.42 37.34
CA PHE E 64 -1.58 2.88 38.16
C PHE E 64 -0.46 3.55 37.38
N LYS E 65 -0.56 3.68 36.06
CA LYS E 65 0.53 4.32 35.34
C LYS E 65 0.13 4.76 33.94
N PRO E 66 0.47 5.98 33.54
CA PRO E 66 0.14 6.44 32.19
C PRO E 66 1.09 5.79 31.19
N THR E 67 0.54 5.38 30.05
CA THR E 67 1.35 4.72 29.03
C THR E 67 2.46 5.63 28.51
N TYR E 68 2.12 6.87 28.17
CA TYR E 68 3.10 7.84 27.68
C TYR E 68 3.31 8.92 28.72
N GLN E 69 4.57 9.14 29.10
CA GLN E 69 4.92 10.17 30.08
C GLN E 69 6.03 11.06 29.54
N ASP E 70 6.34 10.97 28.25
CA ASP E 70 7.41 11.74 27.64
C ASP E 70 7.07 13.20 27.38
N ARG E 71 5.78 13.55 27.35
CA ARG E 71 5.39 14.94 27.10
C ARG E 71 5.50 15.83 28.33
N VAL E 72 5.95 15.29 29.46
CA VAL E 72 6.13 16.03 30.70
C VAL E 72 7.55 15.77 31.18
N ALA E 73 8.47 15.48 30.24
CA ALA E 73 9.88 15.17 30.52
C ALA E 73 10.50 16.26 31.40
N PRO E 74 10.57 17.53 31.00
CA PRO E 74 11.11 18.53 31.91
C PRO E 74 10.00 19.06 32.80
N PRO E 75 10.05 18.80 34.11
CA PRO E 75 8.97 19.27 34.99
C PRO E 75 8.96 20.78 35.10
N GLY E 76 7.76 21.32 35.36
CA GLY E 76 7.58 22.73 35.50
C GLY E 76 7.94 23.24 36.88
N LEU E 77 7.81 24.56 37.05
CA LEU E 77 8.12 25.24 38.32
C LEU E 77 7.05 26.30 38.51
N THR E 78 6.01 26.00 39.27
CA THR E 78 4.93 26.95 39.48
C THR E 78 5.09 27.71 40.78
N GLN E 79 4.22 28.69 40.99
CA GLN E 79 4.23 29.53 42.18
C GLN E 79 2.84 29.53 42.81
N ILE E 80 2.74 30.11 44.01
CA ILE E 80 1.45 30.16 44.67
C ILE E 80 0.57 31.27 44.10
N PRO E 81 1.05 32.53 43.91
CA PRO E 81 0.14 33.53 43.33
C PRO E 81 0.03 33.38 41.82
N GLN E 82 -0.92 32.54 41.37
CA GLN E 82 -1.12 32.30 39.95
C GLN E 82 -1.67 33.60 39.37
N SER E 83 -0.76 34.51 39.05
CA SER E 83 -1.12 35.81 38.52
C SER E 83 -1.63 35.72 37.08
N GLN E 84 -2.41 36.73 36.69
CA GLN E 84 -2.96 36.77 35.34
C GLN E 84 -1.87 36.92 34.29
N LYS E 85 -0.74 37.53 34.64
CA LYS E 85 0.38 37.69 33.73
C LYS E 85 1.70 37.47 34.47
N THR E 86 1.67 36.62 35.51
CA THR E 86 2.82 36.30 36.36
C THR E 86 3.41 37.57 36.97
N GLU E 87 2.56 38.57 37.16
CA GLU E 87 2.96 39.85 37.70
C GLU E 87 2.29 40.07 39.05
N ILE E 88 3.05 40.61 40.00
CA ILE E 88 2.57 40.89 41.36
C ILE E 88 2.62 42.40 41.53
N SER E 89 1.49 43.05 41.27
CA SER E 89 1.35 44.50 41.39
C SER E 89 0.26 44.77 42.41
N PHE E 90 0.62 45.46 43.50
CA PHE E 90 -0.33 45.77 44.56
C PHE E 90 0.19 46.98 45.32
N ARG E 91 -0.56 47.38 46.34
CA ARG E 91 -0.20 48.51 47.19
C ARG E 91 0.08 48.00 48.60
N PRO E 92 1.21 48.38 49.21
CA PRO E 92 1.50 47.91 50.57
C PRO E 92 0.50 48.39 51.60
N ASN E 93 -0.34 49.37 51.28
CA ASN E 93 -1.32 49.89 52.23
C ASN E 93 -2.71 49.30 52.03
N ASP E 94 -3.29 49.46 50.84
CA ASP E 94 -4.63 48.97 50.52
C ASP E 94 -4.72 47.46 50.70
N PRO E 95 -5.50 46.99 51.68
CA PRO E 95 -5.62 45.54 51.89
C PRO E 95 -6.37 44.85 50.77
N GLN E 96 -7.28 45.56 50.09
CA GLN E 96 -8.03 44.97 48.99
C GLN E 96 -7.18 44.86 47.73
N SER E 97 -6.07 45.60 47.68
CA SER E 97 -5.21 45.56 46.50
C SER E 97 -4.52 44.22 46.36
N TYR E 98 -4.13 43.60 47.48
CA TYR E 98 -3.46 42.31 47.45
C TYR E 98 -4.37 41.16 47.92
N GLU E 99 -5.70 41.35 47.85
CA GLU E 99 -6.63 40.31 48.27
C GLU E 99 -6.59 39.10 47.34
N SER E 100 -6.52 39.34 46.03
CA SER E 100 -6.49 38.24 45.06
C SER E 100 -5.27 37.33 45.24
N TYR E 101 -4.17 37.87 45.76
CA TYR E 101 -2.98 37.06 45.98
C TYR E 101 -3.13 36.19 47.23
N VAL E 102 -3.33 36.84 48.37
CA VAL E 102 -3.48 36.15 49.67
C VAL E 102 -4.58 35.11 49.60
N VAL E 103 -5.68 35.39 48.89
CA VAL E 103 -6.76 34.41 48.78
C VAL E 103 -6.24 33.11 48.19
N SER E 104 -5.49 33.20 47.10
CA SER E 104 -4.94 32.00 46.47
C SER E 104 -3.88 31.34 47.35
N ILE E 105 -3.11 32.12 48.11
CA ILE E 105 -2.10 31.51 48.96
C ILE E 105 -2.76 30.70 50.07
N VAL E 106 -3.81 31.26 50.68
CA VAL E 106 -4.50 30.56 51.76
C VAL E 106 -5.21 29.32 51.23
N ARG E 107 -5.89 29.44 50.07
CA ARG E 107 -6.56 28.28 49.52
C ARG E 107 -5.57 27.18 49.16
N PHE E 108 -4.37 27.56 48.70
CA PHE E 108 -3.37 26.56 48.35
C PHE E 108 -2.83 25.86 49.60
N LEU E 109 -2.45 26.62 50.63
CA LEU E 109 -1.91 26.03 51.85
C LEU E 109 -2.97 25.53 52.81
N GLU E 110 -4.25 25.54 52.42
CA GLU E 110 -5.30 25.04 53.30
C GLU E 110 -5.18 23.53 53.54
N LYS E 111 -4.51 22.81 52.66
CA LYS E 111 -4.31 21.38 52.78
C LYS E 111 -3.01 21.02 53.49
N TYR E 112 -2.25 22.02 53.94
CA TYR E 112 -0.99 21.79 54.64
C TYR E 112 -1.07 22.07 56.13
N LYS E 113 -2.25 22.45 56.65
CA LYS E 113 -2.38 22.73 58.07
C LYS E 113 -2.17 21.46 58.89
N ASP E 114 -1.78 21.66 60.16
CA ASP E 114 -1.53 20.54 61.05
C ASP E 114 -2.80 19.71 61.27
N LEU E 115 -3.98 20.32 61.14
CA LEU E 115 -5.23 19.58 61.31
C LEU E 115 -5.55 18.73 60.10
N ALA E 116 -5.13 19.16 58.91
CA ALA E 116 -5.40 18.39 57.70
C ALA E 116 -4.58 17.10 57.69
N GLN E 117 -3.33 17.16 58.13
CA GLN E 117 -2.48 15.98 58.19
C GLN E 117 -2.50 15.50 59.64
N LYS E 118 -3.56 14.78 59.97
CA LYS E 118 -3.74 14.26 61.31
C LYS E 118 -3.84 12.74 61.37
N ASP E 119 -4.33 12.10 60.32
CA ASP E 119 -4.45 10.65 60.33
C ASP E 119 -3.07 10.02 60.19
N ASP E 120 -2.75 9.10 61.10
CA ASP E 120 -1.45 8.43 61.04
C ASP E 120 -1.45 7.23 60.11
N MET E 121 -2.61 6.83 59.60
CA MET E 121 -2.71 5.69 58.70
C MET E 121 -2.40 6.04 57.25
N ILE E 122 -2.30 7.33 56.92
CA ILE E 122 -2.03 7.75 55.55
C ILE E 122 -0.90 8.76 55.53
N PHE E 123 -0.44 9.20 56.70
CA PHE E 123 0.64 10.15 56.80
C PHE E 123 1.83 9.52 57.53
N GLU E 124 3.03 9.90 57.09
CA GLU E 124 4.28 9.38 57.63
C GLU E 124 5.22 10.56 57.89
N ASP E 125 5.73 10.66 59.11
CA ASP E 125 6.64 11.76 59.45
C ASP E 125 8.00 11.45 58.83
N CYS E 126 8.32 12.18 57.76
CA CYS E 126 9.59 11.98 57.06
C CYS E 126 10.77 12.35 57.96
N GLY E 127 10.85 13.61 58.36
CA GLY E 127 11.94 14.04 59.21
C GLY E 127 12.24 15.52 59.02
N ASN E 128 12.97 16.07 59.99
CA ASN E 128 13.35 17.48 59.97
C ASN E 128 14.54 17.75 59.07
N VAL E 129 15.15 16.72 58.50
CA VAL E 129 16.31 16.89 57.63
C VAL E 129 16.05 16.15 56.31
N PRO E 130 16.32 16.77 55.17
CA PRO E 130 16.08 16.08 53.88
C PRO E 130 16.96 14.86 53.72
N SER E 131 16.32 13.71 53.45
CA SER E 131 16.99 12.42 53.30
C SER E 131 16.89 11.90 51.86
N GLU E 132 17.34 10.67 51.66
CA GLU E 132 17.31 10.02 50.36
C GLU E 132 15.87 9.72 49.93
N LEU E 133 15.72 9.30 48.67
CA LEU E 133 14.40 8.99 48.13
C LEU E 133 13.78 7.82 48.88
N LYS E 134 12.45 7.83 48.95
CA LYS E 134 11.68 6.81 49.65
C LYS E 134 10.81 6.08 48.63
N GLU E 135 11.25 4.90 48.20
CA GLU E 135 10.51 4.10 47.23
C GLU E 135 9.62 3.11 47.98
N ARG E 136 8.31 3.25 47.80
CA ARG E 136 7.34 2.38 48.45
C ARG E 136 6.89 1.29 47.48
N GLY E 137 7.82 0.36 47.21
CA GLY E 137 7.62 -0.77 46.33
C GLY E 137 7.36 -0.40 44.88
N GLU E 138 6.67 -1.31 44.18
CA GLU E 138 6.32 -1.14 42.78
C GLU E 138 5.03 -0.33 42.66
N TYR E 139 4.65 -0.02 41.42
CA TYR E 139 3.45 0.76 41.16
C TYR E 139 2.18 -0.08 41.03
N ASN E 140 2.24 -1.39 41.25
CA ASN E 140 1.04 -2.20 41.13
C ASN E 140 0.13 -2.00 42.35
N ASN E 141 -0.98 -2.72 42.38
CA ASN E 141 -1.92 -2.64 43.49
C ASN E 141 -1.74 -3.78 44.49
N GLU E 142 -0.65 -4.55 44.38
CA GLU E 142 -0.41 -5.63 45.33
C GLU E 142 -0.29 -5.09 46.73
N ARG E 143 0.28 -3.90 46.88
CA ARG E 143 0.39 -3.24 48.17
C ARG E 143 -0.81 -2.30 48.34
N GLY E 144 -1.11 -1.95 49.58
CA GLY E 144 -2.23 -1.07 49.85
C GLY E 144 -1.97 0.37 49.44
N GLU E 145 -2.78 1.28 49.99
CA GLU E 145 -2.62 2.70 49.71
C GLU E 145 -1.33 3.19 50.36
N ARG E 146 -0.38 3.63 49.55
CA ARG E 146 0.91 4.09 50.05
C ARG E 146 0.78 5.27 51.01
N LYS E 147 1.85 5.51 51.76
CA LYS E 147 1.89 6.61 52.71
C LYS E 147 2.48 7.85 52.07
N VAL E 148 2.04 9.01 52.55
CA VAL E 148 2.50 10.30 52.06
C VAL E 148 3.21 11.02 53.18
N CYS E 149 4.43 11.46 52.92
CA CYS E 149 5.21 12.16 53.93
C CYS E 149 4.62 13.54 54.22
N ARG E 150 4.56 13.88 55.51
CA ARG E 150 4.02 15.15 55.97
C ARG E 150 4.97 16.32 55.68
N PHE E 151 4.37 17.52 55.58
CA PHE E 151 5.10 18.76 55.32
C PHE E 151 4.31 19.88 55.99
N ARG E 152 4.70 20.23 57.22
CA ARG E 152 4.01 21.28 57.96
C ARG E 152 4.40 22.65 57.42
N LEU E 153 3.49 23.61 57.55
CA LEU E 153 3.74 24.96 57.04
C LEU E 153 4.90 25.64 57.76
N GLU E 154 5.28 25.16 58.95
CA GLU E 154 6.38 25.76 59.70
C GLU E 154 7.69 25.71 58.94
N TRP E 155 7.84 24.78 57.99
CA TRP E 155 9.08 24.68 57.24
C TRP E 155 9.34 25.93 56.41
N LEU E 156 8.28 26.57 55.89
CA LEU E 156 8.44 27.79 55.10
C LEU E 156 8.40 28.94 56.08
N GLY E 157 9.56 29.25 56.67
CA GLY E 157 9.64 30.32 57.62
C GLY E 157 9.37 31.67 57.00
N ASN E 158 8.77 32.56 57.80
CA ASN E 158 8.43 33.93 57.44
C ASN E 158 7.43 34.06 56.29
N CYS E 159 6.93 32.95 55.74
CA CYS E 159 5.96 32.97 54.64
C CYS E 159 4.83 31.99 54.90
N SER E 160 4.36 31.91 56.14
CA SER E 160 3.26 31.02 56.48
C SER E 160 2.15 31.67 57.29
N GLY E 161 2.43 32.74 58.03
CA GLY E 161 1.47 33.45 58.87
C GLY E 161 1.20 32.84 60.23
N GLY E 168 -2.77 36.55 57.16
CA GLY E 168 -1.91 37.72 57.21
C GLY E 168 -0.54 37.41 56.63
N TYR E 169 -0.46 37.60 55.32
CA TYR E 169 0.75 37.33 54.54
C TYR E 169 1.61 38.59 54.44
N LYS E 170 2.55 38.60 53.51
CA LYS E 170 3.50 39.69 53.35
C LYS E 170 3.03 40.77 52.37
N ASP E 171 2.86 42.00 52.89
CA ASP E 171 2.50 43.14 52.07
C ASP E 171 3.79 43.79 51.57
N GLY E 172 4.62 44.29 52.48
CA GLY E 172 5.90 44.83 52.10
C GLY E 172 6.82 43.61 52.12
N LYS E 173 7.76 43.56 51.15
CA LYS E 173 8.68 42.43 51.03
C LYS E 173 7.82 41.18 50.83
N PRO E 174 7.17 41.03 49.67
CA PRO E 174 6.26 39.90 49.48
C PRO E 174 6.95 38.53 49.42
N CYS E 175 6.10 37.52 49.58
CA CYS E 175 6.49 36.11 49.56
C CYS E 175 5.89 35.43 48.34
N VAL E 176 6.68 34.56 47.71
CA VAL E 176 6.25 33.78 46.56
C VAL E 176 6.87 32.40 46.72
N ILE E 177 6.09 31.41 47.12
CA ILE E 177 6.64 30.07 47.26
C ILE E 177 6.61 29.40 45.90
N ILE E 178 7.53 28.46 45.70
CA ILE E 178 7.65 27.74 44.44
C ILE E 178 7.36 26.27 44.72
N LYS E 179 6.87 25.59 43.68
CA LYS E 179 6.52 24.17 43.75
C LYS E 179 6.96 23.47 42.49
N LEU E 180 7.45 22.24 42.65
CA LEU E 180 7.90 21.41 41.55
C LEU E 180 6.71 20.63 41.01
N ASN E 181 6.54 20.65 39.68
CA ASN E 181 5.42 19.96 39.04
C ASN E 181 5.41 18.48 39.38
N ARG E 182 4.35 18.05 40.04
CA ARG E 182 4.16 16.66 40.45
C ARG E 182 4.12 15.76 39.22
N VAL E 183 5.07 14.83 39.12
CA VAL E 183 5.16 13.90 38.01
C VAL E 183 5.21 12.48 38.58
N LEU E 184 4.45 11.57 37.99
CA LEU E 184 4.42 10.20 38.49
C LEU E 184 5.74 9.49 38.23
N GLY E 185 6.24 8.81 39.26
CA GLY E 185 7.49 8.07 39.19
C GLY E 185 8.74 8.87 38.92
N PHE E 186 8.62 10.20 38.89
CA PHE E 186 9.78 11.04 38.64
C PHE E 186 10.69 11.06 39.85
N LYS E 187 11.97 10.75 39.64
CA LYS E 187 12.96 10.74 40.71
C LYS E 187 13.91 11.90 40.48
N PRO E 188 13.81 12.97 41.27
CA PRO E 188 14.69 14.13 41.07
C PRO E 188 16.15 13.78 41.32
N LYS E 189 17.02 14.30 40.45
CA LYS E 189 18.45 14.09 40.54
C LYS E 189 19.14 15.44 40.57
N PRO E 190 19.57 15.91 41.75
CA PRO E 190 20.24 17.20 41.85
C PRO E 190 21.58 17.16 41.15
N PRO E 191 22.18 18.30 40.83
CA PRO E 191 23.48 18.28 40.14
C PRO E 191 24.56 17.68 41.03
N LYS E 192 25.61 17.18 40.39
CA LYS E 192 26.73 16.56 41.08
C LYS E 192 27.44 17.60 41.97
N ASN E 193 28.36 17.12 42.82
CA ASN E 193 29.11 18.04 43.64
C ASN E 193 29.95 18.97 42.78
N GLU E 194 30.23 18.55 41.54
CA GLU E 194 30.95 19.36 40.56
C GLU E 194 29.93 20.31 39.93
N SER E 195 29.51 21.28 40.72
CA SER E 195 28.52 22.27 40.30
C SER E 195 29.16 23.34 39.43
N LEU E 196 28.66 23.48 38.21
CA LEU E 196 29.16 24.44 37.23
C LEU E 196 28.62 25.85 37.50
N GLU E 197 29.17 26.49 38.55
CA GLU E 197 28.79 27.85 38.94
C GLU E 197 27.28 28.00 39.16
N THR E 198 26.80 27.47 40.30
CA THR E 198 25.36 27.48 40.55
C THR E 198 24.85 28.55 41.53
N TYR E 199 25.46 29.77 41.59
CA TYR E 199 24.91 30.81 42.49
C TYR E 199 24.84 30.42 43.96
N PRO E 200 25.78 30.93 44.84
CA PRO E 200 25.88 30.51 46.25
C PRO E 200 24.64 29.87 46.87
N VAL E 201 24.86 28.63 47.28
CA VAL E 201 23.86 27.73 47.83
C VAL E 201 24.53 26.90 48.91
N MET E 202 23.72 26.33 49.80
CA MET E 202 24.25 25.52 50.89
C MET E 202 24.91 24.24 50.36
N LYS E 203 25.71 23.63 51.23
CA LYS E 203 26.45 22.40 50.93
C LYS E 203 25.59 21.15 50.97
N TYR E 204 24.27 21.28 50.95
CA TYR E 204 23.40 20.10 50.98
C TYR E 204 23.09 19.63 49.56
N ASN E 205 24.14 19.50 48.75
CA ASN E 205 23.96 19.06 47.38
C ASN E 205 23.38 17.66 47.18
N PRO E 206 23.57 16.64 48.06
CA PRO E 206 23.00 15.33 47.73
C PRO E 206 21.53 15.04 47.99
N TYR E 207 20.87 15.63 48.98
CA TYR E 207 19.48 15.25 49.21
C TYR E 207 18.47 16.39 49.09
N VAL E 208 18.64 17.28 48.12
CA VAL E 208 17.68 18.36 47.91
C VAL E 208 17.90 18.92 46.51
N LEU E 209 16.78 19.21 45.84
CA LEU E 209 16.77 19.77 44.49
C LEU E 209 16.91 21.28 44.65
N PRO E 210 18.04 21.86 44.28
CA PRO E 210 18.21 23.31 44.44
C PRO E 210 17.39 24.11 43.44
N VAL E 211 16.99 25.30 43.88
CA VAL E 211 16.21 26.26 43.09
C VAL E 211 16.74 27.64 43.45
N HIS E 212 17.26 28.36 42.47
CA HIS E 212 17.83 29.68 42.71
C HIS E 212 17.16 30.73 41.83
N CYS E 213 16.77 31.84 42.44
CA CYS E 213 16.13 32.96 41.76
C CYS E 213 17.17 34.03 41.49
N THR E 214 16.88 34.87 40.51
CA THR E 214 17.77 35.96 40.13
C THR E 214 16.97 36.91 39.25
N GLY E 215 17.60 37.98 38.79
CA GLY E 215 16.92 38.91 37.92
C GLY E 215 16.93 38.34 36.51
N LYS E 216 16.78 39.21 35.52
CA LYS E 216 16.80 38.76 34.14
C LYS E 216 17.84 39.46 33.30
N ARG E 217 18.21 40.70 33.64
CA ARG E 217 19.21 41.46 32.90
C ARG E 217 20.00 42.28 33.90
N ASP E 218 20.88 43.13 33.38
CA ASP E 218 21.70 43.98 34.23
C ASP E 218 20.86 44.93 35.09
N GLU E 219 19.65 45.25 34.65
CA GLU E 219 18.77 46.16 35.39
C GLU E 219 18.00 45.43 36.49
N ASP E 220 17.33 44.32 36.13
CA ASP E 220 16.55 43.57 37.11
C ASP E 220 17.44 42.99 38.20
N LYS E 221 18.64 42.53 37.84
CA LYS E 221 19.55 41.97 38.84
C LYS E 221 20.00 43.02 39.85
N GLU E 222 20.01 44.29 39.46
CA GLU E 222 20.42 45.36 40.38
C GLU E 222 19.27 45.88 41.23
N LYS E 223 18.06 45.97 40.66
CA LYS E 223 16.93 46.47 41.44
C LYS E 223 16.58 45.55 42.60
N VAL E 224 16.62 44.24 42.39
CA VAL E 224 16.29 43.26 43.44
C VAL E 224 17.51 43.17 44.35
N GLY E 225 17.42 43.78 45.53
CA GLY E 225 18.53 43.77 46.47
C GLY E 225 18.85 42.47 47.15
N THR E 226 17.97 41.98 48.03
CA THR E 226 18.22 40.75 48.76
C THR E 226 17.01 39.83 48.72
N MET E 227 17.27 38.52 48.60
CA MET E 227 16.26 37.48 48.57
C MET E 227 16.56 36.47 49.67
N GLU E 228 15.52 36.02 50.35
CA GLU E 228 15.65 35.04 51.42
C GLU E 228 14.79 33.83 51.07
N TYR E 229 15.43 32.67 50.98
CA TYR E 229 14.77 31.41 50.66
C TYR E 229 14.44 30.64 51.93
N PHE E 230 13.38 29.83 51.87
CA PHE E 230 12.96 29.04 53.01
C PHE E 230 12.52 27.66 52.55
N GLY E 231 12.97 26.63 53.26
CA GLY E 231 12.62 25.27 52.92
C GLY E 231 12.72 24.35 54.12
N LEU E 232 12.73 23.05 53.83
CA LEU E 232 12.82 22.02 54.87
C LEU E 232 14.19 22.13 55.54
N GLY E 233 14.20 22.51 56.80
CA GLY E 233 15.44 22.66 57.53
C GLY E 233 16.29 23.84 57.12
N GLY E 234 15.81 24.69 56.22
CA GLY E 234 16.55 25.84 55.78
C GLY E 234 17.30 25.71 54.46
N TYR E 235 16.92 24.76 53.61
CA TYR E 235 17.59 24.58 52.34
C TYR E 235 16.71 25.05 51.20
N PRO E 236 17.25 25.84 50.24
CA PRO E 236 16.45 26.36 49.12
C PRO E 236 16.19 25.33 48.02
N GLY E 237 15.27 24.41 48.30
CA GLY E 237 14.96 23.39 47.33
C GLY E 237 13.91 22.42 47.82
N PHE E 238 13.86 21.28 47.15
CA PHE E 238 12.90 20.22 47.45
C PHE E 238 13.60 18.99 48.00
N PRO E 239 13.18 18.46 49.15
CA PRO E 239 13.84 17.26 49.70
C PRO E 239 13.50 16.03 48.88
N LEU E 240 14.51 15.16 48.70
CA LEU E 240 14.30 13.94 47.94
C LEU E 240 13.45 12.91 48.67
N GLN E 241 13.21 13.09 49.97
CA GLN E 241 12.42 12.15 50.75
C GLN E 241 10.94 12.13 50.40
N TYR E 242 10.47 13.05 49.57
CA TYR E 242 9.06 13.10 49.18
C TYR E 242 8.79 12.52 47.81
N TYR E 243 9.81 12.00 47.13
CA TYR E 243 9.66 11.45 45.79
C TYR E 243 10.04 9.97 45.76
N PRO E 244 9.52 9.19 44.80
CA PRO E 244 8.61 9.59 43.70
C PRO E 244 7.12 9.55 44.02
N TYR E 245 6.32 10.09 43.10
CA TYR E 245 4.87 10.13 43.21
C TYR E 245 4.30 8.81 42.68
N TYR E 246 3.26 8.31 43.34
CA TYR E 246 2.64 7.05 42.96
C TYR E 246 1.22 7.22 42.44
N GLY E 247 0.96 8.31 41.72
CA GLY E 247 -0.36 8.55 41.17
C GLY E 247 -1.42 8.96 42.17
N LYS E 248 -2.49 9.57 41.67
CA LYS E 248 -3.58 10.00 42.54
C LYS E 248 -4.34 8.81 43.10
N LEU E 249 -4.40 7.71 42.34
CA LEU E 249 -5.12 6.53 42.80
C LEU E 249 -4.45 5.88 44.00
N LEU E 250 -3.12 5.72 43.95
CA LEU E 250 -2.43 5.07 45.07
C LEU E 250 -2.03 6.03 46.18
N GLN E 251 -1.88 7.32 45.91
CA GLN E 251 -1.48 8.28 46.94
C GLN E 251 -2.37 9.52 46.93
N PRO E 252 -3.62 9.40 47.34
CA PRO E 252 -4.47 10.59 47.41
C PRO E 252 -4.05 11.40 48.61
N LYS E 253 -4.36 12.69 48.56
CA LYS E 253 -4.00 13.64 49.62
C LYS E 253 -2.48 13.70 49.80
N TYR E 254 -1.77 13.58 48.68
CA TYR E 254 -0.31 13.66 48.66
C TYR E 254 0.12 15.12 48.72
N LEU E 255 1.19 15.39 49.45
CA LEU E 255 1.67 16.77 49.60
C LEU E 255 3.10 16.89 49.07
N GLN E 256 3.23 17.48 47.88
CA GLN E 256 4.53 17.69 47.29
C GLN E 256 5.31 18.73 48.09
N PRO E 257 6.65 18.69 48.03
CA PRO E 257 7.44 19.66 48.80
C PRO E 257 7.21 21.09 48.34
N LEU E 258 7.43 22.03 49.26
CA LEU E 258 7.28 23.44 48.99
C LEU E 258 8.54 24.18 49.43
N MET E 259 8.76 25.34 48.82
CA MET E 259 9.92 26.18 49.10
C MET E 259 9.53 27.61 48.81
N ALA E 260 9.61 28.47 49.82
CA ALA E 260 9.24 29.87 49.66
C ALA E 260 10.43 30.75 49.32
N VAL E 261 10.14 31.90 48.72
CA VAL E 261 11.11 32.89 48.32
C VAL E 261 10.55 34.27 48.66
N GLN E 262 11.27 35.04 49.47
CA GLN E 262 10.86 36.38 49.87
C GLN E 262 11.86 37.38 49.33
N PHE E 263 11.36 38.50 48.80
CA PHE E 263 12.19 39.55 48.22
C PHE E 263 12.20 40.72 49.20
N THR E 264 13.23 40.77 50.04
CA THR E 264 13.35 41.81 51.06
C THR E 264 13.66 43.18 50.48
N ASN E 265 14.81 43.34 49.84
CA ASN E 265 15.20 44.65 49.32
C ASN E 265 14.76 44.85 47.87
N LEU E 266 13.53 45.34 47.70
CA LEU E 266 13.00 45.62 46.39
C LEU E 266 12.91 47.14 46.21
N THR E 267 12.93 47.56 44.95
CA THR E 267 12.82 48.97 44.59
C THR E 267 11.33 49.23 44.37
N MET E 268 10.68 49.81 45.37
CA MET E 268 9.25 50.10 45.29
C MET E 268 8.91 50.98 44.10
N ASP E 269 7.68 50.80 43.59
CA ASP E 269 7.16 51.54 42.44
C ASP E 269 7.98 51.27 41.19
N THR E 270 8.43 50.03 41.02
CA THR E 270 9.22 49.64 39.87
C THR E 270 8.98 48.17 39.55
N GLU E 271 8.58 47.88 38.31
CA GLU E 271 8.33 46.51 37.89
C GLU E 271 9.66 45.86 37.54
N ILE E 272 10.05 44.84 38.30
CA ILE E 272 11.30 44.13 38.10
C ILE E 272 11.00 42.66 37.84
N ARG E 273 11.78 42.08 36.93
CA ARG E 273 11.61 40.69 36.52
C ARG E 273 12.53 39.76 37.29
N ILE E 274 11.98 38.64 37.75
CA ILE E 274 12.67 37.63 38.52
C ILE E 274 12.51 36.29 37.82
N GLU E 275 13.61 35.54 37.71
CA GLU E 275 13.66 34.22 37.09
C GLU E 275 14.18 33.24 38.12
N CYS E 276 13.31 32.32 38.55
CA CYS E 276 13.65 31.30 39.53
C CYS E 276 13.90 30.02 38.74
N LYS E 277 15.17 29.68 38.58
CA LYS E 277 15.59 28.51 37.81
C LYS E 277 15.92 27.36 38.75
N ALA E 278 15.29 26.21 38.51
CA ALA E 278 15.53 25.00 39.28
C ALA E 278 16.64 24.23 38.59
N TYR E 279 17.66 23.83 39.34
CA TYR E 279 18.80 23.12 38.76
C TYR E 279 18.78 21.64 39.10
N GLY E 280 19.35 20.85 38.21
CA GLY E 280 19.42 19.41 38.36
C GLY E 280 19.63 18.73 37.03
N GLU E 281 19.98 17.45 37.10
CA GLU E 281 20.21 16.68 35.88
C GLU E 281 18.89 16.27 35.23
N ASN E 282 17.92 15.86 36.04
CA ASN E 282 16.61 15.45 35.56
C ASN E 282 15.67 16.62 35.36
N ILE E 283 16.18 17.85 35.33
CA ILE E 283 15.37 19.05 35.17
C ILE E 283 15.76 19.70 33.84
N GLY E 284 14.84 19.68 32.88
CA GLY E 284 15.07 20.28 31.59
C GLY E 284 14.51 21.70 31.52
N TYR E 285 14.79 22.36 30.40
CA TYR E 285 14.34 23.73 30.17
C TYR E 285 13.76 23.82 28.77
N SER E 286 13.25 25.00 28.41
CA SER E 286 12.64 25.20 27.10
C SER E 286 12.58 26.67 26.75
N GLU E 287 13.09 27.03 25.57
CA GLU E 287 13.05 28.41 25.13
C GLU E 287 11.65 28.83 24.71
N LYS E 288 10.76 27.87 24.50
CA LYS E 288 9.38 28.12 24.11
C LYS E 288 8.44 28.13 25.31
N ASP E 289 8.75 27.32 26.31
CA ASP E 289 7.96 27.20 27.54
C ASP E 289 8.83 27.79 28.65
N ARG E 290 8.54 29.02 29.05
CA ARG E 290 9.31 29.64 30.12
C ARG E 290 9.04 29.04 31.49
N PHE E 291 8.20 28.00 31.58
CA PHE E 291 7.89 27.36 32.85
C PHE E 291 8.57 26.00 33.02
N GLN E 292 9.02 25.37 31.94
CA GLN E 292 9.70 24.08 32.03
C GLN E 292 11.05 24.27 32.72
N GLY E 293 11.15 23.84 33.96
CA GLY E 293 12.39 23.96 34.71
C GLY E 293 12.54 25.32 35.38
N ARG E 294 12.44 26.39 34.59
CA ARG E 294 12.58 27.74 35.13
C ARG E 294 11.20 28.28 35.51
N PHE E 295 11.16 29.55 35.91
CA PHE E 295 9.94 30.21 36.34
C PHE E 295 10.18 31.72 36.36
N ASP E 296 9.23 32.48 35.81
CA ASP E 296 9.34 33.94 35.72
C ASP E 296 8.24 34.65 36.53
N VAL E 297 8.55 35.88 36.95
CA VAL E 297 7.62 36.69 37.73
C VAL E 297 8.00 38.16 37.56
N LYS E 298 6.98 39.03 37.55
CA LYS E 298 7.18 40.48 37.41
C LYS E 298 6.61 41.16 38.65
N ILE E 299 7.47 41.42 39.65
CA ILE E 299 7.02 42.04 40.90
C ILE E 299 7.12 43.55 40.83
N GLU E 300 6.12 44.23 41.41
CA GLU E 300 6.09 45.69 41.45
C GLU E 300 5.28 46.09 42.68
N VAL E 301 5.98 46.46 43.75
CA VAL E 301 5.31 46.87 45.00
C VAL E 301 5.20 48.39 44.92
N LYS E 302 4.14 48.86 44.26
CA LYS E 302 3.91 50.29 44.09
C LYS E 302 3.19 50.85 45.31
N SER E 303 3.81 51.85 45.93
CA SER E 303 3.23 52.47 47.11
C SER E 303 2.35 53.65 46.72
N ASP F 17 15.02 6.01 30.69
CA ASP F 17 13.86 6.56 31.37
C ASP F 17 12.65 6.60 30.44
N PRO F 18 11.45 6.39 31.00
CA PRO F 18 10.24 6.43 30.17
C PRO F 18 9.87 7.84 29.71
N PHE F 19 10.60 8.85 30.19
CA PHE F 19 10.37 10.25 29.85
C PHE F 19 11.10 10.69 28.59
N TYR F 20 11.58 9.73 27.78
CA TYR F 20 12.26 10.04 26.54
C TYR F 20 11.61 9.24 25.42
N TYR F 21 11.37 9.89 24.29
CA TYR F 21 10.76 9.28 23.12
C TYR F 21 11.64 9.56 21.92
N ASP F 22 11.99 8.52 21.18
CA ASP F 22 12.80 8.65 19.97
C ASP F 22 11.91 9.18 18.85
N TYR F 23 11.60 10.49 18.94
CA TYR F 23 10.76 11.12 17.93
C TYR F 23 11.47 11.24 16.59
N GLU F 24 12.79 11.27 16.59
CA GLU F 24 13.52 11.41 15.33
C GLU F 24 13.41 10.18 14.46
N THR F 25 13.33 8.99 15.05
CA THR F 25 13.19 7.76 14.26
C THR F 25 11.85 7.75 13.55
N VAL F 26 10.77 8.00 14.31
CA VAL F 26 9.43 8.03 13.74
C VAL F 26 9.32 9.15 12.71
N ARG F 27 9.92 10.31 13.01
CA ARG F 27 9.86 11.44 12.09
C ARG F 27 10.58 11.14 10.77
N ASN F 28 11.79 10.58 10.85
CA ASN F 28 12.52 10.25 9.63
C ASN F 28 11.77 9.20 8.83
N GLY F 29 11.18 8.20 9.50
CA GLY F 29 10.41 7.20 8.79
C GLY F 29 9.19 7.79 8.13
N GLY F 30 8.54 8.75 8.81
CA GLY F 30 7.38 9.38 8.23
C GLY F 30 7.74 10.18 6.99
N LEU F 31 8.92 10.82 7.01
CA LEU F 31 9.34 11.58 5.83
C LEU F 31 9.69 10.64 4.68
N ILE F 32 10.27 9.48 5.01
CA ILE F 32 10.59 8.50 3.97
C ILE F 32 9.32 7.96 3.33
N PHE F 33 8.29 7.71 4.15
CA PHE F 33 7.01 7.25 3.61
C PHE F 33 6.39 8.34 2.75
N ALA F 34 6.43 9.59 3.23
CA ALA F 34 5.87 10.70 2.49
C ALA F 34 6.57 10.90 1.17
N ALA F 35 7.81 10.44 1.06
CA ALA F 35 8.50 10.58 -0.22
C ALA F 35 8.16 9.41 -1.15
N LEU F 36 8.21 8.18 -0.62
CA LEU F 36 7.94 7.01 -1.43
C LEU F 36 6.51 6.97 -1.96
N ALA F 37 5.52 7.22 -1.08
CA ALA F 37 4.14 7.19 -1.55
C ALA F 37 3.92 8.24 -2.63
N PHE F 38 4.60 9.38 -2.53
CA PHE F 38 4.44 10.43 -3.52
C PHE F 38 5.06 10.03 -4.86
N ILE F 39 6.29 9.52 -4.86
CA ILE F 39 6.89 9.14 -6.13
C ILE F 39 6.11 7.98 -6.73
N VAL F 40 5.55 7.10 -5.90
CA VAL F 40 4.74 6.00 -6.44
C VAL F 40 3.50 6.57 -7.11
N GLY F 41 2.88 7.58 -6.49
CA GLY F 41 1.72 8.20 -7.11
C GLY F 41 2.10 8.84 -8.44
N LEU F 42 3.29 9.44 -8.50
CA LEU F 42 3.75 10.03 -9.74
C LEU F 42 3.90 8.97 -10.81
N ILE F 43 4.41 7.80 -10.43
CA ILE F 43 4.54 6.71 -11.39
C ILE F 43 3.16 6.23 -11.82
N ILE F 44 2.17 6.30 -10.92
CA ILE F 44 0.83 5.86 -11.25
C ILE F 44 0.19 6.76 -12.29
N ILE F 45 0.35 8.08 -12.16
CA ILE F 45 -0.28 8.94 -13.17
C ILE F 45 0.55 9.10 -14.42
N LEU F 46 1.63 8.34 -14.56
CA LEU F 46 2.47 8.41 -15.76
C LEU F 46 2.61 6.97 -16.26
N SER F 47 1.56 6.47 -16.92
CA SER F 47 1.46 5.12 -17.46
C SER F 47 2.30 4.90 -18.71
N LYS F 48 3.07 5.91 -19.12
CA LYS F 48 3.95 5.85 -20.29
C LYS F 48 3.16 5.54 -21.55
#